data_6MZM
#
_entry.id   6MZM
#
_cell.length_a   1
_cell.length_b   1
_cell.length_c   1
_cell.angle_alpha   90.00
_cell.angle_beta   90.00
_cell.angle_gamma   90.00
#
_symmetry.space_group_name_H-M   'P 1'
#
loop_
_entity.id
_entity.type
_entity.pdbx_description
1 polymer 'Transcription initiation factor TFIID subunit 1, TAF1'
2 polymer 'Transcription initiation factor TFIID subunit 2, TAF2'
3 polymer 'Transcription initiation factor TFIID subunit 4, TAF4'
4 polymer 'Transcription initiation factor TFIID subunit 5,TAF5'
5 polymer 'Transcription initiation factor TFIID subunit 6'
6 polymer 'Transcription initiation factor TFIID subunit 6'
7 polymer 'Transcription initiation factor TFIID subunit 7'
8 polymer 'Transcription initiation factor TFIID subunit 8, TAF8'
9 polymer 'Transcription initiation factor TFIID subunit 9, TAF9'
10 polymer 'Transcription initiation factor TFIID subunit 10'
11 polymer 'Transcription initiation factor TFIID subunit 12'
12 polymer 'TATA-box-binding protein'
13 polymer 'SCP DNA (80-MER)'
14 polymer 'SCP DNA (80-MER)'
15 polymer 'Transcription initiation factor IIA subunit 1'
16 polymer 'Transcription initiation factor IIA subunit 2'
17 polymer Unk
#
loop_
_entity_poly.entity_id
_entity_poly.type
_entity_poly.pdbx_seq_one_letter_code
_entity_poly.pdbx_strand_id
1 'polypeptide(L)'
;IIQHSIPAVELRQPFFPTHMGPIKLRQFHRPPLKKYSFGALSQPGPHSVQPLLKHIKKKAKMREQERQASGGGEMFFMRT
PQDLTGKDGDLILAEYSEENGPLMMQVGMATKIKNYYKRKPGKDPGAPDCKYGETVYCHTSPFLGSLHPGQLLQAFENNL
FRAPIYLHKMPETDFLIIRTRQGYYIRELVDIFVVGQQCPLFEVPGPNSKRANTHIRDFLQVFIYRLFWKSKDRPRRIRM
EDIKKAFPSHSESSIRKRLKLCADFKRTGMDSNWWVLKSDFRLPTEEEIRAMVSPEQCCAYYSMIAAEQRLKDAGYGEKS
FFAPEEENEEDFQMKIDDEVRTAPWNTTRAFIAAMKGKCLLEVTGVADPTGCGEGFSYVKIPNKPTQQKDDKEPQPVKKT
VTGTDADLRRLSLKNAKQLLRKFGVPEEEIKKLSRWEVIDVVRTMSTEQARSGEGPMSKFARGSRFSVAEHQERYKEECQ
RIFDLQNKVLSSTEVL
;
A
2 'polypeptide(L)'
;MPLTGVEPARMNRKKGDKGFESPRPYKLTHQVVCINNINFQRKSVVGFVELTIFPTVANLNRIKLNSKQCRIYRVRINDL
EAAFIYNDPTLEVCHSESKQRNLNYFSNAYAAAVSAVDPDAGNGELCIKVPSELWKHVDELKVLKIHINFSLDQPKGGLH
FVVPSVEGSMAERGAHVFSCGYQNSTRFWFPCVDSYSELCTWKLEFTVDAAMVAVSNGDLVETVYTHDMRKKTFHYMLTI
PTAASNISLAIGPFEILVDPYMHEVTHFCLPQLLPLLKHTTSYLHEVFEFYEEILTCRYPYSCFKTVFIDEAYVEVAAYA
SMSIFSTNLLHSAMIIDETPLTRRCLAQSLAQQFFGCFISRMSWSDEWVLKGISGYIYGLWMKKTFGVNEYRHWIKEELD
KIVAYELKTGGVLLHPIFGGGKEKDNPASHLHFSIKHPHTLSWEYYSMFQCKAHLVMRLIENRISMEFMLQVFNKLLSLA
STASSQKFQSHMWSQMLVSTSGFLKSISNVSGKDIQPLIKQWVDQSGVVKFYGSFAFNRKRNVLELEIKQDYTSPGTQKY
VGPLKVTVQELDGSFNHTLQIEENSLKHDIPCHSKSRRNKKKKIPLMNGEEVDMDLSAMDADSPLLWIRIDPDMSVLRKV
EFEQADFMWQYQLRYERDVVAQQESILALEKFPTPASRLALTDILEQEQCFYRVRMSACFCLAKIANSMVSTWTGPPAMK
SLFTRMFCCKSCPNIVKTNNFMSFQSYFLQKTMPVAMALLRDVHNLCPKEVLTFILDLIKYNDNRKNKFSDNYYRAEMID
ALANSVTPAVSVNNEVRTLDNLNPDVRLILEEITRFLNMEKLLPSYRHTITVSCLRAIRVLQKNGHVPSDPALFKSYAEY
GHFVDIRIAALEAVVDYTKVDRSYEELQWLLNMIQNDPVPYVRHKILNMLTKNPPFTKNMESPLCNEALVDQLWKLMNSG
TSHDWRLRCGAVDLYFTLFGLSRPSCLPLPELGLVLNLKEKKAVLNPTIIPESVAGNQEAANNPSSHPQLVGFQNPFSSS
QDEEEIDMDTVHDSQAFISHHLNMLERPSTPGLSKYRPASSRSALIPQHSAGCDSTPTTKPQWSLELARKGTGKEQAPLE
MSMHPAASAPLSVFTKESTASKHSDHHHHHHHEHKKKKKKHKHKHKHKHKHDSKEKDKEPFTFSSPASGRSIRSPSLSD
;
B
3 'polypeptide(L)'
;HVVSGSPAGAAGAGPAAPAEGAPGAAPEPPPAGRARPGGGGPQRPGPPSPRRPLVPAGPAPPAAKLRPPPEGSAGSCAPV
PAAAAVAAGPEPAPAGPAKPAGPAALAARAGPGPGPGPGPGPGPGPGKPAGPGAAQTLNGSAALLNSHHAAAPAVSLVNN
GPAALLPLPKPAAPGTVIQTPPFVGAAAPPAPAAPSPPAAPAPAAPAAAPPPPPPAPATLARPPGHPAGPPTAAPAVPPP
AAAQNGGSAGAAPAPAPAAGGPAGVSGQPGPGAAAAAPAPGVKAESPKRVVQAAPPAAQTLAASGPASTAASMVIGPTMQ
GALPSPAAVPPPAPGTPTGLPKGAAGAVTQSLSRTPTATTSGIRATLTPTVLAPRLPQPPQNPTNIQNFQLPPGMVLVRS
ENGQLLMIPQQALAQMQAQAHAQPQTTMAPRPATPTSAPPVQISTVQAPGTPIIARQVTPTTIIKQVSQAQTTVQPSATL
QRSPGVQPQLVLGGAAQTASLGTATAVQTGTPQRTVPGATTTSSAATETMENVKKCKNFLSTLIKLASSGKQSTETAANV
KELVQNLLDGKIEAEDFTSRLYRELNSSPQPYLVPFLKRSLPALRQLTPDSAAFIQQSQQQPPPPTSQATTALTAVVLSS
SVQRTAGKTAATVTSALQPPVLSLTQPTQVGVGKQGQPTPLVIQQPPKPGALIRPPQVTLTQTPMVALRQPHNRIMLTTP
QQIQLNPLQPVPVVKPAVLPGTKALSAVSAQAAAAQKNKLKEPGGGSFRDDDDINDVASMAGVNLSEESARILATNSELV
GTLTRSCKDETFLLQAPLQRRILEIGKKHGITELHPDVVSYVSHATQQRLQNLVEKISETAQQKNFSYKDDDRYEQASDV
RAQLKFFEQLDQIEKQRKDEQEREILMRAAKSRSRQEDPEQLRLKQKAKEMQQQELAQMRQRDANLTALAAIGPRKKRKV
DCPGPGSGAEGSGPGSVVPGSSGVGTPRQFTRQRITRVNLRDLIFCLENERETSHSLLLYKAFLK
;
D
4 'polypeptide(L)'
;MAALAEEQTEVAVKLEPEGPPTLLPPQAGDGAGEGSGGTTNNGPNGGGGNVAASSSTGGDGGTPKPTVAVSAAAPAGAAP
VPAAAPDAGAPHDRQTLLAVLQFLRQSKLREAEEALRREAGLLEEAVAGSGAPGEVDSAGAEVTSALLSRVTASAPGPAA
PDPPGTGASGATVVSGSASGPAAPGKVGSVAVEDQPDVSAVLSAYNQQGDPTMYEEYYSGLKHFIECSLDCHRAELSQLF
YPLFVHMYLELVYNQHENEAKSFFEKFHGDQECYYQDDLRVLSSLTKKEHMKGNETMLDFRTSKFVLRISRDSYQLLKRH
LQEKQNNQIWNIVQEHLYIDIFDGMPRSKQQIDAMVGSLAGEAKREANKSKVFFGLLKEPEIEVPLDDEDEEGENEEGKP
KKKKPKKDSIGSKSKKQDPNAPPQNRIPLPELKDSDKLDKIMNMKETTKRVRLGPDCLPSICFYTFLNAYQGLTAVDVTD
DSSLIAGGFADSTVRV(UNK)(UNK)(UNK)(UNK)(UNK)(UNK)(UNK)(UNK)(UNK)(UNK)(UNK)(UNK)
(UNK)(UNK)(UNK)(UNK)(UNK)(UNK)(UNK)(UNK)(UNK)(UNK)(UNK)(UNK)(UNK)(UNK)(UNK)(UNK)
(UNK)(UNK)(UNK)(UNK)(UNK)(UNK)(UNK)(UNK)(UNK)(UNK)(UNK)(UNK)KILYGHSGPVYGASFSPDRN
YLLSSSEDGTVRLWSLQTFTCLVGYKGHNYPVWDTQFSPYGYYFVSGGHDRVARLWATDHYQPLRIFAGHLADVNCTRFH
PNSNYVATGSADRTVRLWDVLNGNCVRIFTGHKGPIHSLTFSPNGRFLATGATDGRVLLWDIGHGLMVGELKGHTDTVCS
LRFSRDGEILASGSMDNTVRLWDAIKAFEDLETDDFTTATGHINLPENSQELLLGTYMTKSTPVVHLHFTRRNLVLAAGA
YSPQ
;
G
5 'polypeptide(L)'
;MAEEKKLKLSNTVLPSESMKVVAESMGIAQIQEETCQLLTDEVSYRIKEIAQDALKFMHMGKRQKLTTSDIDYALKLKNV
EPLYGFHAQEFIPFRFASGGGRELYFYEEKEVDLSDIINTPLPRVPLDVCLKAHWLSIEGCQPAIPENPPPAPKEQQKAE
ATEPLKSAKPGQEEDGPLKGKGQGATTADGKGKEKKAPPLLEGAPLRLKPRSIHELSVEQQLYYKEITEACVGSCEAKRA
EALQSIATDPGLYQMLPRFSTFISEGVRVNVVQNNLALLIYLMRMVKALMDNPTLYLEKYVHELIPAVMTCIVSRQLCLR
PDVDNHWALRDFAARLVAQICKHFSTTTNNIQSRITKTFTKSWVDEKTPWTTRYGSIAGLAELGHDVIKTLILPRLQQEG
ERIRSVLDGPVLSNIDRIGADHVQSLLLKHCAPVLAKLRPPPDNQDAYRAEFGSLGPLLCSQVVKARAQAALQAQQVNRT
TLTITQPRPTLTLSQAPQPGPRTPGLLKVPGSIALPVQTLVSARAAAPPQPSPPPTKFIVMSSSSSAPSTQQVLSLSTSA
PGSGSTTTSPVTTTVPSVQPIVKLVSTATTAPPSTAPSGPGSVQKYIVVSLPPTGEGKGGPTSHPSPVPPPASSPSPLSG
SALCGGKQEAGDSPPPAPGTPKANGSQPNSGSPQPAP
;
H
6 'polypeptide(L)'
;MAEEKKLKLSNTVLPSESMKVVAESMGIAQIQEETCQLLTDEVSYRIKEIAQDALKFMHMGKRQKLTTSDIDYALKLKNV
EPLYGFHAQEFIPFRFASGGGRELYFYEEKEVDLSDIINTPLPRVPLDVCLKAHWLSIEGCQPAIPENPPPAPKEQQKAE
ATEPLKSAKPGQEEDGPLKGKGQGATTADGKGKEKKAPPLLEGAPL(UNK)(UNK)(UNK)(UNK)(UNK)(UNK)
(UNK)(UNK)(UNK)(UNK)SVEQQLYYKEITEACVGSCEAKRAEALQSIATDPGLYQMLPRFSTFISEGVRVNVVQNNL
ALLIYLMRMVKALMDNPTLYLEKYVHELIPAVMTCIVSRQLCLRPDVDNHWALRDFAARLVAQICKHFSTTTNNIQSRIT
KTFTKSWVDEKTPWTTRYGSIAGLAELGHDVIKTLILPRLQQEGERIRSVLDGPVLSNIDRIGADHVQSLLLKHCAPVLA
KLRPPPDNQDAYRAEFGSLGPLLCSQVVKARAQAALQAQQVNRTTLTITQPRPTLTLSQAPQPGPRTPGLLKVPGSIALP
VQTLVSARAAAPPQPSPPPTKFIVMSSSSSAPSTQQVLSLSTSAPGSGSTTTSPVTTTVPSVQPIVKLVSTATTAPPSTA
PSGPGSVQKYIVVSLPPTGEGKGGPTSHPSPVPPPASSPSPLSGSALCGGKQEAGDSPPPAPGTPKANGSQPNSGSPQPA
P
;
I
7 'polypeptide(L)'
;MSKSKDDAPHELESQFILRLPPEYASTVRRAVQSGHVNLKDRLTIELHPDGRHGIVRVDRVPLASKLVDLPCVMESLKTI
DKKTFYKTADICQMLVSTVDGDLYPPVEEPVASTDPKASKKKDKDKEKKFIWNHGITLPLKNVRKRRFRKTAKKKYIESP
DVEKEVKRLLSTDAEAVSTRWEIIAEDETKEAENQGLDISSPGMSGHRQGHDSLEHDELREIFNDLSSSSEDEDETQHQD
EEDINIIDTEEDLERQLQDKLNESDEQHQENEGTNQLVMGIQKQIDNMKGKLQETQDRAKRQEDLIMKVENLALKNRFQA
VLDELKQKEDREKEQLSSLQEELESLLEK
;
J
8 'polypeptide(L)'
;MADAAATAGAGGSGTRSGSKQSTNPADNYHLARRRTLQVVVSSLLTEAGFESAEKASVETLTEMLQSYISEIGRSAKSYC
EHTARTQPTLSDIVVTLVEMGFNVDTLPAYAKRSQRMVIT(UNK)(UNK)(UNK)(UNK)(UNK)(UNK)(UNK)(UNK)
(UNK)(UNK)(UNK)(UNK)(UNK)(UNK)(UNK)(UNK)(UNK)(UNK)(UNK)(UNK)(UNK)(UNK)(UNK)(UNK)
(UNK)(UNK)(UNK)(UNK)(UNK)(UNK)(UNK)(UNK)(UNK)(UNK)(UNK)(UNK)(UNK)(UNK)(UNK)(UNK)
(UNK)(UNK)(UNK)(UNK)(UNK)(UNK)(UNK)(UNK)(UNK)(UNK)(UNK)YQVLREKAASQRRDVERALTRFMAK
TGETQSLFKDDVSTFPLIAARPFTIPYLTALLPSELEMQQMEETDSSEQDEQTDTENLALHISMEDSGAEKENTSVLQQN
PSLSGSRNGEENIIDNPYLRPVKKPKIRRKKSLS
;
K
9 'polypeptide(L)'
;MESGKTASPKSMPKDAQMMAQILKDMGITEYEPRVINQMLEFAFRYVTTILDDAKIYSSHAKKATVDADDVRLAIQCRAD
QSFTSPPPRDFLLDIARQRNQTPLPLIKP(UNK)(UNK)(UNK)(UNK)(UNK)(UNK)(UNK)PDRYCLTAPNYRLKSL
QKKASTSAGRITVPRLSVGSVTSRPSTPTLGTPTPQTMSVSTKVGTPMSLTGQRFTVQMPTSQSPAVKASIPATSAVQNV
LINPSLIGSKNILITTNMMSSQNTANESSNALKRKREDDDDDDDDDDDYDNL
;
L
10 'polypeptide(L)'
;MSCSGSGADPEAAPASAASAPGPAPPVSAPAALPSSTAAENKASPAGTAGGPGAGAAAGGTGPLAARAGEPAERRGAAPV
SAGGAAPPEGAISNGVYVLPSAANGDVKPVVSSTPLVDFLMQLEDYTPTIPDAVTGYYLNRAGFEASDPRIIRLISLAAQ
KFISDIANDALQHCKMKGTASGSSRSKSKDRKYTLTMEDLTPALSEYGINVKKPHYFT
;
O
11 'polypeptide(L)'
;MNQFGPSALINLSNFSSIKPEPASTPPQGSMANSTAVVKIPGTPGAGGRLSPENNQVLTKKKLQDLVREVDPNEQLDEDV
EEMLLQIADDFIESVVTAACQLARHRKSSTLEVKDVQLHLERQWNMWIPGFGSEEIRPYKKACTTEAHKQRMALIRKTTK
K
;
R
12 'polypeptide(L)'
;MDQNNSLPPYAQGLASPQGAMTPGIPIFSPMMPYGTGLTPQPIQNTNSLSILEEQQRQQQQQQQQQQQQQQQQQQQQQQQ
QQQQQQQQQQQQQQQAVAAAAVQQSTSQQATQGTSGQAPQLFHSQTLTTAPLPGTTPLYPSPMTPMTPITPATPASESSG
IVPQLQNIVSTVNLGCKLDLKTIALRARNAEYNPKRFAAVIMRIREPRTTALIFSSGKMVCTGAKSEEQSRLAARKYARV
VQKLGFPAKFLDFKIQNMVGSCDVKFPIRLEGLVLTHQQFSSYEPELFPGLIYRMIKPRIVLLIFVSGKVVLTGAKVRAE
IYEAFENIYPILKGFRKTT
;
T
13 'polydeoxyribonucleotide'
;(DC)(DC)(DG)(DT)(DA)(DG)(DG)(DC)(DA)(DC)(DG)(DT)(DC)(DT)(DG)(DC)(DT)(DC)(DG)(DG)
(DC)(DT)(DC)(DG)(DA)(DG)(DT)(DG)(DT)(DT)(DC)(DG)(DA)(DT)(DC)(DG)(DC)(DG)(DA)(DC)
(DT)(DG)(DA)(DG)(DG)(DA)(DC)(DG)(DA)(DA)(DC)(DG)(DC)(DG)(DC)(DC)(DC)(DC)(DC)(DA)
(DC)(DC)(DC)(DC)(DC)(DT)(DT)(DT)(DT)(DA)(DT)(DA)(DG)(DG)(DC)(DG)(DC)(DC)(DC)(DT)
;
U
14 'polydeoxyribonucleotide'
;(DA)(DG)(DG)(DG)(DC)(DG)(DC)(DC)(DT)(DA)(DT)(DA)(DA)(DA)(DA)(DG)(DG)(DG)(DG)(DG)
(DT)(DG)(DG)(DG)(DG)(DG)(DC)(DG)(DC)(DG)(DT)(DT)(DC)(DG)(DT)(DC)(DC)(DT)(DC)(DA)
(DG)(DT)(DC)(DG)(DC)(DG)(DA)(DT)(DC)(DG)(DA)(DA)(DC)(DA)(DC)(DT)(DC)(DG)(DA)(DG)
(DC)(DC)(DG)(DA)(DG)(DC)(DA)(DG)(DA)(DC)(DG)(DT)(DG)(DC)(DC)(DT)(DA)(DC)(DG)(DG)
;
V
15 'polypeptide(L)'
;TVPKLYRSVIEDVINDVRDIFLDDGVDEQVLMELKTLWENKLMDTENVVVCQYDKIHRSKNKWKFHLKDGIMNLNGRDYI
FSKAIGDAEW
;
W
16 'polypeptide(L)'
;YQLYRNTTLGNSLQESLDELIQSQQITPQLALQVLLQFDKAINAALAQRVRNRVNFRGSLNTYRFCDNVWTFVLNDVEFR
EVTELIKVDKVKIVACD
;
X
17 'polypeptide(L)'
;(UNK)(UNK)(UNK)(UNK)(UNK)(UNK)(UNK)(UNK)(UNK)(UNK)(UNK)(UNK)(UNK)(UNK)(UNK)(UNK)
(UNK)(UNK)(UNK)(UNK)(UNK)(UNK)(UNK)(UNK)(UNK)(UNK)(UNK)(UNK)(UNK)(UNK)(UNK)(UNK)
(UNK)(UNK)(UNK)(UNK)(UNK)(UNK)(UNK)(UNK)(UNK)(UNK)(UNK)(UNK)(UNK)(UNK)(UNK)(UNK)
(UNK)(UNK)(UNK)(UNK)(UNK)(UNK)(UNK)(UNK)(UNK)(UNK)(UNK)(UNK)(UNK)(UNK)(UNK)(UNK)
(UNK)(UNK)(UNK)(UNK)(UNK)(UNK)(UNK)(UNK)(UNK)(UNK)(UNK)(UNK)(UNK)(UNK)(UNK)(UNK)
(UNK)(UNK)(UNK)(UNK)(UNK)(UNK)(UNK)(UNK)(UNK)(UNK)(UNK)(UNK)(UNK)(UNK)(UNK)(UNK)
(UNK)(UNK)(UNK)(UNK)(UNK)(UNK)(UNK)(UNK)(UNK)(UNK)(UNK)(UNK)(UNK)(UNK)(UNK)(UNK)
(UNK)(UNK)(UNK)(UNK)(UNK)(UNK)(UNK)(UNK)(UNK)(UNK)(UNK)(UNK)(UNK)(UNK)(UNK)(UNK)
(UNK)(UNK)(UNK)(UNK)(UNK)(UNK)(UNK)(UNK)(UNK)(UNK)(UNK)(UNK)(UNK)(UNK)(UNK)(UNK)
(UNK)(UNK)(UNK)(UNK)(UNK)(UNK)(UNK)(UNK)(UNK)(UNK)(UNK)(UNK)(UNK)(UNK)(UNK)(UNK)
(UNK)(UNK)(UNK)(UNK)(UNK)(UNK)(UNK)(UNK)(UNK)(UNK)(UNK)(UNK)(UNK)(UNK)(UNK)(UNK)
(UNK)(UNK)(UNK)(UNK)(UNK)(UNK)(UNK)(UNK)(UNK)(UNK)(UNK)(UNK)(UNK)(UNK)(UNK)(UNK)
(UNK)(UNK)(UNK)(UNK)(UNK)(UNK)(UNK)(UNK)(UNK)(UNK)(UNK)(UNK)(UNK)(UNK)(UNK)(UNK)
(UNK)(UNK)(UNK)(UNK)(UNK)(UNK)(UNK)(UNK)(UNK)(UNK)(UNK)(UNK)(UNK)(UNK)(UNK)(UNK)
(UNK)(UNK)(UNK)(UNK)(UNK)(UNK)(UNK)(UNK)(UNK)(UNK)(UNK)(UNK)(UNK)(UNK)
;
Z
#
# COMPACT_ATOMS: atom_id res chain seq x y z
N ILE A 1 -5.15 55.92 49.57
CA ILE A 1 -6.08 56.06 50.68
C ILE A 1 -5.61 57.19 51.60
N ILE A 2 -6.38 58.28 51.64
CA ILE A 2 -6.05 59.45 52.43
C ILE A 2 -6.87 59.44 53.70
N GLN A 3 -6.20 59.50 54.85
CA GLN A 3 -6.86 59.57 56.15
C GLN A 3 -6.55 60.93 56.76
N HIS A 4 -7.55 61.80 56.77
CA HIS A 4 -7.40 63.14 57.33
C HIS A 4 -7.38 63.07 58.85
N SER A 5 -7.05 64.20 59.47
CA SER A 5 -7.08 64.29 60.92
C SER A 5 -8.53 64.25 61.42
N ILE A 6 -8.67 63.88 62.69
CA ILE A 6 -10.01 63.77 63.29
C ILE A 6 -10.75 65.11 63.37
N PRO A 7 -10.14 66.26 63.73
CA PRO A 7 -10.87 67.52 63.57
C PRO A 7 -11.18 67.89 62.12
N ALA A 8 -10.42 67.38 61.15
CA ALA A 8 -10.77 67.60 59.76
C ALA A 8 -11.97 66.75 59.34
N VAL A 9 -11.97 65.47 59.71
CA VAL A 9 -13.06 64.58 59.32
C VAL A 9 -14.35 64.96 60.07
N GLU A 10 -14.24 65.48 61.29
CA GLU A 10 -15.41 65.87 62.08
C GLU A 10 -15.99 67.23 61.71
N LEU A 11 -15.52 67.85 60.62
CA LEU A 11 -16.05 69.13 60.08
C LEU A 11 -15.97 70.26 61.11
N ARG A 12 -14.91 70.26 61.91
CA ARG A 12 -14.82 71.17 63.03
C ARG A 12 -14.41 72.57 62.60
N GLN A 13 -14.86 73.57 63.38
CA GLN A 13 -14.54 74.97 63.36
C GLN A 13 -13.37 75.27 64.30
N PRO A 14 -12.52 76.26 63.99
CA PRO A 14 -12.47 77.14 62.81
C PRO A 14 -11.65 76.54 61.68
N PHE A 15 -11.36 75.23 61.74
CA PHE A 15 -10.63 74.57 60.67
C PHE A 15 -11.44 74.57 59.38
N PHE A 16 -12.74 74.35 59.48
CA PHE A 16 -13.68 74.46 58.35
C PHE A 16 -14.64 75.59 58.69
N PRO A 17 -14.40 76.80 58.20
CA PRO A 17 -15.29 77.93 58.50
C PRO A 17 -16.66 77.75 57.88
N THR A 18 -17.68 78.19 58.62
CA THR A 18 -19.06 78.07 58.16
C THR A 18 -19.44 79.16 57.17
N HIS A 19 -18.96 80.38 57.38
CA HIS A 19 -19.26 81.48 56.49
C HIS A 19 -18.04 82.39 56.41
N MET A 20 -17.81 82.92 55.21
CA MET A 20 -16.68 83.80 54.94
C MET A 20 -17.20 85.03 54.22
N GLY A 21 -16.89 86.21 54.76
CA GLY A 21 -17.30 87.45 54.16
C GLY A 21 -16.49 87.79 52.93
N PRO A 22 -16.85 88.90 52.29
CA PRO A 22 -16.06 89.40 51.15
C PRO A 22 -14.59 89.67 51.48
N ILE A 23 -14.33 90.19 52.68
CA ILE A 23 -12.96 90.37 53.15
C ILE A 23 -12.26 89.02 53.30
N LYS A 24 -12.96 88.05 53.89
CA LYS A 24 -12.40 86.72 54.12
C LYS A 24 -12.17 85.95 52.81
N LEU A 25 -13.02 86.18 51.80
CA LEU A 25 -12.82 85.51 50.52
C LEU A 25 -11.62 86.08 49.76
N ARG A 26 -11.38 87.39 49.90
CA ARG A 26 -10.15 87.97 49.33
C ARG A 26 -8.93 87.49 50.09
N GLN A 27 -9.06 87.29 51.41
CA GLN A 27 -7.99 86.81 52.27
C GLN A 27 -8.00 85.30 52.44
N PHE A 28 -8.63 84.58 51.52
CA PHE A 28 -8.74 83.13 51.57
C PHE A 28 -7.36 82.49 51.39
N HIS A 29 -6.94 81.72 52.41
CA HIS A 29 -5.60 81.13 52.59
C HIS A 29 -4.48 82.16 52.66
N ARG A 30 -4.80 83.42 52.92
CA ARG A 30 -3.79 84.43 53.27
C ARG A 30 -4.27 85.19 54.50
N PRO A 31 -4.20 84.58 55.69
CA PRO A 31 -4.72 85.24 56.90
C PRO A 31 -3.81 86.36 57.36
N PRO A 32 -4.37 87.57 57.53
CA PRO A 32 -3.55 88.69 57.98
C PRO A 32 -3.31 88.64 59.48
N LEU A 33 -2.14 89.12 59.87
CA LEU A 33 -1.76 89.15 61.28
C LEU A 33 -2.63 90.14 62.04
N LYS A 34 -3.41 89.61 62.99
CA LYS A 34 -4.45 90.38 63.68
C LYS A 34 -4.16 90.47 65.16
N LYS A 35 -4.39 91.64 65.73
CA LYS A 35 -4.16 91.88 67.15
C LYS A 35 -5.19 91.14 68.01
N TYR A 36 -4.75 90.69 69.19
CA TYR A 36 -5.65 90.11 70.17
C TYR A 36 -6.29 91.18 71.04
N SER A 37 -7.48 90.90 71.54
CA SER A 37 -8.14 91.78 72.51
C SER A 37 -7.80 91.44 73.95
N PHE A 38 -7.33 90.22 74.22
CA PHE A 38 -6.93 89.82 75.56
C PHE A 38 -5.80 88.81 75.42
N GLY A 39 -5.21 88.44 76.56
CA GLY A 39 -4.07 87.56 76.57
C GLY A 39 -2.75 88.29 76.74
N ALA A 40 -1.68 87.50 76.75
CA ALA A 40 -0.33 88.03 76.94
C ALA A 40 0.10 88.92 75.79
N LEU A 41 -0.16 88.51 74.55
CA LEU A 41 0.25 89.25 73.37
C LEU A 41 -0.72 90.34 72.96
N SER A 42 -1.75 90.61 73.77
CA SER A 42 -2.57 91.80 73.56
C SER A 42 -1.95 93.04 74.19
N GLN A 43 -0.89 92.87 75.01
CA GLN A 43 -0.14 93.89 75.71
C GLN A 43 0.98 94.45 74.82
N PRO A 44 1.31 95.73 74.97
CA PRO A 44 2.40 96.31 74.19
C PRO A 44 3.76 95.87 74.73
N GLY A 45 4.80 96.18 73.94
CA GLY A 45 6.15 95.90 74.32
C GLY A 45 6.69 94.62 73.72
N PRO A 46 7.95 94.29 74.03
CA PRO A 46 8.52 93.05 73.51
C PRO A 46 7.98 91.82 74.23
N HIS A 47 7.95 90.71 73.50
CA HIS A 47 7.45 89.44 74.02
C HIS A 47 8.45 88.33 73.74
N SER A 48 8.57 87.41 74.69
CA SER A 48 9.56 86.34 74.61
C SER A 48 9.26 85.36 73.49
N VAL A 49 10.32 84.94 72.78
CA VAL A 49 10.21 83.96 71.70
C VAL A 49 10.90 82.68 72.17
N GLN A 50 10.13 81.63 72.43
CA GLN A 50 10.61 80.50 73.21
C GLN A 50 11.07 79.34 72.33
N PRO A 51 12.09 78.59 72.76
CA PRO A 51 12.55 77.44 71.98
C PRO A 51 11.65 76.23 72.14
N LEU A 52 11.76 75.30 71.19
CA LEU A 52 10.90 74.12 71.13
C LEU A 52 11.64 72.79 71.20
N LEU A 53 12.98 72.80 71.30
CA LEU A 53 13.80 71.60 71.08
C LEU A 53 13.50 70.50 72.09
N LYS A 54 13.31 70.87 73.36
CA LYS A 54 12.91 69.88 74.36
C LYS A 54 11.51 69.35 74.11
N HIS A 55 10.60 70.21 73.63
CA HIS A 55 9.22 69.80 73.39
C HIS A 55 9.10 68.86 72.19
N ILE A 56 9.92 69.10 71.15
CA ILE A 56 9.90 68.26 69.95
C ILE A 56 10.38 66.85 70.28
N LYS A 57 11.49 66.75 71.02
CA LYS A 57 12.07 65.45 71.37
C LYS A 57 11.14 64.67 72.30
N LYS A 58 10.49 65.36 73.23
CA LYS A 58 9.57 64.70 74.17
C LYS A 58 8.35 64.13 73.46
N LYS A 59 7.77 64.90 72.53
CA LYS A 59 6.58 64.45 71.82
C LYS A 59 6.90 63.30 70.85
N ALA A 60 8.05 63.39 70.18
CA ALA A 60 8.48 62.31 69.28
C ALA A 60 8.79 61.04 70.05
N LYS A 61 9.34 61.18 71.26
CA LYS A 61 9.58 60.03 72.12
C LYS A 61 8.26 59.38 72.56
N MET A 62 7.31 60.19 73.02
CA MET A 62 6.04 59.69 73.53
C MET A 62 5.21 59.01 72.44
N ARG A 63 5.18 59.60 71.24
CA ARG A 63 4.47 58.99 70.12
C ARG A 63 5.13 57.69 69.68
N GLU A 64 6.47 57.61 69.77
CA GLU A 64 7.16 56.36 69.50
C GLU A 64 6.88 55.33 70.58
N GLN A 65 6.76 55.76 71.83
CA GLN A 65 6.44 54.84 72.92
C GLN A 65 5.00 54.35 72.82
N GLU A 66 4.08 55.21 72.37
CA GLU A 66 2.72 54.76 72.12
C GLU A 66 2.66 53.78 70.95
N ARG A 67 3.55 53.94 69.96
CA ARG A 67 3.64 52.99 68.85
C ARG A 67 4.13 51.63 69.33
N GLN A 68 5.17 51.62 70.16
CA GLN A 68 5.79 50.37 70.59
C GLN A 68 4.98 49.66 71.67
N ALA A 69 4.06 50.35 72.34
CA ALA A 69 3.26 49.71 73.38
C ALA A 69 2.00 49.05 72.85
N SER A 70 1.72 49.16 71.54
CA SER A 70 0.57 48.43 70.99
C SER A 70 0.67 47.75 69.61
N GLY A 71 1.79 47.16 69.13
CA GLY A 71 3.12 47.03 69.69
C GLY A 71 4.15 47.35 68.63
N GLY A 72 3.74 48.16 67.67
CA GLY A 72 4.58 48.46 66.53
C GLY A 72 3.73 48.71 65.30
N GLY A 73 4.41 48.99 64.20
CA GLY A 73 3.74 49.15 62.92
C GLY A 73 3.34 50.58 62.62
N GLU A 74 2.14 50.76 62.07
CA GLU A 74 1.65 52.07 61.68
C GLU A 74 0.56 52.52 62.65
N MET A 75 0.72 53.73 63.18
CA MET A 75 -0.19 54.29 64.16
C MET A 75 -0.66 55.66 63.70
N PHE A 76 -1.91 55.97 64.01
CA PHE A 76 -2.54 57.24 63.64
C PHE A 76 -2.54 58.15 64.86
N PHE A 77 -1.94 59.34 64.70
CA PHE A 77 -1.69 60.23 65.83
C PHE A 77 -2.51 61.51 65.79
N MET A 78 -3.15 61.83 64.68
CA MET A 78 -3.83 63.12 64.51
C MET A 78 -5.29 62.99 64.95
N ARG A 79 -5.47 62.90 66.27
CA ARG A 79 -6.79 62.67 66.85
C ARG A 79 -7.41 63.89 67.51
N THR A 80 -6.60 64.88 67.90
CA THR A 80 -7.07 66.05 68.63
C THR A 80 -6.63 67.29 67.88
N PRO A 81 -7.26 68.45 68.14
CA PRO A 81 -6.72 69.71 67.59
C PRO A 81 -5.33 70.06 68.11
N GLN A 82 -4.99 69.61 69.32
CA GLN A 82 -3.65 69.85 69.85
C GLN A 82 -2.59 69.08 69.09
N ASP A 83 -2.94 67.93 68.50
CA ASP A 83 -1.99 67.16 67.70
C ASP A 83 -1.68 67.79 66.36
N LEU A 84 -2.51 68.72 65.89
CA LEU A 84 -2.29 69.38 64.60
C LEU A 84 -1.40 70.60 64.68
N THR A 85 -0.85 70.91 65.86
CA THR A 85 -0.02 72.10 66.00
C THR A 85 1.33 71.91 65.31
N GLY A 86 1.97 73.03 64.98
CA GLY A 86 3.31 73.06 64.43
C GLY A 86 4.42 73.01 65.45
N LYS A 87 4.07 72.90 66.73
CA LYS A 87 5.06 72.92 67.81
C LYS A 87 5.87 71.64 67.90
N ASP A 88 5.42 70.56 67.25
CA ASP A 88 6.01 69.24 67.40
C ASP A 88 6.07 68.54 66.04
N GLY A 89 6.84 67.44 65.99
CA GLY A 89 6.95 66.65 64.78
C GLY A 89 7.86 67.30 63.74
N ASP A 90 8.16 66.52 62.70
CA ASP A 90 8.94 67.04 61.58
C ASP A 90 8.03 67.83 60.65
N LEU A 91 8.53 68.97 60.17
CA LEU A 91 7.75 69.90 59.36
C LEU A 91 8.45 70.27 58.06
N ILE A 92 7.64 70.60 57.04
CA ILE A 92 8.10 71.22 55.81
C ILE A 92 7.39 72.56 55.65
N LEU A 93 7.90 73.36 54.73
CA LEU A 93 7.14 74.43 54.09
C LEU A 93 6.86 74.07 52.63
N ALA A 94 5.69 74.46 52.15
CA ALA A 94 5.30 74.24 50.76
C ALA A 94 4.82 75.56 50.17
N GLU A 95 5.53 76.06 49.18
CA GLU A 95 5.22 77.33 48.54
C GLU A 95 4.58 77.05 47.19
N TYR A 96 3.31 77.43 47.04
CA TYR A 96 2.57 77.18 45.82
C TYR A 96 2.93 78.23 44.77
N SER A 97 3.36 77.79 43.60
CA SER A 97 3.68 78.71 42.51
C SER A 97 2.43 79.37 41.95
N GLU A 98 1.27 78.73 42.09
CA GLU A 98 0.01 79.33 41.70
C GLU A 98 -0.45 80.33 42.75
N GLU A 99 -0.86 81.51 42.27
CA GLU A 99 -1.39 82.53 43.17
C GLU A 99 -2.68 82.08 43.84
N ASN A 100 -3.62 81.53 43.06
CA ASN A 100 -4.91 81.03 43.56
C ASN A 100 -5.19 79.70 42.86
N GLY A 101 -4.82 78.61 43.52
CA GLY A 101 -5.02 77.28 43.00
C GLY A 101 -6.48 76.90 42.86
N PRO A 102 -6.78 75.97 41.95
CA PRO A 102 -8.17 75.51 41.79
C PRO A 102 -8.67 74.70 42.97
N LEU A 103 -7.79 73.99 43.68
CA LEU A 103 -8.15 73.31 44.91
C LEU A 103 -7.04 73.50 45.94
N MET A 104 -7.46 73.72 47.19
CA MET A 104 -6.56 74.03 48.28
C MET A 104 -6.96 73.17 49.48
N MET A 105 -5.96 72.69 50.21
CA MET A 105 -6.24 71.99 51.46
C MET A 105 -6.40 72.97 52.60
N GLN A 106 -7.29 72.64 53.53
CA GLN A 106 -7.45 73.42 54.74
C GLN A 106 -6.47 72.93 55.81
N VAL A 107 -6.43 73.67 56.92
CA VAL A 107 -5.70 73.22 58.10
C VAL A 107 -6.31 71.92 58.61
N GLY A 108 -5.48 70.89 58.72
CA GLY A 108 -5.92 69.60 59.24
C GLY A 108 -6.05 68.50 58.20
N MET A 109 -6.06 68.83 56.91
CA MET A 109 -6.22 67.80 55.90
C MET A 109 -4.87 67.13 55.61
N ALA A 110 -4.95 65.99 54.92
CA ALA A 110 -3.80 65.12 54.69
C ALA A 110 -3.45 65.03 53.21
N THR A 111 -2.16 64.85 52.94
CA THR A 111 -1.67 64.62 51.58
C THR A 111 -0.44 63.72 51.64
N LYS A 112 -0.17 63.07 50.52
CA LYS A 112 0.98 62.18 50.38
C LYS A 112 1.99 62.74 49.40
N ILE A 113 3.21 62.22 49.49
CA ILE A 113 4.22 62.39 48.46
C ILE A 113 4.49 61.02 47.84
N LYS A 114 4.31 60.92 46.53
CA LYS A 114 4.75 59.75 45.79
C LYS A 114 5.91 60.12 44.88
N ASN A 115 6.95 59.31 44.90
CA ASN A 115 8.20 59.60 44.19
C ASN A 115 8.13 58.84 42.87
N TYR A 116 7.58 59.51 41.84
CA TYR A 116 7.37 58.87 40.55
C TYR A 116 8.69 58.72 39.82
N TYR A 117 9.03 57.49 39.45
CA TYR A 117 10.27 57.17 38.77
C TYR A 117 9.96 56.26 37.58
N LYS A 118 10.61 56.54 36.46
CA LYS A 118 10.53 55.68 35.28
C LYS A 118 11.83 54.92 35.16
N ARG A 119 11.73 53.59 35.03
CA ARG A 119 12.90 52.73 35.03
C ARG A 119 13.75 52.92 33.78
N LYS A 120 15.07 52.82 33.98
CA LYS A 120 16.00 52.81 32.87
C LYS A 120 15.85 51.51 32.08
N PRO A 121 16.16 51.52 30.78
CA PRO A 121 16.05 50.28 30.00
C PRO A 121 17.16 49.30 30.34
N GLY A 122 16.79 48.03 30.39
CA GLY A 122 17.73 46.95 30.72
C GLY A 122 17.78 46.67 32.22
N LYS A 123 18.96 46.92 32.81
CA LYS A 123 19.21 46.58 34.21
C LYS A 123 19.16 47.85 35.07
N ASP A 124 17.97 48.16 35.56
CA ASP A 124 17.80 49.28 36.48
C ASP A 124 18.16 48.85 37.90
N PRO A 125 19.10 49.52 38.57
CA PRO A 125 19.36 49.21 39.98
C PRO A 125 18.33 49.80 40.94
N GLY A 126 17.39 50.60 40.44
CA GLY A 126 16.33 51.16 41.26
C GLY A 126 16.37 52.68 41.30
N ALA A 127 15.31 53.23 41.87
CA ALA A 127 15.18 54.67 41.98
C ALA A 127 16.12 55.22 43.06
N PRO A 128 16.58 56.47 42.89
CA PRO A 128 17.35 57.11 43.97
C PRO A 128 16.48 57.37 45.19
N ASP A 129 17.12 57.41 46.35
CA ASP A 129 16.41 57.59 47.61
C ASP A 129 16.22 59.08 47.90
N CYS A 130 15.08 59.40 48.52
CA CYS A 130 14.74 60.75 48.90
C CYS A 130 14.48 60.83 50.39
N LYS A 131 14.55 62.04 50.93
CA LYS A 131 14.27 62.24 52.35
C LYS A 131 12.79 62.06 52.65
N TYR A 132 11.92 62.42 51.71
CA TYR A 132 10.47 62.36 51.92
C TYR A 132 9.82 61.55 50.80
N GLY A 133 8.68 60.94 51.12
CA GLY A 133 7.84 60.31 50.13
C GLY A 133 8.11 58.82 49.94
N GLU A 134 7.18 58.18 49.24
CA GLU A 134 7.24 56.76 48.91
C GLU A 134 7.46 56.60 47.41
N THR A 135 8.39 55.72 47.04
CA THR A 135 8.73 55.51 45.64
C THR A 135 7.61 54.77 44.91
N VAL A 136 7.19 55.32 43.78
CA VAL A 136 6.20 54.68 42.90
C VAL A 136 6.83 54.51 41.53
N TYR A 137 6.96 53.26 41.09
CA TYR A 137 7.44 52.95 39.76
C TYR A 137 6.26 52.96 38.80
N CYS A 138 6.31 53.84 37.80
CA CYS A 138 5.19 54.03 36.89
C CYS A 138 5.64 53.81 35.46
N HIS A 139 4.83 53.08 34.70
CA HIS A 139 5.06 52.91 33.26
C HIS A 139 4.25 53.91 32.45
N THR A 140 3.09 54.30 32.94
CA THR A 140 2.27 55.36 32.34
C THR A 140 2.36 56.59 33.21
N SER A 141 2.53 57.75 32.59
CA SER A 141 2.79 58.97 33.33
C SER A 141 1.51 59.50 33.96
N PRO A 142 1.53 59.85 35.25
CA PRO A 142 0.33 60.45 35.87
C PRO A 142 0.14 61.92 35.56
N PHE A 143 1.04 62.53 34.81
CA PHE A 143 0.98 63.94 34.45
C PHE A 143 0.67 64.07 32.97
N LEU A 144 0.66 65.32 32.48
CA LEU A 144 0.35 65.56 31.08
C LEU A 144 1.51 65.19 30.17
N GLY A 145 2.74 65.31 30.66
CA GLY A 145 3.92 64.89 29.94
C GLY A 145 4.46 63.59 30.51
N SER A 146 5.31 62.95 29.71
CA SER A 146 5.85 61.64 30.05
C SER A 146 7.21 61.78 30.71
N LEU A 147 7.45 60.92 31.69
CA LEU A 147 8.75 60.87 32.35
C LEU A 147 9.80 60.31 31.40
N HIS A 148 11.03 60.75 31.58
CA HIS A 148 12.18 60.19 30.88
C HIS A 148 12.69 58.97 31.64
N PRO A 149 13.40 58.06 30.97
CA PRO A 149 14.02 56.94 31.69
C PRO A 149 15.12 57.42 32.63
N GLY A 150 15.02 57.02 33.90
CA GLY A 150 15.93 57.47 34.93
C GLY A 150 15.54 58.78 35.60
N GLN A 151 14.38 59.34 35.27
CA GLN A 151 13.94 60.61 35.85
C GLN A 151 13.09 60.35 37.09
N LEU A 152 13.45 61.02 38.18
CA LEU A 152 12.68 60.98 39.42
C LEU A 152 11.91 62.29 39.55
N LEU A 153 10.62 62.19 39.84
CA LEU A 153 9.76 63.36 39.95
C LEU A 153 8.91 63.23 41.20
N GLN A 154 9.10 64.15 42.15
CA GLN A 154 8.33 64.18 43.37
C GLN A 154 7.03 64.95 43.14
N ALA A 155 5.99 64.58 43.90
CA ALA A 155 4.67 65.14 43.67
C ALA A 155 3.80 65.01 44.91
N PHE A 156 2.94 66.01 45.14
CA PHE A 156 1.88 65.90 46.13
C PHE A 156 0.71 65.08 45.60
N GLU A 157 0.14 64.25 46.46
CA GLU A 157 -0.96 63.36 46.08
C GLU A 157 -2.01 63.37 47.17
N ASN A 158 -3.25 63.70 46.82
CA ASN A 158 -4.40 63.56 47.70
C ASN A 158 -5.64 63.39 46.82
N ASN A 159 -6.81 63.48 47.44
CA ASN A 159 -8.05 63.34 46.68
C ASN A 159 -8.43 64.63 45.95
N LEU A 160 -7.74 65.73 46.20
CA LEU A 160 -8.06 66.99 45.53
C LEU A 160 -7.28 67.20 44.24
N PHE A 161 -5.95 67.05 44.28
CA PHE A 161 -5.15 67.49 43.14
C PHE A 161 -3.85 66.68 43.09
N ARG A 162 -3.19 66.79 41.93
CA ARG A 162 -1.86 66.24 41.71
C ARG A 162 -0.94 67.36 41.23
N ALA A 163 0.23 67.49 41.86
CA ALA A 163 1.10 68.59 41.51
C ALA A 163 2.53 68.24 41.82
N PRO A 164 3.47 68.48 40.89
CA PRO A 164 4.87 68.15 41.15
C PRO A 164 5.50 69.09 42.15
N ILE A 165 6.34 68.52 43.03
CA ILE A 165 7.00 69.28 44.09
C ILE A 165 8.51 69.11 43.97
N TYR A 166 9.23 70.14 44.39
CA TYR A 166 10.65 70.28 44.13
C TYR A 166 11.36 70.69 45.41
N LEU A 167 12.22 69.82 45.93
CA LEU A 167 12.89 70.09 47.19
C LEU A 167 13.97 71.15 47.01
N HIS A 168 13.85 72.22 47.77
CA HIS A 168 14.83 73.30 47.80
C HIS A 168 15.28 73.52 49.23
N LYS A 169 16.25 74.41 49.40
CA LYS A 169 16.79 74.73 50.72
C LYS A 169 16.18 76.04 51.22
N MET A 170 15.75 76.04 52.47
CA MET A 170 15.28 77.27 53.10
C MET A 170 16.47 78.21 53.28
N PRO A 171 16.30 79.51 53.01
CA PRO A 171 17.42 80.44 53.19
C PRO A 171 17.88 80.55 54.64
N GLU A 172 19.17 80.86 54.81
CA GLU A 172 19.78 80.88 56.13
C GLU A 172 19.26 82.01 57.02
N THR A 173 18.58 83.00 56.44
CA THR A 173 18.02 84.11 57.19
C THR A 173 16.59 83.87 57.65
N ASP A 174 15.93 82.82 57.15
CA ASP A 174 14.50 82.66 57.33
C ASP A 174 14.19 81.59 58.37
N PHE A 175 13.29 81.92 59.30
CA PHE A 175 12.87 81.04 60.38
C PHE A 175 11.35 80.96 60.39
N LEU A 176 10.83 79.91 61.04
CA LEU A 176 9.40 79.74 61.23
C LEU A 176 9.01 80.25 62.61
N ILE A 177 8.09 81.21 62.65
CA ILE A 177 7.57 81.78 63.88
C ILE A 177 6.15 81.29 64.08
N ILE A 178 5.91 80.62 65.21
CA ILE A 178 4.57 80.19 65.59
C ILE A 178 4.05 81.19 66.60
N ARG A 179 2.91 81.80 66.31
CA ARG A 179 2.36 82.86 67.15
C ARG A 179 0.99 82.46 67.65
N THR A 180 0.86 82.43 68.98
CA THR A 180 -0.40 82.13 69.66
C THR A 180 -0.71 83.28 70.61
N ARG A 181 -1.84 83.16 71.30
CA ARG A 181 -2.22 84.13 72.33
C ARG A 181 -1.23 84.13 73.48
N GLN A 182 -0.64 82.97 73.80
CA GLN A 182 0.19 82.82 74.98
C GLN A 182 1.65 83.20 74.75
N GLY A 183 2.14 83.17 73.53
CA GLY A 183 3.53 83.52 73.31
C GLY A 183 3.96 83.28 71.88
N TYR A 184 5.20 83.71 71.61
CA TYR A 184 5.86 83.48 70.34
C TYR A 184 6.75 82.24 70.44
N TYR A 185 6.72 81.44 69.38
CA TYR A 185 7.46 80.19 69.29
C TYR A 185 8.28 80.18 68.01
N ILE A 186 9.45 79.55 68.06
CA ILE A 186 10.36 79.52 66.92
C ILE A 186 10.90 78.10 66.75
N ARG A 187 11.01 77.67 65.49
CA ARG A 187 11.62 76.40 65.13
C ARG A 187 12.48 76.56 63.89
N GLU A 188 13.59 75.83 63.85
CA GLU A 188 14.43 75.77 62.67
C GLU A 188 13.78 74.86 61.62
N LEU A 189 13.88 75.26 60.35
CA LEU A 189 13.35 74.46 59.26
C LEU A 189 14.18 74.71 58.01
N VAL A 190 14.61 73.64 57.35
CA VAL A 190 15.50 73.76 56.20
C VAL A 190 14.83 73.35 54.88
N ASP A 191 13.79 72.53 54.91
CA ASP A 191 13.24 71.91 53.70
C ASP A 191 11.99 72.66 53.24
N ILE A 192 12.06 73.26 52.06
CA ILE A 192 10.91 73.96 51.47
C ILE A 192 10.72 73.45 50.04
N PHE A 193 9.47 73.18 49.68
CA PHE A 193 9.11 72.66 48.36
C PHE A 193 8.48 73.74 47.49
N VAL A 194 8.90 73.79 46.23
CA VAL A 194 8.17 74.55 45.22
C VAL A 194 7.19 73.62 44.52
N VAL A 195 5.92 73.99 44.55
CA VAL A 195 4.85 73.16 44.01
C VAL A 195 4.36 73.76 42.70
N GLY A 196 4.33 72.95 41.65
CA GLY A 196 3.97 73.40 40.33
C GLY A 196 2.47 73.53 40.15
N GLN A 197 2.09 73.59 38.87
CA GLN A 197 0.68 73.64 38.51
C GLN A 197 -0.04 72.35 38.89
N GLN A 198 -1.24 72.50 39.43
CA GLN A 198 -2.00 71.35 39.90
C GLN A 198 -2.66 70.62 38.73
N CYS A 199 -2.75 69.30 38.86
CA CYS A 199 -3.58 68.46 38.02
C CYS A 199 -4.80 68.09 38.85
N PRO A 200 -5.93 68.79 38.71
CA PRO A 200 -7.05 68.60 39.63
C PRO A 200 -7.76 67.27 39.41
N LEU A 201 -8.09 66.61 40.51
CA LEU A 201 -8.77 65.32 40.48
C LEU A 201 -10.20 65.40 40.97
N PHE A 202 -10.62 66.53 41.52
CA PHE A 202 -11.97 66.71 42.06
C PHE A 202 -12.59 67.93 41.42
N GLU A 203 -13.87 67.83 41.07
CA GLU A 203 -14.54 68.85 40.26
C GLU A 203 -14.98 70.03 41.12
N VAL A 204 -14.65 71.23 40.66
CA VAL A 204 -15.11 72.45 41.33
C VAL A 204 -16.45 72.86 40.72
N PRO A 205 -17.48 73.09 41.53
CA PRO A 205 -18.79 73.46 40.98
C PRO A 205 -18.83 74.90 40.49
N GLY A 206 -19.85 75.18 39.69
CA GLY A 206 -20.17 76.53 39.28
C GLY A 206 -21.08 77.22 40.27
N PRO A 207 -21.13 78.55 40.21
CA PRO A 207 -22.00 79.30 41.12
C PRO A 207 -23.48 79.03 40.86
N ASN A 208 -24.22 78.80 41.96
CA ASN A 208 -25.65 78.47 41.97
C ASN A 208 -25.99 77.23 41.14
N SER A 209 -25.05 76.30 41.00
CA SER A 209 -25.34 75.02 40.37
C SER A 209 -26.10 74.12 41.34
N LYS A 210 -26.62 73.01 40.81
CA LYS A 210 -27.36 72.06 41.63
C LYS A 210 -26.45 71.32 42.60
N ARG A 211 -25.22 71.02 42.20
CA ARG A 211 -24.25 70.41 43.09
C ARG A 211 -23.83 71.38 44.19
N ALA A 212 -23.61 72.64 43.84
CA ALA A 212 -23.23 73.66 44.83
C ALA A 212 -24.36 73.90 45.83
N ASN A 213 -25.60 73.96 45.35
CA ASN A 213 -26.74 74.20 46.24
C ASN A 213 -27.03 72.99 47.13
N THR A 214 -26.72 71.78 46.65
CA THR A 214 -26.85 70.58 47.48
C THR A 214 -25.80 70.57 48.58
N HIS A 215 -24.60 71.07 48.27
CA HIS A 215 -23.51 71.08 49.24
C HIS A 215 -23.79 72.04 50.40
N ILE A 216 -24.35 73.21 50.10
CA ILE A 216 -24.67 74.18 51.14
C ILE A 216 -25.76 73.65 52.05
N ARG A 217 -26.75 72.96 51.47
CA ARG A 217 -27.83 72.36 52.23
C ARG A 217 -27.33 71.24 53.15
N ASP A 218 -26.46 70.37 52.62
CA ASP A 218 -25.93 69.26 53.40
C ASP A 218 -25.00 69.76 54.51
N PHE A 219 -24.18 70.76 54.21
CA PHE A 219 -23.28 71.31 55.23
C PHE A 219 -24.06 72.01 56.34
N LEU A 220 -25.17 72.65 56.00
CA LEU A 220 -26.11 73.14 57.01
C LEU A 220 -26.72 72.00 57.82
N GLN A 221 -27.00 70.87 57.16
CA GLN A 221 -27.57 69.73 57.87
C GLN A 221 -26.55 69.07 58.79
N VAL A 222 -25.27 69.07 58.38
CA VAL A 222 -24.19 68.57 59.23
C VAL A 222 -24.02 69.46 60.46
N PHE A 223 -24.02 70.78 60.26
CA PHE A 223 -23.79 71.72 61.35
C PHE A 223 -24.93 71.72 62.37
N ILE A 224 -26.16 71.53 61.90
CA ILE A 224 -27.31 71.43 62.80
C ILE A 224 -27.21 70.19 63.70
N TYR A 225 -26.89 69.04 63.09
CA TYR A 225 -26.78 67.77 63.81
C TYR A 225 -25.73 67.83 64.92
N ARG A 226 -24.56 68.42 64.61
CA ARG A 226 -23.50 68.51 65.60
C ARG A 226 -23.82 69.52 66.70
N LEU A 227 -24.73 70.47 66.44
CA LEU A 227 -25.22 71.33 67.52
C LEU A 227 -26.08 70.55 68.50
N PHE A 228 -26.90 69.61 67.99
CA PHE A 228 -27.66 68.72 68.87
C PHE A 228 -26.75 67.82 69.69
N TRP A 229 -25.68 67.31 69.07
CA TRP A 229 -24.72 66.50 69.83
C TRP A 229 -23.96 67.33 70.86
N LYS A 230 -23.82 68.63 70.64
CA LYS A 230 -23.16 69.49 71.63
C LYS A 230 -24.09 69.84 72.79
N SER A 231 -25.40 69.86 72.54
CA SER A 231 -26.38 70.21 73.57
C SER A 231 -26.42 69.15 74.67
N LYS A 232 -26.40 69.62 75.92
CA LYS A 232 -26.41 68.74 77.08
C LYS A 232 -27.78 68.60 77.72
N ASP A 233 -28.78 69.36 77.26
CA ASP A 233 -30.12 69.26 77.80
C ASP A 233 -30.78 67.95 77.36
N ARG A 234 -31.66 67.44 78.22
CA ARG A 234 -32.43 66.23 77.93
C ARG A 234 -33.91 66.58 78.04
N PRO A 235 -34.66 66.63 76.93
CA PRO A 235 -34.32 66.38 75.52
C PRO A 235 -33.45 67.48 74.87
N ARG A 236 -32.69 67.10 73.85
CA ARG A 236 -31.73 67.99 73.22
C ARG A 236 -32.43 69.16 72.54
N ARG A 237 -31.79 70.33 72.60
CA ARG A 237 -32.41 71.56 72.10
C ARG A 237 -31.33 72.54 71.66
N ILE A 238 -31.65 73.33 70.63
CA ILE A 238 -30.76 74.34 70.08
C ILE A 238 -31.56 75.61 69.82
N ARG A 239 -30.83 76.69 69.52
CA ARG A 239 -31.43 77.99 69.22
C ARG A 239 -31.23 78.37 67.76
N MET A 240 -32.24 79.02 67.19
CA MET A 240 -32.13 79.62 65.85
C MET A 240 -30.98 80.64 65.77
N GLU A 241 -30.74 81.38 66.85
CA GLU A 241 -29.72 82.43 66.88
C GLU A 241 -28.31 81.86 66.65
N ASP A 242 -28.05 80.64 67.13
CA ASP A 242 -26.74 80.04 66.95
C ASP A 242 -26.47 79.65 65.51
N ILE A 243 -27.52 79.24 64.79
CA ILE A 243 -27.35 78.88 63.38
C ILE A 243 -27.19 80.14 62.53
N LYS A 244 -27.97 81.18 62.82
CA LYS A 244 -27.93 82.42 62.06
C LYS A 244 -26.60 83.15 62.27
N LYS A 245 -26.02 83.04 63.46
CA LYS A 245 -24.71 83.64 63.72
C LYS A 245 -23.63 82.97 62.88
N ALA A 246 -23.73 81.65 62.68
CA ALA A 246 -22.77 80.95 61.85
C ALA A 246 -23.10 81.08 60.37
N PHE A 247 -24.37 81.26 60.03
CA PHE A 247 -24.85 81.38 58.65
C PHE A 247 -25.61 82.70 58.44
N PRO A 248 -24.91 83.84 58.40
CA PRO A 248 -25.61 85.12 58.23
C PRO A 248 -26.17 85.34 56.83
N SER A 249 -25.73 84.57 55.83
CA SER A 249 -26.19 84.74 54.46
C SER A 249 -27.41 83.88 54.14
N HIS A 250 -27.89 83.09 55.10
CA HIS A 250 -29.11 82.32 54.93
C HIS A 250 -30.29 83.07 55.53
N SER A 251 -31.43 83.00 54.84
CA SER A 251 -32.68 83.42 55.43
C SER A 251 -33.13 82.42 56.48
N GLU A 252 -33.95 82.87 57.42
CA GLU A 252 -34.49 82.00 58.45
C GLU A 252 -35.42 80.93 57.86
N SER A 253 -36.08 81.24 56.74
CA SER A 253 -36.99 80.28 56.11
C SER A 253 -36.23 79.09 55.54
N SER A 254 -35.01 79.30 55.03
CA SER A 254 -34.20 78.19 54.55
C SER A 254 -33.69 77.34 55.71
N ILE A 255 -33.49 77.95 56.88
CA ILE A 255 -33.14 77.19 58.07
C ILE A 255 -34.37 76.47 58.62
N ARG A 256 -35.56 77.07 58.44
CA ARG A 256 -36.80 76.41 58.83
C ARG A 256 -37.06 75.14 58.04
N LYS A 257 -36.52 75.03 56.82
CA LYS A 257 -36.67 73.82 56.03
C LYS A 257 -35.89 72.66 56.63
N ARG A 258 -34.66 72.93 57.07
CA ARG A 258 -33.79 71.88 57.59
C ARG A 258 -34.16 71.44 59.00
N LEU A 259 -34.95 72.24 59.72
CA LEU A 259 -35.28 71.97 61.12
C LEU A 259 -36.65 71.36 61.32
N LYS A 260 -37.49 71.33 60.28
CA LYS A 260 -38.86 70.88 60.45
C LYS A 260 -38.97 69.36 60.58
N LEU A 261 -38.02 68.62 59.98
CA LEU A 261 -38.12 67.15 60.02
C LEU A 261 -37.56 66.56 61.29
N CYS A 262 -36.65 67.26 61.98
CA CYS A 262 -35.94 66.70 63.11
C CYS A 262 -36.26 67.36 64.43
N ALA A 263 -36.95 68.51 64.44
CA ALA A 263 -37.12 69.25 65.68
C ALA A 263 -38.53 69.81 65.76
N ASP A 264 -38.94 70.13 67.00
CA ASP A 264 -40.23 70.73 67.29
C ASP A 264 -40.02 72.06 68.00
N PHE A 265 -40.72 73.09 67.54
CA PHE A 265 -40.56 74.44 68.08
C PHE A 265 -41.37 74.61 69.36
N LYS A 266 -40.70 74.98 70.45
CA LYS A 266 -41.32 75.28 71.74
C LYS A 266 -41.08 76.76 72.01
N ARG A 267 -42.15 77.55 71.98
CA ARG A 267 -42.02 78.99 72.17
C ARG A 267 -42.07 79.33 73.65
N THR A 268 -41.25 80.31 74.04
CA THR A 268 -41.05 80.72 75.41
C THR A 268 -41.16 82.24 75.46
N GLY A 269 -41.61 82.77 76.60
CA GLY A 269 -41.88 84.19 76.71
C GLY A 269 -40.68 85.11 76.83
N MET A 270 -39.87 85.15 75.78
CA MET A 270 -38.59 85.85 75.65
C MET A 270 -38.21 85.82 74.18
N ASP A 271 -37.42 86.79 73.72
CA ASP A 271 -36.93 86.79 72.34
C ASP A 271 -35.66 85.91 72.23
N SER A 272 -35.83 84.64 72.61
CA SER A 272 -34.79 83.62 72.55
C SER A 272 -35.47 82.28 72.74
N ASN A 273 -35.67 81.52 71.66
CA ASN A 273 -36.51 80.33 71.69
C ASN A 273 -35.74 79.11 71.21
N TRP A 274 -36.26 77.93 71.54
CA TRP A 274 -35.55 76.67 71.38
C TRP A 274 -36.21 75.77 70.35
N TRP A 275 -35.38 75.03 69.63
CA TRP A 275 -35.82 73.92 68.77
C TRP A 275 -35.53 72.62 69.50
N VAL A 276 -36.57 71.95 69.99
CA VAL A 276 -36.41 70.73 70.78
C VAL A 276 -36.44 69.54 69.85
N LEU A 277 -35.45 68.66 69.98
CA LEU A 277 -35.32 67.47 69.13
C LEU A 277 -36.52 66.55 69.32
N LYS A 278 -37.03 66.03 68.20
CA LYS A 278 -38.16 65.11 68.22
C LYS A 278 -37.77 63.82 68.94
N SER A 279 -38.70 63.33 69.78
CA SER A 279 -38.46 62.13 70.56
C SER A 279 -38.38 60.87 69.69
N ASP A 280 -39.08 60.86 68.56
CA ASP A 280 -39.08 59.71 67.66
C ASP A 280 -38.04 59.83 66.55
N PHE A 281 -37.24 60.90 66.56
CA PHE A 281 -36.18 61.09 65.59
C PHE A 281 -34.87 60.59 66.19
N ARG A 282 -34.25 59.62 65.54
CA ARG A 282 -32.94 59.14 65.94
C ARG A 282 -31.89 60.06 65.35
N LEU A 283 -31.11 60.71 66.21
CA LEU A 283 -30.07 61.62 65.74
C LEU A 283 -28.93 60.79 65.14
N PRO A 284 -28.48 61.11 63.93
CA PRO A 284 -27.48 60.27 63.26
C PRO A 284 -26.13 60.30 63.97
N THR A 285 -25.48 59.14 64.00
CA THR A 285 -24.21 58.96 64.68
C THR A 285 -23.09 59.71 63.94
N GLU A 286 -21.91 59.72 64.57
CA GLU A 286 -20.77 60.52 64.12
C GLU A 286 -20.30 60.14 62.71
N GLU A 287 -20.06 58.86 62.49
CA GLU A 287 -19.55 58.41 61.18
C GLU A 287 -20.62 58.50 60.10
N GLU A 288 -21.91 58.49 60.49
CA GLU A 288 -22.97 58.77 59.51
C GLU A 288 -22.97 60.23 59.10
N ILE A 289 -22.65 61.13 60.04
CA ILE A 289 -22.48 62.55 59.70
C ILE A 289 -21.25 62.74 58.82
N ARG A 290 -20.20 61.93 59.07
CA ARG A 290 -18.98 61.98 58.28
C ARG A 290 -19.23 61.62 56.81
N ALA A 291 -20.11 60.65 56.56
CA ALA A 291 -20.41 60.25 55.19
C ALA A 291 -21.25 61.27 54.43
N MET A 292 -21.91 62.20 55.14
CA MET A 292 -22.77 63.17 54.47
C MET A 292 -21.95 64.20 53.70
N VAL A 293 -20.90 64.75 54.34
CA VAL A 293 -20.06 65.78 53.73
C VAL A 293 -18.60 65.42 54.01
N SER A 294 -17.79 65.36 52.94
CA SER A 294 -16.37 65.08 53.02
C SER A 294 -15.59 66.38 53.04
N PRO A 295 -14.33 66.36 53.54
CA PRO A 295 -13.50 67.58 53.46
C PRO A 295 -13.17 68.03 52.05
N GLU A 296 -13.13 67.10 51.09
CA GLU A 296 -12.84 67.46 49.70
C GLU A 296 -13.97 68.28 49.07
N GLN A 297 -15.22 67.98 49.45
CA GLN A 297 -16.36 68.70 48.89
C GLN A 297 -16.41 70.14 49.37
N CYS A 298 -15.96 70.40 50.61
CA CYS A 298 -15.95 71.76 51.14
C CYS A 298 -14.94 72.63 50.40
N CYS A 299 -13.77 72.07 50.07
CA CYS A 299 -12.72 72.83 49.40
C CYS A 299 -13.14 73.22 47.99
N ALA A 300 -13.91 72.37 47.32
CA ALA A 300 -14.43 72.68 46.00
C ALA A 300 -15.43 73.84 46.06
N TYR A 301 -16.26 73.86 47.10
CA TYR A 301 -17.16 74.99 47.31
C TYR A 301 -16.40 76.24 47.76
N TYR A 302 -15.39 76.06 48.63
CA TYR A 302 -14.57 77.18 49.08
C TYR A 302 -13.82 77.84 47.93
N SER A 303 -13.34 77.05 46.97
CA SER A 303 -12.66 77.59 45.80
C SER A 303 -13.61 78.40 44.93
N MET A 304 -14.87 77.98 44.85
CA MET A 304 -15.85 78.64 43.98
C MET A 304 -16.20 80.03 44.50
N ILE A 305 -16.58 80.12 45.78
CA ILE A 305 -17.05 81.39 46.34
C ILE A 305 -15.93 82.40 46.46
N ALA A 306 -14.68 81.94 46.66
CA ALA A 306 -13.54 82.85 46.66
C ALA A 306 -13.28 83.40 45.26
N ALA A 307 -13.32 82.53 44.24
CA ALA A 307 -13.12 82.98 42.87
C ALA A 307 -14.28 83.82 42.36
N GLU A 308 -15.50 83.53 42.84
CA GLU A 308 -16.66 84.33 42.48
C GLU A 308 -16.54 85.75 43.02
N GLN A 309 -15.96 85.89 44.21
CA GLN A 309 -15.69 87.21 44.77
C GLN A 309 -14.64 87.95 43.95
N ARG A 310 -13.62 87.23 43.47
CA ARG A 310 -12.57 87.86 42.67
C ARG A 310 -13.10 88.33 41.31
N LEU A 311 -14.06 87.61 40.73
CA LEU A 311 -14.65 88.02 39.46
C LEU A 311 -15.55 89.23 39.63
N LYS A 312 -16.30 89.28 40.75
CA LYS A 312 -17.11 90.45 41.07
C LYS A 312 -16.23 91.68 41.30
N ASP A 313 -15.09 91.49 41.97
CA ASP A 313 -14.13 92.57 42.16
C ASP A 313 -13.53 93.05 40.84
N ALA A 314 -13.45 92.17 39.84
CA ALA A 314 -12.92 92.50 38.53
C ALA A 314 -13.97 93.08 37.58
N GLY A 315 -15.19 93.32 38.08
CA GLY A 315 -16.23 93.92 37.27
C GLY A 315 -17.15 92.95 36.56
N TYR A 316 -16.94 91.64 36.72
CA TYR A 316 -17.76 90.64 36.06
C TYR A 316 -18.97 90.31 36.94
N GLY A 317 -20.17 90.60 36.41
CA GLY A 317 -21.39 90.25 37.10
C GLY A 317 -21.76 88.78 36.93
N GLU A 318 -22.87 88.41 37.57
CA GLU A 318 -23.33 87.01 37.56
C GLU A 318 -23.80 86.55 36.18
N LYS A 319 -24.14 87.48 35.28
CA LYS A 319 -24.57 87.10 33.94
C LYS A 319 -23.42 86.62 33.08
N SER A 320 -22.17 86.89 33.46
CA SER A 320 -21.02 86.42 32.70
C SER A 320 -20.67 84.97 33.00
N PHE A 321 -21.19 84.43 34.11
CA PHE A 321 -20.96 83.04 34.46
C PHE A 321 -22.22 82.40 35.04
N LYS A 335 -18.03 82.66 23.50
CA LYS A 335 -19.11 83.44 24.10
C LYS A 335 -18.73 83.87 25.51
N ILE A 336 -17.60 83.35 25.99
CA ILE A 336 -17.18 83.50 27.38
C ILE A 336 -15.91 84.35 27.42
N ASP A 337 -15.82 85.21 28.44
CA ASP A 337 -14.67 86.10 28.58
C ASP A 337 -13.42 85.32 28.96
N ASP A 338 -12.25 85.94 28.71
CA ASP A 338 -10.96 85.27 28.92
C ASP A 338 -10.70 84.99 30.39
N GLU A 339 -11.02 85.93 31.28
CA GLU A 339 -10.80 85.75 32.70
C GLU A 339 -11.79 84.74 33.28
N VAL A 340 -13.00 84.68 32.72
CA VAL A 340 -13.99 83.70 33.17
C VAL A 340 -13.55 82.28 32.80
N ARG A 341 -12.75 82.14 31.73
CA ARG A 341 -12.15 80.85 31.39
C ARG A 341 -11.13 80.38 32.43
N THR A 342 -10.52 81.31 33.17
CA THR A 342 -9.54 80.98 34.19
C THR A 342 -10.17 80.61 35.52
N ALA A 343 -11.50 80.65 35.63
CA ALA A 343 -12.19 80.26 36.85
C ALA A 343 -12.00 78.77 37.10
N PRO A 344 -11.93 78.35 38.38
CA PRO A 344 -11.72 76.92 38.67
C PRO A 344 -12.86 76.01 38.26
N TRP A 345 -14.09 76.52 38.13
CA TRP A 345 -15.15 75.65 37.61
C TRP A 345 -14.97 75.39 36.12
N ASN A 346 -14.26 76.27 35.42
CA ASN A 346 -13.99 76.07 34.00
C ASN A 346 -12.75 75.23 33.75
N THR A 347 -11.68 75.47 34.54
CA THR A 347 -10.42 74.76 34.33
C THR A 347 -10.52 73.30 34.72
N THR A 348 -11.17 73.00 35.85
CA THR A 348 -11.24 71.61 36.34
C THR A 348 -12.16 70.76 35.48
N ARG A 349 -13.30 71.32 35.04
CA ARG A 349 -14.17 70.60 34.12
C ARG A 349 -13.48 70.35 32.78
N ALA A 350 -12.61 71.27 32.36
CA ALA A 350 -11.81 71.06 31.15
C ALA A 350 -10.80 69.94 31.35
N PHE A 351 -10.12 69.93 32.49
CA PHE A 351 -9.02 68.98 32.70
C PHE A 351 -9.53 67.55 32.92
N ILE A 352 -10.58 67.39 33.72
CA ILE A 352 -11.07 66.05 34.09
C ILE A 352 -11.69 65.36 32.87
N ALA A 353 -12.43 66.12 32.05
CA ALA A 353 -12.92 65.58 30.78
C ALA A 353 -11.78 65.22 29.84
N ALA A 354 -10.71 66.01 29.84
CA ALA A 354 -9.52 65.65 29.08
C ALA A 354 -8.80 64.46 29.68
N MET A 355 -8.84 64.32 31.01
CA MET A 355 -8.28 63.14 31.66
C MET A 355 -9.07 61.88 31.32
N LYS A 356 -10.38 62.00 31.15
CA LYS A 356 -11.23 60.88 30.81
C LYS A 356 -11.29 60.61 29.30
N GLY A 357 -10.52 61.34 28.50
CA GLY A 357 -10.51 61.14 27.07
C GLY A 357 -11.68 61.74 26.32
N LYS A 358 -12.46 62.62 26.96
CA LYS A 358 -13.62 63.21 26.30
C LYS A 358 -13.24 64.34 25.35
N CYS A 359 -12.07 64.97 25.55
CA CYS A 359 -11.65 66.14 24.78
C CYS A 359 -10.15 66.33 25.00
N LEU A 360 -9.61 67.36 24.37
CA LEU A 360 -8.22 67.77 24.53
C LEU A 360 -8.17 69.18 25.13
N LEU A 361 -6.95 69.67 25.34
CA LEU A 361 -6.71 70.93 26.03
C LEU A 361 -6.07 71.97 25.12
N GLU A 362 -6.25 73.25 25.51
CA GLU A 362 -5.85 74.40 24.70
C GLU A 362 -4.33 74.60 24.66
N VAL A 363 -3.57 73.75 25.35
CA VAL A 363 -2.48 74.07 26.28
C VAL A 363 -1.80 75.43 26.12
N THR A 364 -1.49 75.85 24.90
CA THR A 364 -1.02 77.21 24.67
C THR A 364 -2.24 78.11 24.53
N GLY A 365 -2.52 78.91 25.56
CA GLY A 365 -3.76 79.66 25.60
C GLY A 365 -3.82 80.59 26.79
N VAL A 366 -4.99 81.22 26.94
CA VAL A 366 -5.12 82.36 27.84
C VAL A 366 -5.24 81.94 29.30
N ALA A 367 -5.64 80.70 29.58
CA ALA A 367 -5.82 80.23 30.96
C ALA A 367 -4.54 79.76 31.60
N ASP A 368 -3.39 80.05 30.98
CA ASP A 368 -2.05 79.87 31.52
C ASP A 368 -1.91 80.69 32.80
N PRO A 369 -1.76 80.05 33.97
CA PRO A 369 -1.65 80.82 35.21
C PRO A 369 -0.33 81.57 35.36
N THR A 370 0.73 81.16 34.65
CA THR A 370 2.01 81.85 34.75
C THR A 370 2.09 83.07 33.86
N GLY A 371 1.32 83.11 32.77
CA GLY A 371 1.30 84.23 31.86
C GLY A 371 2.52 84.42 30.98
N CYS A 372 3.50 83.51 31.05
CA CYS A 372 4.71 83.63 30.25
C CYS A 372 5.06 82.34 29.53
N GLY A 373 4.11 81.42 29.40
CA GLY A 373 4.35 80.18 28.67
C GLY A 373 4.92 79.05 29.48
N GLU A 374 4.89 79.12 30.81
CA GLU A 374 5.49 78.10 31.66
C GLU A 374 4.44 77.26 32.39
N GLY A 375 3.20 77.25 31.88
CA GLY A 375 2.13 76.48 32.49
C GLY A 375 1.12 76.05 31.44
N PHE A 376 0.07 75.39 31.92
CA PHE A 376 -0.95 74.80 31.04
C PHE A 376 -2.24 75.62 31.08
N SER A 377 -2.88 75.74 29.93
CA SER A 377 -4.19 76.39 29.81
C SER A 377 -5.27 75.33 29.73
N TYR A 378 -6.11 75.24 30.77
CA TYR A 378 -7.15 74.22 30.86
C TYR A 378 -8.44 74.74 30.22
N VAL A 379 -8.47 74.68 28.88
CA VAL A 379 -9.65 75.04 28.08
C VAL A 379 -9.87 73.93 27.05
N LYS A 380 -11.10 73.47 26.94
CA LYS A 380 -11.44 72.34 26.07
C LYS A 380 -11.26 72.68 24.60
N ILE A 381 -10.60 71.79 23.87
CA ILE A 381 -10.66 71.75 22.41
C ILE A 381 -11.14 70.35 22.04
N PRO A 382 -11.86 70.15 20.95
CA PRO A 382 -12.36 68.80 20.61
C PRO A 382 -11.24 67.86 20.17
N ASN A 383 -11.59 66.57 20.13
CA ASN A 383 -10.64 65.53 19.75
C ASN A 383 -10.34 65.52 18.25
N LYS A 384 -11.06 66.31 17.46
CA LYS A 384 -10.80 66.44 16.02
C LYS A 384 -9.42 67.06 15.77
N ASP A 405 -4.87 66.36 -7.28
CA ASP A 405 -4.89 64.93 -7.59
C ASP A 405 -5.10 64.71 -9.09
N ALA A 406 -5.74 65.66 -9.74
CA ALA A 406 -6.04 65.54 -11.16
C ALA A 406 -4.78 65.61 -12.02
N ASP A 407 -3.98 66.66 -11.85
CA ASP A 407 -2.79 66.85 -12.68
C ASP A 407 -1.71 65.83 -12.35
N LEU A 408 -1.69 65.34 -11.10
CA LEU A 408 -0.78 64.28 -10.72
C LEU A 408 -1.08 62.99 -11.47
N ARG A 409 -2.36 62.71 -11.71
CA ARG A 409 -2.70 61.58 -12.56
C ARG A 409 -2.57 61.92 -14.03
N ARG A 410 -2.56 63.22 -14.36
CA ARG A 410 -2.24 63.63 -15.72
C ARG A 410 -0.73 63.61 -16.01
N LEU A 411 0.11 63.37 -15.01
CA LEU A 411 1.57 63.38 -15.18
C LEU A 411 2.10 62.34 -16.17
N SER A 412 1.31 61.31 -16.50
CA SER A 412 1.62 60.30 -17.53
C SER A 412 2.90 59.49 -17.24
N LEU A 413 2.79 58.58 -16.26
CA LEU A 413 3.88 57.86 -15.55
C LEU A 413 5.32 58.40 -15.67
N LYS A 414 5.81 58.67 -16.90
CA LYS A 414 7.23 58.97 -17.12
C LYS A 414 7.67 60.25 -16.42
N ASN A 415 6.87 61.31 -16.53
CA ASN A 415 7.22 62.56 -15.86
C ASN A 415 7.07 62.45 -14.35
N ALA A 416 6.17 61.59 -13.87
CA ALA A 416 6.06 61.32 -12.44
C ALA A 416 7.29 60.57 -11.92
N LYS A 417 7.83 59.66 -12.73
CA LYS A 417 9.10 59.00 -12.43
C LYS A 417 10.23 60.01 -12.29
N GLN A 418 10.31 60.96 -13.23
CA GLN A 418 11.34 62.00 -13.13
C GLN A 418 11.11 62.91 -11.92
N LEU A 419 9.85 63.16 -11.55
CA LEU A 419 9.58 63.98 -10.37
C LEU A 419 9.97 63.25 -9.08
N LEU A 420 9.67 61.94 -9.00
CA LEU A 420 10.11 61.15 -7.85
C LEU A 420 11.63 61.11 -7.75
N ARG A 421 12.32 61.07 -8.90
CA ARG A 421 13.78 61.18 -8.89
C ARG A 421 14.21 62.55 -8.38
N LYS A 422 13.47 63.61 -8.73
CA LYS A 422 13.84 64.97 -8.31
C LYS A 422 13.64 65.18 -6.81
N PHE A 423 12.56 64.64 -6.24
CA PHE A 423 12.30 64.83 -4.81
C PHE A 423 13.28 64.08 -3.92
N GLY A 424 13.95 63.04 -4.43
CA GLY A 424 14.79 62.20 -3.60
C GLY A 424 14.11 60.96 -3.07
N VAL A 425 13.02 60.53 -3.69
CA VAL A 425 12.36 59.26 -3.36
C VAL A 425 13.32 58.11 -3.67
N PRO A 426 13.44 57.10 -2.80
CA PRO A 426 14.35 55.98 -3.06
C PRO A 426 13.99 55.18 -4.31
N GLU A 427 15.02 54.58 -4.92
CA GLU A 427 14.92 53.96 -6.24
C GLU A 427 14.01 52.73 -6.28
N GLU A 428 13.67 52.15 -5.14
CA GLU A 428 12.74 51.01 -5.12
C GLU A 428 11.34 51.42 -5.57
N GLU A 429 10.84 52.53 -5.02
CA GLU A 429 9.52 53.04 -5.38
C GLU A 429 9.49 53.53 -6.82
N ILE A 430 10.57 54.17 -7.26
CA ILE A 430 10.72 54.54 -8.67
C ILE A 430 10.79 53.30 -9.54
N LYS A 431 11.34 52.21 -9.02
CA LYS A 431 11.63 51.02 -9.80
C LYS A 431 10.38 50.18 -10.04
N LYS A 432 9.53 50.01 -9.02
CA LYS A 432 8.31 49.20 -9.17
C LYS A 432 7.35 49.79 -10.20
N LEU A 433 7.21 51.11 -10.20
CA LEU A 433 6.42 51.96 -11.12
C LEU A 433 5.02 51.47 -11.51
N SER A 434 4.30 50.85 -10.58
CA SER A 434 2.84 50.89 -10.60
C SER A 434 2.36 52.34 -10.55
N ARG A 435 1.63 52.79 -11.57
CA ARG A 435 1.39 54.22 -11.75
C ARG A 435 0.50 54.82 -10.66
N TRP A 436 -0.48 54.06 -10.16
CA TRP A 436 -1.31 54.54 -9.07
C TRP A 436 -0.51 54.71 -7.78
N GLU A 437 0.35 53.73 -7.48
CA GLU A 437 1.25 53.83 -6.32
C GLU A 437 2.23 55.00 -6.47
N VAL A 438 2.72 55.22 -7.69
CA VAL A 438 3.65 56.33 -7.97
C VAL A 438 2.97 57.68 -7.72
N ILE A 439 1.72 57.82 -8.18
CA ILE A 439 1.02 59.08 -8.02
C ILE A 439 0.59 59.31 -6.56
N ASP A 440 0.28 58.23 -5.83
CA ASP A 440 -0.01 58.38 -4.40
C ASP A 440 1.24 58.77 -3.62
N VAL A 441 2.39 58.20 -3.97
CA VAL A 441 3.65 58.57 -3.33
C VAL A 441 4.06 60.00 -3.68
N VAL A 442 3.83 60.45 -4.91
CA VAL A 442 4.24 61.82 -5.25
C VAL A 442 3.28 62.83 -4.64
N ARG A 443 2.01 62.45 -4.45
CA ARG A 443 1.08 63.32 -3.72
C ARG A 443 1.46 63.41 -2.25
N THR A 444 1.88 62.27 -1.67
CA THR A 444 2.36 62.26 -0.29
C THR A 444 3.62 63.10 -0.12
N MET A 445 4.55 63.00 -1.07
CA MET A 445 5.79 63.78 -1.01
C MET A 445 5.53 65.27 -1.21
N SER A 446 4.61 65.62 -2.10
CA SER A 446 4.21 67.01 -2.25
C SER A 446 3.42 67.53 -1.05
N THR A 447 2.84 66.62 -0.25
CA THR A 447 2.26 67.02 1.03
C THR A 447 3.35 67.20 2.09
N GLU A 448 4.37 66.34 2.08
CA GLU A 448 5.50 66.46 2.99
C GLU A 448 6.33 67.71 2.68
N SER A 467 -4.14 62.71 9.51
CA SER A 467 -4.30 64.08 9.98
C SER A 467 -4.81 64.10 11.42
N VAL A 468 -5.43 63.00 11.84
CA VAL A 468 -5.94 62.88 13.20
C VAL A 468 -4.92 62.23 14.13
N ALA A 469 -3.92 61.54 13.57
CA ALA A 469 -2.78 61.10 14.37
C ALA A 469 -1.76 62.19 14.55
N GLU A 470 -1.71 63.16 13.64
CA GLU A 470 -0.88 64.34 13.80
C GLU A 470 -1.50 65.33 14.78
N HIS A 471 -2.83 65.38 14.85
CA HIS A 471 -3.52 66.28 15.76
C HIS A 471 -3.27 65.90 17.23
N GLN A 472 -3.29 64.61 17.53
CA GLN A 472 -3.00 64.17 18.90
C GLN A 472 -1.50 64.16 19.19
N GLU A 473 -0.67 63.99 18.17
CA GLU A 473 0.79 64.05 18.38
C GLU A 473 1.25 65.46 18.67
N ARG A 474 0.65 66.46 18.01
CA ARG A 474 0.99 67.85 18.27
C ARG A 474 0.52 68.28 19.66
N TYR A 475 -0.58 67.70 20.12
CA TYR A 475 -1.01 67.89 21.51
C TYR A 475 0.02 67.32 22.49
N LYS A 476 0.53 66.12 22.19
CA LYS A 476 1.53 65.50 23.06
C LYS A 476 2.84 66.27 23.02
N GLU A 477 3.23 66.78 21.85
CA GLU A 477 4.45 67.57 21.71
C GLU A 477 4.36 68.87 22.49
N GLU A 478 3.21 69.55 22.42
CA GLU A 478 3.04 70.80 23.15
C GLU A 478 2.97 70.56 24.66
N CYS A 479 2.32 69.46 25.06
CA CYS A 479 2.30 69.07 26.48
C CYS A 479 3.70 68.76 26.98
N GLN A 480 4.48 68.00 26.20
CA GLN A 480 5.81 67.55 26.63
C GLN A 480 6.78 68.71 26.76
N ARG A 481 6.68 69.70 25.86
CA ARG A 481 7.62 70.82 25.84
C ARG A 481 7.51 71.68 27.09
N ILE A 482 6.28 72.04 27.46
CA ILE A 482 6.08 72.93 28.61
C ILE A 482 6.30 72.17 29.91
N PHE A 483 5.94 70.88 29.94
CA PHE A 483 6.21 70.02 31.10
C PHE A 483 7.70 69.91 31.37
N ASP A 484 8.51 69.72 30.32
CA ASP A 484 9.96 69.69 30.48
C ASP A 484 10.51 71.06 30.82
N LEU A 485 9.90 72.12 30.28
CA LEU A 485 10.33 73.47 30.59
C LEU A 485 10.01 73.82 32.05
N GLN A 486 8.82 73.42 32.52
CA GLN A 486 8.43 73.65 33.92
C GLN A 486 9.33 72.87 34.87
N ASN A 487 9.72 71.65 34.49
CA ASN A 487 10.67 70.87 35.29
C ASN A 487 12.02 71.57 35.41
N LYS A 488 12.45 72.25 34.35
CA LYS A 488 13.78 72.85 34.34
C LYS A 488 13.82 74.15 35.15
N VAL A 489 12.78 74.98 35.05
CA VAL A 489 12.81 76.30 35.66
C VAL A 489 12.63 76.20 37.18
N LEU A 490 11.61 75.45 37.62
CA LEU A 490 11.27 75.42 39.05
C LEU A 490 12.23 74.59 39.89
N SER A 491 13.05 73.75 39.26
CA SER A 491 14.08 73.00 39.97
C SER A 491 15.46 73.67 39.91
N SER A 492 15.60 74.72 39.09
CA SER A 492 16.90 75.36 38.93
C SER A 492 17.25 76.21 40.15
N THR A 493 18.52 76.14 40.56
CA THR A 493 19.03 76.94 41.65
C THR A 493 19.71 78.22 41.17
N GLU A 494 19.42 78.65 39.95
CA GLU A 494 19.98 79.88 39.40
C GLU A 494 19.50 81.10 40.17
N VAL A 495 20.43 82.02 40.45
CA VAL A 495 20.13 83.25 41.18
C VAL A 495 19.82 84.34 40.16
N LEU A 496 18.58 84.82 40.18
CA LEU A 496 18.15 85.87 39.26
C LEU A 496 18.08 87.22 39.96
N PHE B 20 -8.94 43.14 82.45
CA PHE B 20 -7.54 43.33 82.06
C PHE B 20 -6.72 42.10 82.42
N GLU B 21 -6.62 41.83 83.71
CA GLU B 21 -5.89 40.67 84.20
C GLU B 21 -6.86 39.51 84.45
N SER B 22 -6.29 38.33 84.62
CA SER B 22 -7.12 37.17 84.91
C SER B 22 -7.52 37.18 86.38
N PRO B 23 -8.77 36.81 86.70
CA PRO B 23 -9.20 36.65 88.09
C PRO B 23 -8.84 35.29 88.68
N ARG B 24 -7.57 34.89 88.52
CA ARG B 24 -7.11 33.56 88.89
C ARG B 24 -5.79 33.69 89.66
N PRO B 25 -5.70 33.15 90.87
CA PRO B 25 -4.42 33.16 91.59
C PRO B 25 -3.47 32.08 91.11
N TYR B 26 -2.34 31.94 91.82
CA TYR B 26 -1.31 30.91 91.64
C TYR B 26 -0.80 30.82 90.21
N LYS B 27 -0.04 31.86 89.84
CA LYS B 27 0.63 31.89 88.55
C LYS B 27 1.61 30.73 88.39
N LEU B 28 1.84 30.32 87.15
CA LEU B 28 2.57 29.09 86.86
C LEU B 28 3.63 29.36 85.80
N THR B 29 4.78 28.68 85.94
CA THR B 29 5.87 28.85 84.99
C THR B 29 6.23 27.57 84.25
N HIS B 30 6.49 26.47 84.94
CA HIS B 30 7.09 25.31 84.29
C HIS B 30 6.32 24.05 84.68
N GLN B 31 6.49 22.99 83.87
CA GLN B 31 5.76 21.73 83.98
C GLN B 31 6.52 20.69 83.15
N VAL B 32 6.73 19.52 83.74
CA VAL B 32 7.50 18.45 83.10
C VAL B 32 6.67 17.19 83.10
N VAL B 33 6.37 16.65 81.94
CA VAL B 33 5.68 15.38 81.87
C VAL B 33 6.73 14.30 81.64
N CYS B 34 6.41 13.08 82.06
CA CYS B 34 7.30 11.95 81.82
C CYS B 34 6.43 10.70 81.70
N ILE B 35 6.06 10.37 80.47
CA ILE B 35 5.29 9.15 80.24
C ILE B 35 6.23 7.96 80.25
N ASN B 36 5.87 6.94 81.04
CA ASN B 36 6.69 5.75 81.25
C ASN B 36 5.78 4.53 81.24
N ASN B 37 6.37 3.39 80.86
CA ASN B 37 5.76 2.06 80.96
C ASN B 37 4.43 1.97 80.20
N ILE B 38 4.40 2.54 79.00
CA ILE B 38 3.18 2.57 78.20
C ILE B 38 2.89 1.16 77.68
N ASN B 39 1.70 0.66 77.99
CA ASN B 39 1.37 -0.74 77.82
C ASN B 39 0.41 -0.93 76.65
N PHE B 40 0.49 -2.11 76.03
CA PHE B 40 -0.35 -2.48 74.91
C PHE B 40 -1.30 -3.64 75.22
N GLN B 41 -1.14 -4.29 76.37
CA GLN B 41 -1.94 -5.45 76.72
C GLN B 41 -2.94 -5.13 77.82
N ARG B 42 -2.48 -4.62 78.95
CA ARG B 42 -3.36 -4.03 79.95
C ARG B 42 -3.64 -2.56 79.67
N LYS B 43 -2.87 -1.95 78.76
CA LYS B 43 -3.16 -0.66 78.14
C LYS B 43 -3.21 0.48 79.16
N SER B 44 -2.10 0.68 79.87
CA SER B 44 -2.03 1.66 80.93
C SER B 44 -0.82 2.57 80.74
N VAL B 45 -0.81 3.68 81.48
CA VAL B 45 0.22 4.70 81.42
C VAL B 45 0.54 5.12 82.85
N VAL B 46 1.82 5.14 83.22
CA VAL B 46 2.22 5.74 84.49
C VAL B 46 3.12 6.94 84.19
N GLY B 47 3.08 7.92 85.09
CA GLY B 47 3.88 9.11 84.88
C GLY B 47 3.86 10.12 86.01
N PHE B 48 4.89 10.96 86.08
CA PHE B 48 4.97 12.04 87.06
C PHE B 48 5.03 13.39 86.36
N VAL B 49 4.33 14.36 86.92
CA VAL B 49 4.22 15.70 86.34
C VAL B 49 4.84 16.71 87.29
N GLU B 50 5.47 17.77 86.72
CA GLU B 50 6.20 18.76 87.49
C GLU B 50 5.82 20.20 87.15
N LEU B 51 5.28 20.85 88.19
CA LEU B 51 4.73 22.19 88.11
C LEU B 51 5.58 23.13 88.95
N THR B 52 5.89 24.30 88.41
CA THR B 52 6.63 25.32 89.14
C THR B 52 5.68 26.49 89.33
N ILE B 53 5.36 26.80 90.59
CA ILE B 53 4.21 27.62 90.92
C ILE B 53 4.65 28.82 91.77
N PHE B 54 4.19 30.01 91.39
CA PHE B 54 4.26 31.23 92.17
C PHE B 54 2.86 31.50 92.68
N PRO B 55 2.54 31.14 93.93
CA PRO B 55 1.21 31.48 94.47
C PRO B 55 1.06 32.99 94.65
N THR B 56 -0.21 33.42 94.67
CA THR B 56 -0.53 34.85 94.66
C THR B 56 -0.80 35.41 96.05
N VAL B 57 -1.69 34.76 96.81
CA VAL B 57 -2.14 35.28 98.10
C VAL B 57 -1.87 34.22 99.17
N ALA B 58 -1.75 34.68 100.41
CA ALA B 58 -1.62 33.78 101.54
C ALA B 58 -2.96 33.08 101.81
N ASN B 59 -2.90 32.05 102.67
CA ASN B 59 -4.01 31.12 102.93
C ASN B 59 -4.54 30.48 101.64
N LEU B 60 -3.64 30.21 100.70
CA LEU B 60 -3.98 29.44 99.50
C LEU B 60 -3.68 27.96 99.80
N ASN B 61 -4.51 27.41 100.68
CA ASN B 61 -4.29 26.06 101.20
C ASN B 61 -4.81 24.99 100.25
N ARG B 62 -6.10 25.07 99.88
CA ARG B 62 -6.70 24.08 99.00
C ARG B 62 -6.37 24.43 97.55
N ILE B 63 -5.14 24.07 97.15
CA ILE B 63 -4.72 24.28 95.76
C ILE B 63 -5.42 23.26 94.88
N LYS B 64 -6.11 23.76 93.86
CA LYS B 64 -6.94 22.94 92.98
C LYS B 64 -6.30 22.75 91.62
N LEU B 65 -6.14 21.50 91.22
CA LEU B 65 -6.00 21.08 89.83
C LEU B 65 -7.25 20.30 89.44
N ASN B 66 -7.30 19.87 88.18
CA ASN B 66 -8.52 19.25 87.67
C ASN B 66 -8.16 18.18 86.64
N SER B 67 -8.82 17.03 86.76
CA SER B 67 -8.68 15.92 85.82
C SER B 67 -9.85 14.95 86.05
N LYS B 68 -10.03 14.05 85.09
CA LYS B 68 -10.90 12.90 85.25
C LYS B 68 -10.20 11.67 84.70
N GLN B 69 -10.67 10.50 85.17
CA GLN B 69 -10.13 9.18 84.82
C GLN B 69 -8.64 9.07 85.13
N CYS B 70 -8.22 9.69 86.23
CA CYS B 70 -6.81 9.72 86.64
C CYS B 70 -6.73 9.28 88.10
N ARG B 71 -6.34 8.04 88.34
CA ARG B 71 -6.07 7.59 89.70
C ARG B 71 -4.66 8.05 90.08
N ILE B 72 -4.58 8.97 91.04
CA ILE B 72 -3.29 9.48 91.47
C ILE B 72 -2.62 8.43 92.36
N TYR B 73 -1.33 8.18 92.14
CA TYR B 73 -0.57 7.33 93.03
C TYR B 73 -0.08 8.11 94.25
N ARG B 74 0.62 9.22 94.03
CA ARG B 74 1.01 10.08 95.14
C ARG B 74 1.15 11.51 94.64
N VAL B 75 1.00 12.45 95.57
CA VAL B 75 1.24 13.87 95.32
C VAL B 75 2.36 14.28 96.26
N ARG B 76 3.20 15.23 95.82
CA ARG B 76 4.34 15.61 96.64
C ARG B 76 4.71 17.06 96.33
N ILE B 77 5.02 17.81 97.39
CA ILE B 77 5.59 19.15 97.29
C ILE B 77 6.80 19.18 98.23
N ASN B 78 7.99 19.07 97.63
CA ASN B 78 9.28 19.15 98.33
C ASN B 78 9.41 18.09 99.43
N ASP B 79 9.27 16.82 99.00
CA ASP B 79 9.37 15.63 99.85
C ASP B 79 8.36 15.62 100.99
N LEU B 80 7.18 16.22 100.77
CA LEU B 80 6.11 16.28 101.76
C LEU B 80 4.79 15.92 101.08
N GLU B 81 4.33 14.69 101.28
CA GLU B 81 3.03 14.25 100.77
C GLU B 81 1.93 14.92 101.59
N ALA B 82 1.21 15.86 100.98
CA ALA B 82 0.13 16.58 101.66
C ALA B 82 -1.19 15.85 101.41
N ALA B 83 -2.31 16.53 101.69
CA ALA B 83 -3.63 15.92 101.65
C ALA B 83 -4.08 15.69 100.20
N PHE B 84 -5.28 15.12 100.06
CA PHE B 84 -5.76 14.64 98.77
C PHE B 84 -7.28 14.68 98.74
N ILE B 85 -7.84 15.39 97.77
CA ILE B 85 -9.29 15.46 97.56
C ILE B 85 -9.56 15.10 96.11
N TYR B 86 -10.46 14.15 95.89
CA TYR B 86 -10.76 13.64 94.54
C TYR B 86 -12.27 13.46 94.44
N ASN B 87 -12.92 14.39 93.75
CA ASN B 87 -14.36 14.35 93.52
C ASN B 87 -14.65 14.30 92.03
N ASP B 88 -15.83 13.77 91.69
CA ASP B 88 -16.33 13.76 90.31
C ASP B 88 -17.80 14.17 90.29
N PRO B 89 -18.09 15.47 90.33
CA PRO B 89 -19.46 15.93 90.06
C PRO B 89 -19.78 16.06 88.58
N THR B 90 -18.83 15.74 87.69
CA THR B 90 -19.11 15.65 86.26
C THR B 90 -19.97 14.43 85.94
N LEU B 91 -20.03 13.47 86.87
CA LEU B 91 -20.90 12.29 86.80
C LEU B 91 -22.34 12.65 87.15
N GLU B 92 -23.11 11.66 87.58
CA GLU B 92 -24.56 11.76 87.74
C GLU B 92 -24.96 12.80 88.79
N VAL B 93 -26.27 13.00 88.90
CA VAL B 93 -26.85 13.84 89.95
C VAL B 93 -26.59 13.15 91.28
N CYS B 94 -26.43 13.95 92.35
CA CYS B 94 -26.07 13.45 93.68
C CYS B 94 -27.10 12.46 94.24
N HIS B 95 -28.35 12.57 93.81
CA HIS B 95 -29.33 11.50 93.96
C HIS B 95 -29.57 10.88 92.59
N SER B 96 -29.36 9.56 92.49
CA SER B 96 -29.39 8.89 91.19
C SER B 96 -30.79 8.77 90.62
N GLU B 97 -31.82 8.86 91.46
CA GLU B 97 -33.21 8.76 91.01
C GLU B 97 -33.94 10.08 91.18
N SER B 98 -33.29 11.18 90.79
CA SER B 98 -33.92 12.50 90.78
C SER B 98 -35.03 12.51 89.73
N LYS B 99 -36.28 12.57 90.18
CA LYS B 99 -37.43 12.43 89.30
C LYS B 99 -37.66 13.63 88.39
N GLN B 100 -36.98 14.75 88.63
CA GLN B 100 -37.02 15.90 87.72
C GLN B 100 -36.12 15.57 86.53
N ARG B 101 -36.69 14.81 85.59
CA ARG B 101 -35.95 14.24 84.46
C ARG B 101 -36.21 15.01 83.18
N ASN B 102 -36.27 16.34 83.27
CA ASN B 102 -36.61 17.19 82.14
C ASN B 102 -35.36 17.86 81.58
N LEU B 103 -35.58 18.71 80.57
CA LEU B 103 -34.47 19.39 79.91
C LEU B 103 -33.95 20.56 80.75
N ASN B 104 -34.87 21.37 81.31
CA ASN B 104 -34.50 22.64 81.92
C ASN B 104 -33.73 22.45 83.22
N TYR B 105 -34.25 21.59 84.11
CA TYR B 105 -33.59 21.35 85.39
C TYR B 105 -32.24 20.66 85.21
N PHE B 106 -32.17 19.69 84.30
CA PHE B 106 -30.91 19.00 84.04
C PHE B 106 -29.89 19.94 83.40
N SER B 107 -30.35 20.80 82.48
CA SER B 107 -29.45 21.76 81.84
C SER B 107 -28.90 22.77 82.85
N ASN B 108 -29.77 23.32 83.71
CA ASN B 108 -29.32 24.29 84.70
C ASN B 108 -28.42 23.66 85.75
N ALA B 109 -28.78 22.46 86.25
CA ALA B 109 -27.97 21.80 87.26
C ALA B 109 -26.64 21.33 86.69
N TYR B 110 -26.63 20.86 85.44
CA TYR B 110 -25.38 20.43 84.80
C TYR B 110 -24.48 21.63 84.52
N ALA B 111 -25.07 22.76 84.12
CA ALA B 111 -24.28 23.97 83.87
C ALA B 111 -23.64 24.48 85.15
N ALA B 112 -24.42 24.53 86.24
CA ALA B 112 -23.88 24.96 87.53
C ALA B 112 -22.85 23.96 88.06
N ALA B 113 -23.10 22.66 87.86
CA ALA B 113 -22.19 21.63 88.38
C ALA B 113 -20.85 21.64 87.66
N VAL B 114 -20.87 21.74 86.32
CA VAL B 114 -19.61 21.72 85.58
C VAL B 114 -18.94 23.09 85.61
N SER B 115 -19.68 24.18 85.89
CA SER B 115 -19.01 25.43 86.25
C SER B 115 -18.32 25.30 87.60
N ALA B 116 -18.90 24.53 88.52
CA ALA B 116 -18.22 24.22 89.78
C ALA B 116 -17.05 23.27 89.58
N VAL B 117 -17.08 22.47 88.51
CA VAL B 117 -15.91 21.68 88.13
C VAL B 117 -14.78 22.59 87.68
N ASP B 118 -15.12 23.68 87.00
CA ASP B 118 -14.13 24.64 86.54
C ASP B 118 -13.55 25.41 87.73
N PRO B 119 -12.23 25.51 87.84
CA PRO B 119 -11.61 26.30 88.92
C PRO B 119 -11.68 27.83 88.78
N ASP B 120 -12.58 28.37 87.95
CA ASP B 120 -12.71 29.82 87.86
C ASP B 120 -13.59 30.39 88.97
N ALA B 121 -13.34 29.98 90.21
CA ALA B 121 -13.96 30.34 91.47
C ALA B 121 -13.27 29.51 92.53
N GLY B 122 -13.64 29.72 93.79
CA GLY B 122 -13.25 28.78 94.82
C GLY B 122 -14.04 27.50 94.68
N ASN B 123 -13.39 26.45 94.19
CA ASN B 123 -14.07 25.21 93.81
C ASN B 123 -13.23 24.03 94.25
N GLY B 124 -13.57 22.83 93.76
CA GLY B 124 -12.72 21.68 94.00
C GLY B 124 -12.94 20.48 93.11
N GLU B 125 -11.85 20.00 92.50
CA GLU B 125 -11.76 18.69 91.86
C GLU B 125 -10.53 17.92 92.31
N LEU B 126 -9.37 18.58 92.41
CA LEU B 126 -8.14 18.02 92.96
C LEU B 126 -7.57 19.08 93.91
N CYS B 127 -8.03 19.10 95.15
CA CYS B 127 -7.59 20.09 96.12
C CYS B 127 -6.59 19.45 97.08
N ILE B 128 -5.31 19.62 96.75
CA ILE B 128 -4.27 19.35 97.74
C ILE B 128 -4.32 20.44 98.80
N LYS B 129 -4.36 20.04 100.07
CA LYS B 129 -4.38 20.99 101.16
C LYS B 129 -2.95 21.26 101.63
N VAL B 130 -2.58 22.52 101.66
CA VAL B 130 -1.24 22.91 102.11
C VAL B 130 -1.17 22.77 103.63
N PRO B 131 -0.20 22.02 104.17
CA PRO B 131 -0.07 21.91 105.63
C PRO B 131 0.47 23.21 106.23
N SER B 132 0.39 23.27 107.57
CA SER B 132 0.76 24.50 108.29
C SER B 132 2.25 24.80 108.18
N GLU B 133 3.09 23.77 108.05
CA GLU B 133 4.51 23.97 107.77
C GLU B 133 4.70 24.65 106.42
N LEU B 134 4.15 24.05 105.36
CA LEU B 134 4.22 24.65 104.04
C LEU B 134 3.38 25.93 103.94
N TRP B 135 2.39 26.13 104.81
CA TRP B 135 1.70 27.41 104.86
C TRP B 135 2.62 28.50 105.41
N LYS B 136 3.42 28.18 106.42
CA LYS B 136 4.43 29.11 106.89
C LYS B 136 5.53 29.33 105.84
N HIS B 137 5.80 28.31 105.02
CA HIS B 137 6.73 28.51 103.91
C HIS B 137 6.15 29.45 102.85
N VAL B 138 4.84 29.34 102.57
CA VAL B 138 4.17 30.28 101.67
C VAL B 138 4.18 31.69 102.25
N ASP B 139 4.01 31.79 103.57
CA ASP B 139 4.19 33.08 104.26
C ASP B 139 5.62 33.59 104.13
N GLU B 140 6.61 32.69 104.04
CA GLU B 140 7.98 33.11 103.78
C GLU B 140 8.23 33.33 102.28
N LEU B 141 8.07 32.28 101.48
CA LEU B 141 8.42 32.32 100.05
C LEU B 141 7.32 31.67 99.23
N LYS B 142 6.78 32.42 98.27
CA LYS B 142 5.74 31.90 97.39
C LYS B 142 6.36 31.38 96.09
N VAL B 143 7.23 30.38 96.24
CA VAL B 143 7.85 29.65 95.13
C VAL B 143 7.84 28.18 95.51
N LEU B 144 7.14 27.35 94.73
CA LEU B 144 7.05 25.93 95.05
C LEU B 144 7.13 25.08 93.80
N LYS B 145 7.38 23.79 94.01
CA LYS B 145 7.38 22.77 92.98
C LYS B 145 6.42 21.66 93.35
N ILE B 146 5.77 21.09 92.33
CA ILE B 146 4.74 20.08 92.51
C ILE B 146 5.11 18.86 91.68
N HIS B 147 5.26 17.72 92.35
CA HIS B 147 5.65 16.44 91.75
C HIS B 147 4.52 15.45 91.99
N ILE B 148 3.84 15.04 90.93
CA ILE B 148 2.67 14.16 91.07
C ILE B 148 2.91 12.88 90.28
N ASN B 149 2.93 11.74 90.99
CA ASN B 149 2.95 10.43 90.35
C ASN B 149 1.52 9.92 90.23
N PHE B 150 1.18 9.46 89.02
CA PHE B 150 -0.20 9.09 88.71
C PHE B 150 -0.19 8.06 87.58
N SER B 151 -1.36 7.50 87.30
CA SER B 151 -1.49 6.46 86.29
C SER B 151 -2.83 6.58 85.59
N LEU B 152 -2.77 6.73 84.27
CA LEU B 152 -3.94 6.51 83.42
C LEU B 152 -4.18 5.02 83.25
N ASP B 153 -5.45 4.63 83.38
CA ASP B 153 -5.91 3.26 83.15
C ASP B 153 -6.12 3.03 81.66
N GLN B 154 -6.86 1.97 81.31
CA GLN B 154 -7.40 1.82 79.97
C GLN B 154 -8.19 3.08 79.62
N PRO B 155 -7.74 3.86 78.62
CA PRO B 155 -8.30 5.21 78.44
C PRO B 155 -9.72 5.17 77.89
N LYS B 156 -10.62 5.80 78.64
CA LYS B 156 -12.04 5.78 78.32
C LYS B 156 -12.49 7.21 78.06
N GLY B 157 -11.76 7.94 77.24
CA GLY B 157 -12.15 9.28 76.87
C GLY B 157 -11.02 10.30 76.90
N GLY B 158 -9.80 9.84 77.20
CA GLY B 158 -8.67 10.75 77.29
C GLY B 158 -7.58 10.50 76.27
N LEU B 159 -7.36 9.23 75.93
CA LEU B 159 -6.37 8.84 74.92
C LEU B 159 -7.07 7.92 73.92
N HIS B 160 -6.27 7.41 72.99
CA HIS B 160 -6.71 6.37 72.07
C HIS B 160 -5.53 5.47 71.76
N PHE B 161 -5.76 4.16 71.85
CA PHE B 161 -4.76 3.15 71.54
C PHE B 161 -5.31 2.40 70.33
N VAL B 162 -5.04 2.90 69.12
CA VAL B 162 -5.55 2.21 67.94
C VAL B 162 -4.69 0.99 67.69
N VAL B 163 -5.28 -0.19 67.87
CA VAL B 163 -4.57 -1.46 67.79
C VAL B 163 -5.31 -2.34 66.79
N PRO B 164 -4.64 -2.85 65.75
CA PRO B 164 -5.28 -3.84 64.87
C PRO B 164 -5.44 -5.16 65.60
N SER B 165 -6.56 -5.84 65.32
CA SER B 165 -6.94 -7.05 66.05
C SER B 165 -6.10 -8.24 65.57
N VAL B 166 -4.82 -8.21 65.95
CA VAL B 166 -3.88 -9.30 65.69
C VAL B 166 -3.27 -9.71 67.03
N GLU B 167 -2.67 -8.74 67.72
CA GLU B 167 -2.17 -8.76 69.10
C GLU B 167 -0.96 -9.66 69.31
N GLY B 168 -0.51 -10.41 68.30
CA GLY B 168 0.65 -11.26 68.47
C GLY B 168 1.95 -10.63 68.03
N SER B 169 1.98 -10.13 66.80
CA SER B 169 3.14 -9.47 66.24
C SER B 169 2.83 -8.12 65.62
N MET B 170 1.65 -7.97 65.02
CA MET B 170 1.28 -6.72 64.36
C MET B 170 0.82 -5.65 65.34
N ALA B 171 0.70 -5.97 66.63
CA ALA B 171 0.51 -4.93 67.63
C ALA B 171 1.78 -4.08 67.79
N GLU B 172 2.95 -4.65 67.47
CA GLU B 172 4.18 -3.88 67.45
C GLU B 172 4.24 -2.98 66.21
N ARG B 173 4.11 -3.57 65.03
CA ARG B 173 4.11 -2.84 63.76
C ARG B 173 2.69 -2.80 63.22
N GLY B 174 2.01 -1.67 63.43
CA GLY B 174 0.66 -1.50 62.92
C GLY B 174 -0.27 -0.76 63.85
N ALA B 175 0.12 -0.66 65.13
CA ALA B 175 -0.66 0.05 66.13
C ALA B 175 -0.04 1.41 66.39
N HIS B 176 -0.86 2.33 66.93
CA HIS B 176 -0.36 3.62 67.34
C HIS B 176 -1.17 4.14 68.53
N VAL B 177 -0.63 5.20 69.14
CA VAL B 177 -1.11 5.74 70.41
C VAL B 177 -1.16 7.26 70.27
N PHE B 178 -2.31 7.85 70.59
CA PHE B 178 -2.45 9.30 70.45
C PHE B 178 -3.50 9.80 71.43
N SER B 179 -3.79 11.10 71.37
CA SER B 179 -4.84 11.71 72.19
C SER B 179 -5.57 12.75 71.35
N CYS B 180 -6.76 12.42 70.88
CA CYS B 180 -7.67 13.43 70.35
C CYS B 180 -8.74 13.76 71.40
N GLY B 181 -9.39 14.89 71.18
CA GLY B 181 -10.30 15.44 72.17
C GLY B 181 -10.65 16.86 71.83
N TYR B 182 -11.44 17.47 72.71
CA TYR B 182 -11.92 18.83 72.51
C TYR B 182 -10.85 19.80 73.02
N GLN B 183 -11.18 21.09 73.17
CA GLN B 183 -10.25 22.09 73.69
C GLN B 183 -9.81 21.75 75.11
N ASN B 184 -10.76 21.59 76.01
CA ASN B 184 -10.46 21.24 77.40
C ASN B 184 -10.57 19.72 77.58
N SER B 185 -9.73 19.02 76.82
CA SER B 185 -9.53 17.60 76.98
C SER B 185 -8.16 17.28 77.53
N THR B 186 -7.36 18.31 77.84
CA THR B 186 -6.10 18.12 78.55
C THR B 186 -6.33 17.62 79.97
N ARG B 187 -7.47 17.99 80.56
CA ARG B 187 -7.93 17.43 81.83
C ARG B 187 -8.01 15.91 81.78
N PHE B 188 -8.60 15.38 80.69
CA PHE B 188 -8.77 13.95 80.53
C PHE B 188 -7.47 13.19 80.33
N TRP B 189 -6.36 13.88 80.04
CA TRP B 189 -5.10 13.18 79.78
C TRP B 189 -4.09 13.29 80.92
N PHE B 190 -3.83 14.48 81.46
CA PHE B 190 -2.95 14.56 82.62
C PHE B 190 -3.34 15.79 83.43
N PRO B 191 -3.27 15.74 84.78
CA PRO B 191 -4.00 16.71 85.60
C PRO B 191 -3.43 18.12 85.52
N CYS B 192 -4.33 19.08 85.35
CA CYS B 192 -3.95 20.47 85.14
C CYS B 192 -5.02 21.38 85.73
N VAL B 193 -4.94 22.66 85.36
CA VAL B 193 -5.83 23.77 85.68
C VAL B 193 -6.98 23.70 84.67
N ASP B 194 -7.95 24.63 84.74
CA ASP B 194 -8.63 25.04 83.51
C ASP B 194 -7.57 25.22 82.44
N SER B 195 -7.63 24.40 81.40
CA SER B 195 -6.44 24.10 80.60
C SER B 195 -6.11 25.17 79.59
N TYR B 196 -6.97 26.16 79.40
CA TYR B 196 -6.58 27.31 78.60
C TYR B 196 -6.09 28.40 79.54
N SER B 197 -5.36 29.38 78.98
CA SER B 197 -5.02 30.67 79.61
C SER B 197 -4.14 30.49 80.84
N GLU B 198 -3.13 29.64 80.71
CA GLU B 198 -2.06 29.54 81.71
C GLU B 198 -0.76 29.47 80.91
N LEU B 199 -0.10 30.62 80.76
CA LEU B 199 1.10 30.73 79.93
C LEU B 199 2.25 30.06 80.66
N CYS B 200 2.67 28.89 80.16
CA CYS B 200 3.64 28.06 80.83
C CYS B 200 4.69 27.60 79.84
N THR B 201 5.67 26.84 80.35
CA THR B 201 6.66 26.20 79.52
C THR B 201 6.90 24.79 80.04
N TRP B 202 7.28 23.91 79.12
CA TRP B 202 7.18 22.49 79.35
C TRP B 202 8.46 21.76 78.97
N LYS B 203 8.81 20.76 79.77
CA LYS B 203 9.77 19.74 79.38
C LYS B 203 9.05 18.40 79.35
N LEU B 204 9.23 17.64 78.29
CA LEU B 204 8.39 16.49 78.01
C LEU B 204 9.29 15.28 77.76
N GLU B 205 9.18 14.27 78.63
CA GLU B 205 10.03 13.08 78.61
C GLU B 205 9.17 11.87 78.23
N PHE B 206 9.62 11.13 77.22
CA PHE B 206 8.80 10.12 76.54
C PHE B 206 9.54 8.80 76.54
N THR B 207 9.04 7.80 77.27
CA THR B 207 9.62 6.45 77.23
C THR B 207 8.95 5.69 76.09
N VAL B 208 9.62 5.63 74.94
CA VAL B 208 9.01 5.14 73.71
C VAL B 208 9.83 3.99 73.14
N ASP B 209 9.19 3.25 72.23
CA ASP B 209 9.87 2.20 71.48
C ASP B 209 10.89 2.81 70.52
N ALA B 210 11.86 1.98 70.11
CA ALA B 210 12.89 2.45 69.19
C ALA B 210 12.32 2.77 67.81
N ALA B 211 11.29 2.04 67.38
CA ALA B 211 10.67 2.32 66.09
C ALA B 211 9.57 3.37 66.21
N MET B 212 8.78 3.31 67.29
CA MET B 212 7.64 4.20 67.46
C MET B 212 8.11 5.58 67.90
N VAL B 213 7.75 6.59 67.12
CA VAL B 213 8.23 7.95 67.32
C VAL B 213 7.11 8.77 67.96
N ALA B 214 7.44 9.46 69.06
CA ALA B 214 6.49 10.29 69.80
C ALA B 214 6.50 11.70 69.24
N VAL B 215 5.31 12.27 69.06
CA VAL B 215 5.13 13.58 68.42
C VAL B 215 4.29 14.45 69.33
N SER B 216 4.88 15.51 69.87
CA SER B 216 4.14 16.51 70.65
C SER B 216 4.74 17.87 70.33
N ASN B 217 4.44 18.86 71.17
CA ASN B 217 4.91 20.21 70.96
C ASN B 217 6.40 20.35 71.27
N GLY B 218 6.91 21.56 71.12
CA GLY B 218 8.27 21.84 71.53
C GLY B 218 9.30 21.44 70.49
N ASP B 219 10.51 21.15 70.97
CA ASP B 219 11.66 20.89 70.11
C ASP B 219 12.41 19.65 70.60
N LEU B 220 13.12 19.03 69.65
CA LEU B 220 13.95 17.84 69.83
C LEU B 220 15.20 18.14 70.63
N VAL B 221 15.08 18.45 71.92
CA VAL B 221 16.22 19.07 72.59
C VAL B 221 17.23 18.07 73.12
N GLU B 222 16.84 16.81 73.36
CA GLU B 222 17.77 15.81 73.87
C GLU B 222 17.28 14.45 73.38
N THR B 223 17.89 13.97 72.31
CA THR B 223 17.49 12.68 71.73
C THR B 223 18.71 12.01 71.12
N VAL B 224 19.18 10.96 71.78
CA VAL B 224 20.12 9.99 71.25
C VAL B 224 19.43 8.65 71.41
N TYR B 225 20.12 7.55 71.12
CA TYR B 225 19.61 6.26 71.61
C TYR B 225 19.69 6.32 73.13
N THR B 226 18.55 6.54 73.76
CA THR B 226 18.50 7.03 75.13
C THR B 226 18.37 5.85 76.09
N HIS B 227 19.01 5.98 77.26
CA HIS B 227 19.06 5.10 78.43
C HIS B 227 19.63 3.70 78.15
N ASP B 228 20.01 3.43 76.89
CA ASP B 228 20.96 2.39 76.47
C ASP B 228 20.60 0.98 76.91
N MET B 229 19.33 0.68 77.19
CA MET B 229 18.96 -0.63 77.71
C MET B 229 18.13 -1.44 76.71
N ARG B 230 16.92 -0.98 76.39
CA ARG B 230 16.14 -1.60 75.31
C ARG B 230 15.34 -0.63 74.47
N LYS B 231 15.01 0.56 74.96
CA LYS B 231 14.07 1.47 74.32
C LYS B 231 14.72 2.83 74.11
N LYS B 232 13.91 3.80 73.71
CA LYS B 232 14.36 5.17 73.54
C LYS B 232 13.55 6.08 74.45
N THR B 233 14.02 7.32 74.57
CA THR B 233 13.36 8.32 75.40
C THR B 233 13.56 9.68 74.76
N PHE B 234 12.45 10.37 74.51
CA PHE B 234 12.46 11.64 73.78
C PHE B 234 12.29 12.79 74.76
N HIS B 235 13.06 13.86 74.52
CA HIS B 235 12.92 15.11 75.26
C HIS B 235 12.47 16.19 74.29
N TYR B 236 11.20 16.58 74.41
CA TYR B 236 10.65 17.71 73.69
C TYR B 236 10.48 18.86 74.67
N MET B 237 11.14 19.97 74.40
CA MET B 237 11.02 21.14 75.26
C MET B 237 10.26 22.24 74.53
N LEU B 238 9.18 22.70 75.15
CA LEU B 238 8.42 23.84 74.65
C LEU B 238 8.80 25.03 75.52
N THR B 239 9.73 25.84 75.00
CA THR B 239 10.13 27.09 75.64
C THR B 239 9.15 28.21 75.29
N ILE B 240 8.54 28.14 74.11
CA ILE B 240 7.57 29.12 73.64
C ILE B 240 6.32 29.04 74.54
N PRO B 241 5.94 30.15 75.19
CA PRO B 241 4.83 30.10 76.16
C PRO B 241 3.46 29.99 75.52
N THR B 242 2.82 28.84 75.69
CA THR B 242 1.47 28.57 75.24
C THR B 242 0.62 28.13 76.43
N ALA B 243 -0.57 27.62 76.13
CA ALA B 243 -1.45 27.08 77.15
C ALA B 243 -1.39 25.56 77.15
N ALA B 244 -2.07 24.97 78.13
CA ALA B 244 -2.06 23.52 78.28
C ALA B 244 -2.92 22.83 77.23
N SER B 245 -3.84 23.56 76.60
CA SER B 245 -4.76 22.99 75.61
C SER B 245 -4.14 22.97 74.20
N ASN B 246 -2.89 22.53 74.14
CA ASN B 246 -2.19 22.38 72.87
C ASN B 246 -1.31 21.13 72.83
N ILE B 247 -1.30 20.31 73.87
CA ILE B 247 -0.37 19.20 74.00
C ILE B 247 -1.11 17.91 73.70
N SER B 248 -0.55 17.11 72.79
CA SER B 248 -1.09 15.81 72.42
C SER B 248 0.07 14.99 71.89
N LEU B 249 0.04 13.70 72.15
CA LEU B 249 1.22 12.85 71.96
C LEU B 249 0.90 11.68 71.04
N ALA B 250 1.29 11.80 69.77
CA ALA B 250 1.12 10.73 68.79
C ALA B 250 2.38 9.88 68.77
N ILE B 251 2.23 8.60 69.11
CA ILE B 251 3.33 7.65 69.20
C ILE B 251 3.07 6.53 68.19
N GLY B 252 4.09 6.18 67.41
CA GLY B 252 3.94 5.13 66.43
C GLY B 252 4.27 5.37 64.97
N PRO B 253 3.90 6.54 64.35
CA PRO B 253 4.15 6.67 62.90
C PRO B 253 5.61 6.87 62.50
N PHE B 254 5.80 7.03 61.18
CA PHE B 254 7.10 7.01 60.52
C PHE B 254 7.45 8.41 60.03
N GLU B 255 8.74 8.74 60.10
CA GLU B 255 9.25 10.08 59.82
C GLU B 255 9.47 10.27 58.32
N ILE B 256 8.90 11.34 57.76
CA ILE B 256 9.26 11.82 56.43
C ILE B 256 9.41 13.34 56.49
N LEU B 257 10.59 13.82 56.11
CA LEU B 257 10.76 15.24 55.81
C LEU B 257 10.31 15.51 54.38
N VAL B 258 9.36 16.42 54.21
CA VAL B 258 8.85 16.78 52.90
C VAL B 258 9.30 18.24 52.70
N ASP B 259 10.52 18.50 53.15
CA ASP B 259 11.15 19.82 53.30
C ASP B 259 11.34 20.69 52.05
N PRO B 260 11.84 20.17 50.87
CA PRO B 260 12.88 20.88 50.09
C PRO B 260 12.73 22.38 49.80
N TYR B 261 11.52 22.93 49.91
CA TYR B 261 11.32 24.36 49.66
C TYR B 261 11.56 25.23 50.90
N MET B 262 11.22 24.75 52.10
CA MET B 262 11.39 25.55 53.31
C MET B 262 12.13 24.82 54.43
N HIS B 263 12.60 23.60 54.17
CA HIS B 263 13.71 22.94 54.88
C HIS B 263 13.42 22.47 56.30
N GLU B 264 12.24 22.80 56.87
CA GLU B 264 11.98 22.48 58.26
C GLU B 264 10.54 22.03 58.52
N VAL B 265 9.92 21.33 57.57
CA VAL B 265 8.55 20.84 57.73
C VAL B 265 8.59 19.32 57.84
N THR B 266 8.16 18.79 58.99
CA THR B 266 8.33 17.38 59.35
C THR B 266 6.96 16.70 59.37
N HIS B 267 6.92 15.43 58.95
CA HIS B 267 5.66 14.70 58.85
C HIS B 267 5.82 13.30 59.42
N PHE B 268 4.73 12.77 59.96
CA PHE B 268 4.73 11.49 60.68
C PHE B 268 3.50 10.72 60.25
N CYS B 269 3.68 9.64 59.48
CA CYS B 269 2.54 8.86 59.05
C CYS B 269 2.85 7.37 59.05
N LEU B 270 1.77 6.59 59.14
CA LEU B 270 1.83 5.14 59.24
C LEU B 270 2.44 4.52 57.97
N PRO B 271 3.09 3.37 58.08
CA PRO B 271 3.77 2.78 56.91
C PRO B 271 2.79 2.32 55.83
N GLN B 272 3.36 2.10 54.64
CA GLN B 272 2.67 1.80 53.38
C GLN B 272 1.70 2.92 52.98
N LEU B 273 1.96 4.14 53.43
CA LEU B 273 1.18 5.32 53.09
C LEU B 273 2.07 6.48 52.67
N LEU B 274 3.33 6.20 52.28
CA LEU B 274 4.41 7.18 52.21
C LEU B 274 4.51 7.96 50.88
N PRO B 275 4.43 7.35 49.67
CA PRO B 275 4.31 8.19 48.46
C PRO B 275 3.00 8.93 48.38
N LEU B 276 1.98 8.47 49.13
CA LEU B 276 0.75 9.23 49.27
C LEU B 276 1.02 10.56 49.96
N LEU B 277 1.89 10.54 50.98
CA LEU B 277 2.40 11.79 51.53
C LEU B 277 3.27 12.55 50.55
N LYS B 278 4.07 11.84 49.74
CA LYS B 278 4.96 12.52 48.79
C LYS B 278 4.18 13.32 47.76
N HIS B 279 2.96 12.89 47.43
CA HIS B 279 2.09 13.78 46.66
C HIS B 279 1.30 14.73 47.55
N THR B 280 0.94 14.32 48.78
CA THR B 280 -0.08 15.02 49.56
C THR B 280 0.41 16.37 50.07
N THR B 281 1.62 16.41 50.63
CA THR B 281 2.07 17.54 51.44
C THR B 281 2.23 18.82 50.63
N SER B 282 2.74 18.72 49.39
CA SER B 282 3.14 19.86 48.58
C SER B 282 1.95 20.77 48.27
N TYR B 283 2.30 22.02 47.92
CA TYR B 283 1.53 23.29 47.87
C TYR B 283 1.41 23.89 49.27
N LEU B 284 1.95 23.25 50.32
CA LEU B 284 1.91 23.81 51.67
C LEU B 284 2.83 25.02 51.80
N HIS B 285 3.93 25.01 51.05
CA HIS B 285 4.89 26.11 51.07
C HIS B 285 4.26 27.39 50.53
N GLU B 286 3.38 27.25 49.52
CA GLU B 286 2.60 28.38 49.03
C GLU B 286 1.68 28.94 50.10
N VAL B 287 1.10 28.07 50.94
CA VAL B 287 0.23 28.53 52.01
C VAL B 287 1.04 29.28 53.07
N PHE B 288 2.25 28.79 53.36
CA PHE B 288 3.15 29.50 54.27
C PHE B 288 3.56 30.86 53.72
N GLU B 289 3.87 30.91 52.41
CA GLU B 289 4.22 32.17 51.77
C GLU B 289 3.07 33.17 51.80
N PHE B 290 1.83 32.70 51.57
CA PHE B 290 0.70 33.63 51.59
C PHE B 290 0.38 34.08 53.00
N TYR B 291 0.51 33.18 53.99
CA TYR B 291 0.26 33.57 55.38
C TYR B 291 1.30 34.55 55.88
N GLU B 292 2.54 34.48 55.38
CA GLU B 292 3.51 35.48 55.81
C GLU B 292 3.52 36.70 54.90
N GLU B 293 2.85 36.66 53.75
CA GLU B 293 2.46 37.89 53.08
C GLU B 293 1.38 38.62 53.89
N ILE B 294 0.49 37.85 54.52
CA ILE B 294 -0.54 38.44 55.38
C ILE B 294 0.09 39.05 56.63
N LEU B 295 0.83 38.26 57.38
CA LEU B 295 1.16 38.62 58.76
C LEU B 295 2.44 39.44 58.89
N THR B 296 3.30 39.44 57.85
CA THR B 296 4.58 40.17 57.80
C THR B 296 5.49 39.77 58.98
N CYS B 297 5.77 38.47 59.03
CA CYS B 297 6.66 37.85 60.01
C CYS B 297 7.33 36.66 59.35
N ARG B 298 7.86 35.75 60.15
CA ARG B 298 8.17 34.39 59.73
C ARG B 298 7.14 33.45 60.35
N TYR B 299 7.31 32.16 60.09
CA TYR B 299 6.56 31.16 60.83
C TYR B 299 7.10 31.13 62.26
N PRO B 300 6.32 31.60 63.24
CA PRO B 300 6.89 31.96 64.56
C PRO B 300 7.11 30.75 65.47
N TYR B 301 8.03 29.88 65.05
CA TYR B 301 8.38 28.63 65.72
C TYR B 301 9.72 28.14 65.18
N SER B 302 10.12 26.95 65.63
CA SER B 302 11.24 26.24 65.01
C SER B 302 10.77 25.44 63.79
N CYS B 303 9.85 24.49 63.99
CA CYS B 303 9.39 23.63 62.91
C CYS B 303 7.88 23.44 63.00
N PHE B 304 7.34 22.60 62.11
CA PHE B 304 5.93 22.28 62.07
C PHE B 304 5.73 20.79 61.80
N LYS B 305 4.79 20.18 62.51
CA LYS B 305 4.59 18.74 62.53
C LYS B 305 3.17 18.41 62.07
N THR B 306 3.00 17.25 61.43
CA THR B 306 1.69 16.81 60.97
C THR B 306 1.60 15.28 61.05
N VAL B 307 0.56 14.80 61.72
CA VAL B 307 0.32 13.36 61.87
C VAL B 307 -1.06 13.03 61.29
N PHE B 308 -1.11 11.98 60.47
CA PHE B 308 -2.35 11.41 59.97
C PHE B 308 -2.62 10.10 60.70
N ILE B 309 -3.89 9.88 61.05
CA ILE B 309 -4.28 8.81 61.98
C ILE B 309 -5.66 8.29 61.58
N ASP B 310 -5.84 6.96 61.59
CA ASP B 310 -7.16 6.37 61.33
C ASP B 310 -8.02 6.40 62.60
N GLU B 311 -8.36 7.62 63.02
CA GLU B 311 -9.45 8.06 63.88
C GLU B 311 -9.41 9.58 63.85
N ALA B 312 -10.53 10.20 64.24
CA ALA B 312 -10.63 11.65 64.27
C ALA B 312 -11.79 12.04 65.18
N TYR B 313 -11.47 12.58 66.35
CA TYR B 313 -12.49 13.24 67.16
C TYR B 313 -12.99 14.49 66.46
N VAL B 314 -12.08 15.32 65.98
CA VAL B 314 -12.36 16.46 65.11
C VAL B 314 -11.46 16.33 63.90
N GLU B 315 -12.03 16.51 62.70
CA GLU B 315 -11.25 16.47 61.46
C GLU B 315 -10.29 17.65 61.33
N VAL B 316 -10.54 18.75 62.05
CA VAL B 316 -9.80 19.98 61.83
C VAL B 316 -8.49 20.01 62.62
N ALA B 317 -8.46 19.31 63.76
CA ALA B 317 -7.68 19.62 64.98
C ALA B 317 -6.28 20.17 64.75
N ALA B 318 -5.99 21.30 65.41
CA ALA B 318 -4.78 22.06 65.16
C ALA B 318 -4.18 22.50 66.49
N TYR B 319 -2.96 22.04 66.77
CA TYR B 319 -2.27 22.32 68.02
C TYR B 319 -0.98 23.09 67.72
N ALA B 320 -0.17 23.30 68.76
CA ALA B 320 1.03 24.13 68.67
C ALA B 320 2.11 23.43 67.85
N SER B 321 2.49 24.03 66.72
CA SER B 321 3.49 23.52 65.77
C SER B 321 3.18 22.12 65.26
N MET B 322 1.90 21.74 65.24
CA MET B 322 1.53 20.34 65.04
C MET B 322 0.05 20.26 64.70
N SER B 323 -0.26 19.53 63.63
CA SER B 323 -1.62 19.24 63.23
C SER B 323 -1.79 17.73 63.13
N ILE B 324 -2.69 17.18 63.94
CA ILE B 324 -2.95 15.75 63.98
C ILE B 324 -4.40 15.52 63.61
N PHE B 325 -4.64 14.84 62.50
CA PHE B 325 -6.00 14.55 62.06
C PHE B 325 -6.00 13.32 61.16
N SER B 326 -7.08 13.13 60.41
CA SER B 326 -7.44 11.84 59.86
C SER B 326 -6.56 11.44 58.68
N THR B 327 -6.46 10.13 58.45
CA THR B 327 -5.87 9.57 57.23
C THR B 327 -6.99 9.34 56.21
N ASN B 328 -7.72 10.42 55.96
CA ASN B 328 -8.74 10.45 54.95
C ASN B 328 -8.44 11.51 53.91
N LEU B 329 -7.42 12.33 54.13
CA LEU B 329 -7.14 13.49 53.29
C LEU B 329 -5.79 13.38 52.59
N LEU B 330 -5.45 12.18 52.09
CA LEU B 330 -4.19 12.02 51.37
C LEU B 330 -4.28 12.53 49.95
N HIS B 331 -5.29 12.08 49.18
CA HIS B 331 -5.57 12.54 47.81
C HIS B 331 -4.37 12.30 46.89
N SER B 332 -4.14 11.02 46.57
CA SER B 332 -2.90 10.61 45.93
C SER B 332 -2.99 10.72 44.42
N ALA B 333 -2.99 11.97 43.94
CA ALA B 333 -2.65 12.35 42.57
C ALA B 333 -3.61 11.88 41.48
N MET B 334 -4.64 11.12 41.83
CA MET B 334 -5.57 10.57 40.85
C MET B 334 -7.01 10.65 41.32
N ILE B 335 -7.28 11.30 42.45
CA ILE B 335 -8.51 11.11 43.22
C ILE B 335 -9.22 12.47 43.26
N ILE B 336 -9.30 13.11 42.08
CA ILE B 336 -9.46 14.55 41.81
C ILE B 336 -10.39 15.31 42.75
N ASP B 337 -11.47 14.67 43.21
CA ASP B 337 -12.48 15.40 43.98
C ASP B 337 -12.06 15.74 45.42
N GLU B 338 -10.84 15.42 45.84
CA GLU B 338 -10.26 16.08 47.00
C GLU B 338 -9.15 17.07 46.63
N THR B 339 -9.18 17.62 45.41
CA THR B 339 -8.33 18.78 45.13
C THR B 339 -8.69 20.00 45.98
N PRO B 340 -9.98 20.38 46.23
CA PRO B 340 -10.22 21.41 47.26
C PRO B 340 -9.90 20.94 48.68
N LEU B 341 -10.39 19.75 49.06
CA LEU B 341 -10.63 19.41 50.47
C LEU B 341 -9.34 19.27 51.28
N THR B 342 -8.30 18.68 50.68
CA THR B 342 -7.05 18.40 51.38
C THR B 342 -6.37 19.66 51.91
N ARG B 343 -6.02 20.57 51.00
CA ARG B 343 -5.40 21.82 51.44
C ARG B 343 -6.41 22.78 52.07
N ARG B 344 -7.71 22.58 51.86
CA ARG B 344 -8.73 23.25 52.67
C ARG B 344 -8.57 22.93 54.15
N CYS B 345 -8.52 21.62 54.47
CA CYS B 345 -8.36 21.22 55.86
C CYS B 345 -6.96 21.53 56.37
N LEU B 346 -5.95 21.56 55.49
CA LEU B 346 -4.63 22.03 55.89
C LEU B 346 -4.65 23.52 56.22
N ALA B 347 -5.38 24.33 55.46
CA ALA B 347 -5.53 25.75 55.77
C ALA B 347 -6.25 25.96 57.09
N GLN B 348 -7.27 25.13 57.35
CA GLN B 348 -7.96 25.18 58.64
C GLN B 348 -7.03 24.82 59.79
N SER B 349 -6.25 23.75 59.63
CA SER B 349 -5.31 23.29 60.64
C SER B 349 -4.03 24.11 60.71
N LEU B 350 -3.86 25.10 59.84
CA LEU B 350 -2.83 26.13 60.02
C LEU B 350 -3.38 27.39 60.66
N ALA B 351 -4.62 27.78 60.31
CA ALA B 351 -5.20 29.00 60.86
C ALA B 351 -5.57 28.84 62.33
N GLN B 352 -6.33 27.79 62.65
CA GLN B 352 -6.67 27.54 64.06
C GLN B 352 -5.44 27.13 64.86
N GLN B 353 -4.40 26.58 64.20
CA GLN B 353 -3.08 26.47 64.81
C GLN B 353 -2.56 27.83 65.25
N PHE B 354 -2.41 28.76 64.28
CA PHE B 354 -1.87 30.10 64.52
C PHE B 354 -2.61 30.85 65.62
N PHE B 355 -3.91 30.60 65.77
CA PHE B 355 -4.68 31.28 66.79
C PHE B 355 -5.00 30.41 68.00
N GLY B 356 -4.43 29.22 68.07
CA GLY B 356 -4.28 28.55 69.34
C GLY B 356 -2.88 28.72 69.90
N CYS B 357 -1.97 29.28 69.10
CA CYS B 357 -0.59 29.46 69.56
C CYS B 357 -0.44 30.67 70.47
N PHE B 358 -0.70 31.86 69.94
CA PHE B 358 -0.32 33.10 70.62
C PHE B 358 -1.53 33.90 71.06
N ILE B 359 -2.41 34.28 70.13
CA ILE B 359 -3.57 35.09 70.49
C ILE B 359 -4.60 34.19 71.15
N SER B 360 -5.19 34.68 72.24
CA SER B 360 -5.84 33.77 73.16
C SER B 360 -6.99 34.47 73.86
N ARG B 361 -8.07 33.74 74.10
CA ARG B 361 -9.20 34.24 74.86
C ARG B 361 -8.90 34.24 76.35
N MET B 362 -9.59 35.12 77.07
CA MET B 362 -9.59 35.09 78.53
C MET B 362 -10.69 34.21 79.10
N SER B 363 -11.75 33.94 78.34
CA SER B 363 -12.87 33.12 78.78
C SER B 363 -13.54 32.53 77.55
N TRP B 364 -14.50 31.62 77.78
CA TRP B 364 -15.22 31.00 76.67
C TRP B 364 -16.06 32.01 75.89
N SER B 365 -16.60 33.01 76.59
CA SER B 365 -17.36 34.07 75.92
C SER B 365 -16.48 34.97 75.06
N ASP B 366 -15.18 35.02 75.33
CA ASP B 366 -14.26 35.91 74.65
C ASP B 366 -13.57 35.28 73.44
N GLU B 367 -14.04 34.12 72.98
CA GLU B 367 -13.26 33.34 72.02
C GLU B 367 -13.41 33.86 70.59
N TRP B 368 -14.65 34.24 70.21
CA TRP B 368 -15.14 34.41 68.83
C TRP B 368 -14.24 35.22 67.90
N VAL B 369 -13.42 36.11 68.47
CA VAL B 369 -12.39 36.81 67.73
C VAL B 369 -11.41 35.83 67.08
N LEU B 370 -11.02 34.78 67.81
CA LEU B 370 -9.97 33.86 67.37
C LEU B 370 -10.35 33.09 66.13
N LYS B 371 -11.45 32.33 66.21
CA LYS B 371 -11.88 31.54 65.07
C LYS B 371 -12.43 32.40 63.96
N GLY B 372 -12.91 33.60 64.30
CA GLY B 372 -13.19 34.64 63.32
C GLY B 372 -12.01 34.96 62.44
N ILE B 373 -10.89 35.37 63.06
CA ILE B 373 -9.74 35.78 62.27
C ILE B 373 -9.09 34.56 61.61
N SER B 374 -9.18 33.37 62.21
CA SER B 374 -8.63 32.17 61.58
C SER B 374 -9.41 31.80 60.32
N GLY B 375 -10.74 31.79 60.43
CA GLY B 375 -11.56 31.51 59.27
C GLY B 375 -11.46 32.58 58.20
N TYR B 376 -11.28 33.84 58.62
CA TYR B 376 -11.07 34.90 57.65
C TYR B 376 -9.71 34.78 56.98
N ILE B 377 -8.69 34.31 57.69
CA ILE B 377 -7.36 34.15 57.09
C ILE B 377 -7.36 32.99 56.11
N TYR B 378 -8.03 31.87 56.43
CA TYR B 378 -8.06 30.87 55.36
C TYR B 378 -9.11 31.17 54.29
N GLY B 379 -10.05 32.09 54.54
CA GLY B 379 -10.85 32.64 53.45
C GLY B 379 -10.02 33.51 52.51
N LEU B 380 -9.14 34.35 53.07
CA LEU B 380 -8.18 35.10 52.27
C LEU B 380 -7.25 34.17 51.51
N TRP B 381 -6.90 33.04 52.10
CA TRP B 381 -6.17 32.01 51.38
C TRP B 381 -6.99 31.47 50.22
N MET B 382 -8.29 31.24 50.44
CA MET B 382 -9.17 30.79 49.36
C MET B 382 -9.34 31.86 48.28
N LYS B 383 -9.12 33.14 48.61
CA LYS B 383 -9.11 34.18 47.58
C LYS B 383 -8.00 33.97 46.55
N LYS B 384 -6.74 34.00 47.01
CA LYS B 384 -5.60 34.03 46.10
C LYS B 384 -4.97 32.66 45.86
N THR B 385 -5.72 31.58 46.00
CA THR B 385 -5.23 30.26 45.62
C THR B 385 -6.07 29.63 44.52
N PHE B 386 -7.39 29.55 44.71
CA PHE B 386 -8.28 28.98 43.70
C PHE B 386 -9.71 29.48 43.93
N GLY B 387 -10.38 29.85 42.86
CA GLY B 387 -11.82 30.02 42.87
C GLY B 387 -12.38 31.19 43.66
N VAL B 388 -12.15 32.42 43.18
CA VAL B 388 -12.75 33.60 43.79
C VAL B 388 -14.28 33.56 43.65
N ASN B 389 -14.77 33.08 42.51
CA ASN B 389 -16.20 32.85 42.36
C ASN B 389 -16.64 31.66 43.20
N GLU B 390 -15.79 30.64 43.32
CA GLU B 390 -16.06 29.57 44.28
C GLU B 390 -15.93 30.04 45.72
N TYR B 391 -15.10 31.06 45.96
CA TYR B 391 -15.04 31.70 47.28
C TYR B 391 -16.36 32.37 47.63
N ARG B 392 -16.95 33.10 46.68
CA ARG B 392 -18.27 33.69 46.90
C ARG B 392 -19.36 32.62 47.01
N HIS B 393 -19.21 31.50 46.28
CA HIS B 393 -20.13 30.38 46.46
C HIS B 393 -20.00 29.75 47.85
N TRP B 394 -18.78 29.71 48.39
CA TRP B 394 -18.58 29.26 49.77
C TRP B 394 -19.24 30.20 50.76
N ILE B 395 -19.19 31.52 50.49
CA ILE B 395 -19.89 32.48 51.33
C ILE B 395 -21.40 32.27 51.25
N LYS B 396 -21.89 31.88 50.06
CA LYS B 396 -23.32 31.53 49.94
C LYS B 396 -23.66 30.30 50.75
N GLU B 397 -22.77 29.30 50.77
CA GLU B 397 -23.00 28.13 51.60
C GLU B 397 -22.95 28.46 53.09
N GLU B 398 -22.11 29.43 53.48
CA GLU B 398 -22.08 29.93 54.85
C GLU B 398 -23.41 30.57 55.25
N LEU B 399 -23.95 31.44 54.37
CA LEU B 399 -25.27 32.02 54.62
C LEU B 399 -26.37 30.97 54.62
N ASP B 400 -26.28 29.95 53.75
CA ASP B 400 -27.27 28.87 53.73
C ASP B 400 -27.28 28.13 55.06
N LYS B 401 -26.10 27.80 55.57
CA LYS B 401 -25.96 27.14 56.88
C LYS B 401 -26.53 28.00 58.01
N ILE B 402 -26.20 29.31 58.01
CA ILE B 402 -26.62 30.16 59.12
C ILE B 402 -28.12 30.40 59.10
N VAL B 403 -28.69 30.71 57.92
CA VAL B 403 -30.12 30.92 57.79
C VAL B 403 -30.89 29.64 58.12
N ALA B 404 -30.39 28.49 57.66
CA ALA B 404 -31.05 27.21 57.93
C ALA B 404 -31.05 26.88 59.43
N TYR B 405 -29.91 27.05 60.11
CA TYR B 405 -29.88 26.68 61.52
C TYR B 405 -30.61 27.69 62.40
N GLU B 406 -30.44 28.99 62.16
CA GLU B 406 -31.13 29.94 63.01
C GLU B 406 -32.55 30.21 62.57
N LEU B 407 -33.07 29.50 61.56
CA LEU B 407 -34.49 29.30 61.43
C LEU B 407 -34.96 27.97 61.99
N LYS B 408 -34.06 26.98 62.12
CA LYS B 408 -34.38 25.79 62.91
C LYS B 408 -34.47 26.12 64.39
N THR B 409 -33.44 26.79 64.93
CA THR B 409 -33.33 27.02 66.36
C THR B 409 -33.08 28.53 66.54
N GLY B 410 -32.79 28.98 67.76
CA GLY B 410 -32.50 30.37 68.01
C GLY B 410 -31.12 30.78 67.52
N GLY B 411 -30.74 32.00 67.89
CA GLY B 411 -29.50 32.57 67.40
C GLY B 411 -28.26 32.03 68.10
N VAL B 412 -27.11 32.35 67.53
CA VAL B 412 -25.81 31.98 68.07
C VAL B 412 -25.17 33.28 68.54
N LEU B 413 -25.21 33.52 69.85
CA LEU B 413 -24.85 34.83 70.41
C LEU B 413 -23.42 34.81 70.94
N LEU B 414 -22.75 35.95 70.83
CA LEU B 414 -21.34 36.09 71.16
C LEU B 414 -21.27 36.99 72.39
N HIS B 415 -21.29 36.39 73.57
CA HIS B 415 -21.44 37.14 74.82
C HIS B 415 -20.17 37.89 75.19
N PRO B 416 -20.27 39.18 75.56
CA PRO B 416 -19.37 39.73 76.59
C PRO B 416 -20.00 39.73 77.97
N ILE B 417 -21.31 39.51 78.04
CA ILE B 417 -22.09 39.69 79.26
C ILE B 417 -22.26 38.35 79.94
N PHE B 418 -21.97 38.30 81.25
CA PHE B 418 -22.10 37.08 82.02
C PHE B 418 -23.49 36.98 82.65
N GLY B 419 -23.76 35.81 83.23
CA GLY B 419 -24.92 35.61 84.06
C GLY B 419 -24.51 35.56 85.52
N GLY B 420 -23.59 36.45 85.89
CA GLY B 420 -23.03 36.42 87.24
C GLY B 420 -24.05 36.86 88.29
N GLY B 421 -24.00 36.18 89.43
CA GLY B 421 -24.96 36.41 90.48
C GLY B 421 -26.15 35.49 90.37
N LYS B 422 -25.90 34.28 89.85
CA LYS B 422 -26.90 33.23 89.62
C LYS B 422 -28.02 33.72 88.70
N GLU B 423 -27.65 34.49 87.67
CA GLU B 423 -28.58 35.02 86.69
C GLU B 423 -28.48 34.24 85.39
N LYS B 424 -29.53 34.32 84.58
CA LYS B 424 -29.57 33.62 83.31
C LYS B 424 -29.25 34.56 82.14
N ASP B 425 -30.07 35.60 81.95
CA ASP B 425 -29.95 36.59 80.86
C ASP B 425 -29.78 35.95 79.49
N ASN B 426 -30.60 34.94 79.22
CA ASN B 426 -30.42 34.09 78.04
C ASN B 426 -31.73 33.92 77.27
N PRO B 427 -32.00 34.82 76.31
CA PRO B 427 -33.03 34.51 75.30
C PRO B 427 -32.59 33.42 74.33
N ALA B 428 -31.28 33.19 74.21
CA ALA B 428 -30.71 32.11 73.41
C ALA B 428 -30.69 30.77 74.15
N SER B 429 -31.45 30.64 75.23
CA SER B 429 -31.56 29.39 76.00
C SER B 429 -32.76 28.58 75.57
N HIS B 430 -33.06 28.59 74.27
CA HIS B 430 -34.09 27.71 73.71
C HIS B 430 -33.75 26.24 73.95
N LEU B 431 -32.46 25.90 74.00
CA LEU B 431 -32.01 24.59 74.46
C LEU B 431 -31.10 24.66 75.67
N HIS B 432 -29.97 25.38 75.59
CA HIS B 432 -28.86 25.08 76.48
C HIS B 432 -28.10 26.33 76.86
N PHE B 433 -27.21 26.18 77.83
CA PHE B 433 -26.37 27.25 78.33
C PHE B 433 -25.25 27.55 77.32
N SER B 434 -24.90 28.83 77.21
CA SER B 434 -23.95 29.28 76.19
C SER B 434 -22.88 30.25 76.68
N ILE B 435 -23.03 30.88 77.85
CA ILE B 435 -22.23 32.05 78.18
C ILE B 435 -20.79 31.66 78.52
N LYS B 436 -20.59 30.95 79.63
CA LYS B 436 -19.28 30.79 80.23
C LYS B 436 -18.63 29.45 79.92
N HIS B 437 -19.27 28.58 79.14
CA HIS B 437 -18.82 27.19 79.12
C HIS B 437 -18.88 26.53 77.75
N PRO B 438 -17.81 25.81 77.34
CA PRO B 438 -17.78 25.13 76.04
C PRO B 438 -18.66 23.89 75.95
N HIS B 439 -18.64 23.05 76.98
CA HIS B 439 -19.08 21.66 76.87
C HIS B 439 -20.59 21.49 77.07
N THR B 440 -21.36 22.55 76.82
CA THR B 440 -22.81 22.48 76.79
C THR B 440 -23.35 22.56 75.36
N LEU B 441 -22.57 23.12 74.43
CA LEU B 441 -23.03 23.49 73.11
C LEU B 441 -23.11 22.27 72.19
N SER B 442 -23.82 22.43 71.08
CA SER B 442 -23.92 21.42 70.05
C SER B 442 -23.01 21.77 68.86
N TRP B 443 -22.71 20.76 68.04
CA TRP B 443 -21.84 20.96 66.90
C TRP B 443 -22.53 21.74 65.78
N GLU B 444 -23.86 21.69 65.73
CA GLU B 444 -24.59 22.65 64.91
C GLU B 444 -24.36 24.07 65.41
N TYR B 445 -24.48 24.27 66.72
CA TYR B 445 -24.24 25.57 67.33
C TYR B 445 -22.77 25.98 67.21
N TYR B 446 -21.85 25.01 67.33
CA TYR B 446 -20.42 25.30 67.23
C TYR B 446 -20.02 25.64 65.80
N SER B 447 -20.59 24.92 64.83
CA SER B 447 -20.34 25.21 63.43
C SER B 447 -20.90 26.58 63.05
N MET B 448 -22.10 26.90 63.53
CA MET B 448 -22.65 28.24 63.23
C MET B 448 -21.97 29.34 64.03
N PHE B 449 -21.36 29.00 65.17
CA PHE B 449 -20.45 29.92 65.86
C PHE B 449 -19.28 30.31 64.96
N GLN B 450 -18.64 29.30 64.36
CA GLN B 450 -17.57 29.59 63.39
C GLN B 450 -18.08 30.29 62.13
N CYS B 451 -19.29 29.96 61.68
CA CYS B 451 -19.84 30.56 60.45
C CYS B 451 -20.20 32.03 60.65
N LYS B 452 -20.85 32.34 61.77
CA LYS B 452 -21.10 33.74 62.12
C LYS B 452 -19.80 34.48 62.40
N ALA B 453 -18.77 33.78 62.87
CA ALA B 453 -17.46 34.41 63.02
C ALA B 453 -16.88 34.82 61.66
N HIS B 454 -17.01 33.94 60.66
CA HIS B 454 -16.67 34.28 59.26
C HIS B 454 -17.39 35.55 58.81
N LEU B 455 -18.71 35.58 58.99
CA LEU B 455 -19.45 36.67 58.37
C LEU B 455 -19.39 37.96 59.19
N VAL B 456 -19.09 37.89 60.49
CA VAL B 456 -18.78 39.11 61.25
C VAL B 456 -17.43 39.68 60.83
N MET B 457 -16.45 38.81 60.51
CA MET B 457 -15.21 39.33 59.93
C MET B 457 -15.44 39.94 58.55
N ARG B 458 -16.42 39.43 57.80
CA ARG B 458 -16.75 40.08 56.54
C ARG B 458 -17.46 41.41 56.75
N LEU B 459 -18.22 41.55 57.84
CA LEU B 459 -18.73 42.87 58.20
C LEU B 459 -17.61 43.84 58.58
N ILE B 460 -16.55 43.32 59.21
CA ILE B 460 -15.40 44.15 59.52
C ILE B 460 -14.65 44.53 58.24
N GLU B 461 -14.64 43.66 57.23
CA GLU B 461 -14.25 44.07 55.88
C GLU B 461 -15.13 45.20 55.35
N ASN B 462 -16.44 45.06 55.52
CA ASN B 462 -17.40 45.99 54.94
C ASN B 462 -17.35 47.38 55.58
N ARG B 463 -16.83 47.49 56.80
CA ARG B 463 -16.66 48.82 57.39
C ARG B 463 -15.21 49.27 57.50
N ILE B 464 -14.23 48.36 57.49
CA ILE B 464 -12.83 48.71 57.69
C ILE B 464 -12.00 48.04 56.60
N SER B 465 -11.07 48.79 56.02
CA SER B 465 -10.22 48.34 54.92
C SER B 465 -9.35 47.14 55.31
N MET B 466 -9.03 46.33 54.31
CA MET B 466 -8.20 45.13 54.50
C MET B 466 -6.78 45.48 54.93
N GLU B 467 -6.26 46.60 54.45
CA GLU B 467 -4.92 47.05 54.85
C GLU B 467 -4.88 47.41 56.33
N PHE B 468 -5.94 48.04 56.83
CA PHE B 468 -6.04 48.32 58.26
C PHE B 468 -6.16 47.04 59.07
N MET B 469 -6.80 46.01 58.52
CA MET B 469 -6.85 44.72 59.21
C MET B 469 -5.49 44.06 59.25
N LEU B 470 -4.70 44.19 58.16
CA LEU B 470 -3.32 43.72 58.18
C LEU B 470 -2.49 44.45 59.22
N GLN B 471 -2.73 45.76 59.38
CA GLN B 471 -2.07 46.54 60.43
C GLN B 471 -2.44 46.03 61.83
N VAL B 472 -3.74 45.78 62.04
CA VAL B 472 -4.24 45.24 63.32
C VAL B 472 -3.59 43.89 63.63
N PHE B 473 -3.54 42.99 62.64
CA PHE B 473 -3.06 41.64 62.87
C PHE B 473 -1.55 41.62 63.08
N ASN B 474 -0.84 42.52 62.39
CA ASN B 474 0.59 42.68 62.63
C ASN B 474 0.86 43.25 64.02
N LYS B 475 -0.01 44.16 64.50
CA LYS B 475 0.12 44.65 65.87
C LYS B 475 -0.12 43.55 66.90
N LEU B 476 -1.12 42.70 66.66
CA LEU B 476 -1.42 41.60 67.57
C LEU B 476 -0.26 40.62 67.67
N LEU B 477 0.28 40.21 66.51
CA LEU B 477 1.41 39.29 66.55
C LEU B 477 2.70 39.96 67.00
N SER B 478 2.83 41.28 66.85
CA SER B 478 3.99 41.97 67.41
C SER B 478 3.97 41.96 68.92
N LEU B 479 2.80 42.27 69.52
CA LEU B 479 2.65 42.16 70.97
C LEU B 479 2.81 40.73 71.46
N ALA B 480 2.37 39.75 70.66
CA ALA B 480 2.49 38.35 71.05
C ALA B 480 3.95 37.89 71.04
N SER B 481 4.66 38.17 69.94
CA SER B 481 6.06 37.75 69.84
C SER B 481 6.97 38.53 70.76
N THR B 482 6.63 39.79 71.07
CA THR B 482 7.42 40.54 72.04
C THR B 482 7.17 40.05 73.46
N ALA B 483 5.92 39.74 73.79
CA ALA B 483 5.59 39.21 75.11
C ALA B 483 6.03 37.77 75.30
N SER B 484 6.39 37.05 74.24
CA SER B 484 6.85 35.67 74.35
C SER B 484 8.36 35.58 74.19
N SER B 485 8.89 34.38 74.49
CA SER B 485 10.31 34.01 74.35
C SER B 485 11.24 34.92 75.16
N GLN B 486 10.92 35.06 76.44
CA GLN B 486 11.70 35.91 77.35
C GLN B 486 11.91 35.16 78.67
N LYS B 487 12.38 35.89 79.67
CA LYS B 487 12.75 35.35 80.98
C LYS B 487 11.54 35.31 81.96
N PHE B 488 10.31 35.30 81.42
CA PHE B 488 9.06 35.37 82.17
C PHE B 488 9.01 36.63 83.03
N GLN B 489 8.85 37.78 82.38
CA GLN B 489 8.57 39.06 83.05
C GLN B 489 7.40 38.91 84.03
N SER B 490 7.68 39.10 85.32
CA SER B 490 6.65 38.93 86.34
C SER B 490 5.71 40.12 86.32
N HIS B 491 4.40 39.83 86.41
CA HIS B 491 3.26 40.75 86.40
C HIS B 491 3.11 41.50 85.07
N MET B 492 3.92 41.17 84.06
CA MET B 492 3.94 41.84 82.77
C MET B 492 4.01 40.82 81.65
N TRP B 493 3.23 39.74 81.78
CA TRP B 493 3.34 38.60 80.87
C TRP B 493 2.04 38.21 80.21
N SER B 494 0.89 38.70 80.69
CA SER B 494 -0.42 38.30 80.18
C SER B 494 -0.88 39.15 79.00
N GLN B 495 0.06 39.73 78.25
CA GLN B 495 -0.29 40.44 77.02
C GLN B 495 -0.67 39.51 75.88
N MET B 496 -0.44 38.21 76.03
CA MET B 496 -0.89 37.23 75.05
C MET B 496 -2.36 36.87 75.22
N LEU B 497 -3.01 37.37 76.28
CA LEU B 497 -4.46 37.33 76.40
C LEU B 497 -5.02 38.54 75.65
N VAL B 498 -5.41 38.33 74.40
CA VAL B 498 -5.70 39.41 73.46
C VAL B 498 -7.19 39.33 73.12
N SER B 499 -8.01 39.12 74.15
CA SER B 499 -9.45 38.89 74.00
C SER B 499 -10.18 40.15 73.53
N THR B 500 -11.52 40.08 73.58
CA THR B 500 -12.41 40.92 72.78
C THR B 500 -12.27 42.42 73.11
N SER B 501 -12.08 42.75 74.39
CA SER B 501 -12.05 44.15 74.82
C SER B 501 -10.80 44.87 74.29
N GLY B 502 -9.61 44.32 74.57
CA GLY B 502 -8.38 44.94 74.10
C GLY B 502 -8.22 44.88 72.59
N PHE B 503 -8.78 43.85 71.95
CA PHE B 503 -8.79 43.78 70.50
C PHE B 503 -9.66 44.86 69.89
N LEU B 504 -10.85 45.10 70.48
CA LEU B 504 -11.70 46.21 70.10
C LEU B 504 -10.99 47.56 70.29
N LYS B 505 -10.26 47.70 71.40
CA LYS B 505 -9.50 48.93 71.64
C LYS B 505 -8.39 49.11 70.61
N SER B 506 -7.75 48.02 70.20
CA SER B 506 -6.72 48.10 69.16
C SER B 506 -7.30 48.48 67.81
N ILE B 507 -8.48 47.95 67.47
CA ILE B 507 -9.15 48.33 66.22
C ILE B 507 -9.53 49.81 66.25
N SER B 508 -10.10 50.27 67.37
CA SER B 508 -10.47 51.68 67.49
C SER B 508 -9.25 52.59 67.52
N ASN B 509 -8.10 52.10 67.98
CA ASN B 509 -6.88 52.89 67.87
C ASN B 509 -6.37 52.95 66.43
N VAL B 510 -6.57 51.88 65.66
CA VAL B 510 -6.20 51.92 64.25
C VAL B 510 -7.18 52.78 63.46
N SER B 511 -8.48 52.47 63.58
CA SER B 511 -9.51 53.27 62.92
C SER B 511 -10.78 53.22 63.74
N GLY B 512 -11.10 54.32 64.40
CA GLY B 512 -12.30 54.40 65.24
C GLY B 512 -13.54 54.78 64.48
N LYS B 513 -14.42 53.81 64.25
CA LYS B 513 -15.67 54.01 63.54
C LYS B 513 -16.82 53.47 64.40
N ASP B 514 -17.97 53.32 63.77
CA ASP B 514 -19.15 52.76 64.43
C ASP B 514 -19.12 51.23 64.37
N ILE B 515 -18.09 50.66 65.00
CA ILE B 515 -17.95 49.21 65.12
C ILE B 515 -18.59 48.67 66.40
N GLN B 516 -18.84 49.51 67.39
CA GLN B 516 -19.66 49.13 68.53
C GLN B 516 -21.14 49.01 68.17
N PRO B 517 -21.73 49.84 67.28
CA PRO B 517 -23.01 49.43 66.68
C PRO B 517 -22.94 48.14 65.89
N LEU B 518 -21.81 47.83 65.25
CA LEU B 518 -21.67 46.54 64.57
C LEU B 518 -21.66 45.38 65.56
N ILE B 519 -21.05 45.60 66.73
CA ILE B 519 -21.10 44.60 67.81
C ILE B 519 -22.52 44.43 68.33
N LYS B 520 -23.17 45.55 68.67
CA LYS B 520 -24.52 45.46 69.25
C LYS B 520 -25.57 45.01 68.25
N GLN B 521 -25.30 45.11 66.95
CA GLN B 521 -26.11 44.44 65.95
C GLN B 521 -25.78 42.95 65.85
N TRP B 522 -24.56 42.61 65.46
CA TRP B 522 -24.32 41.24 65.01
C TRP B 522 -23.60 40.38 66.04
N VAL B 523 -22.70 40.97 66.83
CA VAL B 523 -22.06 40.23 67.92
C VAL B 523 -23.04 40.02 69.07
N ASP B 524 -23.87 41.04 69.37
CA ASP B 524 -24.68 41.02 70.58
C ASP B 524 -26.18 41.07 70.31
N GLN B 525 -26.61 40.68 69.10
CA GLN B 525 -28.03 40.42 68.86
C GLN B 525 -28.10 39.35 67.76
N SER B 526 -28.20 38.09 68.18
CA SER B 526 -28.09 36.93 67.30
C SER B 526 -29.40 36.74 66.53
N GLY B 527 -29.49 37.41 65.39
CA GLY B 527 -30.68 37.32 64.55
C GLY B 527 -30.42 37.26 63.06
N VAL B 528 -31.14 36.38 62.36
CA VAL B 528 -31.14 36.31 60.91
C VAL B 528 -32.22 37.24 60.38
N VAL B 529 -31.87 38.03 59.37
CA VAL B 529 -32.72 39.10 58.85
C VAL B 529 -33.20 38.68 57.47
N LYS B 530 -34.50 38.50 57.31
CA LYS B 530 -35.06 38.39 55.98
C LYS B 530 -35.28 39.78 55.42
N PHE B 531 -35.64 39.86 54.13
CA PHE B 531 -35.82 41.15 53.49
C PHE B 531 -37.00 41.08 52.53
N TYR B 532 -38.09 41.74 52.90
CA TYR B 532 -39.25 41.89 52.02
C TYR B 532 -39.16 43.23 51.31
N GLY B 533 -38.14 43.38 50.47
CA GLY B 533 -38.00 44.62 49.74
C GLY B 533 -38.91 44.58 48.53
N SER B 534 -40.07 45.22 48.66
CA SER B 534 -41.13 45.06 47.66
C SER B 534 -40.85 45.96 46.47
N PHE B 535 -40.67 45.35 45.31
CA PHE B 535 -40.43 46.09 44.09
C PHE B 535 -41.68 46.85 43.66
N ALA B 536 -41.55 48.17 43.55
CA ALA B 536 -42.54 49.01 42.89
C ALA B 536 -41.91 49.51 41.59
N PHE B 537 -42.77 49.92 40.67
CA PHE B 537 -42.32 50.30 39.33
C PHE B 537 -42.79 51.73 39.05
N ASN B 538 -41.90 52.67 39.32
CA ASN B 538 -42.06 54.05 38.86
C ASN B 538 -41.06 54.32 37.74
N ARG B 539 -41.28 55.44 37.04
CA ARG B 539 -40.82 55.64 35.66
C ARG B 539 -41.18 54.45 34.79
N LYS B 540 -42.42 54.01 34.91
CA LYS B 540 -43.11 53.25 33.87
C LYS B 540 -43.98 54.25 33.10
N ARG B 541 -43.29 55.28 32.60
CA ARG B 541 -43.88 56.58 32.24
C ARG B 541 -44.79 57.12 33.34
N ASN B 542 -44.22 57.19 34.55
CA ASN B 542 -44.94 57.62 35.74
C ASN B 542 -44.50 58.99 36.22
N VAL B 543 -45.31 59.55 37.13
CA VAL B 543 -44.97 60.82 37.77
C VAL B 543 -43.76 60.66 38.67
N LEU B 544 -43.84 59.73 39.62
CA LEU B 544 -42.69 59.39 40.47
C LEU B 544 -41.63 58.65 39.67
N GLU B 545 -40.40 58.69 40.16
CA GLU B 545 -39.24 58.26 39.38
C GLU B 545 -38.45 57.19 40.13
N LEU B 546 -38.62 55.94 39.71
CA LEU B 546 -37.78 54.79 40.06
C LEU B 546 -37.75 54.56 41.58
N GLU B 547 -38.91 54.20 42.12
CA GLU B 547 -39.06 54.06 43.56
C GLU B 547 -39.34 52.61 43.93
N ILE B 548 -38.77 52.19 45.06
CA ILE B 548 -38.91 50.84 45.58
C ILE B 548 -39.19 50.98 47.08
N LYS B 549 -40.14 50.19 47.58
CA LYS B 549 -40.51 50.22 48.98
C LYS B 549 -39.69 49.21 49.77
N GLN B 550 -39.39 49.56 51.01
CA GLN B 550 -38.73 48.67 51.94
C GLN B 550 -39.72 48.26 53.03
N ASP B 551 -39.76 46.95 53.30
CA ASP B 551 -40.66 46.35 54.29
C ASP B 551 -39.97 45.14 54.92
N TYR B 552 -40.24 44.92 56.21
CA TYR B 552 -39.84 43.70 56.90
C TYR B 552 -40.58 43.50 58.23
N THR B 553 -41.19 42.33 58.40
CA THR B 553 -41.68 41.83 59.69
C THR B 553 -41.89 40.33 59.55
N SER B 554 -41.16 39.54 60.35
CA SER B 554 -41.31 38.09 60.34
C SER B 554 -40.86 37.50 61.68
N PRO B 555 -41.71 37.52 62.71
CA PRO B 555 -41.25 37.17 64.07
C PRO B 555 -40.99 35.69 64.29
N GLY B 556 -40.72 35.32 65.54
CA GLY B 556 -40.20 34.01 65.88
C GLY B 556 -38.70 34.07 66.02
N THR B 557 -38.01 34.47 64.94
CA THR B 557 -36.60 34.85 65.01
C THR B 557 -36.41 35.96 63.97
N GLN B 558 -36.56 37.21 64.43
CA GLN B 558 -36.45 38.37 63.56
C GLN B 558 -35.44 39.35 64.15
N LYS B 559 -35.17 40.41 63.39
CA LYS B 559 -34.17 41.41 63.72
C LYS B 559 -34.35 42.60 62.78
N TYR B 560 -34.32 43.81 63.32
CA TYR B 560 -34.60 45.01 62.56
C TYR B 560 -33.29 45.78 62.37
N VAL B 561 -32.75 45.70 61.15
CA VAL B 561 -31.49 46.34 60.78
C VAL B 561 -31.80 47.50 59.85
N GLY B 562 -31.23 48.67 60.13
CA GLY B 562 -31.62 49.90 59.49
C GLY B 562 -30.69 50.34 58.38
N PRO B 563 -29.79 51.29 58.70
CA PRO B 563 -29.04 52.00 57.65
C PRO B 563 -28.03 51.16 56.89
N LEU B 564 -28.37 50.86 55.64
CA LEU B 564 -27.57 50.05 54.73
C LEU B 564 -27.68 50.69 53.35
N LYS B 565 -27.22 49.99 52.32
CA LYS B 565 -27.36 50.51 50.95
C LYS B 565 -27.87 49.40 50.04
N VAL B 566 -28.37 49.82 48.88
CA VAL B 566 -29.09 48.97 47.93
C VAL B 566 -28.48 49.20 46.56
N THR B 567 -28.21 48.11 45.83
CA THR B 567 -27.53 48.14 44.55
C THR B 567 -28.53 47.82 43.43
N VAL B 568 -28.66 48.73 42.47
CA VAL B 568 -29.52 48.55 41.31
C VAL B 568 -28.65 48.65 40.06
N GLN B 569 -28.77 47.66 39.17
CA GLN B 569 -28.17 47.76 37.84
C GLN B 569 -29.23 48.20 36.85
N GLU B 570 -28.86 49.14 36.00
CA GLU B 570 -29.76 49.72 35.02
C GLU B 570 -29.81 48.79 33.80
N LEU B 571 -30.44 49.25 32.71
CA LEU B 571 -30.34 48.51 31.45
C LEU B 571 -28.89 48.45 30.98
N ASP B 572 -28.34 49.62 30.64
CA ASP B 572 -26.94 49.76 30.24
C ASP B 572 -26.41 51.00 30.97
N GLY B 573 -25.96 50.83 32.21
CA GLY B 573 -25.58 52.02 32.96
C GLY B 573 -24.96 51.83 34.32
N SER B 574 -25.29 52.76 35.23
CA SER B 574 -24.56 52.93 36.48
C SER B 574 -25.03 51.98 37.57
N PHE B 575 -24.12 51.62 38.47
CA PHE B 575 -24.45 50.93 39.71
C PHE B 575 -25.06 51.92 40.67
N ASN B 576 -26.40 51.95 40.75
CA ASN B 576 -27.09 52.89 41.62
C ASN B 576 -27.09 52.36 43.05
N HIS B 577 -26.66 53.18 43.99
CA HIS B 577 -26.59 52.79 45.40
C HIS B 577 -27.45 53.74 46.21
N THR B 578 -28.31 53.15 47.07
CA THR B 578 -29.35 53.91 47.77
C THR B 578 -29.31 53.58 49.25
N LEU B 579 -29.40 54.62 50.09
CA LEU B 579 -29.36 54.46 51.54
C LEU B 579 -30.61 53.75 52.08
N GLN B 580 -30.51 53.30 53.33
CA GLN B 580 -31.63 52.73 54.05
C GLN B 580 -31.79 53.45 55.39
N ILE B 581 -32.97 53.29 56.00
CA ILE B 581 -33.32 53.91 57.27
C ILE B 581 -33.91 52.81 58.15
N GLU B 582 -33.92 53.04 59.47
CA GLU B 582 -34.77 52.30 60.40
C GLU B 582 -36.24 52.72 60.21
N GLU B 583 -37.11 52.16 61.06
CA GLU B 583 -38.57 52.29 60.98
C GLU B 583 -39.08 51.84 59.61
N ASN B 584 -38.97 50.53 59.39
CA ASN B 584 -38.84 49.87 58.10
C ASN B 584 -40.13 49.82 57.27
N SER B 585 -41.12 50.68 57.52
CA SER B 585 -42.24 50.85 56.59
C SER B 585 -41.91 52.02 55.66
N LEU B 586 -41.03 51.76 54.70
CA LEU B 586 -40.35 52.84 53.99
C LEU B 586 -40.61 52.82 52.49
N LYS B 587 -40.41 53.98 51.87
CA LYS B 587 -40.37 54.16 50.42
C LYS B 587 -39.07 54.88 50.08
N HIS B 588 -38.40 54.45 49.02
CA HIS B 588 -37.12 55.05 48.67
C HIS B 588 -36.98 55.17 47.16
N ASP B 589 -35.98 55.95 46.76
CA ASP B 589 -35.77 56.36 45.38
C ASP B 589 -34.58 55.60 44.78
N ILE B 590 -34.24 55.95 43.55
CA ILE B 590 -33.05 55.47 42.85
C ILE B 590 -32.38 56.70 42.24
N PRO B 591 -31.04 56.81 42.26
CA PRO B 591 -30.38 57.91 41.55
C PRO B 591 -30.46 57.70 40.04
N CYS B 592 -31.55 58.23 39.48
CA CYS B 592 -32.18 57.74 38.26
C CYS B 592 -31.26 57.67 37.04
N HIS B 593 -31.53 56.66 36.21
CA HIS B 593 -31.00 56.54 34.86
C HIS B 593 -31.65 57.59 33.95
N SER B 594 -31.06 57.82 32.78
CA SER B 594 -31.71 58.66 31.79
C SER B 594 -32.86 57.91 31.14
N LYS B 595 -33.71 58.60 30.37
CA LYS B 595 -34.76 57.89 29.65
C LYS B 595 -34.16 57.22 28.43
N SER B 596 -33.80 55.95 28.58
CA SER B 596 -33.21 55.13 27.51
C SER B 596 -34.29 54.83 26.48
N ARG B 597 -34.43 55.75 25.53
CA ARG B 597 -35.40 55.63 24.45
C ARG B 597 -34.64 55.52 23.15
N ARG B 598 -35.35 55.04 22.12
CA ARG B 598 -34.78 54.56 20.86
C ARG B 598 -33.68 53.53 21.12
N ASN B 599 -34.03 52.50 21.89
CA ASN B 599 -33.07 51.47 22.30
C ASN B 599 -32.70 50.51 21.18
N LYS B 600 -33.39 50.57 20.03
CA LYS B 600 -32.86 49.93 18.83
C LYS B 600 -31.60 50.61 18.36
N LYS B 601 -31.49 51.93 18.55
CA LYS B 601 -30.25 52.65 18.30
C LYS B 601 -29.30 52.54 19.49
N LYS B 602 -29.83 52.63 20.71
CA LYS B 602 -29.04 52.46 21.94
C LYS B 602 -28.82 50.95 22.18
N LYS B 603 -27.89 50.39 21.40
CA LYS B 603 -27.65 48.95 21.47
C LYS B 603 -26.86 48.60 22.73
N ILE B 604 -25.61 49.05 22.81
CA ILE B 604 -24.78 48.84 24.00
C ILE B 604 -24.20 50.19 24.41
N PRO B 605 -24.88 50.99 25.25
CA PRO B 605 -24.19 52.13 25.90
C PRO B 605 -23.57 51.75 27.24
N LEU B 606 -22.55 50.89 27.19
CA LEU B 606 -21.63 50.56 28.29
C LEU B 606 -22.38 49.96 29.48
N MET B 607 -22.88 48.74 29.27
CA MET B 607 -23.52 47.99 30.34
C MET B 607 -22.61 47.72 31.54
N ASN B 608 -21.52 46.97 31.35
CA ASN B 608 -20.49 46.73 32.37
C ASN B 608 -19.18 46.50 31.59
N GLY B 609 -18.46 47.58 31.32
CA GLY B 609 -17.30 47.45 30.46
C GLY B 609 -17.70 47.19 29.02
N GLU B 610 -17.01 46.24 28.39
CA GLU B 610 -17.24 45.89 26.99
C GLU B 610 -18.05 44.60 26.83
N GLU B 611 -19.01 44.36 27.71
CA GLU B 611 -19.90 43.20 27.56
C GLU B 611 -20.87 43.42 26.40
N VAL B 612 -21.17 42.35 25.68
CA VAL B 612 -21.96 42.42 24.45
C VAL B 612 -23.25 41.63 24.67
N ASP B 613 -24.38 42.33 24.73
CA ASP B 613 -25.70 41.74 24.96
C ASP B 613 -26.77 42.61 24.31
N MET B 614 -27.71 41.96 23.62
CA MET B 614 -28.81 42.66 22.95
C MET B 614 -30.08 41.82 23.05
N ASP B 615 -31.04 42.29 23.85
CA ASP B 615 -32.38 41.70 23.90
C ASP B 615 -33.42 42.80 24.11
N LEU B 616 -34.33 42.92 23.17
CA LEU B 616 -35.61 43.59 23.40
C LEU B 616 -36.70 42.61 23.80
N SER B 617 -36.32 41.38 24.15
CA SER B 617 -37.29 40.32 24.48
C SER B 617 -37.98 40.54 25.81
N ALA B 618 -37.44 41.41 26.66
CA ALA B 618 -38.06 41.72 27.94
C ALA B 618 -39.27 42.64 27.75
N MET B 619 -39.87 43.05 28.86
CA MET B 619 -40.93 44.04 28.83
C MET B 619 -40.33 45.44 28.69
N ASP B 620 -39.70 45.72 27.54
CA ASP B 620 -38.86 46.89 27.36
C ASP B 620 -39.61 48.07 26.76
N ALA B 621 -40.92 48.16 26.99
CA ALA B 621 -41.66 49.36 26.59
C ALA B 621 -41.23 50.56 27.42
N ASP B 622 -41.35 50.45 28.75
CA ASP B 622 -41.08 51.55 29.67
C ASP B 622 -40.26 51.07 30.87
N SER B 623 -39.30 50.16 30.65
CA SER B 623 -38.55 49.56 31.74
C SER B 623 -37.06 49.90 31.62
N PRO B 624 -36.56 50.89 32.37
CA PRO B 624 -35.12 51.13 32.42
C PRO B 624 -34.37 50.32 33.48
N LEU B 625 -35.07 49.50 34.27
CA LEU B 625 -34.45 48.73 35.34
C LEU B 625 -34.22 47.29 34.90
N LEU B 626 -33.14 46.69 35.41
CA LEU B 626 -32.92 45.27 35.21
C LEU B 626 -32.94 44.48 36.51
N TRP B 627 -32.13 44.83 37.52
CA TRP B 627 -32.00 43.93 38.66
C TRP B 627 -31.93 44.68 39.98
N ILE B 628 -32.50 44.05 41.03
CA ILE B 628 -32.49 44.53 42.41
C ILE B 628 -31.42 43.76 43.17
N ARG B 629 -30.71 44.45 44.07
CA ARG B 629 -29.71 43.77 44.89
C ARG B 629 -29.46 44.58 46.16
N ILE B 630 -29.34 43.89 47.29
CA ILE B 630 -28.97 44.50 48.56
C ILE B 630 -27.66 43.87 49.02
N ASP B 631 -26.59 44.69 49.02
CA ASP B 631 -25.22 44.33 49.41
C ASP B 631 -24.71 43.09 48.67
N PRO B 632 -24.33 43.21 47.40
CA PRO B 632 -23.82 42.03 46.66
C PRO B 632 -22.52 41.46 47.19
N ASP B 633 -21.77 42.22 48.00
CA ASP B 633 -20.62 41.70 48.72
C ASP B 633 -21.00 40.96 50.01
N MET B 634 -22.31 40.75 50.24
CA MET B 634 -22.85 39.79 51.21
C MET B 634 -22.51 40.18 52.66
N SER B 635 -22.82 41.43 53.01
CA SER B 635 -22.56 41.92 54.35
C SER B 635 -23.52 41.31 55.36
N VAL B 636 -24.80 41.59 55.20
CA VAL B 636 -25.81 41.27 56.19
C VAL B 636 -26.19 39.79 56.09
N LEU B 637 -26.32 39.14 57.25
CA LEU B 637 -26.99 37.84 57.32
C LEU B 637 -28.41 38.01 56.80
N ARG B 638 -28.68 37.50 55.61
CA ARG B 638 -29.84 37.94 54.86
C ARG B 638 -30.60 36.75 54.31
N LYS B 639 -31.90 36.97 54.10
CA LYS B 639 -32.72 36.08 53.28
C LYS B 639 -33.72 36.99 52.56
N VAL B 640 -33.36 37.38 51.34
CA VAL B 640 -34.07 38.45 50.64
C VAL B 640 -35.18 37.84 49.79
N GLU B 641 -36.39 38.36 49.93
CA GLU B 641 -37.56 37.86 49.23
C GLU B 641 -38.21 39.03 48.50
N PHE B 642 -38.33 38.91 47.17
CA PHE B 642 -38.93 39.97 46.36
C PHE B 642 -39.41 39.34 45.05
N GLU B 643 -39.95 40.19 44.18
CA GLU B 643 -40.46 39.77 42.88
C GLU B 643 -40.05 40.78 41.82
N GLN B 644 -39.65 40.26 40.66
CA GLN B 644 -39.39 41.05 39.46
C GLN B 644 -40.26 40.48 38.34
N ALA B 645 -40.14 41.07 37.15
CA ALA B 645 -40.65 40.40 35.96
C ALA B 645 -39.76 39.20 35.67
N ASP B 646 -40.37 38.16 35.08
CA ASP B 646 -39.64 36.91 34.84
C ASP B 646 -38.57 37.07 33.78
N PHE B 647 -38.76 38.02 32.86
CA PHE B 647 -37.77 38.32 31.83
C PHE B 647 -36.49 38.87 32.44
N MET B 648 -36.62 39.62 33.54
CA MET B 648 -35.46 40.16 34.24
C MET B 648 -34.66 39.04 34.93
N TRP B 649 -35.37 38.07 35.50
CA TRP B 649 -34.73 36.90 36.10
C TRP B 649 -34.02 36.05 35.05
N GLN B 650 -34.67 35.81 33.91
CA GLN B 650 -34.06 35.01 32.86
C GLN B 650 -32.92 35.74 32.16
N TYR B 651 -32.98 37.07 32.11
CA TYR B 651 -31.89 37.85 31.53
C TYR B 651 -30.72 37.97 32.49
N GLN B 652 -30.97 37.74 33.79
CA GLN B 652 -29.87 37.62 34.74
C GLN B 652 -29.05 36.37 34.48
N LEU B 653 -29.71 35.30 34.00
CA LEU B 653 -29.03 34.03 33.76
C LEU B 653 -28.37 33.91 32.39
N ARG B 654 -28.47 34.91 31.52
CA ARG B 654 -27.62 34.87 30.34
C ARG B 654 -26.20 35.29 30.69
N TYR B 655 -26.05 36.44 31.36
CA TYR B 655 -24.80 36.76 32.01
C TYR B 655 -25.06 37.75 33.14
N GLU B 656 -24.33 37.55 34.24
CA GLU B 656 -24.23 38.50 35.34
C GLU B 656 -22.90 38.22 36.04
N ARG B 657 -22.27 39.29 36.56
CA ARG B 657 -20.94 39.17 37.15
C ARG B 657 -20.95 38.67 38.59
N ASP B 658 -22.04 38.09 39.06
CA ASP B 658 -22.12 37.53 40.40
C ASP B 658 -22.67 36.11 40.31
N VAL B 659 -21.89 35.14 40.79
CA VAL B 659 -22.36 33.78 40.97
C VAL B 659 -23.48 33.73 42.00
N VAL B 660 -23.45 34.66 42.97
CA VAL B 660 -24.54 34.84 43.93
C VAL B 660 -25.85 35.16 43.21
N ALA B 661 -25.80 36.13 42.29
CA ALA B 661 -26.98 36.50 41.52
C ALA B 661 -27.45 35.37 40.62
N GLN B 662 -26.49 34.63 40.04
CA GLN B 662 -26.83 33.51 39.16
C GLN B 662 -27.56 32.41 39.92
N GLN B 663 -27.02 31.97 41.06
CA GLN B 663 -27.68 30.89 41.77
C GLN B 663 -28.92 31.33 42.55
N GLU B 664 -29.04 32.60 42.93
CA GLU B 664 -30.30 33.04 43.51
C GLU B 664 -31.40 33.18 42.47
N SER B 665 -31.05 33.61 41.25
CA SER B 665 -32.01 33.57 40.16
C SER B 665 -32.34 32.14 39.76
N ILE B 666 -31.36 31.24 39.90
CA ILE B 666 -31.59 29.81 39.70
C ILE B 666 -32.62 29.27 40.71
N LEU B 667 -32.54 29.70 41.97
CA LEU B 667 -33.54 29.25 42.95
C LEU B 667 -34.92 29.86 42.66
N ALA B 668 -34.95 31.16 42.37
CA ALA B 668 -36.21 31.85 42.11
C ALA B 668 -36.90 31.34 40.84
N LEU B 669 -36.13 30.87 39.87
CA LEU B 669 -36.69 30.23 38.69
C LEU B 669 -36.78 28.72 38.81
N GLU B 670 -36.28 28.13 39.90
CA GLU B 670 -36.71 26.79 40.29
C GLU B 670 -38.07 26.79 40.96
N LYS B 671 -38.52 27.92 41.50
CA LYS B 671 -39.82 27.89 42.16
C LYS B 671 -41.01 27.78 41.21
N PHE B 672 -41.34 28.86 40.50
CA PHE B 672 -42.57 28.89 39.68
C PHE B 672 -42.54 28.47 38.21
N PRO B 673 -41.66 28.96 37.33
CA PRO B 673 -42.02 29.08 35.91
C PRO B 673 -41.83 27.80 35.11
N THR B 674 -42.51 27.77 33.96
CA THR B 674 -42.20 26.81 32.89
C THR B 674 -42.54 27.41 31.53
N PRO B 675 -41.64 28.27 30.96
CA PRO B 675 -41.64 28.45 29.50
C PRO B 675 -40.53 27.64 28.84
N ALA B 676 -40.59 27.46 27.53
CA ALA B 676 -39.50 26.81 26.81
C ALA B 676 -38.30 27.74 26.60
N SER B 677 -38.53 29.06 26.61
CA SER B 677 -37.42 30.00 26.54
C SER B 677 -36.54 29.95 27.77
N ARG B 678 -37.12 29.61 28.93
CA ARG B 678 -36.34 29.34 30.13
C ARG B 678 -35.38 28.19 29.92
N LEU B 679 -35.87 27.09 29.32
CA LEU B 679 -35.03 25.94 29.01
C LEU B 679 -33.91 26.31 28.03
N ALA B 680 -34.26 27.12 27.02
CA ALA B 680 -33.28 27.56 26.03
C ALA B 680 -32.19 28.41 26.67
N LEU B 681 -32.58 29.38 27.50
CA LEU B 681 -31.59 30.25 28.15
C LEU B 681 -30.77 29.49 29.19
N THR B 682 -31.35 28.48 29.84
CA THR B 682 -30.59 27.61 30.74
C THR B 682 -29.53 26.83 29.98
N ASP B 683 -29.90 26.29 28.81
CA ASP B 683 -28.94 25.53 28.00
C ASP B 683 -27.87 26.44 27.41
N ILE B 684 -28.22 27.69 27.11
CA ILE B 684 -27.21 28.66 26.68
C ILE B 684 -26.24 28.99 27.81
N LEU B 685 -26.76 29.17 29.03
CA LEU B 685 -25.91 29.41 30.19
C LEU B 685 -25.01 28.21 30.50
N GLU B 686 -25.48 27.00 30.24
CA GLU B 686 -24.69 25.81 30.51
C GLU B 686 -23.61 25.55 29.45
N GLN B 687 -23.62 26.28 28.33
CA GLN B 687 -22.61 26.08 27.29
C GLN B 687 -21.85 27.38 27.05
N GLU B 688 -20.91 27.67 27.94
CA GLU B 688 -19.97 28.81 27.94
C GLU B 688 -18.85 28.48 28.93
N GLN B 689 -18.06 29.48 29.30
CA GLN B 689 -17.15 29.40 30.46
C GLN B 689 -17.65 30.38 31.52
N CYS B 690 -18.54 29.92 32.39
CA CYS B 690 -19.06 30.77 33.46
C CYS B 690 -18.68 30.30 34.85
N PHE B 691 -19.08 29.09 35.24
CA PHE B 691 -18.89 28.58 36.61
C PHE B 691 -19.27 27.10 36.61
N TYR B 692 -18.79 26.39 37.63
CA TYR B 692 -19.03 24.95 37.73
C TYR B 692 -20.41 24.64 38.32
N ARG B 693 -20.65 25.06 39.57
CA ARG B 693 -21.82 24.62 40.32
C ARG B 693 -23.09 25.37 39.95
N VAL B 694 -22.95 26.54 39.32
CA VAL B 694 -24.08 27.22 38.67
C VAL B 694 -24.74 26.29 37.67
N ARG B 695 -23.94 25.55 36.91
CA ARG B 695 -24.51 24.61 35.94
C ARG B 695 -25.06 23.36 36.60
N MET B 696 -24.55 22.98 37.77
CA MET B 696 -25.15 21.91 38.56
C MET B 696 -26.58 22.28 38.98
N SER B 697 -26.71 23.46 39.60
CA SER B 697 -28.03 23.92 39.98
C SER B 697 -28.89 24.32 38.79
N ALA B 698 -28.29 24.60 37.63
CA ALA B 698 -29.07 24.87 36.42
C ALA B 698 -29.60 23.58 35.81
N CYS B 699 -28.84 22.48 35.93
CA CYS B 699 -29.40 21.18 35.58
C CYS B 699 -30.50 20.78 36.56
N PHE B 700 -30.39 21.21 37.82
CA PHE B 700 -31.51 21.02 38.74
C PHE B 700 -32.70 21.90 38.39
N CYS B 701 -32.45 23.09 37.82
CA CYS B 701 -33.53 23.90 37.25
C CYS B 701 -34.22 23.15 36.11
N LEU B 702 -33.43 22.56 35.22
CA LEU B 702 -33.97 21.76 34.11
C LEU B 702 -34.80 20.60 34.63
N ALA B 703 -34.34 19.97 35.73
CA ALA B 703 -35.08 18.88 36.36
C ALA B 703 -36.43 19.34 36.92
N LYS B 704 -36.42 20.41 37.72
CA LYS B 704 -37.65 20.89 38.35
C LYS B 704 -38.64 21.44 37.32
N ILE B 705 -38.13 22.11 36.27
CA ILE B 705 -39.00 22.68 35.26
C ILE B 705 -39.54 21.60 34.31
N ALA B 706 -38.73 20.59 33.96
CA ALA B 706 -39.25 19.50 33.15
C ALA B 706 -40.14 18.55 33.94
N ASN B 707 -40.07 18.57 35.27
CA ASN B 707 -41.10 17.91 36.07
C ASN B 707 -42.45 18.63 35.97
N SER B 708 -42.44 19.92 35.66
CA SER B 708 -43.66 20.68 35.40
C SER B 708 -44.08 20.64 33.94
N MET B 709 -43.42 19.83 33.11
CA MET B 709 -43.75 19.67 31.69
C MET B 709 -44.59 18.43 31.45
N VAL B 710 -45.49 18.10 32.37
CA VAL B 710 -46.34 16.93 32.22
C VAL B 710 -47.38 17.16 31.12
N SER B 711 -48.23 18.17 31.30
CA SER B 711 -49.14 18.60 30.25
C SER B 711 -48.50 19.60 29.30
N THR B 712 -47.35 20.16 29.65
CA THR B 712 -46.68 21.18 28.85
C THR B 712 -45.35 20.65 28.32
N TRP B 713 -45.37 19.45 27.73
CA TRP B 713 -44.19 18.89 27.10
C TRP B 713 -43.99 19.53 25.73
N THR B 714 -43.31 20.67 25.68
CA THR B 714 -43.05 21.39 24.45
C THR B 714 -41.70 21.02 23.84
N GLY B 715 -40.65 21.02 24.66
CA GLY B 715 -39.32 20.66 24.19
C GLY B 715 -39.14 19.17 24.06
N PRO B 716 -37.91 18.76 23.76
CA PRO B 716 -37.60 17.33 23.65
C PRO B 716 -37.47 16.71 25.03
N PRO B 717 -37.27 15.36 25.12
CA PRO B 717 -36.76 14.81 26.38
C PRO B 717 -35.37 15.36 26.66
N ALA B 718 -35.26 16.15 27.73
CA ALA B 718 -34.16 17.09 27.88
C ALA B 718 -32.85 16.40 28.21
N MET B 719 -31.76 17.16 28.00
CA MET B 719 -30.39 16.91 28.45
C MET B 719 -29.70 15.79 27.67
N LYS B 720 -30.40 15.15 26.73
CA LYS B 720 -29.73 14.29 25.76
C LYS B 720 -28.95 15.12 24.75
N SER B 721 -29.57 16.19 24.25
CA SER B 721 -28.90 17.07 23.29
C SER B 721 -27.77 17.86 23.94
N LEU B 722 -27.80 18.01 25.26
CA LEU B 722 -26.70 18.67 25.95
C LEU B 722 -25.47 17.78 26.01
N PHE B 723 -25.65 16.46 26.20
CA PHE B 723 -24.54 15.54 26.04
C PHE B 723 -24.13 15.37 24.59
N THR B 724 -25.06 15.56 23.65
CA THR B 724 -24.73 15.44 22.23
C THR B 724 -23.87 16.62 21.76
N ARG B 725 -24.35 17.84 21.98
CA ARG B 725 -23.76 19.02 21.37
C ARG B 725 -22.50 19.53 22.08
N MET B 726 -22.14 18.98 23.24
CA MET B 726 -21.01 19.52 23.99
C MET B 726 -19.81 18.58 24.05
N PHE B 727 -19.93 17.34 23.62
CA PHE B 727 -18.87 16.35 23.86
C PHE B 727 -18.62 15.59 22.57
N CYS B 728 -17.46 15.83 21.97
CA CYS B 728 -17.05 15.15 20.73
C CYS B 728 -15.72 14.46 20.99
N CYS B 729 -15.75 13.13 21.15
CA CYS B 729 -14.52 12.37 21.32
C CYS B 729 -13.82 12.18 19.99
N LYS B 730 -14.47 11.46 19.08
CA LYS B 730 -14.11 11.35 17.66
C LYS B 730 -15.32 11.68 16.81
N SER B 731 -15.94 12.82 17.15
CA SER B 731 -17.22 13.39 16.71
C SER B 731 -18.43 12.66 17.28
N CYS B 732 -18.23 11.58 18.08
CA CYS B 732 -19.25 10.89 18.87
C CYS B 732 -20.48 10.46 18.09
N PRO B 733 -20.42 9.36 17.33
CA PRO B 733 -21.60 8.92 16.56
C PRO B 733 -22.73 8.43 17.46
N ASN B 734 -23.49 9.41 17.98
CA ASN B 734 -24.68 9.35 18.83
C ASN B 734 -24.37 8.97 20.27
N ILE B 735 -23.14 8.59 20.62
CA ILE B 735 -22.80 8.13 21.97
C ILE B 735 -21.45 8.73 22.36
N VAL B 736 -21.38 9.34 23.54
CA VAL B 736 -20.16 9.87 24.11
C VAL B 736 -19.56 8.83 25.04
N LYS B 737 -18.33 8.37 24.75
CA LYS B 737 -17.76 7.24 25.48
C LYS B 737 -16.50 7.57 26.26
N THR B 738 -15.44 8.04 25.62
CA THR B 738 -14.08 7.77 26.07
C THR B 738 -13.25 9.05 26.26
N ASN B 739 -12.59 9.15 27.43
CA ASN B 739 -11.46 10.05 27.66
C ASN B 739 -11.87 11.52 27.57
N ASN B 740 -12.83 11.91 28.40
CA ASN B 740 -13.38 13.27 28.41
C ASN B 740 -12.83 14.11 29.57
N PHE B 741 -11.58 13.89 29.96
CA PHE B 741 -11.04 14.49 31.17
C PHE B 741 -9.93 15.48 30.80
N MET B 742 -9.22 15.94 31.85
CA MET B 742 -8.16 16.98 31.88
C MET B 742 -8.74 18.38 31.69
N SER B 743 -10.05 18.48 31.52
CA SER B 743 -10.79 19.73 31.58
C SER B 743 -11.87 19.53 32.64
N PHE B 744 -11.63 20.06 33.84
CA PHE B 744 -12.45 19.73 35.00
C PHE B 744 -13.84 20.35 34.96
N GLN B 745 -14.07 21.30 34.05
CA GLN B 745 -15.42 21.72 33.69
C GLN B 745 -16.25 20.52 33.27
N SER B 746 -15.77 19.78 32.27
CA SER B 746 -16.43 18.58 31.79
C SER B 746 -16.44 17.47 32.83
N TYR B 747 -15.44 17.43 33.72
CA TYR B 747 -15.40 16.42 34.78
C TYR B 747 -16.55 16.61 35.76
N PHE B 748 -16.68 17.83 36.32
CA PHE B 748 -17.79 18.11 37.24
C PHE B 748 -19.13 18.03 36.52
N LEU B 749 -19.17 18.40 35.23
CA LEU B 749 -20.45 18.44 34.52
C LEU B 749 -20.94 17.02 34.20
N GLN B 750 -20.05 16.14 33.75
CA GLN B 750 -20.42 14.74 33.55
C GLN B 750 -20.65 14.03 34.88
N LYS B 751 -20.02 14.50 35.96
CA LYS B 751 -20.34 13.98 37.29
C LYS B 751 -21.75 14.35 37.71
N THR B 752 -22.22 15.55 37.34
CA THR B 752 -23.49 16.04 37.85
C THR B 752 -24.69 15.65 36.98
N MET B 753 -24.60 15.89 35.67
CA MET B 753 -25.78 15.91 34.79
C MET B 753 -26.69 14.67 34.75
N PRO B 754 -26.22 13.41 34.75
CA PRO B 754 -27.19 12.29 34.73
C PRO B 754 -28.03 12.15 36.00
N VAL B 755 -27.58 12.72 37.12
CA VAL B 755 -28.43 12.78 38.31
C VAL B 755 -29.65 13.67 38.05
N ALA B 756 -29.43 14.82 37.41
CA ALA B 756 -30.54 15.68 37.03
C ALA B 756 -31.34 15.09 35.87
N MET B 757 -30.71 14.24 35.05
CA MET B 757 -31.44 13.55 34.00
C MET B 757 -32.42 12.54 34.57
N ALA B 758 -32.04 11.86 35.67
CA ALA B 758 -32.92 10.88 36.29
C ALA B 758 -34.14 11.52 36.96
N LEU B 759 -34.09 12.82 37.25
CA LEU B 759 -35.24 13.53 37.78
C LEU B 759 -36.26 13.92 36.73
N LEU B 760 -35.93 13.82 35.44
CA LEU B 760 -36.80 14.28 34.37
C LEU B 760 -38.00 13.35 34.24
N ARG B 761 -39.15 13.76 34.76
CA ARG B 761 -40.31 12.88 34.90
C ARG B 761 -41.58 13.63 34.50
N ASP B 762 -42.41 12.98 33.71
CA ASP B 762 -43.76 13.44 33.39
C ASP B 762 -44.75 12.39 33.85
N VAL B 763 -45.86 12.83 34.46
CA VAL B 763 -46.68 11.93 35.26
C VAL B 763 -47.61 11.12 34.37
N HIS B 764 -47.13 9.94 33.96
CA HIS B 764 -47.98 8.81 33.61
C HIS B 764 -47.68 7.62 34.49
N ASN B 765 -46.41 7.21 34.56
CA ASN B 765 -45.84 6.40 35.63
C ASN B 765 -44.51 7.00 36.07
N LEU B 766 -44.31 8.28 35.73
CA LEU B 766 -43.12 9.14 35.83
C LEU B 766 -42.05 8.79 34.79
N CYS B 767 -42.20 7.62 34.12
CA CYS B 767 -41.61 7.12 32.88
C CYS B 767 -40.25 7.66 32.44
N PRO B 768 -39.14 7.49 33.22
CA PRO B 768 -37.82 7.90 32.73
C PRO B 768 -37.10 6.81 31.96
N LYS B 769 -37.83 6.14 31.06
CA LYS B 769 -37.37 4.87 30.49
C LYS B 769 -36.22 5.07 29.51
N GLU B 770 -36.34 6.08 28.65
CA GLU B 770 -35.23 6.47 27.78
C GLU B 770 -34.02 6.91 28.60
N VAL B 771 -34.27 7.66 29.68
CA VAL B 771 -33.20 8.11 30.56
C VAL B 771 -32.58 6.93 31.30
N LEU B 772 -33.41 5.96 31.74
CA LEU B 772 -32.90 4.75 32.39
C LEU B 772 -31.99 3.96 31.47
N THR B 773 -32.44 3.72 30.22
CA THR B 773 -31.63 2.98 29.26
C THR B 773 -30.36 3.74 28.88
N PHE B 774 -30.45 5.07 28.80
CA PHE B 774 -29.28 5.89 28.50
C PHE B 774 -28.25 5.85 29.64
N ILE B 775 -28.73 5.84 30.89
CA ILE B 775 -27.83 5.72 32.04
C ILE B 775 -27.21 4.32 32.10
N LEU B 776 -27.98 3.28 31.72
CA LEU B 776 -27.43 1.94 31.59
C LEU B 776 -26.32 1.89 30.54
N ASP B 777 -26.53 2.57 29.41
CA ASP B 777 -25.52 2.61 28.36
C ASP B 777 -24.29 3.42 28.79
N LEU B 778 -24.48 4.47 29.58
CA LEU B 778 -23.34 5.21 30.12
C LEU B 778 -22.55 4.38 31.12
N ILE B 779 -23.24 3.55 31.91
CA ILE B 779 -22.57 2.64 32.84
C ILE B 779 -21.83 1.54 32.09
N LYS B 780 -22.32 1.17 30.90
CA LYS B 780 -21.58 0.26 30.02
C LYS B 780 -20.23 0.85 29.61
N TYR B 781 -20.21 2.15 29.29
CA TYR B 781 -19.13 2.74 28.51
C TYR B 781 -18.15 3.50 29.42
N ASN B 782 -17.43 2.73 30.23
CA ASN B 782 -16.38 3.26 31.08
C ASN B 782 -15.01 3.01 30.44
N ASP B 783 -13.99 3.66 30.99
CA ASP B 783 -12.69 3.76 30.35
C ASP B 783 -11.63 2.92 31.06
N ASN B 784 -10.56 2.61 30.31
CA ASN B 784 -9.36 1.96 30.81
C ASN B 784 -8.41 3.00 31.41
N ARG B 785 -7.14 2.61 31.58
CA ARG B 785 -6.10 3.49 32.12
C ARG B 785 -5.64 4.59 31.14
N LYS B 786 -6.30 4.84 30.00
CA LYS B 786 -6.02 6.04 29.22
C LYS B 786 -6.37 7.28 30.01
N ASN B 787 -7.52 7.27 30.68
CA ASN B 787 -7.75 8.20 31.77
C ASN B 787 -6.87 7.82 32.94
N LYS B 788 -5.95 8.72 33.33
CA LYS B 788 -5.05 8.50 34.44
C LYS B 788 -5.63 9.00 35.75
N PHE B 789 -6.96 9.03 35.87
CA PHE B 789 -7.66 9.83 36.88
C PHE B 789 -8.62 9.01 37.73
N SER B 790 -8.47 7.67 37.76
CA SER B 790 -9.09 6.77 38.72
C SER B 790 -10.62 6.88 38.76
N ASP B 791 -11.29 6.39 37.71
CA ASP B 791 -12.68 6.75 37.40
C ASP B 791 -13.62 6.16 38.46
N ASN B 792 -13.71 6.87 39.59
CA ASN B 792 -14.42 6.41 40.78
C ASN B 792 -15.67 7.24 41.07
N TYR B 793 -15.54 8.56 41.17
CA TYR B 793 -16.67 9.42 41.52
C TYR B 793 -17.70 9.52 40.41
N TYR B 794 -17.27 9.36 39.16
CA TYR B 794 -18.20 9.32 38.03
C TYR B 794 -19.15 8.14 38.17
N ARG B 795 -18.59 6.96 38.48
CA ARG B 795 -19.38 5.77 38.82
C ARG B 795 -20.28 6.01 40.02
N ALA B 796 -19.76 6.71 41.04
CA ALA B 796 -20.50 6.91 42.29
C ALA B 796 -21.72 7.81 42.08
N GLU B 797 -21.57 8.89 41.31
CA GLU B 797 -22.72 9.74 41.04
C GLU B 797 -23.66 9.16 39.99
N MET B 798 -23.20 8.27 39.12
CA MET B 798 -24.14 7.56 38.26
C MET B 798 -24.95 6.53 39.05
N ILE B 799 -24.33 5.91 40.06
CA ILE B 799 -25.07 5.07 41.00
C ILE B 799 -26.03 5.92 41.84
N ASP B 800 -25.65 7.16 42.14
CA ASP B 800 -26.58 8.08 42.79
C ASP B 800 -27.73 8.48 41.87
N ALA B 801 -27.48 8.54 40.56
CA ALA B 801 -28.56 8.75 39.60
C ALA B 801 -29.48 7.53 39.55
N LEU B 802 -28.91 6.34 39.69
CA LEU B 802 -29.73 5.14 39.87
C LEU B 802 -30.54 5.20 41.16
N ALA B 803 -29.95 5.78 42.21
CA ALA B 803 -30.68 6.04 43.45
C ALA B 803 -31.72 7.12 43.25
N ASN B 804 -31.50 8.02 42.30
CA ASN B 804 -32.46 9.07 41.99
C ASN B 804 -33.43 8.65 40.89
N SER B 805 -33.58 7.33 40.70
CA SER B 805 -34.59 6.72 39.84
C SER B 805 -35.72 6.15 40.66
N VAL B 806 -36.14 6.92 41.67
CA VAL B 806 -37.20 6.58 42.62
C VAL B 806 -38.48 6.21 41.88
N THR B 807 -38.92 4.97 42.05
CA THR B 807 -40.17 4.47 41.47
C THR B 807 -41.00 3.90 42.61
N PRO B 808 -41.78 4.74 43.30
CA PRO B 808 -42.49 4.26 44.50
C PRO B 808 -43.78 3.51 44.23
N ALA B 809 -44.25 3.47 42.98
CA ALA B 809 -45.61 2.98 42.72
C ALA B 809 -45.63 1.72 41.86
N VAL B 810 -44.76 0.77 42.16
CA VAL B 810 -44.82 -0.55 41.53
C VAL B 810 -45.65 -1.52 42.35
N SER B 811 -45.36 -1.61 43.65
CA SER B 811 -46.11 -2.49 44.53
C SER B 811 -47.50 -1.92 44.80
N VAL B 812 -48.48 -2.36 44.00
CA VAL B 812 -49.84 -1.86 44.17
C VAL B 812 -50.49 -2.49 45.40
N ASN B 813 -50.41 -3.82 45.50
CA ASN B 813 -51.03 -4.53 46.61
C ASN B 813 -49.99 -5.22 47.51
N ASN B 814 -49.19 -6.14 46.97
CA ASN B 814 -48.28 -6.93 47.79
C ASN B 814 -46.93 -7.20 47.16
N GLU B 815 -46.56 -6.51 46.07
CA GLU B 815 -45.35 -6.85 45.33
C GLU B 815 -44.08 -6.40 46.05
N VAL B 816 -43.76 -7.07 47.16
CA VAL B 816 -42.54 -6.79 47.92
C VAL B 816 -41.65 -8.02 48.06
N ARG B 817 -42.19 -9.23 47.95
CA ARG B 817 -41.63 -10.42 48.59
C ARG B 817 -41.31 -11.53 47.60
N THR B 818 -40.53 -11.20 46.57
CA THR B 818 -40.03 -12.13 45.53
C THR B 818 -41.17 -12.72 44.72
N LEU B 819 -42.19 -11.91 44.42
CA LEU B 819 -43.30 -12.38 43.59
C LEU B 819 -42.92 -12.33 42.11
N ASP B 820 -42.57 -11.16 41.62
CA ASP B 820 -42.28 -10.95 40.20
C ASP B 820 -40.79 -11.02 39.87
N ASN B 821 -39.92 -11.22 40.86
CA ASN B 821 -38.49 -10.90 40.79
C ASN B 821 -38.31 -9.48 40.25
N LEU B 822 -38.72 -8.54 41.12
CA LEU B 822 -39.48 -7.34 40.78
C LEU B 822 -38.93 -6.57 39.57
N ASN B 823 -39.85 -5.99 38.82
CA ASN B 823 -39.76 -5.75 37.39
C ASN B 823 -40.00 -4.29 37.03
N PRO B 824 -39.60 -3.87 35.81
CA PRO B 824 -38.66 -4.46 34.84
C PRO B 824 -37.25 -3.87 34.85
N ASP B 825 -37.12 -2.59 35.20
CA ASP B 825 -35.84 -1.91 35.19
C ASP B 825 -35.20 -1.86 36.56
N VAL B 826 -36.00 -2.03 37.62
CA VAL B 826 -35.49 -2.13 38.99
C VAL B 826 -34.54 -3.32 39.12
N ARG B 827 -34.84 -4.42 38.42
CA ARG B 827 -33.94 -5.57 38.40
C ARG B 827 -32.63 -5.26 37.69
N LEU B 828 -32.65 -4.43 36.65
CA LEU B 828 -31.40 -4.03 35.98
C LEU B 828 -30.57 -3.12 36.89
N ILE B 829 -31.24 -2.24 37.63
CA ILE B 829 -30.55 -1.40 38.62
C ILE B 829 -29.94 -2.27 39.73
N LEU B 830 -30.66 -3.32 40.13
CA LEU B 830 -30.12 -4.27 41.11
C LEU B 830 -28.92 -5.03 40.56
N GLU B 831 -28.95 -5.39 39.27
CA GLU B 831 -27.80 -6.01 38.61
C GLU B 831 -26.59 -5.09 38.64
N GLU B 832 -26.76 -3.82 38.31
CA GLU B 832 -25.64 -2.90 38.27
C GLU B 832 -25.10 -2.59 39.66
N ILE B 833 -25.98 -2.43 40.67
CA ILE B 833 -25.46 -2.15 42.01
C ILE B 833 -24.82 -3.40 42.61
N THR B 834 -25.29 -4.59 42.23
CA THR B 834 -24.62 -5.84 42.62
C THR B 834 -23.22 -5.92 42.02
N ARG B 835 -23.10 -5.56 40.74
CA ARG B 835 -21.81 -5.55 40.07
C ARG B 835 -20.84 -4.58 40.72
N PHE B 836 -21.30 -3.35 41.00
CA PHE B 836 -20.39 -2.37 41.60
C PHE B 836 -20.04 -2.68 43.05
N LEU B 837 -20.97 -3.27 43.82
CA LEU B 837 -20.64 -3.72 45.17
C LEU B 837 -19.61 -4.83 45.15
N ASN B 838 -19.72 -5.79 44.23
CA ASN B 838 -18.75 -6.87 44.20
C ASN B 838 -17.42 -6.45 43.56
N MET B 839 -17.44 -5.48 42.64
CA MET B 839 -16.20 -4.91 42.13
C MET B 839 -15.44 -4.17 43.22
N GLU B 840 -16.13 -3.30 43.97
CA GLU B 840 -15.46 -2.63 45.08
C GLU B 840 -15.17 -3.56 46.25
N LYS B 841 -15.79 -4.73 46.30
CA LYS B 841 -15.32 -5.76 47.23
C LYS B 841 -14.02 -6.39 46.71
N LEU B 842 -13.82 -6.40 45.39
CA LEU B 842 -12.63 -7.01 44.81
C LEU B 842 -11.54 -6.01 44.43
N LEU B 843 -11.90 -4.90 43.76
CA LEU B 843 -10.97 -3.85 43.32
C LEU B 843 -10.37 -2.95 44.39
N PRO B 844 -10.99 -2.82 45.61
CA PRO B 844 -11.47 -1.50 46.09
C PRO B 844 -10.66 -0.27 45.74
N SER B 845 -11.35 0.71 45.17
CA SER B 845 -10.76 1.97 44.72
C SER B 845 -11.30 3.09 45.61
N TYR B 846 -10.46 3.55 46.55
CA TYR B 846 -10.67 4.77 47.32
C TYR B 846 -11.94 4.81 48.17
N ARG B 847 -11.88 4.15 49.33
CA ARG B 847 -12.74 4.35 50.51
C ARG B 847 -14.10 3.65 50.41
N HIS B 848 -14.35 2.85 49.37
CA HIS B 848 -15.65 2.24 49.08
C HIS B 848 -16.74 3.30 48.95
N THR B 849 -16.43 4.40 48.26
CA THR B 849 -17.40 5.47 48.05
C THR B 849 -18.53 5.01 47.13
N ILE B 850 -18.20 4.18 46.15
CA ILE B 850 -19.20 3.48 45.34
C ILE B 850 -20.11 2.63 46.23
N THR B 851 -19.55 1.96 47.24
CA THR B 851 -20.36 1.18 48.18
C THR B 851 -21.27 2.09 49.01
N VAL B 852 -20.81 3.30 49.33
CA VAL B 852 -21.65 4.27 50.05
C VAL B 852 -22.84 4.70 49.20
N SER B 853 -22.58 5.04 47.93
CA SER B 853 -23.66 5.39 47.00
C SER B 853 -24.60 4.21 46.76
N CYS B 854 -24.05 2.99 46.72
CA CYS B 854 -24.88 1.79 46.54
C CYS B 854 -25.76 1.53 47.74
N LEU B 855 -25.24 1.77 48.95
CA LEU B 855 -26.06 1.57 50.15
C LEU B 855 -27.16 2.63 50.24
N ARG B 856 -26.86 3.85 49.80
CA ARG B 856 -27.92 4.86 49.70
C ARG B 856 -28.97 4.46 48.66
N ALA B 857 -28.53 3.85 47.56
CA ALA B 857 -29.47 3.34 46.55
C ALA B 857 -30.31 2.18 47.09
N ILE B 858 -29.69 1.30 47.87
CA ILE B 858 -30.41 0.17 48.47
C ILE B 858 -31.42 0.66 49.50
N ARG B 859 -31.09 1.72 50.24
CA ARG B 859 -32.08 2.28 51.16
C ARG B 859 -33.23 2.96 50.40
N VAL B 860 -32.93 3.66 49.31
CA VAL B 860 -34.00 4.25 48.49
C VAL B 860 -34.92 3.18 47.90
N LEU B 861 -34.34 2.04 47.50
CA LEU B 861 -35.15 0.91 47.04
C LEU B 861 -35.94 0.29 48.18
N GLN B 862 -35.43 0.33 49.42
CA GLN B 862 -36.23 -0.10 50.56
C GLN B 862 -37.33 0.91 50.89
N LYS B 863 -37.11 2.19 50.58
CA LYS B 863 -38.11 3.24 50.74
C LYS B 863 -39.15 3.21 49.62
N ASN B 864 -38.91 2.46 48.56
CA ASN B 864 -39.88 2.32 47.48
C ASN B 864 -40.51 0.94 47.46
N GLY B 865 -40.23 0.10 48.45
CA GLY B 865 -40.90 -1.18 48.58
C GLY B 865 -40.51 -2.22 47.56
N HIS B 866 -39.31 -2.12 46.98
CA HIS B 866 -38.86 -3.16 46.06
C HIS B 866 -38.05 -4.23 46.81
N VAL B 867 -36.93 -3.82 47.39
CA VAL B 867 -36.22 -4.64 48.35
C VAL B 867 -36.93 -4.38 49.68
N PRO B 868 -37.34 -5.42 50.42
CA PRO B 868 -38.13 -5.19 51.63
C PRO B 868 -37.31 -4.50 52.73
N SER B 869 -38.03 -3.87 53.65
CA SER B 869 -37.41 -3.07 54.69
C SER B 869 -36.73 -3.96 55.71
N ASP B 870 -35.50 -4.38 55.41
CA ASP B 870 -34.74 -5.27 56.26
C ASP B 870 -33.38 -4.63 56.52
N PRO B 871 -33.01 -4.42 57.79
CA PRO B 871 -31.75 -3.72 58.08
C PRO B 871 -30.51 -4.60 58.08
N ALA B 872 -30.65 -5.90 57.78
CA ALA B 872 -29.58 -6.88 58.04
C ALA B 872 -28.34 -6.64 57.17
N LEU B 873 -28.51 -6.14 55.94
CA LEU B 873 -27.36 -5.73 55.16
C LEU B 873 -26.71 -4.48 55.77
N PHE B 874 -27.55 -3.50 56.11
CA PHE B 874 -27.07 -2.29 56.79
C PHE B 874 -26.53 -2.62 58.18
N LYS B 875 -27.11 -3.64 58.83
CA LYS B 875 -26.56 -4.14 60.10
C LYS B 875 -25.17 -4.74 59.90
N SER B 876 -24.99 -5.51 58.84
CA SER B 876 -23.70 -6.13 58.55
C SER B 876 -22.69 -5.14 57.99
N TYR B 877 -23.12 -3.95 57.58
CA TYR B 877 -22.20 -2.90 57.18
C TYR B 877 -22.09 -1.79 58.21
N ALA B 878 -22.81 -1.89 59.32
CA ALA B 878 -22.57 -1.05 60.49
C ALA B 878 -21.65 -1.72 61.50
N GLU B 879 -20.96 -2.78 61.10
CA GLU B 879 -20.08 -3.53 61.98
C GLU B 879 -18.77 -2.78 62.19
N TYR B 880 -17.88 -3.36 62.99
CA TYR B 880 -16.70 -2.63 63.46
C TYR B 880 -15.61 -2.55 62.39
N GLY B 881 -15.14 -3.69 61.90
CA GLY B 881 -13.95 -3.72 61.06
C GLY B 881 -14.11 -3.29 59.61
N HIS B 882 -14.77 -2.17 59.37
CA HIS B 882 -14.91 -1.58 58.05
C HIS B 882 -14.30 -0.18 58.04
N PHE B 883 -14.47 0.51 56.90
CA PHE B 883 -14.03 1.89 56.78
C PHE B 883 -15.05 2.80 57.48
N VAL B 884 -14.64 4.04 57.73
CA VAL B 884 -15.48 5.00 58.44
C VAL B 884 -16.69 5.38 57.59
N ASP B 885 -16.49 5.54 56.28
CA ASP B 885 -17.57 5.99 55.40
C ASP B 885 -18.65 4.92 55.19
N ILE B 886 -18.24 3.65 55.06
CA ILE B 886 -19.19 2.53 54.95
C ILE B 886 -20.07 2.47 56.20
N ARG B 887 -19.42 2.55 57.36
CA ARG B 887 -20.12 2.48 58.64
C ARG B 887 -21.03 3.68 58.83
N ILE B 888 -20.59 4.87 58.40
CA ILE B 888 -21.40 6.07 58.61
C ILE B 888 -22.60 6.07 57.66
N ALA B 889 -22.46 5.47 56.47
CA ALA B 889 -23.59 5.38 55.55
C ALA B 889 -24.60 4.35 56.03
N ALA B 890 -24.12 3.21 56.54
CA ALA B 890 -25.04 2.21 57.10
C ALA B 890 -25.73 2.72 58.36
N LEU B 891 -25.06 3.59 59.12
CA LEU B 891 -25.68 4.13 60.33
C LEU B 891 -26.70 5.23 59.99
N GLU B 892 -26.43 6.06 58.97
CA GLU B 892 -27.46 6.95 58.45
C GLU B 892 -28.67 6.17 57.96
N ALA B 893 -28.41 5.04 57.28
CA ALA B 893 -29.46 4.18 56.78
C ALA B 893 -30.30 3.58 57.90
N VAL B 894 -29.65 3.10 58.97
CA VAL B 894 -30.43 2.49 60.06
C VAL B 894 -31.11 3.55 60.92
N VAL B 895 -30.59 4.78 60.97
CA VAL B 895 -31.30 5.88 61.64
C VAL B 895 -32.58 6.22 60.89
N ASP B 896 -32.50 6.33 59.56
CA ASP B 896 -33.71 6.56 58.77
C ASP B 896 -34.65 5.36 58.79
N TYR B 897 -34.10 4.14 58.94
CA TYR B 897 -34.92 2.95 59.09
C TYR B 897 -35.72 2.98 60.39
N THR B 898 -35.06 3.36 61.48
CA THR B 898 -35.75 3.51 62.76
C THR B 898 -36.74 4.67 62.73
N LYS B 899 -36.49 5.68 61.88
CA LYS B 899 -37.45 6.76 61.66
C LYS B 899 -38.72 6.24 60.98
N VAL B 900 -38.56 5.62 59.80
CA VAL B 900 -39.73 5.21 59.04
C VAL B 900 -40.37 3.96 59.63
N ASP B 901 -39.63 2.86 59.70
CA ASP B 901 -40.16 1.63 60.27
C ASP B 901 -40.14 1.73 61.80
N ARG B 902 -40.87 0.82 62.45
CA ARG B 902 -41.06 0.85 63.90
C ARG B 902 -40.14 -0.15 64.60
N SER B 903 -38.89 -0.24 64.12
CA SER B 903 -37.92 -1.17 64.68
C SER B 903 -37.40 -0.63 66.00
N TYR B 904 -37.92 -1.17 67.11
CA TYR B 904 -37.45 -0.78 68.44
C TYR B 904 -36.17 -1.51 68.83
N GLU B 905 -36.02 -2.75 68.35
CA GLU B 905 -34.87 -3.58 68.74
C GLU B 905 -33.58 -3.07 68.13
N GLU B 906 -33.62 -2.62 66.87
CA GLU B 906 -32.43 -2.04 66.27
C GLU B 906 -32.11 -0.68 66.87
N LEU B 907 -33.11 0.04 67.40
CA LEU B 907 -32.82 1.24 68.17
C LEU B 907 -32.12 0.90 69.47
N GLN B 908 -32.55 -0.19 70.13
CA GLN B 908 -31.88 -0.63 71.36
C GLN B 908 -30.43 -1.02 71.09
N TRP B 909 -30.19 -1.72 69.97
CA TRP B 909 -28.83 -2.04 69.54
C TRP B 909 -28.04 -0.77 69.21
N LEU B 910 -28.70 0.22 68.61
CA LEU B 910 -28.04 1.47 68.25
C LEU B 910 -27.60 2.25 69.49
N LEU B 911 -28.47 2.30 70.51
CA LEU B 911 -28.09 2.95 71.77
C LEU B 911 -27.02 2.17 72.51
N ASN B 912 -27.07 0.82 72.44
CA ASN B 912 -26.01 0.02 73.06
C ASN B 912 -24.67 0.18 72.35
N MET B 913 -24.69 0.45 71.05
CA MET B 913 -23.44 0.70 70.34
C MET B 913 -22.98 2.14 70.52
N ILE B 914 -23.91 3.07 70.77
CA ILE B 914 -23.54 4.40 71.26
C ILE B 914 -22.77 4.28 72.58
N GLN B 915 -23.24 3.41 73.47
CA GLN B 915 -22.49 3.14 74.69
C GLN B 915 -21.17 2.41 74.40
N ASN B 916 -21.21 1.39 73.55
CA ASN B 916 -20.09 0.46 73.39
C ASN B 916 -19.55 0.47 71.97
N ASP B 917 -18.53 1.30 71.72
CA ASP B 917 -17.62 1.23 70.60
C ASP B 917 -16.43 2.16 70.89
N PRO B 918 -15.25 1.87 70.33
CA PRO B 918 -14.09 2.74 70.62
C PRO B 918 -13.97 3.97 69.72
N VAL B 919 -14.67 4.02 68.59
CA VAL B 919 -14.52 5.13 67.65
C VAL B 919 -15.45 6.28 68.06
N PRO B 920 -14.93 7.49 68.29
CA PRO B 920 -15.80 8.59 68.71
C PRO B 920 -16.65 9.18 67.60
N TYR B 921 -16.10 9.28 66.38
CA TYR B 921 -16.75 10.02 65.31
C TYR B 921 -18.02 9.34 64.81
N VAL B 922 -18.08 8.00 64.87
CA VAL B 922 -19.31 7.33 64.49
C VAL B 922 -20.42 7.58 65.52
N ARG B 923 -20.06 7.68 66.81
CA ARG B 923 -21.04 8.06 67.83
C ARG B 923 -21.51 9.50 67.62
N HIS B 924 -20.55 10.40 67.35
CA HIS B 924 -20.82 11.80 67.01
C HIS B 924 -21.84 11.92 65.88
N LYS B 925 -21.63 11.18 64.80
CA LYS B 925 -22.52 11.35 63.65
C LYS B 925 -23.82 10.57 63.78
N ILE B 926 -23.83 9.45 64.54
CA ILE B 926 -25.08 8.81 64.94
C ILE B 926 -25.96 9.80 65.70
N LEU B 927 -25.40 10.48 66.71
CA LEU B 927 -26.19 11.44 67.47
C LEU B 927 -26.58 12.65 66.65
N ASN B 928 -25.67 13.09 65.76
CA ASN B 928 -25.91 14.25 64.90
C ASN B 928 -27.07 14.00 63.95
N MET B 929 -26.98 12.97 63.12
CA MET B 929 -28.05 12.72 62.17
C MET B 929 -29.18 11.88 62.74
N LEU B 930 -29.10 11.48 64.01
CA LEU B 930 -30.28 11.00 64.73
C LEU B 930 -31.11 12.18 65.21
N THR B 931 -30.44 13.28 65.57
CA THR B 931 -31.14 14.53 65.85
C THR B 931 -31.69 15.14 64.55
N LYS B 932 -30.92 15.06 63.47
CA LYS B 932 -31.37 15.57 62.17
C LYS B 932 -32.51 14.74 61.59
N ASN B 933 -32.48 13.41 61.77
CA ASN B 933 -33.50 12.51 61.28
C ASN B 933 -34.09 11.75 62.45
N PRO B 934 -35.10 12.30 63.13
CA PRO B 934 -35.54 11.72 64.40
C PRO B 934 -36.65 10.70 64.21
N PRO B 935 -36.55 9.55 64.88
CA PRO B 935 -37.75 8.76 65.19
C PRO B 935 -38.36 9.25 66.51
N PHE B 936 -39.50 8.68 66.92
CA PHE B 936 -40.10 8.90 68.24
C PHE B 936 -40.44 10.37 68.47
N THR B 937 -40.99 11.01 67.43
CA THR B 937 -41.09 12.46 67.32
C THR B 937 -42.02 13.03 68.40
N LYS B 938 -41.65 14.19 68.94
CA LYS B 938 -42.35 14.83 70.05
C LYS B 938 -43.80 15.14 69.72
N ASN B 939 -44.70 14.73 70.63
CA ASN B 939 -46.15 14.89 70.53
C ASN B 939 -46.73 14.19 69.30
N MET B 940 -46.04 13.15 68.83
CA MET B 940 -46.50 12.25 67.78
C MET B 940 -46.23 10.81 68.20
N GLU B 941 -46.23 10.55 69.50
CA GLU B 941 -45.63 9.35 70.09
C GLU B 941 -46.56 8.16 69.90
N SER B 942 -46.48 7.55 68.73
CA SER B 942 -47.00 6.19 68.51
C SER B 942 -46.06 5.04 68.93
N PRO B 943 -44.74 5.04 68.73
CA PRO B 943 -43.96 3.86 69.16
C PRO B 943 -43.59 3.82 70.64
N LEU B 944 -44.21 4.65 71.48
CA LEU B 944 -44.23 4.52 72.94
C LEU B 944 -42.82 4.57 73.57
N CYS B 945 -42.24 5.77 73.48
CA CYS B 945 -40.96 6.05 74.16
C CYS B 945 -41.11 6.00 75.69
N ASN B 946 -42.32 6.24 76.21
CA ASN B 946 -42.55 6.37 77.65
C ASN B 946 -42.31 5.09 78.44
N GLU B 947 -42.27 3.93 77.80
CA GLU B 947 -42.20 2.65 78.50
C GLU B 947 -40.91 2.47 79.30
N ALA B 948 -39.77 2.39 78.62
CA ALA B 948 -38.48 2.39 79.28
C ALA B 948 -37.40 3.15 78.52
N LEU B 949 -37.73 3.77 77.40
CA LEU B 949 -36.70 4.44 76.60
C LEU B 949 -36.33 5.80 77.19
N VAL B 950 -37.27 6.47 77.84
CA VAL B 950 -36.98 7.71 78.57
C VAL B 950 -35.99 7.43 79.70
N ASP B 951 -36.17 6.30 80.40
CA ASP B 951 -35.28 5.93 81.49
C ASP B 951 -33.87 5.62 81.00
N GLN B 952 -33.78 4.83 79.91
CA GLN B 952 -32.47 4.47 79.38
C GLN B 952 -31.76 5.66 78.74
N LEU B 953 -32.50 6.58 78.11
CA LEU B 953 -31.87 7.79 77.60
C LEU B 953 -31.42 8.71 78.73
N TRP B 954 -32.19 8.78 79.82
CA TRP B 954 -31.76 9.55 80.99
C TRP B 954 -30.51 8.94 81.63
N LYS B 955 -30.43 7.61 81.64
CA LYS B 955 -29.21 6.93 82.11
C LYS B 955 -28.02 7.23 81.20
N LEU B 956 -28.22 7.14 79.88
CA LEU B 956 -27.15 7.42 78.92
C LEU B 956 -26.73 8.88 78.91
N MET B 957 -27.59 9.80 79.36
CA MET B 957 -27.12 11.15 79.64
C MET B 957 -26.32 11.20 80.92
N ASN B 958 -26.79 10.52 81.96
CA ASN B 958 -26.09 10.55 83.24
C ASN B 958 -24.86 9.64 83.24
N SER B 959 -25.08 8.33 83.12
CA SER B 959 -23.99 7.36 83.20
C SER B 959 -23.52 6.94 81.81
N GLY B 960 -22.32 6.35 81.77
CA GLY B 960 -21.75 5.83 80.54
C GLY B 960 -21.34 6.86 79.51
N THR B 961 -21.33 8.15 79.87
CA THR B 961 -21.06 9.21 78.92
C THR B 961 -20.03 10.17 79.52
N SER B 962 -19.24 9.70 80.47
CA SER B 962 -18.10 10.45 80.97
C SER B 962 -16.89 10.38 80.04
N HIS B 963 -17.02 9.72 78.88
CA HIS B 963 -15.93 9.62 77.93
C HIS B 963 -15.64 10.97 77.29
N ASP B 964 -16.61 11.51 76.57
CA ASP B 964 -16.47 12.79 75.89
C ASP B 964 -17.62 13.69 76.28
N TRP B 965 -17.37 15.00 76.18
CA TRP B 965 -18.41 15.99 76.46
C TRP B 965 -19.47 15.98 75.36
N ARG B 966 -19.05 15.80 74.11
CA ARG B 966 -19.93 15.99 72.97
C ARG B 966 -20.97 14.88 72.84
N LEU B 967 -20.73 13.73 73.45
CA LEU B 967 -21.71 12.65 73.36
C LEU B 967 -22.93 12.95 74.22
N ARG B 968 -22.72 13.46 75.43
CA ARG B 968 -23.87 13.94 76.18
C ARG B 968 -24.38 15.27 75.67
N CYS B 969 -23.58 16.03 74.90
CA CYS B 969 -24.14 17.17 74.18
C CYS B 969 -25.13 16.73 73.11
N GLY B 970 -24.78 15.68 72.36
CA GLY B 970 -25.72 15.10 71.42
C GLY B 970 -26.93 14.47 72.07
N ALA B 971 -26.76 13.96 73.29
CA ALA B 971 -27.90 13.46 74.05
C ALA B 971 -28.80 14.60 74.56
N VAL B 972 -28.21 15.75 74.89
CA VAL B 972 -28.98 16.97 75.15
C VAL B 972 -29.77 17.38 73.91
N ASP B 973 -29.16 17.23 72.72
CA ASP B 973 -29.87 17.48 71.47
C ASP B 973 -31.00 16.46 71.26
N LEU B 974 -30.79 15.22 71.70
CA LEU B 974 -31.84 14.20 71.64
C LEU B 974 -33.03 14.59 72.51
N TYR B 975 -32.78 15.01 73.76
CA TYR B 975 -33.91 15.48 74.54
C TYR B 975 -34.43 16.86 74.11
N PHE B 976 -33.69 17.60 73.28
CA PHE B 976 -34.30 18.75 72.62
C PHE B 976 -35.36 18.31 71.63
N THR B 977 -35.01 17.34 70.79
CA THR B 977 -35.98 16.80 69.85
C THR B 977 -37.06 16.00 70.57
N LEU B 978 -36.65 15.03 71.37
CA LEU B 978 -37.59 14.14 72.05
C LEU B 978 -38.05 14.79 73.35
N PHE B 979 -39.34 15.15 73.42
CA PHE B 979 -40.07 15.70 74.59
C PHE B 979 -39.30 16.83 75.29
N GLY B 980 -39.13 17.92 74.55
CA GLY B 980 -38.20 18.95 74.97
C GLY B 980 -38.53 19.80 76.19
N LEU B 981 -39.47 20.73 76.07
CA LEU B 981 -39.78 21.65 77.18
C LEU B 981 -40.98 21.20 77.99
N SER B 982 -41.00 19.94 78.43
CA SER B 982 -42.13 19.40 79.19
C SER B 982 -41.71 18.09 79.83
N ARG B 983 -42.61 17.56 80.66
CA ARG B 983 -42.53 16.16 81.06
C ARG B 983 -42.77 15.27 79.84
N PRO B 984 -42.22 14.04 79.85
CA PRO B 984 -42.44 13.14 78.70
C PRO B 984 -43.78 12.43 78.69
N SER B 985 -44.74 12.90 79.51
CA SER B 985 -46.07 12.31 79.70
C SER B 985 -45.96 10.85 80.16
N CYS B 986 -45.13 10.64 81.17
CA CYS B 986 -45.02 9.35 81.85
C CYS B 986 -45.84 9.34 83.14
N LEU B 987 -45.54 10.26 84.05
CA LEU B 987 -46.28 10.39 85.30
C LEU B 987 -46.52 11.87 85.61
N GLU C 810 30.00 -57.95 -86.83
CA GLU C 810 31.37 -58.25 -87.24
C GLU C 810 32.33 -57.14 -86.78
N THR C 811 33.01 -57.41 -85.66
CA THR C 811 33.98 -56.51 -85.00
C THR C 811 33.35 -55.15 -84.71
N PHE C 812 32.35 -55.17 -83.83
CA PHE C 812 31.70 -53.95 -83.39
C PHE C 812 32.66 -53.10 -82.56
N LEU C 813 33.14 -53.64 -81.45
CA LEU C 813 34.16 -52.98 -80.66
C LEU C 813 35.52 -53.14 -81.32
N LEU C 814 36.50 -52.36 -80.87
CA LEU C 814 37.87 -52.52 -81.33
C LEU C 814 38.47 -53.71 -80.60
N GLN C 815 38.81 -54.76 -81.35
CA GLN C 815 39.17 -56.04 -80.74
C GLN C 815 40.56 -56.00 -80.10
N ALA C 816 41.53 -55.35 -80.76
CA ALA C 816 42.90 -55.40 -80.26
C ALA C 816 43.15 -54.63 -78.96
N PRO C 817 42.79 -53.32 -78.83
CA PRO C 817 43.12 -52.67 -77.54
C PRO C 817 42.24 -53.13 -76.39
N LEU C 818 40.96 -53.43 -76.66
CA LEU C 818 40.09 -53.96 -75.62
C LEU C 818 40.54 -55.37 -75.20
N GLN C 819 40.99 -56.18 -76.15
CA GLN C 819 41.50 -57.51 -75.83
C GLN C 819 42.80 -57.41 -75.02
N ARG C 820 43.65 -56.43 -75.34
CA ARG C 820 44.85 -56.20 -74.54
C ARG C 820 44.49 -55.76 -73.12
N ARG C 821 43.47 -54.92 -72.97
CA ARG C 821 43.06 -54.49 -71.62
C ARG C 821 42.40 -55.62 -70.84
N ILE C 822 41.65 -56.49 -71.52
CA ILE C 822 41.05 -57.67 -70.87
C ILE C 822 42.14 -58.61 -70.38
N LEU C 823 43.13 -58.91 -71.24
CA LEU C 823 44.24 -59.75 -70.83
C LEU C 823 45.09 -59.09 -69.74
N GLU C 824 45.21 -57.76 -69.77
CA GLU C 824 45.94 -57.02 -68.73
C GLU C 824 45.28 -57.18 -67.38
N ILE C 825 43.98 -56.86 -67.30
CA ILE C 825 43.25 -56.95 -66.03
C ILE C 825 43.12 -58.41 -65.58
N GLY C 826 43.09 -59.36 -66.51
CA GLY C 826 43.09 -60.76 -66.14
C GLY C 826 44.42 -61.23 -65.56
N LYS C 827 45.53 -60.80 -66.17
CA LYS C 827 46.85 -61.16 -65.63
C LYS C 827 47.13 -60.46 -64.31
N LYS C 828 46.52 -59.29 -64.07
CA LYS C 828 46.60 -58.71 -62.74
C LYS C 828 45.78 -59.50 -61.71
N HIS C 829 44.81 -60.29 -62.14
CA HIS C 829 44.00 -61.09 -61.24
C HIS C 829 44.15 -62.59 -61.48
N GLY C 830 45.09 -63.01 -62.31
CA GLY C 830 45.40 -64.42 -62.45
C GLY C 830 44.85 -65.13 -63.67
N ILE C 831 44.43 -64.41 -64.70
CA ILE C 831 43.86 -65.01 -65.90
C ILE C 831 44.83 -64.77 -67.05
N THR C 832 45.42 -65.85 -67.56
CA THR C 832 46.46 -65.73 -68.59
C THR C 832 45.84 -65.45 -69.96
N GLU C 833 44.90 -66.27 -70.40
CA GLU C 833 44.43 -66.25 -71.77
C GLU C 833 42.92 -65.99 -71.83
N LEU C 834 42.39 -66.04 -73.05
CA LEU C 834 40.96 -65.97 -73.32
C LEU C 834 40.64 -66.86 -74.52
N HIS C 835 39.46 -66.71 -75.08
CA HIS C 835 39.07 -67.40 -76.29
C HIS C 835 38.48 -66.35 -77.23
N PRO C 836 38.91 -66.32 -78.52
CA PRO C 836 38.68 -65.13 -79.36
C PRO C 836 37.24 -64.82 -79.75
N ASP C 837 36.51 -65.81 -80.28
CA ASP C 837 35.13 -65.56 -80.66
C ASP C 837 34.20 -65.42 -79.47
N VAL C 838 34.63 -65.88 -78.29
CA VAL C 838 33.92 -65.57 -77.05
C VAL C 838 33.96 -64.08 -76.77
N VAL C 839 35.14 -63.46 -76.96
CA VAL C 839 35.26 -62.02 -76.78
C VAL C 839 34.56 -61.27 -77.92
N SER C 840 34.50 -61.88 -79.10
CA SER C 840 33.68 -61.31 -80.18
C SER C 840 32.19 -61.35 -79.82
N TYR C 841 31.75 -62.40 -79.13
CA TYR C 841 30.38 -62.44 -78.65
C TYR C 841 30.16 -61.50 -77.46
N VAL C 842 31.21 -61.20 -76.70
CA VAL C 842 31.14 -60.15 -75.69
C VAL C 842 30.92 -58.80 -76.37
N SER C 843 31.61 -58.57 -77.49
CA SER C 843 31.36 -57.36 -78.28
C SER C 843 29.96 -57.35 -78.87
N HIS C 844 29.44 -58.53 -79.24
CA HIS C 844 28.06 -58.62 -79.74
C HIS C 844 27.05 -58.35 -78.62
N ALA C 845 27.34 -58.79 -77.40
CA ALA C 845 26.47 -58.48 -76.26
C ALA C 845 26.57 -57.01 -75.88
N THR C 846 27.73 -56.39 -76.11
CA THR C 846 27.86 -54.94 -75.95
C THR C 846 27.01 -54.22 -77.00
N GLN C 847 26.98 -54.76 -78.22
CA GLN C 847 26.07 -54.24 -79.24
C GLN C 847 24.60 -54.44 -78.87
N GLN C 848 24.30 -55.53 -78.15
CA GLN C 848 22.94 -55.72 -77.64
C GLN C 848 22.60 -54.73 -76.53
N ARG C 849 23.58 -54.41 -75.69
CA ARG C 849 23.39 -53.38 -74.66
C ARG C 849 23.16 -52.02 -75.30
N LEU C 850 23.94 -51.71 -76.35
CA LEU C 850 23.70 -50.49 -77.12
C LEU C 850 22.36 -50.54 -77.84
N GLN C 851 21.89 -51.73 -78.23
CA GLN C 851 20.58 -51.85 -78.85
C GLN C 851 19.46 -51.58 -77.86
N ASN C 852 19.64 -52.00 -76.60
CA ASN C 852 18.67 -51.65 -75.56
C ASN C 852 18.71 -50.16 -75.26
N LEU C 853 19.91 -49.57 -75.28
CA LEU C 853 20.02 -48.11 -75.14
C LEU C 853 19.33 -47.38 -76.27
N VAL C 854 19.43 -47.90 -77.50
CA VAL C 854 18.75 -47.30 -78.64
C VAL C 854 17.24 -47.56 -78.58
N GLU C 855 16.81 -48.66 -77.95
CA GLU C 855 15.39 -48.84 -77.64
C GLU C 855 14.89 -47.75 -76.69
N LYS C 856 15.70 -47.43 -75.68
CA LYS C 856 15.38 -46.31 -74.80
C LYS C 856 15.41 -44.97 -75.54
N ILE C 857 16.31 -44.83 -76.51
CA ILE C 857 16.38 -43.62 -77.34
C ILE C 857 15.14 -43.50 -78.22
N SER C 858 14.64 -44.62 -78.74
CA SER C 858 13.42 -44.60 -79.53
C SER C 858 12.20 -44.32 -78.66
N GLU C 859 12.23 -44.78 -77.40
CA GLU C 859 11.19 -44.43 -76.44
C GLU C 859 11.21 -42.93 -76.14
N THR C 860 12.39 -42.35 -75.97
CA THR C 860 12.47 -40.89 -75.79
C THR C 860 12.18 -40.13 -77.08
N ALA C 861 12.32 -40.77 -78.24
CA ALA C 861 11.90 -40.14 -79.49
C ALA C 861 10.39 -40.15 -79.62
N GLN C 862 9.73 -41.20 -79.10
CA GLN C 862 8.28 -41.15 -78.96
C GLN C 862 7.85 -40.13 -77.91
N GLN C 863 8.69 -39.91 -76.90
CA GLN C 863 8.47 -38.79 -75.98
C GLN C 863 8.58 -37.45 -76.69
N LYS C 864 9.49 -37.35 -77.66
CA LYS C 864 9.57 -36.17 -78.52
C LYS C 864 8.37 -36.05 -79.44
N ASN C 865 7.66 -37.16 -79.71
CA ASN C 865 6.50 -37.18 -80.59
C ASN C 865 5.19 -36.92 -79.84
N PHE C 866 5.25 -36.21 -78.71
CA PHE C 866 4.05 -35.88 -77.94
C PHE C 866 3.20 -34.89 -78.71
N SER C 867 2.07 -35.35 -79.25
CA SER C 867 1.18 -34.53 -80.06
C SER C 867 0.19 -33.83 -79.14
N TYR C 868 0.55 -32.63 -78.69
CA TYR C 868 -0.33 -31.84 -77.85
C TYR C 868 -1.39 -31.09 -78.62
N LYS C 869 -1.28 -31.04 -79.95
CA LYS C 869 -2.29 -30.43 -80.81
C LYS C 869 -3.17 -31.47 -81.50
N ASP C 870 -3.27 -32.67 -80.92
CA ASP C 870 -4.08 -33.74 -81.47
C ASP C 870 -5.53 -33.56 -81.02
N ASP C 871 -6.36 -34.59 -81.19
CA ASP C 871 -7.77 -34.55 -80.82
C ASP C 871 -7.90 -34.65 -79.30
N ASP C 872 -7.59 -33.53 -78.63
CA ASP C 872 -7.58 -33.46 -77.18
C ASP C 872 -8.90 -32.92 -76.64
N ARG C 873 -9.98 -33.61 -77.01
CA ARG C 873 -11.29 -33.26 -76.46
C ARG C 873 -11.45 -33.71 -75.02
N TYR C 874 -10.66 -34.69 -74.57
CA TYR C 874 -10.75 -35.16 -73.19
C TYR C 874 -9.94 -34.28 -72.25
N GLU C 875 -8.64 -34.15 -72.50
CA GLU C 875 -7.73 -33.45 -71.62
C GLU C 875 -7.42 -32.05 -72.15
N GLN C 876 -7.06 -31.15 -71.24
CA GLN C 876 -6.76 -29.77 -71.62
C GLN C 876 -5.30 -29.59 -71.99
N ALA C 877 -4.39 -30.22 -71.22
CA ALA C 877 -2.93 -30.17 -71.41
C ALA C 877 -2.41 -28.73 -71.37
N SER C 878 -3.00 -27.90 -70.52
CA SER C 878 -2.63 -26.48 -70.43
C SER C 878 -2.52 -26.01 -68.99
N ASP C 879 -2.37 -24.69 -68.84
CA ASP C 879 -2.52 -23.94 -67.59
C ASP C 879 -1.43 -24.29 -66.57
N VAL C 880 -0.24 -24.67 -67.02
CA VAL C 880 0.92 -24.70 -66.14
C VAL C 880 2.00 -23.80 -66.75
N ARG C 881 2.47 -24.15 -67.96
CA ARG C 881 3.31 -23.24 -68.73
C ARG C 881 2.50 -22.08 -69.31
N ALA C 882 1.20 -22.28 -69.53
CA ALA C 882 0.31 -21.15 -69.78
C ALA C 882 0.17 -20.28 -68.53
N GLN C 883 0.06 -20.92 -67.36
CA GLN C 883 0.09 -20.18 -66.10
C GLN C 883 1.45 -19.58 -65.83
N LEU C 884 2.53 -20.25 -66.23
CA LEU C 884 3.86 -19.67 -66.12
C LEU C 884 4.04 -18.49 -67.08
N LYS C 885 3.40 -18.54 -68.26
CA LYS C 885 3.48 -17.41 -69.17
C LYS C 885 2.63 -16.24 -68.70
N PHE C 886 1.50 -16.52 -68.03
CA PHE C 886 0.75 -15.44 -67.39
C PHE C 886 1.51 -14.85 -66.21
N PHE C 887 2.25 -15.70 -65.47
CA PHE C 887 3.16 -15.22 -64.44
C PHE C 887 4.30 -14.39 -65.03
N GLU C 888 4.78 -14.78 -66.21
CA GLU C 888 5.80 -13.99 -66.89
C GLU C 888 5.24 -12.67 -67.41
N GLN C 889 3.97 -12.64 -67.77
CA GLN C 889 3.33 -11.39 -68.17
C GLN C 889 3.14 -10.47 -66.96
N LEU C 890 2.80 -11.05 -65.80
CA LEU C 890 2.73 -10.27 -64.57
C LEU C 890 4.11 -9.76 -64.16
N ASP C 891 5.15 -10.59 -64.32
CA ASP C 891 6.51 -10.15 -64.05
C ASP C 891 6.98 -9.13 -65.07
N GLN C 892 6.48 -9.19 -66.30
CA GLN C 892 6.80 -8.18 -67.29
C GLN C 892 6.10 -6.86 -66.97
N ILE C 893 4.89 -6.93 -66.42
CA ILE C 893 4.21 -5.73 -65.94
C ILE C 893 4.96 -5.12 -64.76
N GLU C 894 5.46 -5.98 -63.86
CA GLU C 894 6.25 -5.51 -62.73
C GLU C 894 7.60 -4.96 -63.18
N LYS C 895 8.21 -5.53 -64.23
CA LYS C 895 9.46 -5.01 -64.75
C LYS C 895 9.25 -3.72 -65.52
N GLN C 896 8.12 -3.58 -66.20
CA GLN C 896 7.76 -2.31 -66.83
C GLN C 896 7.49 -1.25 -65.77
N ARG C 897 6.88 -1.63 -64.65
CA ARG C 897 6.70 -0.72 -63.54
C ARG C 897 8.03 -0.34 -62.88
N LYS C 898 8.98 -1.28 -62.82
CA LYS C 898 10.30 -0.97 -62.27
C LYS C 898 11.09 -0.07 -63.20
N ASP C 899 11.00 -0.29 -64.51
CA ASP C 899 11.64 0.60 -65.48
C ASP C 899 10.97 1.97 -65.50
N GLU C 900 9.64 2.02 -65.30
CA GLU C 900 8.96 3.29 -65.17
C GLU C 900 9.32 4.01 -63.88
N GLN C 901 9.60 3.26 -62.81
CA GLN C 901 10.05 3.87 -61.57
C GLN C 901 11.48 4.40 -61.71
N GLU C 902 12.32 3.69 -62.46
CA GLU C 902 13.67 4.18 -62.75
C GLU C 902 13.62 5.43 -63.62
N ARG C 903 12.73 5.44 -64.62
CA ARG C 903 12.54 6.63 -65.45
C ARG C 903 11.91 7.77 -64.66
N GLU C 904 11.08 7.46 -63.67
CA GLU C 904 10.51 8.50 -62.82
C GLU C 904 11.55 9.08 -61.88
N ILE C 905 12.48 8.25 -61.41
CA ILE C 905 13.60 8.76 -60.61
C ILE C 905 14.52 9.62 -61.48
N LEU C 906 14.73 9.22 -62.74
CA LEU C 906 15.52 10.03 -63.66
C LEU C 906 14.81 11.35 -64.00
N MET C 907 13.49 11.34 -64.09
CA MET C 907 12.74 12.56 -64.34
C MET C 907 12.68 13.47 -63.12
N ARG C 908 12.65 12.88 -61.92
CA ARG C 908 12.74 13.67 -60.69
C ARG C 908 14.13 14.28 -60.53
N ALA C 909 15.16 13.58 -61.00
CA ALA C 909 16.48 14.18 -61.12
C ALA C 909 16.47 15.29 -62.16
N ALA C 910 15.72 15.09 -63.25
CA ALA C 910 15.55 16.15 -64.25
C ALA C 910 14.64 17.26 -63.77
N LYS C 911 13.74 16.98 -62.82
CA LYS C 911 12.83 17.99 -62.29
C LYS C 911 13.56 18.95 -61.36
N LEU C 922 28.22 16.77 -57.10
CA LEU C 922 27.35 15.63 -57.34
C LEU C 922 26.18 16.00 -58.25
N ARG C 923 25.67 17.23 -58.07
CA ARG C 923 24.61 17.72 -58.93
C ARG C 923 25.10 17.95 -60.35
N LEU C 924 26.32 18.48 -60.50
CA LEU C 924 26.90 18.72 -61.81
C LEU C 924 27.19 17.41 -62.54
N LYS C 925 27.66 16.39 -61.80
CA LYS C 925 27.93 15.08 -62.40
C LYS C 925 26.65 14.41 -62.88
N GLN C 926 25.57 14.53 -62.10
CA GLN C 926 24.28 13.98 -62.51
C GLN C 926 23.72 14.70 -63.73
N LYS C 927 23.88 16.02 -63.79
CA LYS C 927 23.43 16.79 -64.94
C LYS C 927 24.24 16.46 -66.19
N ALA C 928 25.55 16.25 -66.03
CA ALA C 928 26.41 15.87 -67.16
C ALA C 928 26.05 14.47 -67.67
N LYS C 929 25.73 13.55 -66.76
CA LYS C 929 25.31 12.21 -67.17
C LYS C 929 23.97 12.24 -67.92
N GLU C 930 23.06 13.10 -67.48
CA GLU C 930 21.78 13.26 -68.17
C GLU C 930 21.97 13.86 -69.57
N MET C 931 22.89 14.82 -69.69
CA MET C 931 23.19 15.42 -70.99
C MET C 931 23.83 14.41 -71.94
N GLN C 932 24.71 13.55 -71.40
CA GLN C 932 25.32 12.50 -72.21
C GLN C 932 24.29 11.47 -72.67
N GLN C 933 23.33 11.14 -71.81
CA GLN C 933 22.26 10.22 -72.17
C GLN C 933 21.35 10.81 -73.26
N GLN C 934 21.08 12.12 -73.16
CA GLN C 934 20.27 12.80 -74.17
C GLN C 934 21.00 12.85 -75.51
N GLU C 935 22.32 13.06 -75.49
CA GLU C 935 23.11 13.05 -76.72
C GLU C 935 23.14 11.67 -77.36
N LEU C 936 23.22 10.62 -76.54
CA LEU C 936 23.19 9.24 -77.04
C LEU C 936 21.83 8.91 -77.66
N ALA C 937 20.75 9.40 -77.05
CA ALA C 937 19.41 9.19 -77.60
C ALA C 937 19.22 9.92 -78.92
N GLN C 938 19.79 11.13 -79.04
CA GLN C 938 19.73 11.88 -80.29
C GLN C 938 20.53 11.19 -81.40
N MET C 939 21.68 10.61 -81.04
CA MET C 939 22.48 9.87 -82.01
C MET C 939 21.77 8.61 -82.49
N ARG C 940 21.07 7.93 -81.57
CA ARG C 940 20.29 6.74 -81.93
C ARG C 940 19.13 7.11 -82.84
N GLN C 941 18.48 8.25 -82.58
CA GLN C 941 17.38 8.71 -83.42
C GLN C 941 17.87 9.07 -84.82
N ARG C 942 19.07 9.68 -84.91
CA ARG C 942 19.65 10.01 -86.20
C ARG C 942 20.00 8.75 -87.01
N ASP C 943 20.51 7.72 -86.32
CA ASP C 943 20.80 6.45 -86.98
C ASP C 943 19.53 5.75 -87.45
N ALA C 944 18.48 5.78 -86.63
CA ALA C 944 17.21 5.16 -87.01
C ALA C 944 16.56 5.86 -88.19
N ASN C 945 16.63 7.19 -88.22
CA ASN C 945 16.13 7.96 -89.36
C ASN C 945 16.93 7.68 -90.62
N LEU C 946 18.24 7.42 -90.46
CA LEU C 946 19.11 7.13 -91.59
C LEU C 946 18.72 5.81 -92.27
N THR C 947 18.43 4.78 -91.47
CA THR C 947 18.06 3.49 -92.03
C THR C 947 16.62 3.51 -92.55
N ASP D 210 53.42 -57.88 -36.96
CA ASP D 210 52.52 -58.72 -36.17
C ASP D 210 51.50 -57.83 -35.46
N PRO D 211 50.22 -57.95 -35.85
CA PRO D 211 49.19 -57.13 -35.19
C PRO D 211 48.91 -57.53 -33.75
N THR D 212 49.14 -58.79 -33.38
CA THR D 212 48.89 -59.22 -32.00
C THR D 212 49.95 -58.64 -31.05
N MET D 213 51.19 -58.54 -31.52
CA MET D 213 52.22 -57.83 -30.76
C MET D 213 51.85 -56.36 -30.60
N TYR D 214 51.22 -55.77 -31.62
CA TYR D 214 50.72 -54.41 -31.50
C TYR D 214 49.56 -54.31 -30.52
N GLU D 215 48.78 -55.40 -30.37
CA GLU D 215 47.72 -55.43 -29.36
C GLU D 215 48.31 -55.42 -27.96
N GLU D 216 49.35 -56.23 -27.71
CA GLU D 216 50.00 -56.15 -26.40
C GLU D 216 50.76 -54.84 -26.21
N TYR D 217 51.21 -54.20 -27.30
CA TYR D 217 51.80 -52.87 -27.20
C TYR D 217 50.76 -51.83 -26.79
N TYR D 218 49.54 -51.93 -27.34
CA TYR D 218 48.44 -51.07 -26.91
C TYR D 218 48.07 -51.34 -25.46
N SER D 219 48.14 -52.60 -25.02
CA SER D 219 47.87 -52.94 -23.62
C SER D 219 48.90 -52.30 -22.69
N GLY D 220 50.18 -52.38 -23.08
CA GLY D 220 51.23 -51.77 -22.27
C GLY D 220 51.16 -50.26 -22.25
N LEU D 221 50.84 -49.65 -23.39
CA LEU D 221 50.69 -48.19 -23.44
C LEU D 221 49.46 -47.73 -22.68
N LYS D 222 48.38 -48.51 -22.71
CA LYS D 222 47.19 -48.20 -21.93
C LYS D 222 47.47 -48.25 -20.44
N HIS D 223 48.18 -49.28 -19.98
CA HIS D 223 48.55 -49.34 -18.57
C HIS D 223 49.58 -48.27 -18.19
N PHE D 224 50.43 -47.85 -19.14
CA PHE D 224 51.38 -46.79 -18.88
C PHE D 224 50.71 -45.44 -18.72
N ILE D 225 49.70 -45.16 -19.56
CA ILE D 225 48.96 -43.91 -19.40
C ILE D 225 48.06 -43.97 -18.16
N GLU D 226 47.60 -45.17 -17.79
CA GLU D 226 46.93 -45.34 -16.51
C GLU D 226 47.88 -45.19 -15.33
N CYS D 227 49.19 -45.39 -15.53
CA CYS D 227 50.19 -45.14 -14.50
C CYS D 227 50.78 -43.73 -14.56
N SER D 228 50.03 -42.77 -15.09
CA SER D 228 50.47 -41.39 -15.15
C SER D 228 49.90 -40.62 -13.95
N LEU D 229 50.10 -39.31 -13.97
CA LEU D 229 49.66 -38.44 -12.88
C LEU D 229 48.23 -37.95 -13.16
N ASP D 230 47.80 -36.93 -12.41
CA ASP D 230 46.41 -36.49 -12.47
C ASP D 230 46.11 -35.75 -13.78
N CYS D 231 46.83 -34.66 -14.04
CA CYS D 231 46.58 -33.85 -15.23
C CYS D 231 46.96 -34.59 -16.51
N HIS D 232 47.98 -35.46 -16.43
CA HIS D 232 48.39 -36.26 -17.59
C HIS D 232 47.29 -37.21 -18.03
N ARG D 233 46.74 -37.99 -17.09
CA ARG D 233 45.63 -38.88 -17.42
C ARG D 233 44.36 -38.11 -17.79
N ALA D 234 44.14 -36.96 -17.15
CA ALA D 234 42.98 -36.14 -17.45
C ALA D 234 43.04 -35.53 -18.85
N GLU D 235 44.25 -35.33 -19.38
CA GLU D 235 44.39 -34.80 -20.74
C GLU D 235 44.74 -35.88 -21.77
N LEU D 236 44.96 -37.13 -21.38
CA LEU D 236 45.15 -38.19 -22.36
C LEU D 236 44.01 -39.23 -22.32
N SER D 237 42.96 -38.96 -21.53
CA SER D 237 41.70 -39.67 -21.70
C SER D 237 41.15 -39.50 -23.12
N GLN D 238 41.41 -38.35 -23.74
CA GLN D 238 41.14 -38.17 -25.16
C GLN D 238 42.11 -38.94 -26.05
N LEU D 239 43.29 -39.35 -25.55
CA LEU D 239 44.17 -40.20 -26.36
C LEU D 239 43.75 -41.66 -26.31
N PHE D 240 43.02 -42.06 -25.26
CA PHE D 240 42.64 -43.47 -25.11
C PHE D 240 41.76 -43.98 -26.25
N TYR D 241 40.83 -43.15 -26.75
CA TYR D 241 39.83 -43.66 -27.71
C TYR D 241 40.37 -43.83 -29.14
N PRO D 242 40.87 -42.79 -29.84
CA PRO D 242 41.09 -42.95 -31.28
C PRO D 242 42.30 -43.78 -31.63
N LEU D 243 43.22 -43.98 -30.67
CA LEU D 243 44.28 -44.96 -30.85
C LEU D 243 43.70 -46.36 -30.99
N PHE D 244 42.78 -46.73 -30.10
CA PHE D 244 42.07 -48.00 -30.19
C PHE D 244 41.26 -48.10 -31.48
N VAL D 245 40.66 -46.99 -31.90
CA VAL D 245 39.85 -46.99 -33.13
C VAL D 245 40.72 -47.24 -34.35
N HIS D 246 41.87 -46.56 -34.44
CA HIS D 246 42.75 -46.73 -35.58
C HIS D 246 43.44 -48.10 -35.57
N MET D 247 43.71 -48.64 -34.38
CA MET D 247 44.28 -50.00 -34.34
C MET D 247 43.25 -51.05 -34.75
N TYR D 248 41.98 -50.85 -34.40
CA TYR D 248 40.97 -51.79 -34.87
C TYR D 248 40.73 -51.62 -36.38
N LEU D 249 40.91 -50.40 -36.90
CA LEU D 249 40.93 -50.21 -38.35
C LEU D 249 42.05 -50.99 -39.01
N GLU D 250 43.25 -50.94 -38.42
CA GLU D 250 44.38 -51.71 -38.95
C GLU D 250 44.14 -53.21 -38.87
N LEU D 251 43.44 -53.67 -37.82
CA LEU D 251 43.08 -55.07 -37.69
C LEU D 251 42.09 -55.50 -38.76
N VAL D 252 41.08 -54.67 -39.04
CA VAL D 252 40.13 -54.98 -40.11
C VAL D 252 40.79 -54.92 -41.48
N TYR D 253 41.70 -53.96 -41.69
CA TYR D 253 42.40 -53.82 -42.97
C TYR D 253 43.36 -54.98 -43.21
N ASN D 254 43.95 -55.53 -42.15
CA ASN D 254 44.75 -56.74 -42.27
C ASN D 254 43.89 -58.00 -42.41
N GLN D 255 42.58 -57.90 -42.17
CA GLN D 255 41.60 -58.97 -42.37
C GLN D 255 41.89 -60.19 -41.49
N HIS D 256 42.09 -59.94 -40.19
CA HIS D 256 42.22 -60.97 -39.18
C HIS D 256 40.98 -60.89 -38.30
N GLU D 257 40.07 -61.86 -38.44
CA GLU D 257 38.73 -61.74 -37.88
C GLU D 257 38.72 -61.97 -36.38
N ASN D 258 39.16 -63.16 -35.94
CA ASN D 258 38.98 -63.55 -34.55
C ASN D 258 39.94 -62.80 -33.61
N GLU D 259 41.11 -62.41 -34.11
CA GLU D 259 42.04 -61.61 -33.30
C GLU D 259 41.46 -60.23 -33.01
N ALA D 260 40.93 -59.57 -34.04
CA ALA D 260 40.25 -58.30 -33.86
C ALA D 260 38.99 -58.44 -33.01
N LYS D 261 38.30 -59.58 -33.13
CA LYS D 261 37.11 -59.84 -32.32
C LYS D 261 37.46 -59.94 -30.84
N SER D 262 38.50 -60.72 -30.51
CA SER D 262 38.92 -60.86 -29.12
C SER D 262 39.48 -59.55 -28.57
N PHE D 263 40.18 -58.78 -29.41
CA PHE D 263 40.74 -57.51 -28.96
C PHE D 263 39.65 -56.47 -28.72
N PHE D 264 38.60 -56.47 -29.55
CA PHE D 264 37.46 -55.59 -29.32
C PHE D 264 36.68 -56.02 -28.09
N GLU D 265 36.45 -57.32 -27.92
CA GLU D 265 35.71 -57.81 -26.75
C GLU D 265 36.50 -57.63 -25.46
N LYS D 266 37.82 -57.47 -25.52
CA LYS D 266 38.59 -57.17 -24.33
C LYS D 266 38.69 -55.66 -24.06
N PHE D 267 38.83 -54.83 -25.09
CA PHE D 267 39.12 -53.41 -24.88
C PHE D 267 38.06 -52.46 -25.44
N HIS D 268 36.77 -52.83 -25.39
CA HIS D 268 35.75 -51.86 -25.76
C HIS D 268 35.17 -51.12 -24.56
N GLY D 269 35.08 -51.78 -23.41
CA GLY D 269 34.45 -51.17 -22.24
C GLY D 269 35.40 -50.38 -21.39
N ASP D 270 36.10 -49.41 -22.00
CA ASP D 270 37.12 -48.64 -21.32
C ASP D 270 36.96 -47.13 -21.49
N GLN D 271 36.21 -46.68 -22.48
CA GLN D 271 36.16 -45.27 -22.85
C GLN D 271 34.99 -44.57 -22.13
N GLU D 272 34.67 -43.36 -22.57
CA GLU D 272 33.60 -42.58 -21.97
C GLU D 272 32.23 -43.07 -22.47
N CYS D 273 31.18 -42.36 -22.07
CA CYS D 273 29.80 -42.79 -22.25
C CYS D 273 29.08 -42.06 -23.38
N TYR D 274 29.77 -41.72 -24.47
CA TYR D 274 29.10 -41.06 -25.58
C TYR D 274 29.49 -41.60 -26.95
N TYR D 275 30.13 -42.78 -27.04
CA TYR D 275 30.65 -43.30 -28.29
C TYR D 275 29.75 -44.35 -28.93
N GLN D 276 28.44 -44.30 -28.67
CA GLN D 276 27.57 -45.47 -28.83
C GLN D 276 27.40 -45.87 -30.30
N ASP D 277 27.18 -44.90 -31.19
CA ASP D 277 26.96 -45.23 -32.60
C ASP D 277 28.24 -45.74 -33.25
N ASP D 278 29.38 -45.12 -32.94
CA ASP D 278 30.66 -45.62 -33.45
C ASP D 278 31.03 -46.96 -32.81
N LEU D 279 30.59 -47.23 -31.57
CA LEU D 279 30.79 -48.55 -31.00
C LEU D 279 29.97 -49.62 -31.72
N ARG D 280 28.72 -49.29 -32.10
CA ARG D 280 27.91 -50.25 -32.84
C ARG D 280 28.50 -50.51 -34.23
N VAL D 281 28.89 -49.44 -34.93
CA VAL D 281 29.51 -49.58 -36.25
C VAL D 281 30.83 -50.33 -36.16
N LEU D 282 31.60 -50.08 -35.09
CA LEU D 282 32.89 -50.73 -34.91
C LEU D 282 32.72 -52.19 -34.54
N SER D 283 31.64 -52.54 -33.83
CA SER D 283 31.29 -53.93 -33.59
C SER D 283 30.79 -54.61 -34.86
N SER D 284 30.33 -53.85 -35.85
CA SER D 284 29.87 -54.42 -37.11
C SER D 284 30.92 -54.34 -38.23
N LEU D 285 32.17 -54.73 -37.97
CA LEU D 285 33.23 -54.66 -38.97
C LEU D 285 33.91 -56.01 -39.14
N THR D 286 34.02 -56.47 -40.40
CA THR D 286 34.87 -57.60 -40.73
C THR D 286 35.94 -57.28 -41.77
N LYS D 287 35.54 -56.82 -42.96
CA LYS D 287 36.46 -56.68 -44.09
C LYS D 287 36.19 -55.38 -44.82
N LYS D 288 36.72 -55.29 -46.06
CA LYS D 288 36.78 -54.06 -46.82
C LYS D 288 35.45 -53.67 -47.48
N GLU D 289 34.44 -54.54 -47.44
CA GLU D 289 33.10 -54.12 -47.86
C GLU D 289 32.55 -53.06 -46.94
N HIS D 290 32.86 -53.15 -45.65
CA HIS D 290 32.48 -52.11 -44.69
C HIS D 290 33.29 -50.84 -44.94
N MET D 291 34.53 -50.98 -45.42
CA MET D 291 35.31 -49.80 -45.84
C MET D 291 34.70 -49.15 -47.07
N LYS D 292 34.08 -49.94 -47.95
CA LYS D 292 33.36 -49.38 -49.08
C LYS D 292 32.11 -48.65 -48.64
N GLY D 293 31.30 -49.29 -47.80
CA GLY D 293 30.06 -48.70 -47.32
C GLY D 293 30.26 -47.57 -46.34
N ASN D 294 30.91 -47.87 -45.20
CA ASN D 294 31.25 -46.84 -44.23
C ASN D 294 32.63 -46.31 -44.58
N GLU D 295 32.66 -45.23 -45.35
CA GLU D 295 33.91 -44.53 -45.65
C GLU D 295 34.38 -43.66 -44.48
N THR D 296 33.53 -43.53 -43.44
CA THR D 296 33.94 -42.99 -42.15
C THR D 296 35.21 -43.67 -41.64
N MET D 297 35.29 -44.99 -41.82
CA MET D 297 36.44 -45.82 -41.45
C MET D 297 37.76 -45.35 -42.08
N LEU D 298 37.69 -44.57 -43.16
CA LEU D 298 38.87 -43.87 -43.64
C LEU D 298 38.85 -42.39 -43.29
N ASP D 299 37.70 -41.73 -43.46
CA ASP D 299 37.70 -40.27 -43.42
C ASP D 299 37.71 -39.73 -41.99
N PHE D 300 37.19 -40.49 -41.03
CA PHE D 300 37.42 -40.17 -39.62
C PHE D 300 38.83 -40.55 -39.19
N ARG D 301 39.51 -41.41 -39.96
CA ARG D 301 40.78 -41.99 -39.59
C ARG D 301 41.93 -41.43 -40.43
N THR D 302 41.79 -40.18 -40.86
CA THR D 302 42.75 -39.53 -41.77
C THR D 302 43.23 -38.26 -41.09
N SER D 303 43.80 -38.45 -39.89
CA SER D 303 44.44 -37.44 -39.03
C SER D 303 43.40 -36.48 -38.44
N LYS D 304 42.20 -36.98 -38.19
CA LYS D 304 41.23 -36.27 -37.37
C LYS D 304 41.45 -36.68 -35.92
N PHE D 305 42.45 -36.06 -35.29
CA PHE D 305 42.73 -36.20 -33.87
C PHE D 305 42.47 -34.87 -33.18
N VAL D 306 41.36 -34.77 -32.46
CA VAL D 306 41.13 -33.61 -31.61
C VAL D 306 42.05 -33.77 -30.39
N LEU D 307 43.19 -33.09 -30.42
CA LEU D 307 44.23 -33.24 -29.40
C LEU D 307 44.29 -31.95 -28.58
N ARG D 308 43.75 -32.00 -27.38
CA ARG D 308 43.85 -30.91 -26.40
C ARG D 308 45.01 -31.17 -25.44
N ILE D 309 46.18 -31.40 -26.00
CA ILE D 309 47.26 -32.05 -25.27
C ILE D 309 48.25 -31.00 -24.79
N SER D 310 49.26 -31.46 -24.05
CA SER D 310 50.27 -30.58 -23.49
C SER D 310 51.66 -30.94 -24.03
N ARG D 311 52.67 -30.20 -23.57
CA ARG D 311 54.05 -30.43 -24.00
C ARG D 311 54.66 -31.63 -23.29
N ASP D 312 54.48 -31.70 -21.96
CA ASP D 312 54.98 -32.83 -21.18
C ASP D 312 54.24 -34.13 -21.51
N SER D 313 53.04 -34.05 -22.07
CA SER D 313 52.38 -35.23 -22.61
C SER D 313 53.17 -35.81 -23.77
N TYR D 314 53.62 -34.96 -24.71
CA TYR D 314 54.48 -35.43 -25.79
C TYR D 314 55.86 -35.82 -25.29
N GLN D 315 56.32 -35.23 -24.18
CA GLN D 315 57.58 -35.67 -23.57
C GLN D 315 57.48 -37.08 -23.02
N LEU D 316 56.41 -37.38 -22.28
CA LEU D 316 56.14 -38.74 -21.82
C LEU D 316 55.95 -39.70 -23.01
N LEU D 317 55.30 -39.21 -24.07
CA LEU D 317 55.07 -40.03 -25.25
C LEU D 317 56.39 -40.39 -25.94
N LYS D 318 57.31 -39.43 -26.05
CA LYS D 318 58.62 -39.71 -26.64
C LYS D 318 59.44 -40.63 -25.75
N ARG D 319 59.44 -40.38 -24.44
CA ARG D 319 60.21 -41.21 -23.51
C ARG D 319 59.67 -42.62 -23.40
N HIS D 320 58.40 -42.84 -23.71
CA HIS D 320 57.89 -44.21 -23.71
C HIS D 320 58.04 -44.87 -25.08
N LEU D 321 57.81 -44.15 -26.17
CA LEU D 321 57.87 -44.76 -27.49
C LEU D 321 59.29 -44.92 -28.02
N GLN D 322 60.30 -44.32 -27.38
CA GLN D 322 61.68 -44.68 -27.73
C GLN D 322 62.04 -46.09 -27.28
N GLU D 323 61.30 -46.67 -26.33
CA GLU D 323 61.52 -48.05 -25.95
C GLU D 323 61.08 -49.03 -27.04
N LYS D 324 60.11 -48.63 -27.86
CA LYS D 324 59.50 -49.51 -28.84
C LYS D 324 60.15 -49.34 -30.21
N GLN D 325 60.30 -50.45 -30.93
CA GLN D 325 60.86 -50.45 -32.28
C GLN D 325 59.88 -51.13 -33.22
N ASN D 326 60.00 -50.77 -34.51
CA ASN D 326 58.99 -51.06 -35.55
C ASN D 326 57.61 -50.63 -35.09
N ASN D 327 57.54 -49.40 -34.57
CA ASN D 327 56.41 -48.95 -33.77
C ASN D 327 55.33 -48.37 -34.67
N GLN D 328 54.19 -49.05 -34.77
CA GLN D 328 53.06 -48.52 -35.51
C GLN D 328 52.40 -47.35 -34.78
N ILE D 329 52.47 -47.35 -33.44
CA ILE D 329 51.97 -46.23 -32.64
C ILE D 329 52.77 -44.97 -32.94
N TRP D 330 54.08 -45.12 -33.13
CA TRP D 330 54.90 -43.99 -33.56
C TRP D 330 54.57 -43.56 -34.99
N ASN D 331 54.11 -44.48 -35.84
CA ASN D 331 53.64 -44.07 -37.16
C ASN D 331 52.33 -43.30 -37.08
N ILE D 332 51.48 -43.61 -36.12
CA ILE D 332 50.28 -42.82 -35.87
C ILE D 332 50.65 -41.44 -35.35
N VAL D 333 51.69 -41.38 -34.50
CA VAL D 333 52.24 -40.11 -34.03
C VAL D 333 52.81 -39.29 -35.19
N GLN D 334 53.43 -39.98 -36.16
CA GLN D 334 53.98 -39.28 -37.33
C GLN D 334 52.89 -38.69 -38.21
N GLU D 335 51.99 -39.53 -38.73
CA GLU D 335 51.10 -39.07 -39.79
C GLU D 335 49.71 -38.65 -39.34
N HIS D 336 49.32 -38.84 -38.06
CA HIS D 336 47.93 -38.64 -37.69
C HIS D 336 47.67 -37.53 -36.67
N LEU D 337 48.69 -36.96 -36.04
CA LEU D 337 48.44 -36.03 -34.95
C LEU D 337 48.01 -34.66 -35.45
N TYR D 338 47.03 -34.07 -34.77
CA TYR D 338 46.57 -32.68 -34.99
C TYR D 338 46.58 -32.00 -33.62
N ILE D 339 47.72 -31.42 -33.26
CA ILE D 339 48.05 -31.03 -31.89
C ILE D 339 47.51 -29.64 -31.57
N ASP D 340 46.97 -29.47 -30.36
CA ASP D 340 46.63 -28.16 -29.81
C ASP D 340 47.11 -28.11 -28.37
N ILE D 341 47.99 -27.16 -28.07
CA ILE D 341 48.69 -27.12 -26.78
C ILE D 341 47.78 -26.45 -25.75
N PHE D 342 47.21 -27.24 -24.85
CA PHE D 342 46.63 -26.73 -23.61
C PHE D 342 47.62 -26.87 -22.46
N ASP D 343 47.83 -25.79 -21.71
CA ASP D 343 48.69 -25.83 -20.55
C ASP D 343 47.97 -25.28 -19.32
N LEU D 458 3.63 -11.08 -18.24
CA LEU D 458 2.97 -12.36 -18.00
C LEU D 458 3.17 -13.32 -19.17
N PRO D 459 4.20 -14.16 -19.10
CA PRO D 459 4.36 -15.22 -20.10
C PRO D 459 3.28 -16.27 -19.96
N SER D 460 2.62 -16.60 -21.07
CA SER D 460 1.51 -17.54 -21.07
C SER D 460 1.39 -18.16 -22.46
N ILE D 461 1.16 -19.47 -22.51
CA ILE D 461 0.97 -20.16 -23.78
C ILE D 461 -0.49 -20.01 -24.20
N CYS D 462 -0.73 -19.26 -25.27
CA CYS D 462 -2.05 -19.19 -25.89
C CYS D 462 -2.15 -20.22 -27.00
N PHE D 463 -3.37 -20.75 -27.18
CA PHE D 463 -3.58 -21.85 -28.11
C PHE D 463 -4.21 -21.38 -29.42
N TYR D 464 -3.95 -22.15 -30.47
CA TYR D 464 -4.73 -22.14 -31.71
C TYR D 464 -5.43 -23.48 -31.84
N THR D 465 -6.14 -23.65 -32.96
CA THR D 465 -6.77 -24.93 -33.27
C THR D 465 -6.84 -25.09 -34.78
N PHE D 466 -6.08 -26.04 -35.31
CA PHE D 466 -6.10 -26.40 -36.72
C PHE D 466 -6.59 -27.84 -36.86
N LEU D 467 -6.47 -28.38 -38.07
CA LEU D 467 -7.02 -29.69 -38.38
C LEU D 467 -6.16 -30.78 -37.74
N ASN D 468 -6.79 -31.95 -37.51
CA ASN D 468 -6.41 -32.85 -36.42
C ASN D 468 -5.45 -33.96 -36.81
N ALA D 469 -4.86 -33.94 -38.00
CA ALA D 469 -4.21 -35.13 -38.53
C ALA D 469 -2.82 -35.34 -37.94
N TYR D 470 -2.14 -36.36 -38.46
CA TYR D 470 -0.84 -36.81 -38.01
C TYR D 470 0.06 -36.95 -39.23
N GLN D 471 1.21 -37.64 -39.07
CA GLN D 471 2.28 -37.81 -40.07
C GLN D 471 3.00 -36.51 -40.37
N GLY D 472 2.93 -35.54 -39.45
CA GLY D 472 3.68 -34.30 -39.64
C GLY D 472 5.17 -34.53 -39.45
N LEU D 473 5.96 -33.93 -40.34
CA LEU D 473 7.40 -34.17 -40.38
C LEU D 473 8.19 -32.91 -40.08
N THR D 474 7.90 -31.78 -40.74
CA THR D 474 8.55 -30.52 -40.47
C THR D 474 7.59 -29.39 -40.80
N ALA D 475 7.70 -28.28 -40.05
CA ALA D 475 6.90 -27.10 -40.33
C ALA D 475 7.69 -25.85 -40.02
N VAL D 476 7.68 -24.89 -40.95
CA VAL D 476 8.50 -23.69 -40.89
C VAL D 476 7.65 -22.48 -41.23
N ASP D 477 7.65 -21.48 -40.35
CA ASP D 477 7.11 -20.16 -40.65
C ASP D 477 8.23 -19.13 -40.70
N VAL D 478 7.99 -18.05 -41.46
CA VAL D 478 8.99 -16.99 -41.60
C VAL D 478 8.41 -15.63 -41.20
N THR D 479 7.32 -15.19 -41.85
CA THR D 479 6.84 -13.84 -41.57
C THR D 479 5.38 -13.88 -41.13
N ASP D 480 5.05 -14.84 -40.28
CA ASP D 480 3.94 -14.85 -39.32
C ASP D 480 2.55 -14.93 -39.94
N ASP D 481 2.39 -14.84 -41.26
CA ASP D 481 1.04 -14.89 -41.82
C ASP D 481 0.62 -16.27 -42.27
N SER D 482 1.55 -17.22 -42.36
CA SER D 482 1.23 -18.57 -42.79
C SER D 482 2.34 -19.52 -42.38
N SER D 483 2.01 -20.81 -42.32
CA SER D 483 2.92 -21.86 -41.91
C SER D 483 2.90 -22.97 -42.95
N LEU D 484 3.96 -23.78 -42.96
CA LEU D 484 4.15 -24.80 -43.98
C LEU D 484 4.23 -26.18 -43.32
N ILE D 485 3.07 -26.78 -43.04
CA ILE D 485 3.04 -28.07 -42.35
C ILE D 485 3.29 -29.11 -43.42
N ALA D 486 4.56 -29.42 -43.65
CA ALA D 486 4.95 -30.43 -44.61
C ALA D 486 4.62 -31.79 -44.02
N GLY D 487 3.49 -32.35 -44.43
CA GLY D 487 2.84 -33.39 -43.65
C GLY D 487 2.83 -34.82 -44.18
N GLY D 488 1.67 -35.26 -44.66
CA GLY D 488 1.33 -36.67 -44.71
C GLY D 488 2.08 -37.56 -45.68
N PHE D 489 3.41 -37.60 -45.54
CA PHE D 489 4.36 -38.53 -46.15
C PHE D 489 4.56 -38.33 -47.65
N ALA D 490 3.72 -37.51 -48.30
CA ALA D 490 4.08 -36.77 -49.51
C ALA D 490 3.10 -35.59 -49.59
N ASP D 491 3.53 -34.45 -49.07
CA ASP D 491 2.61 -33.32 -48.88
C ASP D 491 3.41 -32.09 -48.50
N SER D 492 2.81 -30.92 -48.73
CA SER D 492 3.27 -29.67 -48.12
C SER D 492 2.02 -28.83 -47.91
N THR D 493 1.43 -28.96 -46.71
CA THR D 493 0.17 -28.30 -46.40
C THR D 493 0.45 -26.88 -45.93
N VAL D 494 -0.32 -25.92 -46.45
CA VAL D 494 -0.12 -24.51 -46.16
C VAL D 494 -1.35 -24.02 -45.38
N ARG D 495 -1.12 -23.62 -44.13
CA ARG D 495 -2.17 -23.09 -43.28
C ARG D 495 -1.95 -21.60 -43.08
N VAL D 496 -3.05 -20.85 -42.97
CA VAL D 496 -3.03 -19.39 -43.04
C VAL D 496 -3.46 -18.83 -41.69
N UNK D 497 -2.61 -17.98 -41.10
CA UNK D 497 -2.92 -17.28 -39.87
C UNK D 497 -3.26 -15.82 -40.15
N UNK D 498 -4.34 -15.35 -39.52
CA UNK D 498 -4.84 -13.97 -39.50
C UNK D 498 -5.37 -13.47 -40.85
N UNK D 499 -5.35 -14.27 -41.91
CA UNK D 499 -5.93 -13.88 -43.19
C UNK D 499 -6.95 -14.92 -43.62
N UNK D 500 -7.89 -14.48 -44.47
CA UNK D 500 -9.00 -15.34 -44.88
C UNK D 500 -8.56 -16.34 -45.95
N UNK D 501 -8.15 -15.84 -47.12
CA UNK D 501 -7.78 -16.64 -48.28
C UNK D 501 -7.15 -15.71 -49.31
N UNK D 502 -6.49 -16.32 -50.29
CA UNK D 502 -5.91 -15.59 -51.42
C UNK D 502 -5.73 -16.55 -52.58
N UNK D 503 -6.23 -16.16 -53.75
CA UNK D 503 -6.12 -16.95 -54.97
C UNK D 503 -5.81 -16.02 -56.14
N UNK D 504 -4.52 -15.79 -56.37
CA UNK D 504 -4.12 -14.90 -57.46
C UNK D 504 -4.03 -15.60 -58.81
N UNK D 505 -4.29 -16.90 -58.87
CA UNK D 505 -4.24 -17.64 -60.13
C UNK D 505 -5.43 -17.39 -61.04
N UNK D 506 -6.46 -16.68 -60.56
CA UNK D 506 -7.64 -16.42 -61.39
C UNK D 506 -7.33 -15.43 -62.49
N UNK D 507 -6.42 -14.48 -62.25
CA UNK D 507 -5.92 -13.64 -63.33
C UNK D 507 -5.04 -14.44 -64.28
N UNK D 508 -4.33 -15.43 -63.76
CA UNK D 508 -3.49 -16.30 -64.59
C UNK D 508 -4.26 -17.44 -65.24
N UNK D 509 -5.52 -17.66 -64.83
CA UNK D 509 -6.30 -18.75 -65.40
C UNK D 509 -6.72 -18.47 -66.84
N UNK D 510 -6.89 -17.20 -67.20
CA UNK D 510 -7.27 -16.81 -68.55
C UNK D 510 -6.39 -15.66 -69.02
N UNK D 511 -6.12 -15.63 -70.33
CA UNK D 511 -5.34 -14.54 -70.90
C UNK D 511 -6.13 -13.23 -70.89
N UNK D 512 -7.46 -13.30 -71.01
CA UNK D 512 -8.28 -12.10 -70.89
C UNK D 512 -8.36 -11.63 -69.44
N UNK D 513 -8.27 -12.56 -68.48
CA UNK D 513 -8.21 -12.19 -67.08
C UNK D 513 -6.88 -11.51 -66.75
N UNK D 514 -5.78 -11.97 -67.38
CA UNK D 514 -4.51 -11.27 -67.26
C UNK D 514 -4.56 -9.92 -67.97
N UNK D 515 -5.34 -9.81 -69.05
CA UNK D 515 -5.52 -8.53 -69.71
C UNK D 515 -6.36 -7.57 -68.86
N UNK D 516 -7.34 -8.11 -68.13
CA UNK D 516 -8.11 -7.30 -67.19
C UNK D 516 -7.25 -6.88 -66.00
N UNK D 517 -6.31 -7.73 -65.58
CA UNK D 517 -5.33 -7.32 -64.57
C UNK D 517 -4.36 -6.28 -65.12
N UNK D 518 -3.99 -6.41 -66.40
CA UNK D 518 -3.11 -5.43 -67.03
C UNK D 518 -3.84 -4.12 -67.32
N UNK D 519 -5.17 -4.13 -67.35
CA UNK D 519 -5.92 -2.88 -67.48
C UNK D 519 -5.80 -2.05 -66.22
N UNK D 520 -5.80 -2.69 -65.06
CA UNK D 520 -5.62 -2.03 -63.78
C UNK D 520 -4.17 -2.04 -63.31
N UNK D 521 -3.21 -2.08 -64.24
CA UNK D 521 -1.80 -2.17 -63.90
C UNK D 521 -1.14 -0.80 -63.74
N UNK D 522 -1.91 0.25 -63.48
CA UNK D 522 -1.31 1.56 -63.22
C UNK D 522 -0.72 1.60 -61.80
N UNK D 523 -1.59 1.49 -60.79
CA UNK D 523 -1.14 1.23 -59.42
C UNK D 523 -2.27 0.48 -58.71
N UNK D 524 -2.21 -0.86 -58.79
CA UNK D 524 -3.18 -1.71 -58.10
C UNK D 524 -2.54 -3.09 -57.91
N UNK D 525 -2.07 -3.36 -56.69
CA UNK D 525 -1.58 -4.69 -56.36
C UNK D 525 -2.68 -5.61 -55.83
N UNK D 526 -3.74 -5.04 -55.25
CA UNK D 526 -4.83 -5.86 -54.74
C UNK D 526 -5.71 -6.40 -55.86
N UNK D 527 -5.79 -5.68 -56.98
CA UNK D 527 -6.61 -6.11 -58.11
C UNK D 527 -6.00 -7.28 -58.89
N UNK D 528 -4.73 -7.60 -58.64
CA UNK D 528 -4.10 -8.72 -59.35
C UNK D 528 -4.56 -10.08 -58.82
N UNK D 529 -5.17 -10.12 -57.64
CA UNK D 529 -5.51 -11.41 -57.03
C UNK D 529 -6.77 -12.02 -57.64
N UNK D 530 -7.92 -11.34 -57.44
CA UNK D 530 -9.27 -11.86 -57.72
C UNK D 530 -9.46 -13.25 -57.10
N UNK D 531 -9.41 -13.25 -55.76
CA UNK D 531 -9.33 -14.46 -54.95
C UNK D 531 -10.64 -15.24 -55.02
N UNK D 532 -10.65 -16.35 -55.75
CA UNK D 532 -11.82 -17.19 -55.93
C UNK D 532 -11.63 -18.60 -55.35
N UNK D 533 -10.83 -18.74 -54.31
CA UNK D 533 -10.62 -20.03 -53.67
C UNK D 533 -10.57 -19.82 -52.16
N UNK D 534 -10.14 -20.85 -51.44
CA UNK D 534 -10.11 -20.87 -49.98
C UNK D 534 -8.67 -21.03 -49.49
N UNK D 535 -8.53 -21.22 -48.19
CA UNK D 535 -7.24 -21.45 -47.55
C UNK D 535 -7.15 -22.92 -47.11
N UNK D 536 -6.09 -23.22 -46.36
CA UNK D 536 -5.76 -24.57 -45.86
C UNK D 536 -5.65 -25.57 -47.00
N LYS D 537 -4.77 -25.24 -47.95
CA LYS D 537 -4.58 -26.07 -49.14
C LYS D 537 -3.43 -27.05 -48.93
N ILE D 538 -3.53 -28.20 -49.60
CA ILE D 538 -2.49 -29.21 -49.61
C ILE D 538 -1.77 -29.17 -50.95
N LEU D 539 -0.44 -29.16 -50.90
CA LEU D 539 0.40 -29.02 -52.09
C LEU D 539 1.40 -30.17 -52.09
N TYR D 540 1.47 -30.89 -53.22
CA TYR D 540 2.25 -32.12 -53.26
C TYR D 540 2.58 -32.47 -54.70
N GLY D 541 3.85 -32.81 -54.94
CA GLY D 541 4.30 -33.38 -56.20
C GLY D 541 5.35 -34.44 -55.93
N HIS D 542 5.73 -34.53 -54.66
CA HIS D 542 6.77 -35.42 -54.20
C HIS D 542 6.21 -36.84 -54.02
N SER D 543 7.12 -37.82 -54.01
CA SER D 543 6.73 -39.22 -53.81
C SER D 543 7.48 -39.82 -52.62
N GLY D 544 7.93 -38.97 -51.71
CA GLY D 544 8.65 -39.42 -50.53
C GLY D 544 8.32 -38.56 -49.32
N PRO D 545 8.65 -39.04 -48.11
CA PRO D 545 8.41 -38.24 -46.90
C PRO D 545 9.29 -37.00 -46.81
N VAL D 546 8.63 -35.85 -46.88
CA VAL D 546 9.29 -34.55 -46.98
C VAL D 546 10.01 -34.20 -45.68
N TYR D 547 11.24 -33.72 -45.80
CA TYR D 547 12.12 -33.51 -44.66
C TYR D 547 12.52 -32.05 -44.45
N GLY D 548 12.07 -31.13 -45.31
CA GLY D 548 12.44 -29.74 -45.16
C GLY D 548 11.50 -28.83 -45.93
N ALA D 549 11.35 -27.60 -45.43
CA ALA D 549 10.53 -26.57 -46.05
C ALA D 549 10.99 -25.22 -45.55
N SER D 550 10.62 -24.17 -46.28
CA SER D 550 10.92 -22.78 -45.95
C SER D 550 10.11 -21.85 -46.85
N PHE D 551 9.86 -20.64 -46.35
CA PHE D 551 9.38 -19.54 -47.18
C PHE D 551 10.57 -18.80 -47.81
N SER D 552 10.32 -18.18 -48.95
CA SER D 552 11.16 -17.08 -49.38
C SER D 552 10.93 -15.89 -48.44
N PRO D 553 11.96 -15.07 -48.18
CA PRO D 553 11.74 -13.88 -47.33
C PRO D 553 10.90 -12.79 -47.97
N ASP D 554 10.62 -12.87 -49.27
CA ASP D 554 9.77 -11.89 -49.95
C ASP D 554 8.39 -12.47 -50.24
N ARG D 555 8.06 -13.63 -49.66
CA ARG D 555 6.76 -14.29 -49.76
C ARG D 555 6.37 -14.61 -51.21
N ASN D 556 7.32 -15.16 -51.95
CA ASN D 556 7.10 -15.44 -53.36
C ASN D 556 7.41 -16.89 -53.71
N TYR D 557 8.41 -17.47 -53.04
CA TYR D 557 8.94 -18.78 -53.44
C TYR D 557 8.83 -19.75 -52.27
N LEU D 558 7.82 -20.62 -52.32
CA LEU D 558 7.79 -21.80 -51.47
C LEU D 558 8.88 -22.79 -51.86
N LEU D 559 9.27 -23.64 -50.90
CA LEU D 559 10.27 -24.67 -51.12
C LEU D 559 9.91 -25.88 -50.27
N SER D 560 10.03 -27.07 -50.84
CA SER D 560 9.85 -28.32 -50.12
C SER D 560 11.00 -29.28 -50.44
N SER D 561 11.29 -30.21 -49.52
CA SER D 561 12.49 -31.05 -49.58
C SER D 561 12.16 -32.49 -49.18
N SER D 562 11.97 -33.35 -50.17
CA SER D 562 11.55 -34.73 -49.93
C SER D 562 12.75 -35.69 -49.86
N GLU D 563 12.46 -36.98 -49.69
CA GLU D 563 13.49 -38.03 -49.72
C GLU D 563 13.91 -38.36 -51.13
N ASP D 564 13.04 -38.11 -52.11
CA ASP D 564 13.13 -38.57 -53.50
C ASP D 564 14.39 -38.18 -54.26
N GLY D 565 15.14 -37.20 -53.74
CA GLY D 565 16.19 -36.56 -54.48
C GLY D 565 15.73 -35.29 -55.16
N THR D 566 14.42 -35.12 -55.32
CA THR D 566 13.87 -33.92 -55.93
C THR D 566 13.93 -32.75 -54.94
N VAL D 567 13.71 -31.56 -55.49
CA VAL D 567 13.58 -30.34 -54.71
C VAL D 567 12.74 -29.39 -55.57
N ARG D 568 11.76 -28.73 -54.94
CA ARG D 568 10.72 -28.05 -55.71
C ARG D 568 10.50 -26.65 -55.16
N LEU D 569 10.64 -25.66 -56.04
CA LEU D 569 10.15 -24.32 -55.76
C LEU D 569 8.69 -24.23 -56.16
N TRP D 570 7.80 -23.99 -55.19
CA TRP D 570 6.37 -23.93 -55.45
C TRP D 570 5.91 -22.48 -55.59
N SER D 571 4.75 -22.32 -56.22
CA SER D 571 4.22 -20.99 -56.46
C SER D 571 3.62 -20.39 -55.20
N LEU D 572 3.48 -19.06 -55.20
CA LEU D 572 2.70 -18.33 -54.22
C LEU D 572 1.46 -17.68 -54.81
N GLN D 573 1.20 -17.84 -56.10
CA GLN D 573 -0.03 -17.35 -56.70
C GLN D 573 -0.83 -18.45 -57.39
N THR D 574 -0.17 -19.38 -58.07
CA THR D 574 -0.86 -20.51 -58.66
C THR D 574 -0.94 -21.69 -57.70
N PHE D 575 -0.03 -21.71 -56.71
CA PHE D 575 0.20 -22.84 -55.79
C PHE D 575 0.45 -24.13 -56.56
N THR D 576 1.32 -24.03 -57.57
CA THR D 576 1.81 -25.19 -58.31
C THR D 576 3.32 -25.18 -58.32
N CYS D 577 3.89 -26.29 -58.79
CA CYS D 577 5.34 -26.45 -58.87
C CYS D 577 5.89 -25.58 -59.99
N LEU D 578 6.57 -24.48 -59.61
CA LEU D 578 7.28 -23.65 -60.58
C LEU D 578 8.39 -24.45 -61.26
N VAL D 579 9.38 -24.87 -60.47
CA VAL D 579 10.44 -25.76 -60.94
C VAL D 579 10.57 -26.94 -60.00
N GLY D 580 10.89 -28.09 -60.58
CA GLY D 580 11.22 -29.28 -59.83
C GLY D 580 12.34 -30.01 -60.53
N TYR D 581 13.43 -30.27 -59.84
CA TYR D 581 14.64 -30.77 -60.47
C TYR D 581 15.40 -31.63 -59.47
N LYS D 582 16.62 -32.01 -59.80
CA LYS D 582 17.33 -33.07 -59.10
C LYS D 582 18.78 -32.64 -58.90
N GLY D 583 19.63 -33.61 -58.58
CA GLY D 583 20.98 -33.37 -58.14
C GLY D 583 21.35 -34.42 -57.12
N HIS D 584 20.34 -35.19 -56.71
CA HIS D 584 20.53 -36.34 -55.84
C HIS D 584 19.60 -37.46 -56.28
N ASN D 585 20.02 -38.69 -56.00
CA ASN D 585 19.16 -39.85 -55.97
C ASN D 585 18.99 -40.32 -54.53
N TYR D 586 19.00 -39.34 -53.61
CA TYR D 586 19.37 -39.54 -52.22
C TYR D 586 18.45 -38.69 -51.36
N PRO D 587 18.29 -39.04 -50.07
CA PRO D 587 17.45 -38.19 -49.19
C PRO D 587 18.07 -36.83 -48.95
N VAL D 588 17.29 -35.78 -49.24
CA VAL D 588 17.72 -34.40 -49.11
C VAL D 588 16.99 -33.85 -47.89
N TRP D 589 17.69 -33.78 -46.75
CA TRP D 589 17.02 -33.44 -45.50
C TRP D 589 16.74 -31.94 -45.38
N ASP D 590 17.77 -31.11 -45.31
CA ASP D 590 17.58 -29.70 -44.99
C ASP D 590 17.84 -28.81 -46.19
N THR D 591 16.99 -27.78 -46.32
CA THR D 591 17.16 -26.67 -47.25
C THR D 591 16.78 -25.39 -46.54
N GLN D 592 17.33 -24.26 -47.01
CA GLN D 592 17.14 -22.98 -46.34
C GLN D 592 17.44 -21.86 -47.32
N PHE D 593 16.47 -20.97 -47.54
CA PHE D 593 16.68 -19.78 -48.34
C PHE D 593 17.68 -18.83 -47.68
N SER D 594 18.23 -17.94 -48.51
CA SER D 594 18.97 -16.79 -48.03
C SER D 594 18.02 -15.85 -47.28
N PRO D 595 18.57 -14.99 -46.40
CA PRO D 595 17.75 -13.90 -45.86
C PRO D 595 17.29 -12.88 -46.90
N TYR D 596 17.93 -12.82 -48.06
CA TYR D 596 17.48 -11.98 -49.16
C TYR D 596 16.68 -12.76 -50.20
N GLY D 597 17.05 -14.01 -50.47
CA GLY D 597 16.19 -14.93 -51.19
C GLY D 597 16.61 -15.31 -52.60
N TYR D 598 17.77 -14.86 -53.09
CA TYR D 598 18.18 -15.25 -54.43
C TYR D 598 18.79 -16.64 -54.44
N TYR D 599 19.61 -16.97 -53.44
CA TYR D 599 20.23 -18.28 -53.35
C TYR D 599 19.58 -19.12 -52.25
N PHE D 600 19.82 -20.43 -52.31
CA PHE D 600 19.53 -21.30 -51.17
C PHE D 600 20.51 -22.46 -51.18
N VAL D 601 20.42 -23.29 -50.14
CA VAL D 601 21.32 -24.42 -49.92
C VAL D 601 20.51 -25.71 -49.91
N SER D 602 21.20 -26.82 -50.18
CA SER D 602 20.60 -28.15 -50.11
C SER D 602 21.64 -29.14 -49.62
N GLY D 603 21.39 -29.75 -48.46
CA GLY D 603 22.27 -30.76 -47.90
C GLY D 603 21.55 -32.09 -47.83
N GLY D 604 22.27 -33.17 -48.12
CA GLY D 604 21.65 -34.48 -48.22
C GLY D 604 22.42 -35.66 -47.69
N HIS D 605 22.50 -36.72 -48.50
CA HIS D 605 22.95 -38.04 -48.06
C HIS D 605 24.35 -38.41 -48.51
N ASP D 606 24.82 -37.82 -49.61
CA ASP D 606 26.15 -38.08 -50.16
C ASP D 606 27.20 -37.11 -49.64
N ARG D 607 27.05 -36.69 -48.38
CA ARG D 607 28.02 -35.88 -47.59
C ARG D 607 28.46 -34.60 -48.31
N VAL D 608 27.56 -34.00 -49.08
CA VAL D 608 27.83 -32.71 -49.71
C VAL D 608 26.83 -31.67 -49.22
N ALA D 609 27.07 -30.42 -49.61
CA ALA D 609 26.08 -29.35 -49.48
C ALA D 609 26.17 -28.55 -50.77
N ARG D 610 25.03 -28.09 -51.27
CA ARG D 610 24.95 -27.58 -52.63
C ARG D 610 24.19 -26.26 -52.65
N LEU D 611 24.83 -25.23 -53.19
CA LEU D 611 24.16 -23.97 -53.48
C LEU D 611 23.28 -24.12 -54.73
N TRP D 612 22.24 -23.30 -54.78
CA TRP D 612 21.35 -23.26 -55.93
C TRP D 612 20.88 -21.83 -56.14
N ALA D 613 20.82 -21.41 -57.40
CA ALA D 613 20.25 -20.11 -57.74
C ALA D 613 18.75 -20.29 -58.00
N THR D 614 18.09 -19.21 -58.43
CA THR D 614 16.69 -19.33 -58.84
C THR D 614 16.56 -20.08 -60.15
N ASP D 615 17.42 -19.75 -61.13
CA ASP D 615 17.25 -20.14 -62.52
C ASP D 615 18.28 -21.13 -63.04
N HIS D 616 19.37 -21.37 -62.32
CA HIS D 616 20.54 -21.99 -62.91
C HIS D 616 20.44 -23.50 -63.07
N TYR D 617 19.63 -24.18 -62.22
CA TYR D 617 19.32 -25.63 -62.25
C TYR D 617 20.56 -26.54 -62.33
N GLN D 618 21.69 -26.05 -61.86
CA GLN D 618 22.96 -26.76 -61.88
C GLN D 618 23.69 -26.35 -60.60
N PRO D 619 24.40 -27.29 -59.94
CA PRO D 619 25.10 -26.93 -58.68
C PRO D 619 26.19 -25.89 -58.88
N LEU D 620 25.95 -24.69 -58.36
CA LEU D 620 26.92 -23.61 -58.47
C LEU D 620 28.13 -23.84 -57.59
N ARG D 621 27.98 -24.64 -56.54
CA ARG D 621 29.05 -24.91 -55.60
C ARG D 621 28.71 -26.17 -54.83
N ILE D 622 29.72 -26.95 -54.51
CA ILE D 622 29.56 -28.17 -53.72
C ILE D 622 30.42 -28.01 -52.47
N PHE D 623 29.97 -28.60 -51.37
CA PHE D 623 30.65 -28.48 -50.10
C PHE D 623 30.93 -29.86 -49.52
N ALA D 624 31.55 -30.71 -50.33
CA ALA D 624 31.89 -32.09 -49.94
C ALA D 624 33.04 -32.06 -48.95
N GLY D 625 32.70 -31.86 -47.68
CA GLY D 625 33.68 -31.86 -46.62
C GLY D 625 33.38 -32.86 -45.53
N HIS D 626 32.11 -33.20 -45.34
CA HIS D 626 31.71 -34.17 -44.33
C HIS D 626 31.89 -35.59 -44.86
N LEU D 627 31.42 -36.56 -44.08
CA LEU D 627 31.59 -37.97 -44.41
C LEU D 627 30.37 -38.81 -44.01
N ALA D 628 29.21 -38.18 -43.85
CA ALA D 628 28.00 -38.85 -43.39
C ALA D 628 26.79 -38.06 -43.86
N ASP D 629 25.63 -38.38 -43.33
CA ASP D 629 24.39 -37.74 -43.74
C ASP D 629 24.33 -36.31 -43.21
N VAL D 630 24.19 -35.34 -44.12
CA VAL D 630 24.07 -33.95 -43.73
C VAL D 630 22.70 -33.73 -43.10
N ASN D 631 22.70 -33.22 -41.87
CA ASN D 631 21.45 -33.03 -41.13
C ASN D 631 20.89 -31.62 -41.30
N CYS D 632 21.68 -30.61 -40.95
CA CYS D 632 21.22 -29.22 -41.01
C CYS D 632 22.20 -28.36 -41.81
N THR D 633 21.65 -27.32 -42.44
CA THR D 633 22.44 -26.33 -43.18
C THR D 633 21.65 -25.04 -43.29
N ARG D 634 22.24 -23.94 -42.82
CA ARG D 634 21.57 -22.63 -42.78
C ARG D 634 22.55 -21.51 -43.13
N PHE D 635 22.01 -20.43 -43.71
CA PHE D 635 22.77 -19.24 -44.06
C PHE D 635 23.13 -18.40 -42.84
N HIS D 636 23.96 -17.38 -43.10
CA HIS D 636 24.32 -16.23 -42.28
C HIS D 636 23.39 -15.08 -42.63
N PRO D 637 23.27 -14.02 -41.75
CA PRO D 637 22.59 -12.78 -42.17
C PRO D 637 22.98 -12.20 -43.52
N ASN D 638 24.25 -12.27 -43.92
CA ASN D 638 24.59 -12.06 -45.32
C ASN D 638 24.66 -13.41 -46.05
N SER D 639 24.41 -13.38 -47.35
CA SER D 639 24.25 -14.59 -48.15
C SER D 639 25.57 -15.29 -48.50
N ASN D 640 26.70 -14.86 -47.94
CA ASN D 640 27.98 -15.42 -48.31
C ASN D 640 28.29 -16.72 -47.57
N TYR D 641 28.05 -16.77 -46.27
CA TYR D 641 28.52 -17.85 -45.43
C TYR D 641 27.37 -18.74 -44.97
N VAL D 642 27.62 -20.05 -44.91
CA VAL D 642 26.66 -21.03 -44.39
C VAL D 642 27.36 -21.91 -43.37
N ALA D 643 26.55 -22.60 -42.58
CA ALA D 643 27.01 -23.66 -41.70
C ALA D 643 26.44 -24.99 -42.19
N THR D 644 27.10 -26.08 -41.81
CA THR D 644 26.64 -27.41 -42.19
C THR D 644 26.88 -28.36 -41.03
N GLY D 645 25.81 -28.91 -40.51
CA GLY D 645 25.87 -29.95 -39.50
C GLY D 645 25.44 -31.27 -40.10
N SER D 646 26.13 -32.34 -39.73
CA SER D 646 25.94 -33.63 -40.37
C SER D 646 25.92 -34.72 -39.30
N ALA D 647 25.81 -35.96 -39.75
CA ALA D 647 25.73 -37.11 -38.83
C ALA D 647 27.07 -37.47 -38.22
N ASP D 648 28.17 -36.92 -38.73
CA ASP D 648 29.51 -37.18 -38.23
C ASP D 648 29.91 -36.25 -37.09
N ARG D 649 28.92 -35.69 -36.38
CA ARG D 649 28.99 -34.94 -35.11
C ARG D 649 29.57 -33.54 -35.25
N THR D 650 30.16 -33.17 -36.40
CA THR D 650 30.96 -31.97 -36.52
C THR D 650 30.26 -30.91 -37.38
N VAL D 651 30.67 -29.66 -37.18
CA VAL D 651 30.16 -28.51 -37.93
C VAL D 651 31.28 -28.00 -38.83
N ARG D 652 30.94 -27.71 -40.09
CA ARG D 652 31.88 -27.13 -41.04
C ARG D 652 31.27 -25.89 -41.65
N LEU D 653 31.97 -24.77 -41.58
CA LEU D 653 31.56 -23.52 -42.20
C LEU D 653 32.08 -23.46 -43.63
N TRP D 654 31.40 -22.68 -44.48
CA TRP D 654 31.67 -22.69 -45.90
C TRP D 654 31.58 -21.28 -46.48
N ASP D 655 32.32 -21.07 -47.56
CA ASP D 655 32.39 -19.80 -48.28
C ASP D 655 31.52 -19.86 -49.53
N VAL D 656 31.42 -18.75 -50.25
CA VAL D 656 30.65 -18.68 -51.48
C VAL D 656 31.52 -18.43 -52.72
N LEU D 657 32.73 -17.93 -52.56
CA LEU D 657 33.56 -17.57 -53.71
C LEU D 657 34.52 -18.67 -54.14
N ASN D 658 35.08 -19.44 -53.20
CA ASN D 658 35.99 -20.52 -53.53
C ASN D 658 35.50 -21.90 -53.11
N GLY D 659 34.68 -21.99 -52.08
CA GLY D 659 34.03 -23.23 -51.70
C GLY D 659 34.77 -24.07 -50.67
N ASN D 660 35.97 -23.69 -50.27
CA ASN D 660 36.70 -24.46 -49.29
C ASN D 660 36.14 -24.21 -47.88
N CYS D 661 36.42 -25.15 -46.98
CA CYS D 661 35.96 -25.04 -45.60
C CYS D 661 36.80 -24.01 -44.87
N VAL D 662 36.15 -22.94 -44.40
CA VAL D 662 36.89 -21.88 -43.71
C VAL D 662 37.17 -22.27 -42.26
N ARG D 663 36.20 -22.86 -41.56
CA ARG D 663 36.36 -23.22 -40.17
C ARG D 663 35.68 -24.55 -39.87
N ILE D 664 36.24 -25.30 -38.92
CA ILE D 664 35.67 -26.54 -38.43
C ILE D 664 35.47 -26.43 -36.93
N PHE D 665 34.28 -26.75 -36.46
CA PHE D 665 33.98 -26.80 -35.04
C PHE D 665 33.99 -28.24 -34.56
N THR D 666 34.42 -28.43 -33.32
CA THR D 666 34.73 -29.77 -32.81
C THR D 666 33.44 -30.58 -32.64
N GLY D 667 33.50 -31.84 -33.07
CA GLY D 667 32.39 -32.78 -33.00
C GLY D 667 31.84 -33.02 -31.61
N HIS D 668 30.60 -32.59 -31.38
CA HIS D 668 30.03 -32.60 -30.03
C HIS D 668 29.18 -33.86 -29.81
N LYS D 669 29.89 -34.99 -29.79
CA LYS D 669 29.55 -36.18 -28.99
C LYS D 669 28.18 -36.78 -29.33
N GLY D 670 27.71 -36.57 -30.56
CA GLY D 670 26.42 -37.06 -30.99
C GLY D 670 25.98 -36.41 -32.29
N PRO D 671 25.07 -37.05 -33.01
CA PRO D 671 24.64 -36.51 -34.30
C PRO D 671 23.81 -35.24 -34.15
N ILE D 672 24.14 -34.23 -34.96
CA ILE D 672 23.58 -32.89 -34.81
C ILE D 672 22.15 -32.86 -35.33
N HIS D 673 21.26 -32.19 -34.59
CA HIS D 673 19.89 -32.02 -35.02
C HIS D 673 19.45 -30.55 -35.13
N SER D 674 20.28 -29.59 -34.70
CA SER D 674 19.86 -28.19 -34.69
C SER D 674 21.10 -27.30 -34.78
N LEU D 675 20.91 -26.14 -35.41
CA LEU D 675 21.92 -25.10 -35.48
C LEU D 675 21.23 -23.79 -35.82
N THR D 676 21.65 -22.69 -35.16
CA THR D 676 21.14 -21.35 -35.43
C THR D 676 22.29 -20.36 -35.43
N PHE D 677 22.05 -19.20 -36.01
CA PHE D 677 22.93 -18.04 -35.93
C PHE D 677 22.24 -16.92 -35.17
N SER D 678 22.92 -15.79 -35.05
CA SER D 678 22.47 -14.63 -34.31
C SER D 678 21.96 -13.55 -35.25
N PRO D 679 21.05 -12.68 -34.79
CA PRO D 679 20.55 -11.61 -35.68
C PRO D 679 21.59 -10.58 -36.07
N ASN D 680 22.56 -10.30 -35.20
CA ASN D 680 23.69 -9.47 -35.60
C ASN D 680 24.75 -10.24 -36.39
N GLY D 681 24.63 -11.56 -36.47
CA GLY D 681 25.53 -12.36 -37.27
C GLY D 681 26.88 -12.59 -36.63
N ARG D 682 26.88 -12.93 -35.34
CA ARG D 682 28.14 -13.07 -34.61
C ARG D 682 28.19 -14.38 -33.84
N PHE D 683 27.05 -14.89 -33.39
CA PHE D 683 27.01 -15.96 -32.41
C PHE D 683 26.25 -17.17 -32.95
N LEU D 684 26.43 -18.31 -32.28
CA LEU D 684 25.91 -19.59 -32.73
C LEU D 684 25.34 -20.38 -31.56
N ALA D 685 24.30 -21.17 -31.82
CA ALA D 685 23.81 -22.19 -30.91
C ALA D 685 23.69 -23.53 -31.65
N THR D 686 24.32 -24.57 -31.10
CA THR D 686 24.34 -25.88 -31.73
C THR D 686 23.83 -26.94 -30.75
N GLY D 687 22.61 -27.41 -30.96
CA GLY D 687 22.04 -28.47 -30.15
C GLY D 687 22.39 -29.84 -30.72
N ALA D 688 22.57 -30.80 -29.82
CA ALA D 688 23.06 -32.12 -30.20
C ALA D 688 22.23 -33.21 -29.51
N THR D 689 22.56 -34.45 -29.85
CA THR D 689 21.89 -35.64 -29.30
C THR D 689 22.27 -35.89 -27.84
N ASP D 690 23.18 -35.12 -27.27
CA ASP D 690 23.36 -35.14 -25.81
C ASP D 690 22.25 -34.40 -25.07
N GLY D 691 21.34 -33.72 -25.76
CA GLY D 691 20.49 -32.77 -25.10
C GLY D 691 21.25 -31.55 -24.63
N ARG D 692 22.29 -31.17 -25.36
CA ARG D 692 23.24 -30.16 -24.92
C ARG D 692 23.51 -29.17 -26.04
N VAL D 693 23.44 -27.87 -25.73
CA VAL D 693 23.62 -26.79 -26.68
C VAL D 693 24.93 -26.08 -26.41
N LEU D 694 25.72 -25.85 -27.45
CA LEU D 694 27.01 -25.18 -27.33
C LEU D 694 26.94 -23.79 -27.95
N LEU D 695 27.23 -22.78 -27.14
CA LEU D 695 27.40 -21.43 -27.65
C LEU D 695 28.76 -21.29 -28.33
N TRP D 696 28.75 -21.03 -29.64
CA TRP D 696 29.96 -20.87 -30.42
C TRP D 696 30.15 -19.42 -30.83
N ASP D 697 31.40 -19.08 -31.17
CA ASP D 697 31.74 -17.83 -31.81
C ASP D 697 32.37 -18.13 -33.17
N ILE D 698 32.19 -17.20 -34.11
CA ILE D 698 32.73 -17.38 -35.45
C ILE D 698 34.17 -16.90 -35.53
N GLY D 699 34.45 -15.67 -35.08
CA GLY D 699 35.77 -15.09 -35.25
C GLY D 699 36.85 -15.73 -34.41
N HIS D 700 36.49 -16.35 -33.29
CA HIS D 700 37.47 -17.01 -32.43
C HIS D 700 37.39 -18.54 -32.48
N GLY D 701 36.23 -19.10 -32.82
CA GLY D 701 36.06 -20.54 -32.87
C GLY D 701 36.15 -21.21 -31.51
N LEU D 702 35.35 -20.75 -30.55
CA LEU D 702 35.44 -21.20 -29.17
C LEU D 702 34.10 -21.77 -28.72
N MET D 703 34.16 -22.91 -28.03
CA MET D 703 32.99 -23.49 -27.36
C MET D 703 32.74 -22.73 -26.06
N VAL D 704 31.96 -21.65 -26.17
CA VAL D 704 31.87 -20.67 -25.09
C VAL D 704 30.96 -21.20 -23.98
N GLY D 705 29.68 -21.40 -24.29
CA GLY D 705 28.68 -21.71 -23.27
C GLY D 705 28.14 -23.13 -23.41
N GLU D 706 27.83 -23.73 -22.27
CA GLU D 706 27.23 -25.06 -22.22
C GLU D 706 25.88 -24.99 -21.52
N LEU D 707 24.89 -25.65 -22.10
CA LEU D 707 23.53 -25.70 -21.56
C LEU D 707 23.01 -27.11 -21.75
N LYS D 708 22.50 -27.73 -20.68
CA LYS D 708 22.09 -29.13 -20.76
C LYS D 708 20.82 -29.36 -19.95
N GLY D 709 20.16 -30.46 -20.28
CA GLY D 709 18.91 -30.85 -19.61
C GLY D 709 17.73 -31.09 -20.54
N HIS D 710 17.90 -30.98 -21.87
CA HIS D 710 16.79 -31.17 -22.80
C HIS D 710 16.46 -32.63 -23.05
N THR D 711 17.24 -33.57 -22.50
CA THR D 711 17.06 -35.02 -22.59
C THR D 711 17.11 -35.48 -24.06
N ASP D 712 18.32 -35.38 -24.60
CA ASP D 712 18.89 -36.18 -25.68
C ASP D 712 18.45 -35.88 -27.11
N THR D 713 17.54 -34.93 -27.36
CA THR D 713 17.22 -34.58 -28.76
C THR D 713 16.78 -33.11 -28.80
N VAL D 714 17.72 -32.24 -29.15
CA VAL D 714 17.42 -30.82 -29.33
C VAL D 714 16.92 -30.61 -30.76
N CYS D 715 15.63 -30.29 -30.91
CA CYS D 715 15.00 -30.18 -32.22
C CYS D 715 14.85 -28.75 -32.71
N SER D 716 14.50 -27.80 -31.84
CA SER D 716 14.15 -26.45 -32.26
C SER D 716 14.90 -25.44 -31.39
N LEU D 717 15.88 -24.77 -32.00
CA LEU D 717 16.58 -23.66 -31.38
C LEU D 717 16.24 -22.36 -32.10
N ARG D 718 16.37 -21.23 -31.38
CA ARG D 718 16.23 -19.92 -32.00
C ARG D 718 16.91 -18.87 -31.14
N PHE D 719 17.92 -18.20 -31.69
CA PHE D 719 18.29 -16.88 -31.18
C PHE D 719 17.18 -15.89 -31.52
N SER D 720 16.52 -15.38 -30.49
CA SER D 720 15.38 -14.48 -30.63
C SER D 720 15.81 -13.05 -30.91
N ARG D 721 14.89 -12.10 -30.72
CA ARG D 721 15.14 -10.65 -30.82
C ARG D 721 16.42 -10.24 -30.11
N ASP D 722 17.13 -9.27 -30.71
CA ASP D 722 18.59 -9.09 -30.78
C ASP D 722 19.40 -9.47 -29.54
N GLY D 723 18.87 -9.25 -28.33
CA GLY D 723 19.55 -9.67 -27.14
C GLY D 723 19.62 -11.19 -27.01
N GLU D 724 20.54 -11.64 -26.16
CA GLU D 724 20.80 -13.08 -26.00
C GLU D 724 19.69 -13.71 -25.17
N ILE D 725 18.57 -13.99 -25.82
CA ILE D 725 17.44 -14.68 -25.21
C ILE D 725 17.13 -15.87 -26.10
N LEU D 726 17.58 -17.05 -25.70
CA LEU D 726 17.26 -18.27 -26.42
C LEU D 726 15.84 -18.73 -26.20
N ALA D 727 15.19 -19.13 -27.28
CA ALA D 727 14.06 -20.05 -27.23
C ALA D 727 14.56 -21.41 -27.67
N SER D 728 14.14 -22.46 -26.97
CA SER D 728 14.68 -23.79 -27.22
C SER D 728 13.60 -24.83 -26.96
N GLY D 729 13.68 -25.94 -27.70
CA GLY D 729 12.70 -27.00 -27.60
C GLY D 729 13.25 -28.37 -27.92
N SER D 730 12.68 -29.41 -27.34
CA SER D 730 13.21 -30.75 -27.43
C SER D 730 12.11 -31.76 -27.67
N MET D 731 12.52 -32.97 -28.09
CA MET D 731 11.66 -34.14 -28.30
C MET D 731 10.72 -34.44 -27.14
N ASP D 732 11.19 -34.25 -25.90
CA ASP D 732 10.43 -34.64 -24.71
C ASP D 732 9.45 -33.57 -24.24
N ASN D 733 8.99 -32.70 -25.15
CA ASN D 733 7.88 -31.76 -24.95
C ASN D 733 8.24 -30.71 -23.91
N THR D 734 9.47 -30.21 -23.96
CA THR D 734 9.97 -29.21 -23.03
C THR D 734 10.32 -27.94 -23.80
N VAL D 735 10.00 -26.79 -23.21
CA VAL D 735 10.36 -25.48 -23.76
C VAL D 735 11.23 -24.80 -22.71
N ARG D 736 12.50 -24.58 -23.03
CA ARG D 736 13.39 -23.86 -22.14
C ARG D 736 13.83 -22.54 -22.77
N LEU D 737 13.56 -21.44 -22.05
CA LEU D 737 14.20 -20.18 -22.36
C LEU D 737 15.58 -20.15 -21.71
N TRP D 738 16.41 -19.20 -22.15
CA TRP D 738 17.74 -19.03 -21.59
C TRP D 738 18.08 -17.55 -21.58
N ASP D 739 17.98 -16.92 -20.41
CA ASP D 739 18.42 -15.54 -20.23
C ASP D 739 19.84 -15.61 -19.67
N ALA D 740 20.81 -15.74 -20.58
CA ALA D 740 22.22 -15.92 -20.23
C ALA D 740 23.03 -14.98 -21.11
N ILE D 741 23.30 -13.78 -20.60
CA ILE D 741 24.05 -12.77 -21.34
C ILE D 741 25.53 -13.09 -21.17
N LYS D 742 26.11 -13.79 -22.14
CA LYS D 742 27.50 -14.20 -22.11
C LYS D 742 28.25 -13.46 -23.23
N ALA D 743 29.23 -12.65 -22.84
CA ALA D 743 30.01 -11.88 -23.81
C ALA D 743 31.38 -11.61 -23.21
N PHE D 744 32.44 -12.08 -23.88
CA PHE D 744 33.80 -11.90 -23.42
C PHE D 744 34.74 -12.05 -24.61
N GLU D 745 36.04 -11.89 -24.35
CA GLU D 745 37.06 -12.03 -25.38
C GLU D 745 38.36 -12.39 -24.69
N ASP D 746 38.78 -13.64 -24.85
CA ASP D 746 39.99 -14.14 -24.20
C ASP D 746 40.49 -15.35 -24.99
N LEU D 747 41.43 -16.10 -24.41
CA LEU D 747 41.97 -17.29 -25.04
C LEU D 747 41.27 -18.58 -24.60
N GLU D 748 40.75 -18.61 -23.39
CA GLU D 748 39.97 -19.76 -22.92
C GLU D 748 38.83 -19.24 -22.06
N THR D 749 37.82 -20.08 -21.86
CA THR D 749 36.61 -19.65 -21.16
C THR D 749 35.92 -20.85 -20.54
N ASP D 750 35.04 -20.55 -19.59
CA ASP D 750 34.19 -21.54 -18.93
C ASP D 750 32.96 -20.81 -18.42
N ASP D 751 31.90 -21.58 -18.15
CA ASP D 751 30.62 -21.00 -17.79
C ASP D 751 29.94 -21.91 -16.77
N PHE D 752 28.64 -21.66 -16.55
CA PHE D 752 27.88 -22.39 -15.54
C PHE D 752 26.42 -22.47 -15.95
N THR D 753 25.67 -23.33 -15.27
CA THR D 753 24.29 -23.62 -15.58
C THR D 753 23.37 -22.66 -14.81
N THR D 754 22.08 -23.01 -14.73
CA THR D 754 21.04 -22.33 -13.94
C THR D 754 20.83 -20.88 -14.39
N ALA D 755 20.34 -20.76 -15.63
CA ALA D 755 20.00 -19.46 -16.20
C ALA D 755 18.49 -19.17 -16.14
N THR D 756 17.67 -20.03 -16.75
CA THR D 756 16.24 -19.79 -16.88
C THR D 756 15.51 -21.13 -16.79
N GLY D 757 14.26 -21.10 -16.31
CA GLY D 757 13.47 -22.30 -16.11
C GLY D 757 12.60 -22.67 -17.31
N HIS D 758 12.00 -23.86 -17.22
CA HIS D 758 11.34 -24.48 -18.36
C HIS D 758 9.82 -24.35 -18.30
N ILE D 759 9.16 -24.70 -19.41
CA ILE D 759 7.71 -24.84 -19.51
C ILE D 759 7.44 -26.13 -20.28
N ASN D 760 6.48 -26.94 -19.82
CA ASN D 760 6.23 -28.26 -20.36
C ASN D 760 4.96 -28.30 -21.22
N LEU D 761 4.62 -29.49 -21.68
CA LEU D 761 3.63 -29.70 -22.73
C LEU D 761 2.96 -31.04 -22.51
N PRO D 762 1.83 -31.32 -23.23
CA PRO D 762 1.39 -32.70 -23.40
C PRO D 762 2.17 -33.38 -24.51
N GLU D 763 1.74 -34.56 -24.96
CA GLU D 763 2.43 -35.21 -26.07
C GLU D 763 2.18 -34.47 -27.37
N ASN D 764 3.06 -33.52 -27.71
CA ASN D 764 3.11 -32.91 -29.04
C ASN D 764 4.53 -32.41 -29.29
N SER D 765 5.28 -33.16 -30.10
CA SER D 765 6.69 -32.87 -30.31
C SER D 765 6.86 -31.64 -31.19
N GLN D 766 8.09 -31.13 -31.23
CA GLN D 766 8.38 -29.82 -31.79
C GLN D 766 9.33 -29.93 -32.98
N GLU D 767 8.85 -29.52 -34.14
CA GLU D 767 9.64 -29.58 -35.36
C GLU D 767 10.59 -28.38 -35.48
N LEU D 768 10.05 -27.16 -35.52
CA LEU D 768 10.89 -25.97 -35.53
C LEU D 768 10.28 -24.91 -34.61
N LEU D 769 10.70 -23.66 -34.81
CA LEU D 769 10.53 -22.59 -33.86
C LEU D 769 10.78 -21.27 -34.57
N LEU D 770 10.20 -20.19 -34.04
CA LEU D 770 10.41 -18.85 -34.60
C LEU D 770 10.30 -17.82 -33.49
N GLY D 771 11.43 -17.20 -33.16
CA GLY D 771 11.42 -15.94 -32.45
C GLY D 771 10.82 -14.91 -33.38
N THR D 772 9.74 -14.26 -32.93
CA THR D 772 8.84 -13.51 -33.81
C THR D 772 9.48 -12.28 -34.45
N TYR D 773 9.52 -12.26 -35.78
CA TYR D 773 9.79 -11.03 -36.51
C TYR D 773 8.66 -10.05 -36.24
N MET D 774 9.03 -8.82 -35.85
CA MET D 774 8.22 -7.62 -35.53
C MET D 774 7.58 -7.64 -34.14
N THR D 775 7.70 -8.68 -33.33
CA THR D 775 6.99 -8.73 -32.06
C THR D 775 7.81 -9.53 -31.06
N LYS D 776 7.73 -9.16 -29.77
CA LYS D 776 8.25 -9.99 -28.70
C LYS D 776 7.27 -11.14 -28.40
N SER D 777 7.36 -12.19 -29.20
CA SER D 777 6.51 -13.37 -29.02
C SER D 777 7.28 -14.60 -29.46
N THR D 778 6.68 -15.77 -29.24
CA THR D 778 7.29 -17.05 -29.62
C THR D 778 6.19 -18.06 -29.94
N PRO D 779 5.90 -18.28 -31.24
CA PRO D 779 5.05 -19.42 -31.61
C PRO D 779 5.89 -20.66 -31.88
N VAL D 780 5.38 -21.83 -31.50
CA VAL D 780 6.10 -23.09 -31.70
C VAL D 780 5.14 -24.04 -32.42
N VAL D 781 5.72 -25.02 -33.11
CA VAL D 781 4.95 -26.02 -33.85
C VAL D 781 4.91 -27.29 -33.01
N HIS D 782 3.73 -27.90 -32.90
CA HIS D 782 3.49 -29.01 -31.99
C HIS D 782 2.81 -30.13 -32.75
N LEU D 783 3.48 -31.29 -32.87
CA LEU D 783 2.95 -32.43 -33.63
C LEU D 783 3.17 -33.78 -32.94
N HIS D 784 2.19 -34.18 -32.13
CA HIS D 784 1.85 -35.59 -31.93
C HIS D 784 0.35 -35.80 -31.82
N PHE D 785 -0.44 -34.76 -31.58
CA PHE D 785 -1.90 -34.84 -31.51
C PHE D 785 -2.56 -34.10 -32.66
N THR D 786 -2.25 -32.82 -32.84
CA THR D 786 -2.99 -31.92 -33.71
C THR D 786 -2.01 -30.83 -34.16
N ARG D 787 -2.19 -30.35 -35.39
CA ARG D 787 -1.31 -29.35 -36.01
C ARG D 787 -1.51 -27.95 -35.40
N ARG D 788 -1.25 -27.83 -34.10
CA ARG D 788 -1.57 -26.63 -33.34
C ARG D 788 -0.32 -25.79 -33.11
N ASN D 789 -0.19 -24.73 -33.89
CA ASN D 789 0.77 -23.66 -33.59
C ASN D 789 0.39 -22.99 -32.28
N LEU D 790 1.28 -23.06 -31.29
CA LEU D 790 0.99 -22.50 -29.97
C LEU D 790 1.97 -21.38 -29.68
N VAL D 791 1.45 -20.25 -29.19
CA VAL D 791 2.21 -19.01 -29.06
C VAL D 791 2.43 -18.72 -27.59
N LEU D 792 3.65 -18.30 -27.25
CA LEU D 792 4.01 -18.00 -25.86
C LEU D 792 4.86 -16.74 -25.84
N ALA D 793 5.10 -16.24 -24.62
CA ALA D 793 5.77 -14.95 -24.45
C ALA D 793 6.99 -15.05 -23.55
N ALA D 794 7.57 -13.91 -23.23
CA ALA D 794 8.80 -13.81 -22.44
C ALA D 794 8.82 -12.41 -21.82
N GLY D 795 9.98 -12.01 -21.31
CA GLY D 795 10.11 -10.69 -20.70
C GLY D 795 10.73 -10.70 -19.32
N ALA D 796 11.44 -11.76 -18.97
CA ALA D 796 12.12 -11.83 -17.68
C ALA D 796 13.40 -11.01 -17.69
N SER E 217 -7.02 -5.10 30.37
CA SER E 217 -7.27 -4.34 31.59
C SER E 217 -6.77 -5.07 32.83
N VAL E 218 -7.55 -5.02 33.91
CA VAL E 218 -7.17 -5.57 35.20
C VAL E 218 -7.92 -6.85 35.51
N GLU E 219 -9.23 -6.87 35.20
CA GLU E 219 -10.08 -8.02 35.54
C GLU E 219 -9.73 -9.28 34.75
N GLN E 220 -9.06 -9.11 33.60
CA GLN E 220 -8.63 -10.25 32.79
C GLN E 220 -7.65 -11.13 33.56
N GLN E 221 -6.62 -10.53 34.16
CA GLN E 221 -5.64 -11.32 34.90
C GLN E 221 -6.14 -11.69 36.28
N LEU E 222 -7.11 -10.97 36.84
CA LEU E 222 -7.74 -11.40 38.08
C LEU E 222 -8.53 -12.69 37.87
N TYR E 223 -9.34 -12.72 36.80
CA TYR E 223 -10.05 -13.94 36.42
C TYR E 223 -9.07 -15.07 36.09
N TYR E 224 -7.98 -14.74 35.40
CA TYR E 224 -6.98 -15.74 35.05
C TYR E 224 -6.29 -16.31 36.29
N LYS E 225 -5.91 -15.46 37.24
CA LYS E 225 -5.28 -15.91 38.48
C LYS E 225 -6.21 -16.79 39.29
N GLU E 226 -7.47 -16.37 39.45
CA GLU E 226 -8.40 -17.18 40.24
C GLU E 226 -8.78 -18.47 39.53
N ILE E 227 -8.82 -18.47 38.20
CA ILE E 227 -9.19 -19.70 37.51
C ILE E 227 -8.02 -20.68 37.46
N THR E 228 -6.77 -20.18 37.46
CA THR E 228 -5.63 -21.10 37.55
C THR E 228 -5.41 -21.59 38.98
N GLU E 229 -5.73 -20.77 39.99
CA GLU E 229 -5.65 -21.25 41.36
C GLU E 229 -6.78 -22.23 41.67
N ALA E 230 -7.93 -22.10 41.00
CA ALA E 230 -8.92 -23.15 41.07
C ALA E 230 -8.50 -24.39 40.27
N CYS E 231 -7.69 -24.20 39.22
CA CYS E 231 -7.17 -25.32 38.46
C CYS E 231 -6.15 -26.12 39.25
N VAL E 232 -5.34 -25.46 40.07
CA VAL E 232 -4.28 -26.12 40.83
C VAL E 232 -4.77 -26.54 42.21
N GLY E 233 -5.56 -25.69 42.87
CA GLY E 233 -6.07 -26.02 44.19
C GLY E 233 -7.10 -27.14 44.13
N SER E 234 -7.06 -28.00 45.16
CA SER E 234 -7.87 -29.22 45.20
C SER E 234 -9.18 -29.03 45.96
N CYS E 235 -9.71 -27.81 46.02
CA CYS E 235 -11.04 -27.57 46.57
C CYS E 235 -12.06 -28.14 45.60
N GLU E 236 -12.70 -29.26 45.99
CA GLU E 236 -13.46 -30.07 45.05
C GLU E 236 -14.77 -29.39 44.64
N ALA E 237 -15.41 -28.70 45.58
CA ALA E 237 -16.58 -27.90 45.23
C ALA E 237 -16.21 -26.75 44.30
N LYS E 238 -15.09 -26.08 44.58
CA LYS E 238 -14.61 -25.03 43.69
C LYS E 238 -14.09 -25.61 42.38
N ARG E 239 -13.54 -26.83 42.41
CA ARG E 239 -13.18 -27.57 41.21
C ARG E 239 -14.37 -27.75 40.27
N ALA E 240 -15.43 -28.37 40.77
CA ALA E 240 -16.62 -28.61 39.95
C ALA E 240 -17.33 -27.31 39.57
N GLU E 241 -17.27 -26.30 40.43
CA GLU E 241 -17.92 -25.03 40.11
C GLU E 241 -17.14 -24.28 39.03
N ALA E 242 -15.80 -24.35 39.06
CA ALA E 242 -15.01 -23.72 38.02
C ALA E 242 -15.14 -24.47 36.69
N LEU E 243 -15.27 -25.80 36.74
CA LEU E 243 -15.50 -26.56 35.51
C LEU E 243 -16.85 -26.23 34.89
N GLN E 244 -17.90 -26.14 35.72
CA GLN E 244 -19.21 -25.72 35.21
C GLN E 244 -19.21 -24.25 34.80
N SER E 245 -18.34 -23.44 35.40
CA SER E 245 -18.18 -22.05 34.98
C SER E 245 -17.63 -21.96 33.57
N ILE E 246 -16.53 -22.67 33.30
CA ILE E 246 -15.93 -22.69 31.96
C ILE E 246 -16.91 -23.31 30.95
N ALA E 247 -17.67 -24.32 31.41
CA ALA E 247 -18.72 -24.88 30.56
C ALA E 247 -19.88 -23.91 30.32
N THR E 248 -20.06 -22.90 31.18
CA THR E 248 -21.19 -21.99 31.04
C THR E 248 -20.70 -20.54 31.01
N ASP E 249 -19.74 -20.23 30.15
CA ASP E 249 -19.30 -18.86 29.95
C ASP E 249 -19.64 -18.37 28.55
N PRO E 250 -20.62 -17.48 28.40
CA PRO E 250 -20.85 -16.85 27.09
C PRO E 250 -19.80 -15.78 26.79
N GLY E 251 -19.04 -16.00 25.71
CA GLY E 251 -18.11 -15.00 25.24
C GLY E 251 -16.75 -14.96 25.91
N LEU E 252 -16.35 -16.04 26.60
CA LEU E 252 -15.03 -16.07 27.23
C LEU E 252 -14.00 -16.48 26.20
N TYR E 253 -13.44 -15.49 25.50
CA TYR E 253 -12.22 -15.68 24.72
C TYR E 253 -11.38 -14.42 24.84
N GLN E 254 -10.24 -14.43 24.12
CA GLN E 254 -9.05 -13.55 24.17
C GLN E 254 -8.19 -13.86 25.40
N MET E 255 -8.72 -14.67 26.32
CA MET E 255 -7.92 -15.32 27.34
C MET E 255 -7.57 -16.74 26.93
N LEU E 256 -8.34 -17.30 26.01
CA LEU E 256 -8.07 -18.62 25.42
C LEU E 256 -6.64 -18.85 24.89
N PRO E 257 -5.92 -17.88 24.29
CA PRO E 257 -4.49 -18.16 24.01
C PRO E 257 -3.65 -18.39 25.24
N ARG E 258 -3.79 -17.55 26.27
CA ARG E 258 -3.05 -17.76 27.51
C ARG E 258 -3.55 -18.99 28.25
N PHE E 259 -4.84 -19.30 28.13
CA PHE E 259 -5.44 -20.50 28.69
C PHE E 259 -4.79 -21.75 28.10
N SER E 260 -4.75 -21.82 26.77
CA SER E 260 -4.18 -22.99 26.07
C SER E 260 -2.67 -23.06 26.24
N THR E 261 -2.00 -21.90 26.33
CA THR E 261 -0.55 -21.89 26.55
C THR E 261 -0.20 -22.41 27.94
N PHE E 262 -0.98 -21.99 28.95
CA PHE E 262 -0.84 -22.54 30.30
C PHE E 262 -1.14 -24.04 30.32
N ILE E 263 -2.13 -24.48 29.52
CA ILE E 263 -2.43 -25.91 29.41
C ILE E 263 -1.26 -26.70 28.85
N SER E 264 -0.67 -26.21 27.75
CA SER E 264 0.43 -26.93 27.10
C SER E 264 1.68 -26.96 27.98
N GLU E 265 2.01 -25.83 28.60
CA GLU E 265 3.19 -25.78 29.46
C GLU E 265 2.96 -26.55 30.76
N GLY E 266 1.74 -26.56 31.29
CA GLY E 266 1.45 -27.38 32.46
C GLY E 266 1.46 -28.86 32.14
N VAL E 267 1.09 -29.24 30.92
CA VAL E 267 1.21 -30.62 30.49
C VAL E 267 2.68 -31.04 30.42
N ARG E 268 3.53 -30.17 29.88
CA ARG E 268 4.97 -30.46 29.84
C ARG E 268 5.57 -30.57 31.25
N VAL E 269 5.20 -29.63 32.13
CA VAL E 269 5.70 -29.64 33.51
C VAL E 269 5.20 -30.86 34.27
N ASN E 270 3.93 -31.24 34.07
CA ASN E 270 3.39 -32.41 34.75
C ASN E 270 3.85 -33.73 34.15
N VAL E 271 4.31 -33.74 32.90
CA VAL E 271 5.02 -34.91 32.38
C VAL E 271 6.38 -35.04 33.08
N VAL E 272 7.07 -33.90 33.27
CA VAL E 272 8.34 -33.91 33.99
C VAL E 272 8.14 -34.30 35.47
N GLN E 273 7.06 -33.85 36.10
CA GLN E 273 6.85 -33.98 37.54
C GLN E 273 5.99 -35.19 37.92
N ASN E 274 5.24 -35.75 36.97
CA ASN E 274 4.51 -37.03 37.12
C ASN E 274 3.44 -36.94 38.20
N ASN E 275 2.60 -35.91 38.12
CA ASN E 275 1.49 -35.69 39.05
C ASN E 275 0.19 -35.96 38.29
N LEU E 276 -0.43 -37.12 38.57
CA LEU E 276 -1.65 -37.54 37.89
C LEU E 276 -2.83 -36.63 38.19
N ALA E 277 -2.86 -36.03 39.39
CA ALA E 277 -4.00 -35.23 39.78
C ALA E 277 -4.09 -33.95 38.96
N LEU E 278 -2.97 -33.27 38.77
CA LEU E 278 -2.95 -32.10 37.89
C LEU E 278 -3.19 -32.49 36.43
N LEU E 279 -2.84 -33.71 36.05
CA LEU E 279 -3.14 -34.19 34.70
C LEU E 279 -4.64 -34.36 34.49
N ILE E 280 -5.35 -34.94 35.46
CA ILE E 280 -6.79 -35.08 35.27
C ILE E 280 -7.49 -33.73 35.46
N TYR E 281 -6.87 -32.81 36.21
CA TYR E 281 -7.38 -31.44 36.29
C TYR E 281 -7.30 -30.76 34.93
N LEU E 282 -6.16 -30.91 34.24
CA LEU E 282 -6.01 -30.34 32.91
C LEU E 282 -6.90 -31.02 31.87
N MET E 283 -7.16 -32.32 32.03
CA MET E 283 -8.05 -32.99 31.10
C MET E 283 -9.50 -32.57 31.31
N ARG E 284 -9.92 -32.36 32.57
CA ARG E 284 -11.22 -31.77 32.82
C ARG E 284 -11.30 -30.32 32.36
N MET E 285 -10.16 -29.62 32.37
CA MET E 285 -10.09 -28.27 31.81
C MET E 285 -10.32 -28.28 30.30
N VAL E 286 -9.74 -29.26 29.61
CA VAL E 286 -9.97 -29.43 28.17
C VAL E 286 -11.42 -29.85 27.90
N LYS E 287 -11.98 -30.72 28.75
CA LYS E 287 -13.39 -31.09 28.65
C LYS E 287 -14.31 -29.88 28.84
N ALA E 288 -13.96 -28.98 29.76
CA ALA E 288 -14.74 -27.77 29.97
C ALA E 288 -14.61 -26.81 28.80
N LEU E 289 -13.43 -26.79 28.16
CA LEU E 289 -13.29 -26.06 26.91
C LEU E 289 -14.15 -26.65 25.80
N MET E 290 -14.36 -27.97 25.82
CA MET E 290 -15.15 -28.61 24.77
C MET E 290 -16.64 -28.26 24.87
N ASP E 291 -17.16 -28.12 26.09
CA ASP E 291 -18.60 -28.05 26.33
C ASP E 291 -19.17 -26.65 26.18
N ASN E 292 -18.48 -25.74 25.49
CA ASN E 292 -19.01 -24.41 25.23
C ASN E 292 -19.45 -24.31 23.76
N PRO E 293 -20.72 -24.00 23.48
CA PRO E 293 -21.15 -23.82 22.09
C PRO E 293 -20.78 -22.47 21.48
N THR E 294 -20.01 -21.67 22.21
CA THR E 294 -19.59 -20.34 21.75
C THR E 294 -18.12 -20.30 21.32
N LEU E 295 -17.27 -21.12 21.94
CA LEU E 295 -15.83 -21.16 21.66
C LEU E 295 -15.57 -21.72 20.27
N TYR E 296 -15.24 -20.84 19.34
CA TYR E 296 -14.64 -21.28 18.07
C TYR E 296 -13.18 -21.62 18.35
N LEU E 297 -12.92 -22.88 18.70
CA LEU E 297 -11.64 -23.31 19.23
C LEU E 297 -10.59 -23.58 18.15
N GLU E 298 -10.99 -23.51 16.87
CA GLU E 298 -10.27 -23.99 15.69
C GLU E 298 -8.78 -23.63 15.63
N LYS E 299 -8.49 -22.32 15.62
CA LYS E 299 -7.13 -21.82 15.38
C LYS E 299 -6.16 -22.19 16.50
N TYR E 300 -6.67 -22.59 17.65
CA TYR E 300 -5.85 -22.94 18.80
C TYR E 300 -5.80 -24.45 19.04
N VAL E 301 -6.49 -25.24 18.19
CA VAL E 301 -6.49 -26.69 18.28
C VAL E 301 -5.08 -27.27 18.12
N HIS E 302 -4.22 -26.59 17.36
CA HIS E 302 -2.82 -26.99 17.20
C HIS E 302 -2.01 -26.93 18.50
N GLU E 303 -2.54 -26.29 19.55
CA GLU E 303 -1.90 -26.38 20.86
C GLU E 303 -2.51 -27.46 21.74
N LEU E 304 -3.78 -27.81 21.52
CA LEU E 304 -4.44 -28.80 22.37
C LEU E 304 -4.10 -30.22 21.94
N ILE E 305 -3.85 -30.44 20.64
CA ILE E 305 -3.51 -31.78 20.15
C ILE E 305 -2.20 -32.32 20.72
N PRO E 306 -1.10 -31.54 20.82
CA PRO E 306 0.02 -32.05 21.63
C PRO E 306 -0.32 -32.22 23.11
N ALA E 307 -0.93 -31.21 23.73
CA ALA E 307 -1.10 -31.16 25.18
C ALA E 307 -1.97 -32.29 25.70
N VAL E 308 -2.94 -32.76 24.93
CA VAL E 308 -3.64 -33.98 25.33
C VAL E 308 -2.78 -35.20 25.03
N MET E 309 -2.25 -35.30 23.80
CA MET E 309 -1.62 -36.53 23.36
C MET E 309 -0.26 -36.80 23.99
N THR E 310 0.43 -35.75 24.46
CA THR E 310 1.64 -35.97 25.28
C THR E 310 1.27 -36.66 26.58
N CYS E 311 0.06 -36.42 27.09
CA CYS E 311 -0.46 -37.19 28.22
C CYS E 311 -0.75 -38.64 27.88
N ILE E 312 -0.88 -38.98 26.59
CA ILE E 312 -1.21 -40.35 26.19
C ILE E 312 0.04 -41.12 25.79
N VAL E 313 1.22 -40.65 26.21
CA VAL E 313 2.51 -41.20 25.78
C VAL E 313 3.34 -41.66 26.98
N SER E 314 3.46 -40.82 28.01
CA SER E 314 4.60 -40.71 28.92
C SER E 314 5.11 -42.00 29.57
N ARG E 315 6.36 -41.99 29.99
CA ARG E 315 7.23 -43.18 29.99
C ARG E 315 7.14 -44.06 31.22
N GLN E 316 5.97 -44.11 31.87
CA GLN E 316 5.71 -44.91 33.07
C GLN E 316 6.60 -44.51 34.24
N LEU E 317 6.89 -43.22 34.35
CA LEU E 317 7.79 -42.70 35.37
C LEU E 317 7.06 -42.36 36.67
N CYS E 318 5.85 -42.88 36.84
CA CYS E 318 5.09 -42.77 38.07
C CYS E 318 5.21 -44.06 38.90
N LEU E 319 4.31 -44.24 39.85
CA LEU E 319 4.15 -45.53 40.52
C LEU E 319 3.24 -46.44 39.69
N ARG E 320 3.24 -47.72 40.02
CA ARG E 320 2.57 -48.66 39.10
C ARG E 320 1.03 -48.77 39.14
N PRO E 321 0.34 -49.30 40.22
CA PRO E 321 -1.01 -49.87 40.04
C PRO E 321 -2.15 -48.89 39.76
N ASP E 322 -2.34 -47.99 40.72
CA ASP E 322 -3.43 -47.02 40.64
C ASP E 322 -3.18 -46.03 39.52
N VAL E 323 -1.91 -45.77 39.19
CA VAL E 323 -1.61 -44.95 38.03
C VAL E 323 -1.92 -45.71 36.73
N ASP E 324 -1.93 -47.06 36.76
CA ASP E 324 -2.47 -47.80 35.61
C ASP E 324 -3.98 -47.56 35.48
N ASN E 325 -4.68 -47.50 36.61
CA ASN E 325 -6.08 -47.03 36.55
C ASN E 325 -6.17 -45.58 36.07
N HIS E 326 -5.15 -44.77 36.38
CA HIS E 326 -5.13 -43.41 35.84
C HIS E 326 -4.78 -43.40 34.35
N TRP E 327 -4.07 -44.42 33.85
CA TRP E 327 -3.94 -44.59 32.40
C TRP E 327 -5.30 -44.89 31.79
N ALA E 328 -6.17 -45.61 32.50
CA ALA E 328 -7.56 -45.74 32.03
C ALA E 328 -8.29 -44.38 32.05
N LEU E 329 -7.96 -43.52 33.03
CA LEU E 329 -8.50 -42.16 32.96
C LEU E 329 -7.90 -41.37 31.80
N ARG E 330 -6.70 -41.72 31.36
CA ARG E 330 -6.19 -41.16 30.12
C ARG E 330 -6.82 -41.82 28.88
N ASP E 331 -7.46 -42.98 29.04
CA ASP E 331 -8.33 -43.45 27.97
C ASP E 331 -9.61 -42.61 27.89
N PHE E 332 -10.08 -42.12 29.04
CA PHE E 332 -11.10 -41.06 29.01
C PHE E 332 -10.56 -39.78 28.34
N ALA E 333 -9.28 -39.50 28.52
CA ALA E 333 -8.67 -38.42 27.73
C ALA E 333 -8.63 -38.77 26.24
N ALA E 334 -8.51 -40.05 25.91
CA ALA E 334 -8.65 -40.45 24.50
C ALA E 334 -10.09 -40.31 24.01
N ARG E 335 -11.08 -40.44 24.92
CA ARG E 335 -12.45 -40.06 24.59
C ARG E 335 -12.55 -38.56 24.27
N LEU E 336 -11.81 -37.74 25.01
CA LEU E 336 -11.69 -36.32 24.64
C LEU E 336 -11.05 -36.13 23.26
N VAL E 337 -10.05 -36.96 22.94
CA VAL E 337 -9.45 -36.95 21.59
C VAL E 337 -10.50 -37.32 20.54
N ALA E 338 -11.38 -38.26 20.87
CA ALA E 338 -12.49 -38.62 19.98
C ALA E 338 -13.46 -37.46 19.79
N GLN E 339 -13.73 -36.70 20.86
CA GLN E 339 -14.61 -35.53 20.71
C GLN E 339 -13.95 -34.44 19.86
N ILE E 340 -12.63 -34.30 19.93
CA ILE E 340 -11.91 -33.34 19.10
C ILE E 340 -11.96 -33.77 17.63
N CYS E 341 -11.78 -35.07 17.39
CA CYS E 341 -11.91 -35.60 16.02
C CYS E 341 -13.33 -35.46 15.49
N LYS E 342 -14.34 -35.56 16.36
CA LYS E 342 -15.71 -35.34 15.91
C LYS E 342 -15.98 -33.88 15.57
N HIS E 343 -15.42 -32.93 16.33
CA HIS E 343 -15.76 -31.53 16.10
C HIS E 343 -14.79 -30.75 15.21
N PHE E 344 -13.63 -31.32 14.84
CA PHE E 344 -12.64 -30.48 14.15
C PHE E 344 -11.99 -31.13 12.94
N SER E 345 -12.66 -32.06 12.26
CA SER E 345 -12.15 -32.64 11.02
C SER E 345 -12.56 -31.86 9.77
N THR E 346 -12.94 -30.59 9.92
CA THR E 346 -13.43 -29.76 8.81
C THR E 346 -12.29 -29.02 8.09
N THR E 347 -11.04 -29.34 8.42
CA THR E 347 -9.88 -28.76 7.77
C THR E 347 -9.74 -29.36 6.36
N THR E 348 -8.82 -28.79 5.56
CA THR E 348 -8.30 -29.50 4.41
C THR E 348 -7.62 -30.75 4.98
N ASN E 349 -8.22 -31.91 4.72
CA ASN E 349 -8.32 -33.03 5.66
C ASN E 349 -6.97 -33.54 6.17
N ASN E 350 -6.66 -33.18 7.41
CA ASN E 350 -5.35 -33.35 8.02
C ASN E 350 -5.40 -33.97 9.40
N ILE E 351 -6.42 -33.64 10.20
CA ILE E 351 -6.39 -33.92 11.64
C ILE E 351 -6.54 -35.42 11.91
N GLN E 352 -7.59 -36.04 11.37
CA GLN E 352 -7.81 -37.47 11.55
C GLN E 352 -6.69 -38.28 10.91
N SER E 353 -6.19 -37.82 9.76
CA SER E 353 -5.07 -38.48 9.10
C SER E 353 -3.80 -38.44 9.95
N ARG E 354 -3.52 -37.28 10.55
CA ARG E 354 -2.33 -37.13 11.40
C ARG E 354 -2.44 -38.00 12.65
N ILE E 355 -3.61 -38.01 13.29
CA ILE E 355 -3.79 -38.78 14.52
C ILE E 355 -3.78 -40.28 14.23
N THR E 356 -4.33 -40.73 13.09
CA THR E 356 -4.27 -42.13 12.75
C THR E 356 -2.87 -42.58 12.34
N LYS E 357 -2.10 -41.71 11.67
CA LYS E 357 -0.71 -42.06 11.36
C LYS E 357 0.13 -42.15 12.63
N THR E 358 -0.10 -41.24 13.60
CA THR E 358 0.62 -41.28 14.86
C THR E 358 0.27 -42.55 15.65
N PHE E 359 -1.02 -42.86 15.74
CA PHE E 359 -1.45 -44.08 16.43
C PHE E 359 -0.97 -45.35 15.72
N THR E 360 -0.86 -45.31 14.39
CA THR E 360 -0.36 -46.47 13.65
C THR E 360 1.13 -46.68 13.91
N LYS E 361 1.92 -45.60 13.88
CA LYS E 361 3.35 -45.71 14.19
C LYS E 361 3.60 -46.09 15.64
N SER E 362 2.69 -45.72 16.54
CA SER E 362 2.79 -46.20 17.92
C SER E 362 2.41 -47.67 18.03
N TRP E 363 1.39 -48.10 17.28
CA TRP E 363 0.79 -49.42 17.46
C TRP E 363 1.61 -50.52 16.80
N VAL E 364 2.19 -50.25 15.63
CA VAL E 364 2.77 -51.31 14.82
C VAL E 364 4.11 -51.79 15.38
N ASP E 365 5.02 -50.86 15.64
CA ASP E 365 6.43 -51.18 15.83
C ASP E 365 6.70 -51.85 17.18
N GLU E 366 7.88 -52.43 17.31
CA GLU E 366 8.38 -52.95 18.57
C GLU E 366 9.17 -51.79 19.22
N LYS E 367 9.82 -52.07 20.36
CA LYS E 367 10.47 -51.06 21.23
C LYS E 367 9.46 -50.00 21.67
N THR E 368 8.23 -50.43 21.92
CA THR E 368 7.14 -49.55 22.34
C THR E 368 6.66 -50.02 23.70
N PRO E 369 6.75 -49.18 24.74
CA PRO E 369 6.29 -49.60 26.07
C PRO E 369 4.78 -49.73 26.13
N TRP E 370 4.32 -50.29 27.25
CA TRP E 370 2.89 -50.56 27.41
C TRP E 370 2.07 -49.30 27.60
N THR E 371 2.70 -48.20 28.05
CA THR E 371 2.03 -46.91 28.05
C THR E 371 1.68 -46.46 26.63
N THR E 372 2.62 -46.62 25.69
CA THR E 372 2.41 -46.15 24.32
C THR E 372 1.42 -47.04 23.57
N ARG E 373 1.60 -48.36 23.68
CA ARG E 373 0.65 -49.31 23.08
C ARG E 373 -0.73 -49.18 23.70
N TYR E 374 -0.79 -48.96 25.02
CA TYR E 374 -2.06 -48.81 25.72
C TYR E 374 -2.79 -47.56 25.27
N GLY E 375 -2.08 -46.44 25.17
CA GLY E 375 -2.69 -45.21 24.70
C GLY E 375 -3.07 -45.24 23.23
N SER E 376 -2.29 -45.93 22.40
CA SER E 376 -2.63 -46.06 20.99
C SER E 376 -3.88 -46.91 20.78
N ILE E 377 -3.95 -48.06 21.48
CA ILE E 377 -5.12 -48.92 21.41
C ILE E 377 -6.35 -48.20 21.98
N ALA E 378 -6.16 -47.39 23.02
CA ALA E 378 -7.27 -46.64 23.60
C ALA E 378 -7.76 -45.54 22.66
N GLY E 379 -6.84 -44.84 21.99
CA GLY E 379 -7.24 -43.80 21.07
C GLY E 379 -7.93 -44.35 19.83
N LEU E 380 -7.41 -45.46 19.28
CA LEU E 380 -8.08 -46.12 18.16
C LEU E 380 -9.39 -46.77 18.60
N ALA E 381 -9.51 -47.11 19.89
CA ALA E 381 -10.79 -47.56 20.42
C ALA E 381 -11.80 -46.43 20.44
N GLU E 382 -11.38 -45.25 20.88
CA GLU E 382 -12.28 -44.11 20.96
C GLU E 382 -12.61 -43.53 19.59
N LEU E 383 -11.76 -43.75 18.57
CA LEU E 383 -12.05 -43.21 17.24
C LEU E 383 -13.26 -43.89 16.58
N GLY E 384 -13.61 -45.10 17.01
CA GLY E 384 -14.89 -45.65 16.64
C GLY E 384 -14.93 -46.99 15.93
N HIS E 385 -15.92 -47.15 15.05
CA HIS E 385 -16.34 -48.47 14.58
C HIS E 385 -15.36 -49.07 13.58
N ASP E 386 -15.20 -48.41 12.42
CA ASP E 386 -14.39 -48.99 11.36
C ASP E 386 -12.90 -48.88 11.61
N VAL E 387 -12.48 -48.04 12.56
CA VAL E 387 -11.10 -48.06 13.03
C VAL E 387 -10.77 -49.42 13.66
N ILE E 388 -11.64 -49.90 14.55
CA ILE E 388 -11.46 -51.21 15.15
C ILE E 388 -11.68 -52.31 14.10
N LYS E 389 -12.58 -52.06 13.15
CA LYS E 389 -12.87 -53.07 12.13
C LYS E 389 -11.69 -53.27 11.17
N THR E 390 -11.00 -52.20 10.80
CA THR E 390 -9.99 -52.30 9.74
C THR E 390 -8.55 -52.22 10.23
N LEU E 391 -8.27 -51.47 11.30
CA LEU E 391 -6.89 -51.20 11.69
C LEU E 391 -6.39 -52.11 12.82
N ILE E 392 -7.28 -52.58 13.69
CA ILE E 392 -6.88 -53.38 14.85
C ILE E 392 -6.95 -54.86 14.47
N LEU E 393 -7.94 -55.21 13.63
CA LEU E 393 -8.19 -56.58 13.16
C LEU E 393 -7.01 -57.34 12.56
N PRO E 394 -6.15 -56.77 11.61
CA PRO E 394 -5.09 -57.61 11.03
C PRO E 394 -4.02 -58.11 11.99
N ARG E 395 -3.41 -57.22 12.77
CA ARG E 395 -2.37 -57.62 13.71
C ARG E 395 -2.88 -57.68 15.15
N LEU E 396 -4.18 -57.93 15.32
CA LEU E 396 -4.74 -58.35 16.60
C LEU E 396 -4.06 -59.63 17.10
N GLN E 397 -3.89 -60.60 16.19
CA GLN E 397 -3.31 -61.89 16.55
C GLN E 397 -1.84 -61.79 16.89
N GLN E 398 -1.08 -60.92 16.20
CA GLN E 398 0.34 -60.78 16.48
C GLN E 398 0.59 -60.10 17.82
N GLU E 399 -0.22 -59.10 18.16
CA GLU E 399 -0.10 -58.49 19.48
C GLU E 399 -0.66 -59.38 20.58
N GLY E 400 -1.62 -60.25 20.25
CA GLY E 400 -2.01 -61.30 21.17
C GLY E 400 -0.88 -62.27 21.43
N GLU E 401 -0.09 -62.58 20.41
CA GLU E 401 1.11 -63.39 20.61
C GLU E 401 2.18 -62.64 21.38
N ARG E 402 2.23 -61.30 21.25
CA ARG E 402 3.12 -60.49 22.08
C ARG E 402 2.74 -60.60 23.56
N ILE E 403 1.44 -60.54 23.85
CA ILE E 403 0.98 -60.66 25.23
C ILE E 403 1.18 -62.09 25.73
N ARG E 404 1.03 -63.08 24.84
CA ARG E 404 1.37 -64.46 25.19
C ARG E 404 2.87 -64.66 25.42
N SER E 405 3.70 -63.82 24.81
CA SER E 405 5.12 -63.83 25.16
C SER E 405 5.35 -63.20 26.52
N VAL E 406 4.56 -62.16 26.85
CA VAL E 406 4.59 -61.61 28.20
C VAL E 406 4.00 -62.61 29.20
N LEU E 407 2.93 -63.30 28.81
CA LEU E 407 2.40 -64.39 29.61
C LEU E 407 3.34 -65.61 29.57
N ASP E 408 3.13 -66.53 30.51
CA ASP E 408 3.67 -67.88 30.55
C ASP E 408 5.19 -67.97 30.69
N GLY E 409 5.91 -66.84 30.76
CA GLY E 409 7.35 -66.85 30.79
C GLY E 409 7.90 -66.27 32.08
N PRO E 410 8.43 -65.05 32.00
CA PRO E 410 8.95 -64.39 33.21
C PRO E 410 7.79 -63.94 34.11
N VAL E 411 8.15 -63.65 35.37
CA VAL E 411 7.19 -63.35 36.41
C VAL E 411 7.34 -61.93 36.94
N LEU E 412 8.57 -61.55 37.31
CA LEU E 412 8.80 -60.30 38.05
C LEU E 412 8.97 -59.10 37.12
N SER E 413 8.03 -58.93 36.20
CA SER E 413 7.76 -57.66 35.52
C SER E 413 6.25 -57.47 35.64
N ASN E 414 5.82 -56.93 36.76
CA ASN E 414 4.39 -56.84 37.05
C ASN E 414 3.75 -55.56 36.55
N ILE E 415 4.55 -54.50 36.34
CA ILE E 415 4.08 -53.33 35.60
C ILE E 415 3.61 -53.76 34.21
N ASP E 416 4.49 -54.47 33.49
CA ASP E 416 4.16 -54.94 32.14
C ASP E 416 3.08 -56.00 32.16
N ARG E 417 3.02 -56.81 33.21
CA ARG E 417 2.00 -57.86 33.29
C ARG E 417 0.60 -57.28 33.49
N ILE E 418 0.44 -56.38 34.47
CA ILE E 418 -0.85 -55.74 34.69
C ILE E 418 -1.20 -54.81 33.54
N GLY E 419 -0.17 -54.22 32.90
CA GLY E 419 -0.39 -53.41 31.71
C GLY E 419 -0.97 -54.21 30.55
N ALA E 420 -0.36 -55.37 30.27
CA ALA E 420 -0.90 -56.26 29.24
C ALA E 420 -2.24 -56.85 29.64
N ASP E 421 -2.51 -56.98 30.94
CA ASP E 421 -3.79 -57.49 31.40
C ASP E 421 -4.92 -56.50 31.08
N HIS E 422 -4.75 -55.23 31.40
CA HIS E 422 -5.84 -54.34 31.02
C HIS E 422 -5.73 -53.82 29.58
N VAL E 423 -4.62 -54.09 28.89
CA VAL E 423 -4.62 -54.06 27.42
C VAL E 423 -5.56 -55.11 26.86
N GLN E 424 -5.48 -56.35 27.39
CA GLN E 424 -6.44 -57.39 27.04
C GLN E 424 -7.87 -56.98 27.37
N SER E 425 -8.06 -56.27 28.49
CA SER E 425 -9.38 -55.76 28.84
C SER E 425 -9.92 -54.78 27.81
N LEU E 426 -9.09 -53.82 27.36
CA LEU E 426 -9.50 -52.91 26.30
C LEU E 426 -9.81 -53.64 25.00
N LEU E 427 -8.92 -54.56 24.60
CA LEU E 427 -9.08 -55.27 23.34
C LEU E 427 -10.35 -56.10 23.32
N LEU E 428 -10.59 -56.88 24.39
CA LEU E 428 -11.79 -57.70 24.48
C LEU E 428 -13.06 -56.83 24.54
N LYS E 429 -13.15 -55.94 25.54
CA LYS E 429 -14.38 -55.21 25.79
C LYS E 429 -14.48 -53.92 24.97
N HIS E 430 -13.71 -53.80 23.88
CA HIS E 430 -14.06 -52.85 22.83
C HIS E 430 -14.07 -53.47 21.43
N CYS E 431 -13.42 -54.61 21.21
CA CYS E 431 -13.44 -55.26 19.90
C CYS E 431 -14.50 -56.34 19.82
N ALA E 432 -15.14 -56.68 20.95
CA ALA E 432 -16.32 -57.55 20.93
C ALA E 432 -17.48 -57.11 20.01
N PRO E 433 -17.97 -55.86 20.01
CA PRO E 433 -19.19 -55.59 19.21
C PRO E 433 -18.97 -55.56 17.71
N VAL E 434 -17.78 -55.19 17.23
CA VAL E 434 -17.56 -55.19 15.79
C VAL E 434 -17.44 -56.61 15.25
N LEU E 435 -16.89 -57.53 16.04
CA LEU E 435 -16.89 -58.94 15.65
C LEU E 435 -18.27 -59.57 15.83
N ALA E 436 -19.06 -59.04 16.77
CA ALA E 436 -20.45 -59.47 16.88
C ALA E 436 -21.26 -59.04 15.67
N LYS E 437 -20.98 -57.85 15.12
CA LYS E 437 -21.68 -57.39 13.94
C LYS E 437 -21.22 -58.14 12.69
N LEU E 438 -19.90 -58.29 12.50
CA LEU E 438 -19.40 -58.95 11.30
C LEU E 438 -19.54 -60.46 11.38
N ARG E 439 -18.87 -61.08 12.33
CA ARG E 439 -18.84 -62.54 12.42
C ARG E 439 -20.12 -63.04 13.07
N PRO E 440 -20.78 -64.07 12.51
CA PRO E 440 -21.99 -64.59 13.15
C PRO E 440 -21.65 -65.35 14.41
N PRO E 441 -22.51 -65.31 15.43
CA PRO E 441 -22.18 -65.95 16.71
C PRO E 441 -22.68 -67.38 16.86
N PRO E 442 -22.47 -68.30 15.88
CA PRO E 442 -22.08 -69.66 16.29
C PRO E 442 -20.57 -69.83 16.31
N ASP E 443 -20.12 -71.03 16.67
CA ASP E 443 -18.73 -71.50 16.54
C ASP E 443 -17.77 -70.61 17.34
N ASN E 444 -17.92 -70.69 18.66
CA ASN E 444 -17.08 -69.90 19.57
C ASN E 444 -15.62 -70.35 19.51
N GLN E 445 -15.38 -71.66 19.50
CA GLN E 445 -14.01 -72.17 19.42
C GLN E 445 -13.39 -71.91 18.05
N ASP E 446 -14.20 -71.97 16.99
CA ASP E 446 -13.70 -71.60 15.67
C ASP E 446 -13.46 -70.10 15.56
N ALA E 447 -14.23 -69.30 16.31
CA ALA E 447 -13.95 -67.86 16.37
C ALA E 447 -12.66 -67.59 17.12
N TYR E 448 -12.36 -68.39 18.17
CA TYR E 448 -11.08 -68.27 18.85
C TYR E 448 -9.93 -68.69 17.94
N ARG E 449 -10.13 -69.76 17.16
CA ARG E 449 -9.10 -70.19 16.21
C ARG E 449 -8.90 -69.17 15.10
N ALA E 450 -9.95 -68.45 14.72
CA ALA E 450 -9.83 -67.36 13.75
C ALA E 450 -9.30 -66.07 14.37
N GLU E 451 -9.23 -65.97 15.69
CA GLU E 451 -8.76 -64.77 16.37
C GLU E 451 -7.77 -65.14 17.48
N PHE E 452 -6.92 -66.13 17.20
CA PHE E 452 -5.73 -66.49 17.99
C PHE E 452 -6.06 -66.88 19.43
N GLY E 453 -7.11 -67.69 19.59
CA GLY E 453 -7.31 -68.43 20.83
C GLY E 453 -7.76 -67.66 22.04
N SER E 454 -6.91 -66.72 22.50
CA SER E 454 -7.06 -66.12 23.82
C SER E 454 -8.28 -65.20 23.91
N LEU E 455 -8.74 -64.64 22.80
CA LEU E 455 -9.95 -63.82 22.82
C LEU E 455 -11.18 -64.67 23.08
N GLY E 456 -11.26 -65.84 22.46
CA GLY E 456 -12.37 -66.76 22.67
C GLY E 456 -12.19 -67.59 23.93
N PRO E 457 -13.31 -68.04 24.52
CA PRO E 457 -14.70 -67.77 24.15
C PRO E 457 -15.23 -66.51 24.82
N LEU E 458 -14.33 -65.75 25.45
CA LEU E 458 -14.71 -64.48 26.05
C LEU E 458 -15.09 -63.46 24.98
N LEU E 459 -14.54 -63.59 23.76
CA LEU E 459 -15.03 -62.81 22.63
C LEU E 459 -16.47 -63.16 22.31
N CYS E 460 -16.79 -64.46 22.25
CA CYS E 460 -18.16 -64.88 21.98
C CYS E 460 -19.08 -64.61 23.17
N SER E 461 -18.55 -64.67 24.40
CA SER E 461 -19.36 -64.36 25.57
C SER E 461 -19.71 -62.87 25.63
N GLN E 462 -18.73 -62.01 25.34
CA GLN E 462 -19.02 -60.58 25.28
C GLN E 462 -19.86 -60.23 24.05
N VAL E 463 -19.78 -61.01 22.98
CA VAL E 463 -20.66 -60.81 21.83
C VAL E 463 -22.10 -61.18 22.20
N VAL E 464 -22.27 -62.23 23.00
CA VAL E 464 -23.60 -62.60 23.49
C VAL E 464 -24.13 -61.55 24.46
N LYS E 465 -23.25 -60.97 25.28
CA LYS E 465 -23.64 -59.88 26.17
C LYS E 465 -24.03 -58.63 25.38
N ALA E 466 -23.33 -58.35 24.28
CA ALA E 466 -23.69 -57.21 23.43
C ALA E 466 -24.99 -57.46 22.69
N ARG E 467 -25.25 -58.72 22.30
CA ARG E 467 -26.53 -59.07 21.69
C ARG E 467 -27.67 -58.95 22.70
N ALA E 468 -27.41 -59.29 23.97
CA ALA E 468 -28.41 -59.11 25.01
C ALA E 468 -28.67 -57.63 25.29
N GLN E 469 -27.62 -56.81 25.24
CA GLN E 469 -27.79 -55.38 25.43
C GLN E 469 -28.50 -54.73 24.25
N ALA E 470 -28.27 -55.22 23.03
CA ALA E 470 -28.99 -54.71 21.87
C ALA E 470 -30.44 -55.15 21.87
N ALA E 471 -30.70 -56.39 22.31
CA ALA E 471 -32.07 -56.88 22.44
C ALA E 471 -32.77 -56.38 23.70
N LEU E 472 -32.06 -55.66 24.58
CA LEU E 472 -32.68 -55.12 25.79
C LEU E 472 -33.65 -53.99 25.49
N GLN E 473 -33.49 -53.31 24.36
CA GLN E 473 -34.39 -52.22 24.00
C GLN E 473 -35.74 -52.75 23.52
N LYS F 6 30.23 -50.35 -20.07
CA LYS F 6 28.90 -50.37 -19.47
C LYS F 6 27.91 -51.13 -20.33
N LEU F 7 28.33 -51.44 -21.56
CA LEU F 7 27.49 -52.18 -22.50
C LEU F 7 28.36 -53.09 -23.34
N LYS F 8 27.79 -54.22 -23.75
CA LYS F 8 28.47 -55.21 -24.58
C LYS F 8 27.53 -55.61 -25.71
N LEU F 9 27.93 -55.30 -26.94
CA LEU F 9 27.11 -55.59 -28.13
C LEU F 9 27.65 -56.86 -28.78
N SER F 10 27.17 -58.00 -28.30
CA SER F 10 27.53 -59.27 -28.88
C SER F 10 26.85 -59.45 -30.23
N ASN F 11 27.48 -60.28 -31.08
CA ASN F 11 26.95 -60.54 -32.41
C ASN F 11 25.77 -61.49 -32.31
N THR F 12 24.60 -61.03 -32.72
CA THR F 12 23.41 -61.89 -32.75
C THR F 12 23.56 -62.85 -33.92
N VAL F 13 23.95 -64.08 -33.63
CA VAL F 13 24.29 -65.08 -34.65
C VAL F 13 23.23 -66.16 -34.60
N LEU F 14 22.53 -66.36 -35.73
CA LEU F 14 21.51 -67.39 -35.83
C LEU F 14 22.14 -68.77 -35.72
N PRO F 15 21.45 -69.74 -35.12
CA PRO F 15 22.02 -71.10 -35.03
C PRO F 15 22.16 -71.75 -36.39
N SER F 16 23.38 -72.19 -36.69
CA SER F 16 23.72 -72.64 -38.03
C SER F 16 23.05 -73.94 -38.42
N GLU F 17 22.59 -74.74 -37.45
CA GLU F 17 21.89 -75.98 -37.78
C GLU F 17 20.51 -75.70 -38.36
N SER F 18 19.78 -74.73 -37.80
CA SER F 18 18.52 -74.31 -38.39
C SER F 18 18.72 -73.65 -39.74
N MET F 19 19.86 -72.97 -39.93
CA MET F 19 20.20 -72.40 -41.23
C MET F 19 20.48 -73.51 -42.24
N LYS F 20 21.07 -74.62 -41.80
CA LYS F 20 21.25 -75.77 -42.68
C LYS F 20 19.93 -76.45 -42.98
N VAL F 21 18.97 -76.40 -42.04
CA VAL F 21 17.62 -76.91 -42.32
C VAL F 21 16.94 -76.07 -43.40
N VAL F 22 17.05 -74.74 -43.29
CA VAL F 22 16.49 -73.84 -44.30
C VAL F 22 17.21 -74.00 -45.64
N ALA F 23 18.52 -74.27 -45.62
CA ALA F 23 19.28 -74.47 -46.85
C ALA F 23 18.91 -75.78 -47.54
N GLU F 24 18.95 -76.88 -46.79
CA GLU F 24 18.65 -78.21 -47.31
C GLU F 24 17.15 -78.45 -47.52
N SER F 25 16.29 -77.51 -47.13
CA SER F 25 14.92 -77.52 -47.62
C SER F 25 14.87 -77.33 -49.14
N MET F 26 15.81 -76.54 -49.68
CA MET F 26 16.02 -76.47 -51.12
C MET F 26 16.90 -77.61 -51.63
N GLY F 27 17.55 -78.35 -50.75
CA GLY F 27 18.38 -79.48 -51.14
C GLY F 27 19.66 -79.09 -51.84
N ILE F 28 20.60 -78.49 -51.12
CA ILE F 28 21.83 -78.02 -51.75
C ILE F 28 22.90 -79.11 -51.72
N ALA F 29 23.36 -79.45 -50.52
CA ALA F 29 24.50 -80.34 -50.31
C ALA F 29 24.61 -80.64 -48.82
N GLN F 30 25.68 -81.34 -48.45
CA GLN F 30 26.10 -81.49 -47.07
C GLN F 30 27.00 -80.30 -46.72
N ILE F 31 26.58 -79.52 -45.73
CA ILE F 31 27.16 -78.21 -45.46
C ILE F 31 27.93 -78.26 -44.15
N GLN F 32 29.09 -77.59 -44.11
CA GLN F 32 29.86 -77.44 -42.89
C GLN F 32 29.36 -76.25 -42.08
N GLU F 33 29.79 -76.19 -40.82
CA GLU F 33 29.21 -75.24 -39.87
C GLU F 33 29.69 -73.81 -40.11
N GLU F 34 31.00 -73.64 -40.35
CA GLU F 34 31.60 -72.30 -40.36
C GLU F 34 31.13 -71.47 -41.55
N THR F 35 30.76 -72.12 -42.66
CA THR F 35 30.18 -71.41 -43.80
C THR F 35 28.87 -70.74 -43.43
N CYS F 36 27.96 -71.49 -42.81
CA CYS F 36 26.69 -70.91 -42.36
C CYS F 36 26.89 -69.92 -41.23
N GLN F 37 27.92 -70.11 -40.39
CA GLN F 37 28.24 -69.14 -39.35
C GLN F 37 28.65 -67.79 -39.95
N LEU F 38 29.54 -67.81 -40.95
CA LEU F 38 29.94 -66.56 -41.60
C LEU F 38 28.81 -65.96 -42.42
N LEU F 39 27.92 -66.79 -42.97
CA LEU F 39 26.74 -66.27 -43.67
C LEU F 39 25.81 -65.53 -42.70
N THR F 40 25.54 -66.12 -41.53
CA THR F 40 24.72 -65.45 -40.53
C THR F 40 25.39 -64.18 -40.02
N ASP F 41 26.73 -64.19 -39.90
CA ASP F 41 27.47 -62.99 -39.53
C ASP F 41 27.26 -61.86 -40.53
N GLU F 42 27.51 -62.14 -41.82
CA GLU F 42 27.46 -61.12 -42.86
C GLU F 42 26.03 -60.60 -43.08
N VAL F 43 25.04 -61.50 -43.03
CA VAL F 43 23.65 -61.09 -43.13
C VAL F 43 23.25 -60.26 -41.91
N SER F 44 23.79 -60.58 -40.73
CA SER F 44 23.52 -59.75 -39.56
C SER F 44 24.16 -58.38 -39.65
N TYR F 45 25.35 -58.28 -40.26
CA TYR F 45 25.95 -56.97 -40.47
C TYR F 45 25.11 -56.11 -41.41
N ARG F 46 24.62 -56.72 -42.50
CA ARG F 46 23.76 -55.98 -43.43
C ARG F 46 22.44 -55.57 -42.78
N ILE F 47 21.86 -56.45 -41.95
CA ILE F 47 20.61 -56.14 -41.26
C ILE F 47 20.81 -54.99 -40.28
N LYS F 48 21.91 -55.01 -39.52
CA LYS F 48 22.13 -53.95 -38.54
C LYS F 48 22.52 -52.63 -39.19
N GLU F 49 23.17 -52.67 -40.36
CA GLU F 49 23.46 -51.43 -41.09
C GLU F 49 22.20 -50.81 -41.68
N ILE F 50 21.31 -51.64 -42.25
CA ILE F 50 20.02 -51.14 -42.72
C ILE F 50 19.17 -50.67 -41.54
N ALA F 51 19.33 -51.28 -40.38
CA ALA F 51 18.63 -50.83 -39.17
C ALA F 51 19.13 -49.46 -38.72
N GLN F 52 20.45 -49.22 -38.76
CA GLN F 52 20.99 -47.89 -38.48
C GLN F 52 20.51 -46.87 -39.49
N ASP F 53 20.40 -47.27 -40.76
CA ASP F 53 19.88 -46.37 -41.81
C ASP F 53 18.44 -45.96 -41.53
N ALA F 54 17.58 -46.94 -41.22
CA ALA F 54 16.18 -46.67 -40.93
C ALA F 54 15.98 -45.91 -39.63
N LEU F 55 16.87 -46.09 -38.65
CA LEU F 55 16.83 -45.27 -37.45
C LEU F 55 17.22 -43.82 -37.76
N LYS F 56 18.19 -43.62 -38.68
CA LYS F 56 18.51 -42.25 -39.11
C LYS F 56 17.33 -41.62 -39.85
N PHE F 57 16.64 -42.41 -40.68
CA PHE F 57 15.42 -41.96 -41.36
C PHE F 57 14.34 -41.50 -40.39
N MET F 58 13.95 -42.36 -39.45
CA MET F 58 12.84 -42.00 -38.57
C MET F 58 13.25 -41.16 -37.37
N HIS F 59 14.54 -40.91 -37.14
CA HIS F 59 14.95 -39.82 -36.27
C HIS F 59 15.20 -38.55 -37.05
N MET F 60 15.08 -38.61 -38.37
CA MET F 60 14.78 -37.43 -39.17
C MET F 60 13.32 -37.37 -39.60
N GLY F 61 12.63 -38.50 -39.61
CA GLY F 61 11.17 -38.51 -39.62
C GLY F 61 10.56 -38.19 -38.27
N LYS F 62 11.37 -38.18 -37.20
CA LYS F 62 11.03 -37.69 -35.86
C LYS F 62 9.91 -38.53 -35.22
N ARG F 63 10.09 -39.85 -35.26
CA ARG F 63 9.26 -40.80 -34.52
C ARG F 63 10.13 -41.92 -34.01
N GLN F 64 9.82 -42.40 -32.80
CA GLN F 64 10.60 -43.47 -32.18
C GLN F 64 10.10 -44.86 -32.56
N LYS F 65 9.17 -44.96 -33.51
CA LYS F 65 8.64 -46.22 -33.99
C LYS F 65 9.04 -46.44 -35.44
N LEU F 66 9.23 -47.71 -35.82
CA LEU F 66 9.62 -48.09 -37.18
C LEU F 66 8.50 -48.93 -37.79
N THR F 67 7.96 -48.46 -38.92
CA THR F 67 6.95 -49.20 -39.67
C THR F 67 7.60 -49.96 -40.82
N THR F 68 6.77 -50.71 -41.56
CA THR F 68 7.26 -51.45 -42.72
C THR F 68 7.71 -50.50 -43.84
N SER F 69 6.95 -49.42 -44.05
CA SER F 69 7.26 -48.48 -45.12
C SER F 69 8.57 -47.74 -44.88
N ASP F 70 8.95 -47.56 -43.62
CA ASP F 70 10.23 -46.92 -43.29
C ASP F 70 11.41 -47.73 -43.82
N ILE F 71 11.40 -49.04 -43.55
CA ILE F 71 12.48 -49.88 -44.07
C ILE F 71 12.30 -50.11 -45.57
N ASP F 72 11.07 -50.01 -46.09
CA ASP F 72 10.86 -50.05 -47.54
C ASP F 72 11.53 -48.87 -48.24
N TYR F 73 11.46 -47.67 -47.65
CA TYR F 73 12.26 -46.56 -48.15
C TYR F 73 13.74 -46.74 -47.86
N ALA F 74 14.10 -47.49 -46.81
CA ALA F 74 15.49 -47.82 -46.56
C ALA F 74 16.03 -48.90 -47.51
N LEU F 75 15.17 -49.53 -48.31
CA LEU F 75 15.59 -50.51 -49.32
C LEU F 75 15.91 -49.89 -50.67
N LYS F 76 16.36 -48.63 -50.70
CA LYS F 76 16.72 -47.94 -51.93
C LYS F 76 18.20 -48.07 -52.27
N LEU F 77 18.85 -49.15 -51.85
CA LEU F 77 20.26 -49.35 -52.14
C LEU F 77 20.46 -50.47 -53.17
N UNK F 207 3.83 -9.75 19.19
CA UNK F 207 3.84 -11.17 18.92
C UNK F 207 2.53 -11.60 18.26
N UNK F 208 2.04 -10.78 17.34
CA UNK F 208 0.80 -11.05 16.62
C UNK F 208 1.14 -11.47 15.20
N UNK F 209 0.68 -12.66 14.80
CA UNK F 209 0.98 -13.20 13.48
C UNK F 209 0.26 -12.42 12.39
N UNK F 210 0.75 -12.57 11.16
CA UNK F 210 0.16 -11.90 10.02
C UNK F 210 -1.19 -12.53 9.68
N UNK F 211 -2.01 -11.77 8.96
CA UNK F 211 -3.32 -12.26 8.55
C UNK F 211 -3.18 -13.38 7.54
N UNK F 212 -4.12 -14.31 7.58
CA UNK F 212 -4.02 -15.50 6.76
C UNK F 212 -4.49 -15.20 5.33
N UNK F 213 -4.33 -16.19 4.47
CA UNK F 213 -4.81 -16.11 3.09
C UNK F 213 -5.36 -17.49 2.71
N UNK F 214 -6.56 -17.50 2.14
CA UNK F 214 -7.20 -18.75 1.78
C UNK F 214 -6.51 -19.39 0.57
N UNK F 215 -6.94 -20.62 0.27
CA UNK F 215 -6.42 -21.30 -0.92
C UNK F 215 -6.91 -20.62 -2.19
N UNK F 216 -8.08 -19.99 -2.15
CA UNK F 216 -8.60 -19.29 -3.30
C UNK F 216 -7.84 -17.99 -3.55
N SER F 217 -7.79 -17.59 -4.82
CA SER F 217 -7.52 -16.22 -5.19
C SER F 217 -8.85 -15.53 -5.52
N VAL F 218 -8.79 -14.20 -5.69
CA VAL F 218 -10.01 -13.43 -5.96
C VAL F 218 -10.56 -13.78 -7.34
N GLU F 219 -9.68 -14.03 -8.31
CA GLU F 219 -10.11 -14.32 -9.67
C GLU F 219 -10.80 -15.67 -9.76
N GLN F 220 -10.28 -16.69 -9.08
CA GLN F 220 -10.91 -18.00 -9.16
C GLN F 220 -12.04 -18.18 -8.15
N GLN F 221 -12.14 -17.34 -7.12
CA GLN F 221 -13.31 -17.42 -6.25
C GLN F 221 -14.50 -16.71 -6.88
N LEU F 222 -14.26 -15.73 -7.76
CA LEU F 222 -15.37 -15.17 -8.54
C LEU F 222 -15.73 -16.09 -9.69
N TYR F 223 -14.76 -16.84 -10.22
CA TYR F 223 -15.06 -17.95 -11.11
C TYR F 223 -15.82 -19.05 -10.38
N TYR F 224 -15.51 -19.23 -9.08
CA TYR F 224 -16.29 -20.14 -8.24
C TYR F 224 -17.72 -19.65 -8.08
N LYS F 225 -17.92 -18.34 -7.94
CA LYS F 225 -19.27 -17.78 -7.83
C LYS F 225 -20.02 -17.90 -9.15
N GLU F 226 -19.30 -17.86 -10.27
CA GLU F 226 -19.92 -18.12 -11.56
C GLU F 226 -20.40 -19.57 -11.68
N ILE F 227 -19.64 -20.51 -11.09
CA ILE F 227 -20.05 -21.92 -11.10
C ILE F 227 -21.29 -22.13 -10.24
N THR F 228 -21.32 -21.52 -9.04
CA THR F 228 -22.44 -21.72 -8.12
C THR F 228 -23.71 -21.04 -8.63
N GLU F 229 -23.58 -19.87 -9.26
CA GLU F 229 -24.76 -19.21 -9.80
C GLU F 229 -25.19 -19.76 -11.15
N ALA F 230 -24.34 -20.50 -11.85
CA ALA F 230 -24.80 -21.26 -12.99
C ALA F 230 -25.44 -22.57 -12.57
N CYS F 231 -25.11 -23.05 -11.37
CA CYS F 231 -25.89 -24.13 -10.77
C CYS F 231 -27.30 -23.68 -10.46
N VAL F 232 -27.46 -22.43 -10.02
CA VAL F 232 -28.79 -21.85 -9.83
C VAL F 232 -29.43 -21.55 -11.19
N GLY F 233 -28.60 -21.19 -12.18
CA GLY F 233 -28.99 -20.68 -13.50
C GLY F 233 -30.09 -21.39 -14.28
N SER F 234 -31.12 -20.62 -14.64
CA SER F 234 -32.28 -21.20 -15.32
C SER F 234 -31.98 -21.47 -16.79
N CYS F 235 -31.08 -20.69 -17.39
CA CYS F 235 -30.74 -20.85 -18.80
C CYS F 235 -29.98 -22.16 -19.01
N GLU F 236 -30.50 -23.00 -19.92
CA GLU F 236 -29.88 -24.30 -20.18
C GLU F 236 -28.55 -24.16 -20.92
N ALA F 237 -28.35 -23.05 -21.65
CA ALA F 237 -27.04 -22.78 -22.23
C ALA F 237 -26.00 -22.51 -21.16
N LYS F 238 -26.37 -21.79 -20.11
CA LYS F 238 -25.49 -21.61 -18.96
C LYS F 238 -25.35 -22.90 -18.16
N ARG F 239 -26.36 -23.76 -18.19
CA ARG F 239 -26.31 -25.06 -17.53
C ARG F 239 -25.26 -25.96 -18.16
N ALA F 240 -25.31 -26.11 -19.48
CA ALA F 240 -24.36 -26.96 -20.20
C ALA F 240 -22.95 -26.36 -20.18
N GLU F 241 -22.84 -25.04 -20.11
CA GLU F 241 -21.54 -24.40 -19.94
C GLU F 241 -20.94 -24.74 -18.58
N ALA F 242 -21.78 -24.78 -17.54
CA ALA F 242 -21.30 -25.15 -16.21
C ALA F 242 -20.91 -26.62 -16.14
N LEU F 243 -21.71 -27.49 -16.77
CA LEU F 243 -21.43 -28.92 -16.75
C LEU F 243 -20.16 -29.25 -17.55
N GLN F 244 -19.95 -28.54 -18.66
CA GLN F 244 -18.72 -28.72 -19.41
C GLN F 244 -17.51 -28.16 -18.65
N SER F 245 -17.70 -27.08 -17.90
CA SER F 245 -16.59 -26.49 -17.15
C SER F 245 -16.14 -27.39 -16.01
N ILE F 246 -17.06 -28.06 -15.33
CA ILE F 246 -16.70 -28.94 -14.22
C ILE F 246 -16.00 -30.18 -14.75
N ALA F 247 -16.56 -30.80 -15.79
CA ALA F 247 -15.99 -32.02 -16.34
C ALA F 247 -14.70 -31.79 -17.12
N THR F 248 -14.42 -30.56 -17.55
CA THR F 248 -13.26 -30.29 -18.40
C THR F 248 -12.48 -29.09 -17.85
N ASP F 249 -12.20 -29.12 -16.55
CA ASP F 249 -11.14 -28.32 -15.94
C ASP F 249 -10.21 -29.28 -15.20
N PRO F 250 -9.27 -29.90 -15.91
CA PRO F 250 -8.35 -30.82 -15.24
C PRO F 250 -7.30 -30.06 -14.44
N GLY F 251 -6.93 -30.64 -13.30
CA GLY F 251 -5.98 -29.98 -12.43
C GLY F 251 -6.50 -28.74 -11.76
N LEU F 252 -7.80 -28.66 -11.48
CA LEU F 252 -8.36 -27.51 -10.81
C LEU F 252 -7.92 -27.54 -9.35
N TYR F 253 -8.38 -28.56 -8.60
CA TYR F 253 -7.76 -29.10 -7.39
C TYR F 253 -7.76 -28.13 -6.20
N GLN F 254 -8.19 -26.90 -6.40
CA GLN F 254 -8.19 -25.87 -5.37
C GLN F 254 -9.54 -25.20 -5.24
N MET F 255 -10.39 -25.28 -6.28
CA MET F 255 -11.84 -25.20 -6.14
C MET F 255 -12.46 -26.57 -5.91
N LEU F 256 -11.72 -27.46 -5.25
CA LEU F 256 -12.04 -28.75 -4.65
C LEU F 256 -12.34 -28.45 -3.17
N PRO F 257 -12.35 -29.45 -2.21
CA PRO F 257 -13.51 -29.70 -1.33
C PRO F 257 -14.43 -28.57 -0.88
N ARG F 258 -13.92 -27.35 -0.65
CA ARG F 258 -14.74 -26.22 -0.19
C ARG F 258 -15.97 -26.01 -1.07
N PHE F 259 -15.78 -26.11 -2.38
CA PHE F 259 -16.83 -26.38 -3.37
C PHE F 259 -17.77 -27.49 -2.94
N SER F 260 -17.24 -28.71 -2.77
CA SER F 260 -18.08 -29.87 -2.58
C SER F 260 -18.62 -29.97 -1.15
N THR F 261 -18.05 -29.20 -0.22
CA THR F 261 -18.44 -29.31 1.19
C THR F 261 -19.86 -28.80 1.42
N PHE F 262 -20.09 -27.50 1.19
CA PHE F 262 -21.43 -26.97 1.41
C PHE F 262 -22.31 -27.00 0.16
N ILE F 263 -21.91 -27.73 -0.87
CA ILE F 263 -22.89 -28.34 -1.77
C ILE F 263 -23.62 -29.45 -1.05
N SER F 264 -22.86 -30.31 -0.34
CA SER F 264 -23.47 -31.38 0.44
C SER F 264 -24.25 -30.85 1.64
N GLU F 265 -23.82 -29.73 2.22
CA GLU F 265 -24.66 -29.04 3.19
C GLU F 265 -25.86 -28.40 2.49
N GLY F 266 -25.62 -27.87 1.28
CA GLY F 266 -26.73 -27.40 0.46
C GLY F 266 -27.66 -28.51 0.01
N VAL F 267 -27.14 -29.73 -0.10
CA VAL F 267 -28.00 -30.90 -0.29
C VAL F 267 -28.87 -31.11 0.94
N ARG F 268 -28.27 -31.03 2.13
CA ARG F 268 -28.97 -31.31 3.39
C ARG F 268 -30.07 -30.28 3.66
N VAL F 269 -29.80 -29.01 3.35
CA VAL F 269 -30.82 -27.98 3.52
C VAL F 269 -31.94 -28.15 2.50
N ASN F 270 -31.61 -28.55 1.26
CA ASN F 270 -32.61 -28.65 0.22
C ASN F 270 -33.40 -29.95 0.26
N VAL F 271 -32.91 -30.97 0.97
CA VAL F 271 -33.77 -32.10 1.30
C VAL F 271 -34.86 -31.66 2.27
N VAL F 272 -34.50 -30.83 3.25
CA VAL F 272 -35.48 -30.24 4.17
C VAL F 272 -36.39 -29.27 3.40
N GLN F 273 -35.81 -28.47 2.50
CA GLN F 273 -36.61 -27.57 1.69
C GLN F 273 -37.41 -28.30 0.62
N ASN F 274 -36.97 -29.50 0.21
CA ASN F 274 -37.71 -30.45 -0.62
C ASN F 274 -38.10 -29.85 -1.97
N ASN F 275 -37.08 -29.59 -2.77
CA ASN F 275 -37.23 -28.93 -4.08
C ASN F 275 -36.56 -29.81 -5.13
N LEU F 276 -37.34 -30.26 -6.13
CA LEU F 276 -36.81 -31.15 -7.16
C LEU F 276 -35.83 -30.45 -8.08
N ALA F 277 -35.97 -29.14 -8.26
CA ALA F 277 -35.10 -28.41 -9.19
C ALA F 277 -33.66 -28.35 -8.67
N LEU F 278 -33.49 -28.09 -7.38
CA LEU F 278 -32.15 -28.05 -6.81
C LEU F 278 -31.54 -29.44 -6.70
N LEU F 279 -32.38 -30.48 -6.64
CA LEU F 279 -31.85 -31.85 -6.64
C LEU F 279 -31.26 -32.23 -7.99
N ILE F 280 -32.00 -31.96 -9.08
CA ILE F 280 -31.54 -32.37 -10.40
C ILE F 280 -30.35 -31.52 -10.86
N TYR F 281 -30.23 -30.30 -10.33
CA TYR F 281 -29.07 -29.47 -10.64
C TYR F 281 -27.82 -30.02 -9.96
N LEU F 282 -27.93 -30.39 -8.67
CA LEU F 282 -26.76 -30.85 -7.92
C LEU F 282 -26.39 -32.29 -8.26
N MET F 283 -27.36 -33.13 -8.65
CA MET F 283 -27.02 -34.52 -8.98
C MET F 283 -26.34 -34.63 -10.33
N ARG F 284 -26.72 -33.80 -11.30
CA ARG F 284 -25.97 -33.71 -12.54
C ARG F 284 -24.63 -33.00 -12.32
N MET F 285 -24.52 -32.19 -11.26
CA MET F 285 -23.28 -31.52 -10.94
C MET F 285 -22.25 -32.51 -10.41
N VAL F 286 -22.69 -33.52 -9.65
CA VAL F 286 -21.83 -34.61 -9.23
C VAL F 286 -21.45 -35.48 -10.42
N LYS F 287 -22.35 -35.60 -11.41
CA LYS F 287 -22.07 -36.35 -12.64
C LYS F 287 -20.92 -35.70 -13.41
N ALA F 288 -20.90 -34.37 -13.49
CA ALA F 288 -19.77 -33.67 -14.11
C ALA F 288 -18.52 -33.76 -13.26
N LEU F 289 -18.68 -33.85 -11.93
CA LEU F 289 -17.53 -34.09 -11.06
C LEU F 289 -16.92 -35.47 -11.26
N MET F 290 -17.75 -36.47 -11.55
CA MET F 290 -17.25 -37.83 -11.67
C MET F 290 -16.54 -38.05 -12.98
N ASP F 291 -16.93 -37.33 -14.03
CA ASP F 291 -16.35 -37.50 -15.35
C ASP F 291 -15.14 -36.60 -15.58
N ASN F 292 -14.71 -35.84 -14.58
CA ASN F 292 -13.46 -35.07 -14.67
C ASN F 292 -12.32 -36.00 -14.24
N PRO F 293 -11.46 -36.45 -15.15
CA PRO F 293 -10.58 -37.58 -14.83
C PRO F 293 -9.39 -37.23 -13.94
N THR F 294 -8.95 -35.98 -13.93
CA THR F 294 -7.75 -35.63 -13.18
C THR F 294 -8.03 -35.50 -11.68
N LEU F 295 -9.18 -34.94 -11.31
CA LEU F 295 -9.52 -34.72 -9.91
C LEU F 295 -9.95 -36.03 -9.29
N TYR F 296 -9.05 -36.66 -8.54
CA TYR F 296 -9.36 -37.93 -7.90
C TYR F 296 -10.29 -37.69 -6.71
N LEU F 297 -11.21 -38.62 -6.50
CA LEU F 297 -12.22 -38.47 -5.47
C LEU F 297 -11.76 -39.00 -4.11
N GLU F 298 -10.69 -39.81 -4.10
CA GLU F 298 -10.38 -40.78 -3.04
C GLU F 298 -10.32 -40.18 -1.65
N LYS F 299 -9.53 -39.11 -1.48
CA LYS F 299 -9.41 -38.45 -0.19
C LYS F 299 -10.70 -37.76 0.21
N TYR F 300 -11.51 -37.36 -0.76
CA TYR F 300 -12.65 -36.48 -0.55
C TYR F 300 -13.98 -37.19 -0.77
N VAL F 301 -13.97 -38.53 -0.70
CA VAL F 301 -15.16 -39.35 -0.94
C VAL F 301 -16.24 -39.09 0.12
N HIS F 302 -15.85 -39.12 1.39
CA HIS F 302 -16.73 -39.48 2.48
C HIS F 302 -17.54 -38.30 3.05
N GLU F 303 -17.72 -37.23 2.27
CA GLU F 303 -18.72 -36.23 2.56
C GLU F 303 -19.61 -35.96 1.36
N LEU F 304 -19.58 -36.85 0.37
CA LEU F 304 -20.38 -36.73 -0.85
C LEU F 304 -21.35 -37.89 -1.01
N ILE F 305 -20.89 -39.13 -0.83
CA ILE F 305 -21.68 -40.35 -0.97
C ILE F 305 -22.92 -40.41 -0.07
N PRO F 306 -22.88 -40.05 1.24
CA PRO F 306 -24.16 -40.02 1.98
C PRO F 306 -25.10 -38.92 1.53
N ALA F 307 -24.58 -37.82 0.97
CA ALA F 307 -25.46 -36.82 0.38
C ALA F 307 -26.11 -37.31 -0.91
N VAL F 308 -25.41 -38.17 -1.66
CA VAL F 308 -26.03 -38.83 -2.80
C VAL F 308 -27.09 -39.82 -2.32
N MET F 309 -26.77 -40.60 -1.28
CA MET F 309 -27.69 -41.62 -0.78
C MET F 309 -28.89 -41.00 -0.07
N THR F 310 -28.73 -39.80 0.49
CA THR F 310 -29.87 -39.09 1.08
C THR F 310 -30.91 -38.73 0.03
N CYS F 311 -30.45 -38.39 -1.18
CA CYS F 311 -31.38 -38.14 -2.29
C CYS F 311 -32.06 -39.40 -2.76
N ILE F 312 -31.46 -40.57 -2.51
CA ILE F 312 -32.01 -41.83 -3.00
C ILE F 312 -33.21 -42.26 -2.15
N VAL F 313 -33.12 -42.13 -0.83
CA VAL F 313 -33.98 -42.88 0.09
C VAL F 313 -35.44 -42.44 0.08
N SER F 314 -35.74 -41.21 0.51
CA SER F 314 -37.14 -40.92 0.79
C SER F 314 -37.43 -39.42 0.79
N ARG F 315 -38.73 -39.12 0.75
CA ARG F 315 -39.32 -37.83 1.10
C ARG F 315 -38.87 -36.70 0.17
N GLN F 316 -38.62 -37.05 -1.09
CA GLN F 316 -38.55 -36.07 -2.17
C GLN F 316 -39.98 -35.81 -2.66
N LEU F 317 -40.70 -34.98 -1.90
CA LEU F 317 -42.12 -34.73 -2.14
C LEU F 317 -42.34 -33.22 -2.31
N CYS F 318 -42.22 -32.75 -3.55
CA CYS F 318 -42.58 -31.37 -3.84
C CYS F 318 -44.10 -31.21 -3.84
N LEU F 319 -44.79 -31.94 -4.71
CA LEU F 319 -46.24 -32.06 -4.68
C LEU F 319 -46.60 -33.52 -4.87
N ARG F 320 -47.73 -33.91 -4.27
CA ARG F 320 -48.16 -35.31 -4.36
C ARG F 320 -48.57 -35.78 -5.76
N PRO F 321 -49.14 -34.97 -6.66
CA PRO F 321 -49.17 -35.39 -8.07
C PRO F 321 -47.89 -35.13 -8.84
N ASP F 322 -46.85 -34.56 -8.22
CA ASP F 322 -45.59 -34.28 -8.90
C ASP F 322 -44.46 -35.17 -8.40
N VAL F 323 -44.79 -36.38 -7.96
CA VAL F 323 -43.77 -37.36 -7.55
C VAL F 323 -43.13 -38.04 -8.77
N ASP F 324 -43.75 -37.89 -9.95
CA ASP F 324 -43.34 -38.64 -11.14
C ASP F 324 -41.94 -38.27 -11.60
N ASN F 325 -41.54 -36.99 -11.45
CA ASN F 325 -40.18 -36.61 -11.80
C ASN F 325 -39.15 -37.13 -10.81
N HIS F 326 -39.57 -37.41 -9.57
CA HIS F 326 -38.63 -37.86 -8.54
C HIS F 326 -38.17 -39.29 -8.77
N TRP F 327 -38.98 -40.11 -9.45
CA TRP F 327 -38.57 -41.49 -9.70
C TRP F 327 -37.47 -41.56 -10.75
N ALA F 328 -37.52 -40.65 -11.74
CA ALA F 328 -36.42 -40.52 -12.69
C ALA F 328 -35.16 -39.97 -12.02
N LEU F 329 -35.32 -39.17 -10.96
CA LEU F 329 -34.17 -38.73 -10.18
C LEU F 329 -33.50 -39.91 -9.48
N ARG F 330 -34.30 -40.81 -8.91
CA ARG F 330 -33.75 -42.00 -8.25
C ARG F 330 -33.18 -42.97 -9.27
N ASP F 331 -33.73 -42.98 -10.49
CA ASP F 331 -33.07 -43.65 -11.60
C ASP F 331 -31.71 -43.02 -11.91
N PHE F 332 -31.67 -41.69 -11.96
CA PHE F 332 -30.42 -40.99 -12.23
C PHE F 332 -29.44 -41.11 -11.07
N ALA F 333 -29.94 -41.08 -9.83
CA ALA F 333 -29.07 -41.13 -8.66
C ALA F 333 -28.42 -42.50 -8.50
N ALA F 334 -29.20 -43.57 -8.72
CA ALA F 334 -28.64 -44.92 -8.68
C ALA F 334 -27.71 -45.18 -9.85
N ARG F 335 -27.96 -44.51 -10.99
CA ARG F 335 -27.05 -44.59 -12.13
C ARG F 335 -25.70 -43.97 -11.79
N LEU F 336 -25.70 -42.93 -10.95
CA LEU F 336 -24.45 -42.34 -10.48
C LEU F 336 -23.68 -43.31 -9.58
N VAL F 337 -24.40 -44.05 -8.72
CA VAL F 337 -23.78 -45.00 -7.81
C VAL F 337 -23.12 -46.14 -8.58
N ALA F 338 -23.71 -46.52 -9.72
CA ALA F 338 -23.07 -47.50 -10.61
C ALA F 338 -21.75 -46.97 -11.17
N GLN F 339 -21.67 -45.66 -11.40
CA GLN F 339 -20.40 -45.06 -11.83
C GLN F 339 -19.44 -44.93 -10.65
N ILE F 340 -19.97 -44.84 -9.43
CA ILE F 340 -19.11 -44.74 -8.25
C ILE F 340 -18.46 -46.08 -7.94
N CYS F 341 -19.26 -47.15 -7.91
CA CYS F 341 -18.84 -48.44 -7.36
C CYS F 341 -17.78 -49.17 -8.17
N LYS F 342 -17.48 -48.73 -9.39
CA LYS F 342 -16.51 -49.41 -10.23
C LYS F 342 -15.08 -48.91 -10.03
N HIS F 343 -14.81 -48.12 -8.98
CA HIS F 343 -13.49 -47.49 -8.84
C HIS F 343 -12.87 -47.55 -7.46
N PHE F 344 -13.64 -47.77 -6.40
CA PHE F 344 -13.14 -47.54 -5.04
C PHE F 344 -13.26 -48.73 -4.10
N SER F 345 -13.93 -49.81 -4.49
CA SER F 345 -14.13 -50.95 -3.61
C SER F 345 -12.94 -51.91 -3.60
N THR F 346 -11.86 -51.60 -4.31
CA THR F 346 -10.64 -52.39 -4.21
C THR F 346 -10.02 -52.22 -2.81
N THR F 347 -10.18 -51.04 -2.22
CA THR F 347 -9.76 -50.76 -0.85
C THR F 347 -10.85 -51.25 0.11
N THR F 348 -10.81 -50.84 1.38
CA THR F 348 -11.80 -51.15 2.42
C THR F 348 -13.24 -50.96 1.93
N ASN F 349 -14.08 -51.96 2.21
CA ASN F 349 -15.35 -52.11 1.52
C ASN F 349 -16.46 -51.26 2.14
N ASN F 350 -16.24 -49.94 2.14
CA ASN F 350 -17.34 -49.01 2.36
C ASN F 350 -18.27 -49.01 1.14
N ILE F 351 -17.69 -49.12 -0.04
CA ILE F 351 -18.44 -48.99 -1.29
C ILE F 351 -19.38 -50.16 -1.54
N GLN F 352 -18.85 -51.37 -1.64
CA GLN F 352 -19.70 -52.52 -1.92
C GLN F 352 -20.46 -52.98 -0.67
N SER F 353 -19.73 -53.30 0.41
CA SER F 353 -20.32 -54.05 1.52
C SER F 353 -21.31 -53.21 2.32
N ARG F 354 -20.99 -51.93 2.57
CA ARG F 354 -21.86 -51.12 3.41
C ARG F 354 -23.12 -50.69 2.68
N ILE F 355 -23.00 -50.34 1.39
CA ILE F 355 -24.16 -49.85 0.64
C ILE F 355 -25.12 -50.98 0.33
N THR F 356 -24.60 -52.18 0.05
CA THR F 356 -25.47 -53.34 -0.14
C THR F 356 -26.18 -53.73 1.16
N LYS F 357 -25.46 -53.74 2.29
CA LYS F 357 -26.09 -54.05 3.56
C LYS F 357 -27.03 -52.94 4.02
N THR F 358 -26.78 -51.70 3.58
CA THR F 358 -27.76 -50.64 3.77
C THR F 358 -29.04 -50.93 2.97
N PHE F 359 -28.87 -51.25 1.68
CA PHE F 359 -30.02 -51.50 0.82
C PHE F 359 -30.67 -52.85 1.11
N THR F 360 -29.93 -53.79 1.69
CA THR F 360 -30.56 -55.04 2.15
C THR F 360 -31.49 -54.77 3.32
N LYS F 361 -30.96 -54.12 4.37
CA LYS F 361 -31.76 -53.84 5.56
C LYS F 361 -32.85 -52.80 5.31
N SER F 362 -32.67 -51.92 4.31
CA SER F 362 -33.75 -51.02 3.93
C SER F 362 -34.88 -51.77 3.23
N TRP F 363 -34.53 -52.84 2.51
CA TRP F 363 -35.56 -53.73 1.96
C TRP F 363 -36.27 -54.49 3.07
N VAL F 364 -35.55 -54.82 4.16
CA VAL F 364 -36.15 -55.51 5.30
C VAL F 364 -37.09 -54.57 6.07
N ASP F 365 -36.85 -53.27 6.00
CA ASP F 365 -37.60 -52.26 6.77
C ASP F 365 -39.06 -52.23 6.33
N GLU F 366 -39.93 -52.80 7.17
CA GLU F 366 -41.36 -52.83 6.95
C GLU F 366 -41.98 -51.53 7.50
N LYS F 367 -43.14 -51.17 6.93
CA LYS F 367 -43.91 -49.97 7.27
C LYS F 367 -43.09 -48.70 7.03
N THR F 368 -42.44 -48.66 5.88
CA THR F 368 -41.76 -47.50 5.33
C THR F 368 -42.44 -47.12 4.02
N PRO F 369 -42.37 -45.85 3.60
CA PRO F 369 -42.91 -45.48 2.30
C PRO F 369 -42.14 -46.13 1.16
N TRP F 370 -42.85 -46.32 0.04
CA TRP F 370 -42.32 -47.07 -1.09
C TRP F 370 -41.25 -46.33 -1.87
N THR F 371 -41.02 -45.05 -1.56
CA THR F 371 -39.83 -44.36 -2.05
C THR F 371 -38.56 -45.00 -1.52
N THR F 372 -38.59 -45.49 -0.27
CA THR F 372 -37.45 -46.25 0.27
C THR F 372 -37.28 -47.56 -0.46
N ARG F 373 -38.38 -48.21 -0.82
CA ARG F 373 -38.32 -49.52 -1.47
C ARG F 373 -37.84 -49.38 -2.92
N TYR F 374 -38.22 -48.30 -3.61
CA TYR F 374 -37.76 -48.11 -4.97
C TYR F 374 -36.28 -47.72 -5.01
N GLY F 375 -35.86 -46.83 -4.11
CA GLY F 375 -34.47 -46.38 -4.10
C GLY F 375 -33.49 -47.48 -3.74
N SER F 376 -33.92 -48.41 -2.88
CA SER F 376 -33.07 -49.52 -2.48
C SER F 376 -32.87 -50.51 -3.62
N ILE F 377 -33.96 -50.94 -4.26
CA ILE F 377 -33.88 -51.98 -5.28
C ILE F 377 -33.22 -51.46 -6.54
N ALA F 378 -33.54 -50.24 -6.95
CA ALA F 378 -32.93 -49.66 -8.16
C ALA F 378 -31.46 -49.33 -7.91
N GLY F 379 -31.10 -48.99 -6.67
CA GLY F 379 -29.70 -48.90 -6.31
C GLY F 379 -28.99 -50.23 -6.40
N LEU F 380 -29.66 -51.31 -6.00
CA LEU F 380 -29.12 -52.64 -6.19
C LEU F 380 -29.18 -53.07 -7.65
N ALA F 381 -30.12 -52.51 -8.41
CA ALA F 381 -30.24 -52.88 -9.83
C ALA F 381 -29.09 -52.34 -10.65
N GLU F 382 -28.59 -51.15 -10.32
CA GLU F 382 -27.49 -50.57 -11.06
C GLU F 382 -26.14 -51.20 -10.72
N LEU F 383 -26.08 -52.01 -9.66
CA LEU F 383 -24.81 -52.62 -9.26
C LEU F 383 -24.34 -53.70 -10.22
N GLY F 384 -25.25 -54.31 -10.98
CA GLY F 384 -24.82 -55.29 -11.96
C GLY F 384 -25.78 -56.44 -12.19
N HIS F 385 -25.41 -57.31 -13.13
CA HIS F 385 -26.24 -58.48 -13.45
C HIS F 385 -26.21 -59.50 -12.33
N ASP F 386 -25.01 -59.88 -11.86
CA ASP F 386 -24.88 -60.92 -10.85
C ASP F 386 -25.33 -60.46 -9.46
N VAL F 387 -25.35 -59.15 -9.21
CA VAL F 387 -25.86 -58.63 -7.95
C VAL F 387 -27.36 -58.92 -7.81
N ILE F 388 -28.11 -58.65 -8.89
CA ILE F 388 -29.54 -58.97 -8.92
C ILE F 388 -29.77 -60.48 -8.94
N LYS F 389 -28.85 -61.23 -9.56
CA LYS F 389 -28.97 -62.69 -9.61
C LYS F 389 -28.89 -63.31 -8.23
N THR F 390 -28.05 -62.78 -7.35
CA THR F 390 -28.00 -63.24 -5.97
C THR F 390 -29.18 -62.75 -5.16
N LEU F 391 -29.50 -61.46 -5.27
CA LEU F 391 -30.45 -60.83 -4.35
C LEU F 391 -31.90 -61.11 -4.71
N ILE F 392 -32.27 -61.01 -5.99
CA ILE F 392 -33.66 -61.14 -6.39
C ILE F 392 -33.97 -62.59 -6.81
N LEU F 393 -33.11 -63.54 -6.42
CA LEU F 393 -33.48 -64.95 -6.57
C LEU F 393 -34.51 -65.39 -5.53
N PRO F 394 -34.41 -65.03 -4.20
CA PRO F 394 -35.59 -65.24 -3.34
C PRO F 394 -36.57 -64.09 -3.43
N ARG F 395 -36.09 -62.88 -3.76
CA ARG F 395 -36.94 -61.70 -3.81
C ARG F 395 -37.80 -61.62 -5.06
N LEU F 396 -37.68 -62.58 -5.98
CA LEU F 396 -38.59 -62.69 -7.12
C LEU F 396 -40.03 -62.87 -6.63
N GLN F 397 -40.27 -63.93 -5.86
CA GLN F 397 -41.60 -64.18 -5.32
C GLN F 397 -41.91 -63.41 -4.05
N GLN F 398 -40.88 -63.04 -3.27
CA GLN F 398 -41.12 -62.32 -2.02
C GLN F 398 -41.58 -60.89 -2.26
N GLU F 399 -40.98 -60.21 -3.24
CA GLU F 399 -41.51 -58.92 -3.66
C GLU F 399 -42.76 -59.06 -4.50
N GLY F 400 -42.97 -60.22 -5.11
CA GLY F 400 -44.24 -60.51 -5.75
C GLY F 400 -45.37 -60.65 -4.74
N GLU F 401 -45.04 -61.13 -3.53
CA GLU F 401 -46.00 -61.04 -2.43
C GLU F 401 -46.24 -59.60 -2.04
N ARG F 402 -45.21 -58.75 -2.16
CA ARG F 402 -45.39 -57.32 -1.90
C ARG F 402 -46.20 -56.66 -2.99
N ILE F 403 -46.16 -57.21 -4.21
CA ILE F 403 -46.99 -56.69 -5.30
C ILE F 403 -48.47 -56.93 -5.00
N ARG F 404 -48.83 -58.18 -4.70
CA ARG F 404 -50.22 -58.52 -4.42
C ARG F 404 -50.62 -58.24 -2.97
N SER F 405 -49.74 -57.64 -2.17
CA SER F 405 -50.18 -56.96 -0.96
C SER F 405 -50.67 -55.56 -1.30
N VAL F 406 -50.00 -54.90 -2.24
CA VAL F 406 -50.47 -53.59 -2.73
C VAL F 406 -51.66 -53.76 -3.66
N LEU F 407 -51.46 -54.50 -4.76
CA LEU F 407 -52.55 -54.77 -5.67
C LEU F 407 -53.52 -55.76 -5.04
N ASP F 408 -54.83 -55.48 -5.21
CA ASP F 408 -55.93 -56.14 -4.50
C ASP F 408 -55.71 -56.07 -2.98
N GLY F 409 -55.30 -54.90 -2.50
CA GLY F 409 -54.89 -54.73 -1.13
C GLY F 409 -55.78 -53.83 -0.31
N PRO F 410 -55.34 -52.57 -0.10
CA PRO F 410 -56.04 -51.69 0.84
C PRO F 410 -57.38 -51.16 0.32
N VAL F 411 -58.06 -50.35 1.12
CA VAL F 411 -59.38 -49.85 0.74
C VAL F 411 -59.24 -48.70 -0.25
N LEU F 412 -58.69 -47.57 0.21
CA LEU F 412 -58.52 -46.40 -0.65
C LEU F 412 -57.31 -45.61 -0.17
N SER F 413 -56.20 -45.74 -0.87
CA SER F 413 -55.08 -44.79 -0.75
C SER F 413 -54.42 -44.74 -2.12
N ASN F 414 -54.89 -43.83 -2.97
CA ASN F 414 -54.53 -43.85 -4.38
C ASN F 414 -53.16 -43.24 -4.64
N ILE F 415 -52.68 -42.37 -3.75
CA ILE F 415 -51.31 -41.86 -3.86
C ILE F 415 -50.31 -42.99 -3.66
N ASP F 416 -50.53 -43.79 -2.62
CA ASP F 416 -49.67 -44.95 -2.38
C ASP F 416 -49.95 -46.09 -3.36
N ARG F 417 -51.18 -46.20 -3.87
CA ARG F 417 -51.47 -47.23 -4.87
C ARG F 417 -50.75 -46.96 -6.19
N ILE F 418 -50.98 -45.78 -6.78
CA ILE F 418 -50.37 -45.43 -8.06
C ILE F 418 -48.86 -45.29 -7.92
N GLY F 419 -48.42 -44.81 -6.77
CA GLY F 419 -47.00 -44.79 -6.40
C GLY F 419 -46.35 -46.16 -6.40
N ALA F 420 -46.90 -47.11 -5.65
CA ALA F 420 -46.28 -48.43 -5.56
C ALA F 420 -46.44 -49.23 -6.84
N ASP F 421 -47.49 -48.96 -7.63
CA ASP F 421 -47.81 -49.81 -8.77
C ASP F 421 -46.79 -49.65 -9.89
N HIS F 422 -46.49 -48.41 -10.28
CA HIS F 422 -45.51 -48.19 -11.34
C HIS F 422 -44.10 -48.46 -10.84
N VAL F 423 -43.86 -48.30 -9.53
CA VAL F 423 -42.59 -48.72 -8.92
C VAL F 423 -42.42 -50.24 -9.07
N GLN F 424 -43.46 -51.00 -8.73
CA GLN F 424 -43.43 -52.44 -8.96
C GLN F 424 -43.46 -52.77 -10.44
N SER F 425 -44.02 -51.89 -11.29
CA SER F 425 -44.00 -52.13 -12.72
C SER F 425 -42.62 -51.88 -13.32
N LEU F 426 -41.96 -50.78 -12.92
CA LEU F 426 -40.64 -50.45 -13.46
C LEU F 426 -39.59 -51.45 -12.99
N LEU F 427 -39.65 -51.85 -11.71
CA LEU F 427 -38.66 -52.78 -11.18
C LEU F 427 -38.86 -54.19 -11.70
N LEU F 428 -40.06 -54.52 -12.18
CA LEU F 428 -40.29 -55.84 -12.75
C LEU F 428 -39.57 -55.99 -14.09
N LYS F 429 -39.81 -55.07 -15.02
CA LYS F 429 -39.22 -55.17 -16.34
C LYS F 429 -37.76 -54.71 -16.39
N HIS F 430 -37.23 -54.16 -15.30
CA HIS F 430 -35.81 -53.88 -15.23
C HIS F 430 -35.03 -55.03 -14.58
N CYS F 431 -35.70 -55.82 -13.74
CA CYS F 431 -35.15 -57.08 -13.26
C CYS F 431 -35.35 -58.21 -14.25
N ALA F 432 -36.28 -58.05 -15.19
CA ALA F 432 -36.53 -59.05 -16.23
C ALA F 432 -35.34 -59.44 -17.12
N PRO F 433 -34.42 -58.54 -17.54
CA PRO F 433 -33.25 -59.04 -18.29
C PRO F 433 -32.27 -59.86 -17.47
N VAL F 434 -32.35 -59.82 -16.13
CA VAL F 434 -31.53 -60.71 -15.32
C VAL F 434 -32.02 -62.15 -15.46
N LEU F 435 -33.32 -62.36 -15.30
CA LEU F 435 -33.89 -63.69 -15.46
C LEU F 435 -33.92 -64.13 -16.93
N ALA F 436 -33.94 -63.19 -17.88
CA ALA F 436 -33.93 -63.56 -19.28
C ALA F 436 -32.56 -64.09 -19.70
N LYS F 437 -31.48 -63.49 -19.18
CA LYS F 437 -30.15 -64.01 -19.45
C LYS F 437 -29.88 -65.31 -18.71
N LEU F 438 -30.52 -65.50 -17.55
CA LEU F 438 -30.31 -66.72 -16.77
C LEU F 438 -31.13 -67.88 -17.32
N ARG F 439 -32.47 -67.72 -17.32
CA ARG F 439 -33.35 -68.79 -17.78
C ARG F 439 -33.86 -68.52 -19.19
N PRO F 440 -34.17 -69.56 -19.94
CA PRO F 440 -34.75 -69.37 -21.28
C PRO F 440 -36.19 -68.94 -21.20
N PRO F 441 -36.73 -68.34 -22.26
CA PRO F 441 -38.11 -67.85 -22.21
C PRO F 441 -39.11 -68.93 -22.61
N PRO F 442 -38.95 -70.15 -22.11
CA PRO F 442 -39.99 -71.17 -22.30
C PRO F 442 -40.91 -71.26 -21.10
N ASP F 443 -42.15 -71.74 -21.33
CA ASP F 443 -43.15 -72.03 -20.31
C ASP F 443 -43.48 -70.78 -19.48
N ASN F 444 -44.09 -69.80 -20.17
CA ASN F 444 -44.43 -68.53 -19.54
C ASN F 444 -45.51 -68.69 -18.47
N GLN F 445 -46.39 -69.68 -18.62
CA GLN F 445 -47.35 -69.98 -17.56
C GLN F 445 -46.66 -70.59 -16.35
N ASP F 446 -45.63 -71.42 -16.58
CA ASP F 446 -44.85 -71.98 -15.49
C ASP F 446 -43.85 -70.97 -14.93
N ALA F 447 -43.37 -70.05 -15.76
CA ALA F 447 -42.49 -68.99 -15.26
C ALA F 447 -43.24 -68.00 -14.38
N TYR F 448 -44.54 -67.79 -14.65
CA TYR F 448 -45.35 -66.98 -13.76
C TYR F 448 -45.57 -67.68 -12.43
N ARG F 449 -45.73 -69.00 -12.45
CA ARG F 449 -45.80 -69.77 -11.21
C ARG F 449 -44.45 -69.77 -10.49
N ALA F 450 -43.35 -69.67 -11.23
CA ALA F 450 -42.03 -69.52 -10.64
C ALA F 450 -41.75 -68.08 -10.21
N GLU F 451 -42.64 -67.14 -10.53
CA GLU F 451 -42.47 -65.74 -10.14
C GLU F 451 -43.73 -65.20 -9.48
N PHE F 452 -44.49 -66.09 -8.81
CA PHE F 452 -45.62 -65.76 -7.96
C PHE F 452 -46.76 -65.07 -8.71
N GLY F 453 -46.93 -65.41 -9.98
CA GLY F 453 -48.10 -64.99 -10.72
C GLY F 453 -48.13 -63.55 -11.23
N SER F 454 -47.80 -62.60 -10.36
CA SER F 454 -47.95 -61.18 -10.68
C SER F 454 -46.96 -60.71 -11.74
N LEU F 455 -45.83 -61.40 -11.88
CA LEU F 455 -44.89 -61.07 -12.95
C LEU F 455 -45.46 -61.43 -14.32
N GLY F 456 -46.15 -62.56 -14.41
CA GLY F 456 -46.81 -62.95 -15.64
C GLY F 456 -48.06 -62.13 -15.89
N PRO F 457 -48.27 -61.70 -17.15
CA PRO F 457 -47.43 -61.95 -18.32
C PRO F 457 -46.55 -60.75 -18.68
N LEU F 458 -46.40 -59.80 -17.75
CA LEU F 458 -45.52 -58.67 -17.98
C LEU F 458 -44.06 -59.08 -18.02
N LEU F 459 -43.68 -60.09 -17.22
CA LEU F 459 -42.35 -60.67 -17.34
C LEU F 459 -42.21 -61.43 -18.64
N CYS F 460 -43.27 -62.12 -19.08
CA CYS F 460 -43.25 -62.80 -20.36
C CYS F 460 -43.27 -61.82 -21.53
N SER F 461 -43.93 -60.66 -21.35
CA SER F 461 -43.88 -59.61 -22.37
C SER F 461 -42.50 -58.99 -22.44
N GLN F 462 -41.83 -58.83 -21.30
CA GLN F 462 -40.46 -58.33 -21.30
C GLN F 462 -39.48 -59.40 -21.78
N VAL F 463 -39.82 -60.67 -21.63
CA VAL F 463 -39.00 -61.75 -22.19
C VAL F 463 -39.15 -61.77 -23.71
N VAL F 464 -40.34 -61.44 -24.22
CA VAL F 464 -40.53 -61.29 -25.65
C VAL F 464 -39.79 -60.06 -26.16
N LYS F 465 -39.74 -58.99 -25.34
CA LYS F 465 -38.95 -57.82 -25.68
C LYS F 465 -37.45 -58.12 -25.60
N ALA F 466 -37.05 -59.00 -24.67
CA ALA F 466 -35.65 -59.40 -24.60
C ALA F 466 -35.29 -60.31 -25.77
N ARG F 467 -36.23 -61.16 -26.21
CA ARG F 467 -36.01 -61.95 -27.41
C ARG F 467 -35.97 -61.08 -28.67
N ALA F 468 -36.75 -60.00 -28.69
CA ALA F 468 -36.67 -59.06 -29.81
C ALA F 468 -35.37 -58.28 -29.78
N GLN F 469 -34.85 -57.98 -28.58
CA GLN F 469 -33.55 -57.35 -28.48
C GLN F 469 -32.43 -58.31 -28.87
N ALA F 470 -32.61 -59.61 -28.60
CA ALA F 470 -31.65 -60.60 -29.07
C ALA F 470 -31.73 -60.78 -30.58
N ALA F 471 -32.93 -60.62 -31.15
CA ALA F 471 -33.10 -60.67 -32.59
C ALA F 471 -32.52 -59.45 -33.29
N LEU F 472 -32.38 -58.32 -32.57
CA LEU F 472 -31.77 -57.15 -33.16
C LEU F 472 -30.27 -57.33 -33.36
N GLN F 473 -29.63 -58.18 -32.55
CA GLN F 473 -28.21 -58.45 -32.67
C GLN F 473 -27.92 -59.36 -33.86
N GLU G 11 -8.77 78.47 67.91
CA GLU G 11 -8.49 79.43 66.86
C GLU G 11 -7.34 78.95 65.98
N LEU G 12 -7.30 79.46 64.75
CA LEU G 12 -6.23 79.10 63.81
C LEU G 12 -4.90 79.68 64.27
N GLU G 13 -3.86 78.85 64.25
CA GLU G 13 -2.53 79.29 64.63
C GLU G 13 -1.94 80.18 63.55
N SER G 14 -1.39 81.32 63.98
CA SER G 14 -0.79 82.25 63.04
C SER G 14 0.71 81.96 62.90
N GLN G 15 1.17 81.86 61.66
CA GLN G 15 2.58 81.64 61.37
C GLN G 15 3.01 82.58 60.26
N PHE G 16 4.27 83.03 60.37
CA PHE G 16 4.83 83.95 59.38
C PHE G 16 6.35 83.74 59.37
N ILE G 17 6.98 84.24 58.32
CA ILE G 17 8.41 84.06 58.10
C ILE G 17 9.15 85.23 58.73
N LEU G 18 10.21 84.94 59.49
CA LEU G 18 11.07 85.98 60.06
C LEU G 18 12.40 85.97 59.33
N ARG G 19 12.77 87.11 58.74
CA ARG G 19 14.04 87.27 58.04
C ARG G 19 14.93 88.24 58.81
N LEU G 20 16.17 87.83 59.04
CA LEU G 20 17.17 88.58 59.78
C LEU G 20 18.37 88.91 58.90
N PRO G 21 19.22 89.85 59.30
CA PRO G 21 20.56 89.96 58.69
C PRO G 21 21.37 88.70 58.96
N PRO G 22 22.28 88.34 58.03
CA PRO G 22 22.96 87.02 58.12
C PRO G 22 23.79 86.77 59.37
N GLU G 23 24.48 87.78 59.91
CA GLU G 23 25.20 87.58 61.17
C GLU G 23 24.22 87.34 62.33
N TYR G 24 23.11 88.08 62.36
CA TYR G 24 22.11 87.88 63.39
C TYR G 24 21.35 86.58 63.16
N ALA G 25 21.13 86.22 61.90
CA ALA G 25 20.51 84.94 61.57
C ALA G 25 21.40 83.78 62.00
N SER G 26 22.71 83.92 61.86
CA SER G 26 23.63 82.87 62.29
C SER G 26 23.67 82.76 63.81
N THR G 27 23.67 83.90 64.52
CA THR G 27 23.64 83.88 65.98
C THR G 27 22.35 83.24 66.52
N VAL G 28 21.20 83.68 66.00
CA VAL G 28 19.93 83.12 66.44
C VAL G 28 19.79 81.67 65.99
N ARG G 29 20.38 81.31 64.84
CA ARG G 29 20.38 79.93 64.39
C ARG G 29 21.18 79.02 65.32
N ARG G 30 22.35 79.49 65.76
CA ARG G 30 23.13 78.75 66.76
C ARG G 30 22.37 78.65 68.08
N ALA G 31 21.62 79.70 68.44
CA ALA G 31 20.82 79.66 69.66
C ALA G 31 19.67 78.65 69.55
N VAL G 32 19.03 78.58 68.38
CA VAL G 32 17.95 77.62 68.16
C VAL G 32 18.48 76.19 68.15
N GLN G 33 19.62 75.97 67.47
CA GLN G 33 20.23 74.65 67.44
C GLN G 33 20.76 74.23 68.81
N SER G 34 21.15 75.19 69.65
CA SER G 34 21.57 74.87 71.00
C SER G 34 20.39 74.49 71.90
N GLY G 35 19.23 75.11 71.67
CA GLY G 35 18.03 74.76 72.41
C GLY G 35 17.91 75.30 73.81
N HIS G 36 18.80 76.21 74.21
CA HIS G 36 18.75 76.81 75.54
C HIS G 36 17.51 77.70 75.70
N VAL G 37 16.97 77.71 76.93
CA VAL G 37 15.74 78.44 77.25
C VAL G 37 15.92 79.95 77.08
N ASN G 38 17.11 80.47 77.40
CA ASN G 38 17.38 81.92 77.45
C ASN G 38 17.31 82.61 76.08
N LEU G 39 17.09 81.86 74.99
CA LEU G 39 16.66 82.43 73.71
C LEU G 39 15.41 83.30 73.85
N LYS G 40 14.52 82.96 74.80
CA LYS G 40 13.35 83.80 75.07
C LYS G 40 13.74 85.19 75.57
N ASP G 41 14.95 85.34 76.12
CA ASP G 41 15.52 86.66 76.36
C ASP G 41 16.41 87.13 75.22
N ARG G 42 17.05 86.20 74.50
CA ARG G 42 17.99 86.60 73.45
C ARG G 42 17.30 87.07 72.17
N LEU G 43 16.03 86.75 72.00
CA LEU G 43 15.30 87.13 70.79
C LEU G 43 13.90 87.59 71.17
N THR G 44 13.61 88.88 70.97
CA THR G 44 12.29 89.41 71.23
C THR G 44 11.78 90.16 70.01
N ILE G 45 10.45 90.23 69.89
CA ILE G 45 9.78 90.89 68.78
C ILE G 45 8.76 91.88 69.35
N GLU G 46 8.82 93.13 68.91
CA GLU G 46 7.86 94.15 69.30
C GLU G 46 7.20 94.70 68.05
N LEU G 47 5.86 94.75 68.05
CA LEU G 47 5.10 95.26 66.92
C LEU G 47 4.47 96.59 67.28
N HIS G 48 4.59 97.57 66.39
CA HIS G 48 4.03 98.89 66.60
C HIS G 48 2.52 98.86 66.38
N PRO G 49 1.77 99.83 66.95
CA PRO G 49 0.30 99.87 66.74
C PRO G 49 -0.17 100.00 65.29
N ASP G 50 0.69 100.43 64.36
CA ASP G 50 0.27 100.46 62.96
C ASP G 50 0.19 99.06 62.35
N GLY G 51 0.78 98.06 62.98
CA GLY G 51 0.69 96.69 62.50
C GLY G 51 1.59 96.35 61.34
N ARG G 52 2.52 97.23 60.97
CA ARG G 52 3.35 97.01 59.80
C ARG G 52 4.84 97.12 60.12
N HIS G 53 5.19 97.95 61.11
CA HIS G 53 6.56 98.12 61.51
C HIS G 53 6.81 97.45 62.86
N GLY G 54 8.08 97.20 63.16
CA GLY G 54 8.41 96.58 64.42
C GLY G 54 9.89 96.69 64.72
N ILE G 55 10.26 96.11 65.86
CA ILE G 55 11.65 96.06 66.32
C ILE G 55 11.94 94.63 66.75
N VAL G 56 12.94 94.01 66.11
CA VAL G 56 13.39 92.69 66.53
C VAL G 56 14.71 92.85 67.28
N ARG G 57 14.74 92.40 68.53
CA ARG G 57 15.90 92.57 69.38
C ARG G 57 16.63 91.25 69.50
N VAL G 58 17.88 91.23 69.06
CA VAL G 58 18.78 90.09 69.16
C VAL G 58 19.89 90.46 70.12
N ASP G 59 19.94 89.79 71.27
CA ASP G 59 20.87 90.07 72.38
C ASP G 59 20.83 91.54 72.78
N ARG G 60 19.61 92.07 72.92
CA ARG G 60 19.23 93.44 73.21
C ARG G 60 19.60 94.42 72.09
N VAL G 61 20.04 93.94 70.94
CA VAL G 61 20.38 94.80 69.81
C VAL G 61 19.13 94.98 68.96
N PRO G 62 18.63 96.21 68.77
CA PRO G 62 17.42 96.43 67.98
C PRO G 62 17.70 96.45 66.48
N LEU G 63 16.87 95.74 65.72
CA LEU G 63 16.88 95.76 64.26
C LEU G 63 15.52 96.23 63.78
N ALA G 64 15.50 97.22 62.89
CA ALA G 64 14.24 97.78 62.41
C ALA G 64 13.56 96.81 61.44
N SER G 65 12.29 96.51 61.70
CA SER G 65 11.63 95.42 61.01
C SER G 65 10.37 95.91 60.32
N LYS G 66 10.04 95.25 59.22
CA LYS G 66 8.94 95.63 58.36
C LYS G 66 8.14 94.38 58.02
N LEU G 67 6.83 94.44 58.21
CA LEU G 67 5.95 93.32 57.89
C LEU G 67 5.47 93.46 56.46
N VAL G 68 5.91 92.56 55.59
CA VAL G 68 5.56 92.61 54.17
C VAL G 68 4.71 91.38 53.85
N ASP G 69 3.93 91.52 52.77
CA ASP G 69 3.01 90.48 52.34
C ASP G 69 3.66 89.66 51.24
N LEU G 70 3.80 88.36 51.46
CA LEU G 70 4.39 87.50 50.44
C LEU G 70 3.38 87.28 49.31
N PRO G 71 3.85 87.25 48.04
CA PRO G 71 2.93 87.14 46.91
C PRO G 71 2.34 85.76 46.74
N CYS G 72 3.13 84.72 47.01
CA CYS G 72 2.68 83.34 46.85
C CYS G 72 2.11 82.83 48.16
N VAL G 73 0.99 82.10 48.07
CA VAL G 73 0.45 81.41 49.23
C VAL G 73 1.37 80.27 49.61
N MET G 74 1.67 80.18 50.92
CA MET G 74 2.62 79.18 51.38
C MET G 74 1.94 78.33 52.44
N GLU G 75 2.19 77.02 52.41
CA GLU G 75 1.61 76.12 53.40
C GLU G 75 2.71 75.43 54.21
N SER G 76 2.52 75.41 55.53
CA SER G 76 3.41 74.69 56.43
C SER G 76 2.70 73.43 56.91
N LEU G 77 3.39 72.29 56.78
CA LEU G 77 2.82 70.96 56.93
C LEU G 77 3.68 70.16 57.89
N LYS G 78 3.05 69.33 58.74
CA LYS G 78 3.77 68.47 59.66
C LYS G 78 3.75 67.02 59.19
N THR G 79 4.68 66.23 59.71
CA THR G 79 4.74 64.81 59.38
C THR G 79 5.33 64.01 60.53
N ILE G 80 5.05 62.71 60.50
CA ILE G 80 5.66 61.74 61.38
C ILE G 80 6.50 60.72 60.61
N ASP G 81 5.94 60.15 59.54
CA ASP G 81 6.57 59.09 58.79
C ASP G 81 7.25 59.56 57.51
N LYS G 82 7.26 60.87 57.25
CA LYS G 82 7.83 61.54 56.09
C LYS G 82 7.20 61.11 54.76
N LYS G 83 5.99 60.55 54.79
CA LYS G 83 5.26 60.19 53.58
C LYS G 83 3.87 60.81 53.50
N THR G 84 3.09 60.71 54.56
CA THR G 84 1.78 61.35 54.65
C THR G 84 1.91 62.61 55.49
N PHE G 85 1.52 63.75 54.92
CA PHE G 85 1.77 65.04 55.55
C PHE G 85 0.44 65.66 55.96
N TYR G 86 0.46 66.38 57.09
CA TYR G 86 -0.72 67.06 57.60
C TYR G 86 -0.47 68.56 57.61
N LYS G 87 -1.31 69.30 56.89
CA LYS G 87 -1.16 70.76 56.78
C LYS G 87 -1.43 71.44 58.11
N THR G 88 -0.50 72.30 58.54
CA THR G 88 -0.66 73.01 59.80
C THR G 88 -1.08 74.46 59.65
N ALA G 89 -0.57 75.20 58.66
CA ALA G 89 -0.86 76.63 58.62
C ALA G 89 -0.65 77.20 57.23
N ASP G 90 -1.29 78.36 57.00
CA ASP G 90 -1.07 79.20 55.83
C ASP G 90 -0.20 80.38 56.20
N ILE G 91 0.85 80.60 55.42
CA ILE G 91 1.83 81.67 55.63
C ILE G 91 1.83 82.55 54.38
N CYS G 92 1.68 83.86 54.60
CA CYS G 92 1.73 84.84 53.53
C CYS G 92 2.47 86.11 53.92
N GLN G 93 3.09 86.18 55.09
CA GLN G 93 3.71 87.41 55.57
C GLN G 93 5.11 87.13 56.09
N MET G 94 5.96 88.16 56.01
CA MET G 94 7.36 88.05 56.42
C MET G 94 7.78 89.34 57.12
N LEU G 95 8.36 89.18 58.31
CA LEU G 95 8.91 90.29 59.08
C LEU G 95 10.40 90.37 58.76
N VAL G 96 10.79 91.42 58.06
CA VAL G 96 12.16 91.58 57.57
C VAL G 96 12.87 92.58 58.48
N SER G 97 13.98 92.14 59.08
CA SER G 97 14.77 92.98 59.97
C SER G 97 15.98 93.51 59.21
N THR G 98 16.25 94.80 59.36
CA THR G 98 17.40 95.47 58.79
C THR G 98 18.19 96.15 59.90
N VAL G 99 19.49 96.35 59.64
CA VAL G 99 20.38 96.98 60.59
C VAL G 99 20.24 98.51 60.54
N ASP G 100 19.79 99.06 59.42
CA ASP G 100 19.50 100.47 59.30
C ASP G 100 17.98 100.68 59.18
N GLY G 101 17.57 101.92 59.33
CA GLY G 101 16.15 102.25 59.29
C GLY G 101 15.65 102.83 60.59
N ASP G 102 14.55 103.57 60.52
CA ASP G 102 13.97 104.19 61.70
C ASP G 102 13.33 103.13 62.58
N LEU G 103 13.75 103.08 63.85
CA LEU G 103 13.15 102.16 64.81
C LEU G 103 11.72 102.55 65.14
N TYR G 104 11.41 103.85 65.13
CA TYR G 104 10.07 104.36 65.40
C TYR G 104 9.63 105.21 64.21
N PRO G 105 9.11 104.58 63.15
CA PRO G 105 8.73 105.33 61.94
C PRO G 105 7.51 106.19 62.18
N PRO G 106 7.52 107.45 61.70
CA PRO G 106 6.37 108.35 61.86
C PRO G 106 5.17 107.93 61.03
N LYS G 128 1.61 99.23 49.92
CA LYS G 128 2.35 99.47 48.68
C LYS G 128 3.84 99.22 48.88
N LYS G 129 4.43 99.92 49.85
CA LYS G 129 5.81 99.62 50.26
C LYS G 129 5.89 98.39 51.14
N PHE G 130 4.75 97.81 51.54
CA PHE G 130 4.70 96.56 52.28
C PHE G 130 4.34 95.39 51.38
N ILE G 131 4.44 95.57 50.06
CA ILE G 131 4.18 94.52 49.10
C ILE G 131 5.51 93.93 48.67
N TRP G 132 5.75 92.68 49.03
CA TRP G 132 6.96 91.98 48.65
C TRP G 132 6.76 91.33 47.29
N ASN G 133 7.76 91.45 46.43
CA ASN G 133 7.60 91.12 45.03
C ASN G 133 8.12 89.74 44.66
N HIS G 134 8.81 89.05 45.56
CA HIS G 134 9.60 87.88 45.20
C HIS G 134 9.13 86.67 45.98
N GLY G 135 9.42 85.48 45.45
CA GLY G 135 9.30 84.29 46.25
C GLY G 135 10.48 84.13 47.20
N ILE G 136 10.30 83.26 48.18
CA ILE G 136 11.41 82.94 49.09
C ILE G 136 12.44 82.08 48.38
N THR G 137 11.97 81.14 47.57
CA THR G 137 12.85 80.22 46.86
C THR G 137 13.46 80.89 45.63
N LEU G 138 14.55 80.30 45.14
CA LEU G 138 15.30 80.84 44.01
C LEU G 138 14.53 80.93 42.69
N PRO G 139 13.76 79.93 42.22
CA PRO G 139 13.09 80.11 40.91
C PRO G 139 11.94 81.10 40.92
N LEU G 140 11.41 81.44 42.09
CA LEU G 140 10.25 82.31 42.19
C LEU G 140 10.62 83.79 42.34
N LYS G 141 11.76 84.20 41.78
CA LYS G 141 12.11 85.60 41.73
C LYS G 141 11.19 86.33 40.75
N ASN G 142 10.72 87.54 41.15
CA ASN G 142 9.91 88.44 40.31
C ASN G 142 8.60 87.81 39.84
N VAL G 143 7.92 87.05 40.71
CA VAL G 143 6.67 86.38 40.32
C VAL G 143 5.57 87.39 39.99
N ARG G 144 5.53 88.52 40.71
CA ARG G 144 4.49 89.53 40.47
C ARG G 144 4.62 90.16 39.10
N LYS G 145 5.85 90.35 38.62
CA LYS G 145 6.06 91.00 37.33
C LYS G 145 6.23 90.02 36.18
N ARG G 146 6.64 88.77 36.44
CA ARG G 146 6.98 87.83 35.39
C ARG G 146 6.14 86.55 35.39
N ARG G 147 5.73 86.04 36.56
CA ARG G 147 5.14 84.71 36.62
C ARG G 147 3.69 84.76 37.12
N PHE G 148 3.09 85.94 37.22
CA PHE G 148 1.69 86.07 37.60
C PHE G 148 0.91 86.67 36.44
N ARG G 149 -0.01 85.89 35.89
CA ARG G 149 -1.00 86.40 34.96
C ARG G 149 -1.84 87.49 35.63
N LYS G 150 -1.91 88.65 34.97
CA LYS G 150 -2.58 89.81 35.56
C LYS G 150 -4.05 89.84 35.13
N THR G 151 -4.90 90.26 36.05
CA THR G 151 -6.34 90.22 35.83
C THR G 151 -6.77 91.35 34.88
N ALA G 152 -7.60 91.01 33.90
CA ALA G 152 -8.13 91.98 32.95
C ALA G 152 -9.47 92.48 33.47
N LYS G 153 -9.58 93.78 33.68
CA LYS G 153 -10.77 94.40 34.23
C LYS G 153 -11.85 94.54 33.15
N LYS G 154 -13.01 95.02 33.59
CA LYS G 154 -14.22 95.26 32.78
C LYS G 154 -14.68 93.97 32.11
N ASN H 28 -1.56 -46.11 -37.23
CA ASN H 28 -2.64 -47.05 -37.01
C ASN H 28 -3.87 -46.74 -37.86
N TYR H 29 -4.10 -45.45 -38.10
CA TYR H 29 -5.24 -45.02 -38.89
C TYR H 29 -4.98 -45.05 -40.39
N HIS H 30 -3.72 -45.23 -40.79
CA HIS H 30 -3.37 -45.41 -42.19
C HIS H 30 -3.73 -46.81 -42.69
N LEU H 31 -4.00 -47.75 -41.79
CA LEU H 31 -4.16 -49.16 -42.14
C LEU H 31 -5.45 -49.41 -42.93
N ALA H 32 -6.45 -48.54 -42.80
CA ALA H 32 -7.76 -48.77 -43.41
C ALA H 32 -7.72 -48.72 -44.92
N ARG H 33 -6.88 -47.87 -45.51
CA ARG H 33 -6.77 -47.81 -46.96
C ARG H 33 -6.03 -49.04 -47.51
N ARG H 34 -5.06 -49.56 -46.76
CA ARG H 34 -4.38 -50.78 -47.17
C ARG H 34 -5.33 -51.98 -47.08
N ARG H 35 -6.18 -52.02 -46.05
CA ARG H 35 -7.16 -53.09 -45.98
C ARG H 35 -8.27 -52.91 -47.01
N THR H 36 -8.55 -51.69 -47.43
CA THR H 36 -9.47 -51.46 -48.55
C THR H 36 -8.86 -51.99 -49.86
N LEU H 37 -7.55 -51.81 -50.03
CA LEU H 37 -6.85 -52.44 -51.16
C LEU H 37 -6.89 -53.96 -51.07
N GLN H 38 -6.84 -54.50 -49.84
CA GLN H 38 -7.02 -55.95 -49.66
C GLN H 38 -8.41 -56.40 -50.05
N VAL H 39 -9.42 -55.58 -49.76
CA VAL H 39 -10.80 -55.87 -50.20
C VAL H 39 -10.89 -55.83 -51.73
N VAL H 40 -10.15 -54.91 -52.36
CA VAL H 40 -10.10 -54.86 -53.83
C VAL H 40 -9.44 -56.11 -54.40
N VAL H 41 -8.36 -56.57 -53.76
CA VAL H 41 -7.68 -57.80 -54.18
C VAL H 41 -8.62 -59.01 -54.02
N SER H 42 -9.36 -59.05 -52.91
CA SER H 42 -10.32 -60.13 -52.69
C SER H 42 -11.47 -60.09 -53.69
N SER H 43 -11.91 -58.90 -54.10
CA SER H 43 -12.94 -58.79 -55.12
C SER H 43 -12.43 -59.25 -56.48
N LEU H 44 -11.18 -58.95 -56.80
CA LEU H 44 -10.61 -59.43 -58.06
C LEU H 44 -10.34 -60.92 -58.03
N LEU H 45 -10.07 -61.49 -56.85
CA LEU H 45 -9.97 -62.94 -56.72
C LEU H 45 -11.34 -63.61 -56.83
N THR H 46 -12.38 -62.94 -56.34
CA THR H 46 -13.75 -63.42 -56.54
C THR H 46 -14.13 -63.38 -58.02
N GLU H 47 -13.69 -62.33 -58.72
CA GLU H 47 -13.87 -62.26 -60.17
C GLU H 47 -13.08 -63.37 -60.87
N ALA H 48 -11.91 -63.72 -60.33
CA ALA H 48 -11.15 -64.86 -60.87
C ALA H 48 -11.85 -66.17 -60.55
N GLY H 49 -12.12 -66.43 -59.28
CA GLY H 49 -12.84 -67.63 -58.88
C GLY H 49 -12.12 -68.50 -57.88
N PHE H 50 -11.18 -67.90 -57.14
CA PHE H 50 -10.45 -68.63 -56.11
C PHE H 50 -11.30 -68.78 -54.86
N GLU H 51 -11.47 -70.02 -54.40
CA GLU H 51 -12.24 -70.26 -53.18
C GLU H 51 -11.38 -70.01 -51.93
N SER H 52 -10.16 -70.53 -51.93
CA SER H 52 -9.23 -70.35 -50.82
C SER H 52 -8.02 -69.57 -51.30
N ALA H 53 -7.14 -69.22 -50.35
CA ALA H 53 -5.94 -68.44 -50.63
C ALA H 53 -5.01 -68.56 -49.43
N GLU H 54 -3.78 -68.07 -49.61
CA GLU H 54 -2.82 -67.90 -48.53
C GLU H 54 -2.78 -66.42 -48.16
N LYS H 55 -3.07 -66.12 -46.89
CA LYS H 55 -3.34 -64.75 -46.45
C LYS H 55 -2.10 -63.87 -46.56
N ALA H 56 -0.94 -64.41 -46.18
CA ALA H 56 0.31 -63.64 -46.26
C ALA H 56 0.69 -63.35 -47.70
N SER H 57 0.41 -64.28 -48.61
CA SER H 57 0.69 -64.04 -50.03
C SER H 57 -0.26 -63.01 -50.61
N VAL H 58 -1.52 -63.00 -50.15
CA VAL H 58 -2.49 -61.99 -50.59
C VAL H 58 -2.07 -60.60 -50.11
N GLU H 59 -1.61 -60.51 -48.86
CA GLU H 59 -1.13 -59.22 -48.35
C GLU H 59 0.17 -58.79 -49.03
N THR H 60 1.02 -59.75 -49.40
CA THR H 60 2.24 -59.43 -50.13
C THR H 60 1.93 -58.93 -51.54
N LEU H 61 0.93 -59.54 -52.19
CA LEU H 61 0.50 -59.04 -53.50
C LEU H 61 -0.20 -57.69 -53.39
N THR H 62 -0.85 -57.40 -52.26
CA THR H 62 -1.39 -56.06 -52.03
C THR H 62 -0.27 -55.04 -51.89
N GLU H 63 0.81 -55.41 -51.17
CA GLU H 63 2.00 -54.56 -51.10
C GLU H 63 2.62 -54.35 -52.48
N MET H 64 2.68 -55.41 -53.30
CA MET H 64 3.18 -55.29 -54.66
C MET H 64 2.28 -54.43 -55.53
N LEU H 65 0.96 -54.46 -55.29
CA LEU H 65 0.03 -53.63 -56.04
C LEU H 65 0.21 -52.15 -55.69
N GLN H 66 0.33 -51.83 -54.40
CA GLN H 66 0.54 -50.43 -54.05
C GLN H 66 1.93 -49.93 -54.45
N SER H 67 2.93 -50.83 -54.48
CA SER H 67 4.22 -50.44 -55.03
C SER H 67 4.15 -50.26 -56.55
N TYR H 68 3.28 -51.00 -57.22
CA TYR H 68 3.08 -50.80 -58.66
C TYR H 68 2.39 -49.47 -58.94
N ILE H 69 1.42 -49.09 -58.11
CA ILE H 69 0.77 -47.78 -58.21
C ILE H 69 1.80 -46.67 -57.96
N SER H 70 2.64 -46.86 -56.94
CA SER H 70 3.70 -45.88 -56.67
C SER H 70 4.75 -45.86 -57.78
N GLU H 71 4.95 -46.98 -58.48
CA GLU H 71 5.90 -47.00 -59.59
C GLU H 71 5.36 -46.26 -60.81
N ILE H 72 4.05 -46.43 -61.08
CA ILE H 72 3.37 -45.63 -62.10
C ILE H 72 3.46 -44.14 -61.76
N GLY H 73 3.26 -43.81 -60.48
CA GLY H 73 3.34 -42.42 -60.07
C GLY H 73 4.74 -41.83 -60.17
N ARG H 74 5.76 -42.62 -59.81
CA ARG H 74 7.15 -42.16 -59.95
C ARG H 74 7.52 -42.00 -61.42
N SER H 75 7.03 -42.90 -62.27
CA SER H 75 7.30 -42.81 -63.70
C SER H 75 6.67 -41.55 -64.30
N ALA H 76 5.41 -41.27 -63.94
CA ALA H 76 4.77 -40.04 -64.41
C ALA H 76 5.40 -38.79 -63.81
N LYS H 77 5.87 -38.89 -62.55
CA LYS H 77 6.56 -37.79 -61.88
C LYS H 77 7.84 -37.41 -62.60
N SER H 78 8.76 -38.37 -62.78
CA SER H 78 10.00 -38.11 -63.48
C SER H 78 9.83 -37.98 -64.98
N TYR H 79 8.65 -38.34 -65.52
CA TYR H 79 8.35 -38.27 -66.94
C TYR H 79 7.81 -36.91 -67.36
N CYS H 80 6.95 -36.30 -66.56
CA CYS H 80 6.34 -35.04 -66.93
C CYS H 80 7.10 -33.83 -66.38
N GLU H 81 8.24 -34.06 -65.74
CA GLU H 81 9.18 -32.97 -65.45
C GLU H 81 10.12 -32.69 -66.62
N HIS H 82 10.07 -33.51 -67.67
CA HIS H 82 10.80 -33.20 -68.90
C HIS H 82 10.19 -32.01 -69.63
N THR H 83 8.92 -31.71 -69.38
CA THR H 83 8.30 -30.46 -69.82
C THR H 83 8.40 -29.42 -68.71
N ALA H 84 8.26 -28.15 -69.11
CA ALA H 84 8.10 -27.08 -68.12
C ALA H 84 6.74 -27.17 -67.41
N ARG H 85 5.76 -27.79 -68.07
CA ARG H 85 4.48 -28.09 -67.44
C ARG H 85 4.62 -29.21 -66.41
N THR H 86 3.61 -29.31 -65.55
CA THR H 86 3.58 -30.29 -64.48
C THR H 86 2.58 -31.41 -64.77
N GLN H 87 1.35 -31.03 -65.17
CA GLN H 87 0.17 -31.86 -65.38
C GLN H 87 0.40 -33.06 -66.31
N PRO H 88 0.29 -34.27 -65.80
CA PRO H 88 0.34 -35.47 -66.66
C PRO H 88 -0.98 -35.66 -67.39
N THR H 89 -0.90 -35.82 -68.72
CA THR H 89 -2.08 -36.00 -69.56
C THR H 89 -2.33 -37.49 -69.79
N LEU H 90 -3.28 -37.78 -70.70
CA LEU H 90 -3.64 -39.17 -70.98
C LEU H 90 -2.56 -39.88 -71.79
N SER H 91 -2.03 -39.21 -72.83
CA SER H 91 -0.99 -39.80 -73.66
C SER H 91 0.31 -40.00 -72.88
N ASP H 92 0.54 -39.16 -71.86
CA ASP H 92 1.67 -39.37 -70.95
C ASP H 92 1.54 -40.71 -70.23
N ILE H 93 0.35 -41.03 -69.74
CA ILE H 93 0.12 -42.30 -69.07
C ILE H 93 0.12 -43.45 -70.07
N VAL H 94 -0.24 -43.19 -71.34
CA VAL H 94 -0.13 -44.21 -72.38
C VAL H 94 1.32 -44.59 -72.63
N VAL H 95 2.20 -43.58 -72.77
CA VAL H 95 3.63 -43.82 -72.93
C VAL H 95 4.23 -44.44 -71.66
N THR H 96 3.66 -44.10 -70.50
CA THR H 96 4.10 -44.70 -69.24
C THR H 96 3.77 -46.19 -69.18
N LEU H 97 2.56 -46.56 -69.59
CA LEU H 97 2.15 -47.97 -69.51
C LEU H 97 2.78 -48.82 -70.60
N VAL H 98 3.05 -48.24 -71.78
CA VAL H 98 3.85 -48.95 -72.78
C VAL H 98 5.29 -49.08 -72.30
N GLU H 99 5.79 -48.07 -71.60
CA GLU H 99 7.11 -48.12 -70.98
C GLU H 99 7.17 -49.20 -69.90
N MET H 100 6.08 -49.39 -69.17
CA MET H 100 6.02 -50.40 -68.11
C MET H 100 5.45 -51.73 -68.60
N GLY H 101 5.40 -51.94 -69.91
CA GLY H 101 5.04 -53.24 -70.46
C GLY H 101 3.59 -53.66 -70.32
N PHE H 102 2.68 -52.99 -71.03
CA PHE H 102 1.28 -53.34 -70.99
C PHE H 102 0.62 -53.01 -72.33
N ASN H 103 -0.18 -53.95 -72.84
CA ASN H 103 -0.95 -53.75 -74.07
C ASN H 103 -2.24 -53.01 -73.71
N VAL H 104 -2.33 -51.74 -74.08
CA VAL H 104 -3.47 -50.91 -73.71
C VAL H 104 -4.72 -51.18 -74.53
N ASP H 105 -4.60 -51.94 -75.63
CA ASP H 105 -5.74 -52.24 -76.49
C ASP H 105 -6.78 -53.10 -75.80
N THR H 106 -6.39 -53.86 -74.78
CA THR H 106 -7.32 -54.64 -73.98
C THR H 106 -8.00 -53.81 -72.89
N LEU H 107 -7.66 -52.53 -72.77
CA LEU H 107 -8.33 -51.68 -71.77
C LEU H 107 -9.82 -51.44 -72.00
N PRO H 108 -10.35 -51.31 -73.24
CA PRO H 108 -11.82 -51.37 -73.35
C PRO H 108 -12.41 -52.72 -73.02
N ALA H 109 -11.79 -53.81 -73.49
CA ALA H 109 -12.36 -55.14 -73.32
C ALA H 109 -12.37 -55.57 -71.86
N TYR H 110 -11.33 -55.20 -71.11
CA TYR H 110 -11.33 -55.45 -69.67
C TYR H 110 -12.40 -54.65 -68.95
N ALA H 111 -12.81 -53.50 -69.52
CA ALA H 111 -13.99 -52.80 -69.03
C ALA H 111 -15.22 -53.70 -69.10
N LYS H 112 -15.34 -54.47 -70.19
CA LYS H 112 -16.41 -55.47 -70.32
C LYS H 112 -16.35 -56.51 -69.22
N ARG H 113 -15.19 -56.72 -68.61
CA ARG H 113 -15.21 -57.39 -67.33
C ARG H 113 -15.56 -56.43 -66.21
N SER H 114 -14.74 -55.42 -65.96
CA SER H 114 -14.48 -55.02 -64.58
C SER H 114 -15.64 -54.22 -64.01
N GLN H 115 -15.93 -53.07 -64.60
CA GLN H 115 -17.06 -52.24 -64.19
C GLN H 115 -18.39 -52.83 -64.64
N ARG H 116 -18.37 -54.04 -65.23
CA ARG H 116 -19.57 -54.75 -65.56
C ARG H 116 -19.71 -56.09 -64.84
N MET H 117 -18.68 -56.52 -64.09
CA MET H 117 -18.83 -57.77 -63.34
C MET H 117 -18.42 -57.69 -61.88
N VAL H 118 -17.76 -56.63 -61.44
CA VAL H 118 -17.36 -56.46 -60.06
C VAL H 118 -18.07 -55.22 -59.52
N ILE H 119 -18.77 -55.37 -58.40
CA ILE H 119 -19.55 -54.29 -57.82
C ILE H 119 -18.61 -53.36 -57.07
N THR H 120 -18.78 -52.05 -57.29
CA THR H 120 -17.92 -51.05 -56.67
C THR H 120 -18.14 -50.99 -55.15
N UNK H 121 -17.07 -51.17 -54.39
CA UNK H 121 -17.11 -50.98 -52.95
C UNK H 121 -16.86 -49.51 -52.62
N UNK H 122 -17.53 -49.04 -51.58
CA UNK H 122 -17.45 -47.64 -51.18
C UNK H 122 -16.37 -47.44 -50.12
N UNK H 123 -15.93 -46.19 -50.00
CA UNK H 123 -14.95 -45.82 -49.00
C UNK H 123 -15.65 -45.54 -47.66
N UNK H 124 -14.85 -45.16 -46.66
CA UNK H 124 -15.39 -44.90 -45.33
C UNK H 124 -14.51 -43.86 -44.64
N UNK H 125 -15.10 -42.73 -44.28
CA UNK H 125 -14.39 -41.69 -43.55
C UNK H 125 -15.42 -40.91 -42.75
N UNK H 126 -15.45 -41.12 -41.44
CA UNK H 126 -16.43 -40.50 -40.55
C UNK H 126 -15.70 -39.51 -39.66
N UNK H 127 -15.56 -38.28 -40.16
CA UNK H 127 -14.89 -37.21 -39.42
C UNK H 127 -15.93 -36.26 -38.85
N UNK H 128 -15.61 -35.72 -37.67
CA UNK H 128 -16.53 -34.83 -36.96
C UNK H 128 -15.74 -33.74 -36.26
N UNK H 129 -16.47 -32.71 -35.82
CA UNK H 129 -15.91 -31.60 -35.06
C UNK H 129 -16.82 -31.38 -33.86
N UNK H 130 -16.33 -31.73 -32.67
CA UNK H 130 -17.13 -31.64 -31.46
C UNK H 130 -17.33 -30.18 -31.04
N UNK H 131 -18.34 -29.97 -30.20
CA UNK H 131 -18.67 -28.65 -29.69
C UNK H 131 -18.31 -28.57 -28.22
N UNK H 132 -17.99 -27.35 -27.78
CA UNK H 132 -17.60 -27.12 -26.39
C UNK H 132 -17.92 -25.68 -26.01
N UNK H 133 -17.98 -25.43 -24.72
CA UNK H 133 -18.27 -24.09 -24.20
C UNK H 133 -17.67 -23.97 -22.81
N UNK H 134 -16.75 -23.03 -22.65
CA UNK H 134 -16.11 -22.75 -21.37
C UNK H 134 -16.12 -21.24 -21.13
N UNK H 135 -17.28 -20.62 -21.33
CA UNK H 135 -17.41 -19.18 -21.39
C UNK H 135 -17.28 -18.51 -20.03
N UNK H 136 -16.07 -18.09 -19.68
CA UNK H 136 -15.85 -17.16 -18.59
C UNK H 136 -15.91 -15.74 -19.15
N UNK H 137 -15.75 -14.74 -18.26
CA UNK H 137 -15.71 -13.34 -18.69
C UNK H 137 -14.47 -12.70 -18.09
N UNK H 138 -13.34 -12.88 -18.76
CA UNK H 138 -12.07 -12.28 -18.37
C UNK H 138 -11.12 -12.32 -19.56
N UNK H 139 -10.78 -11.15 -20.11
CA UNK H 139 -9.75 -11.07 -21.12
C UNK H 139 -8.61 -10.15 -20.72
N UNK H 140 -8.92 -8.85 -20.49
CA UNK H 140 -8.07 -7.81 -19.89
C UNK H 140 -6.84 -7.43 -20.70
N UNK H 141 -6.57 -8.12 -21.81
CA UNK H 141 -5.46 -7.77 -22.70
C UNK H 141 -5.79 -8.36 -24.08
N UNK H 142 -6.33 -7.53 -24.97
CA UNK H 142 -6.57 -7.96 -26.33
C UNK H 142 -5.27 -7.95 -27.15
N UNK H 143 -4.66 -6.77 -27.27
CA UNK H 143 -3.43 -6.59 -28.02
C UNK H 143 -2.45 -5.76 -27.19
N UNK H 144 -2.22 -6.18 -25.95
CA UNK H 144 -1.27 -5.53 -25.06
C UNK H 144 0.16 -5.70 -25.58
N UNK H 145 1.11 -5.09 -24.85
CA UNK H 145 2.38 -4.51 -25.31
C UNK H 145 3.08 -5.22 -26.46
N UNK H 146 3.20 -6.54 -26.41
CA UNK H 146 3.66 -7.33 -27.56
C UNK H 146 2.49 -7.45 -28.54
N UNK H 147 2.30 -6.40 -29.34
CA UNK H 147 1.07 -6.19 -30.08
C UNK H 147 1.04 -7.06 -31.32
N UNK H 148 0.24 -8.13 -31.28
CA UNK H 148 0.03 -9.01 -32.42
C UNK H 148 -1.44 -9.42 -32.44
N UNK H 149 -2.16 -9.02 -33.48
CA UNK H 149 -3.59 -9.34 -33.59
C UNK H 149 -3.83 -10.69 -34.26
N UNK H 150 -3.14 -11.71 -33.79
CA UNK H 150 -3.42 -13.10 -34.17
C UNK H 150 -3.02 -13.97 -32.97
N UNK H 151 -3.95 -14.18 -32.07
CA UNK H 151 -3.75 -14.93 -30.83
C UNK H 151 -5.12 -15.24 -30.25
N UNK H 152 -5.13 -15.80 -29.04
CA UNK H 152 -6.36 -16.01 -28.28
C UNK H 152 -5.99 -15.99 -26.80
N UNK H 153 -6.16 -14.83 -26.16
CA UNK H 153 -5.98 -14.73 -24.72
C UNK H 153 -7.07 -15.52 -24.02
N UNK H 154 -6.68 -16.58 -23.31
CA UNK H 154 -7.62 -17.58 -22.79
C UNK H 154 -8.60 -17.02 -21.76
N UNK H 155 -8.08 -16.67 -20.59
CA UNK H 155 -8.89 -16.17 -19.46
C UNK H 155 -7.93 -15.65 -18.40
N UNK H 156 -8.51 -15.16 -17.30
CA UNK H 156 -7.78 -14.93 -16.07
C UNK H 156 -8.04 -16.01 -15.02
N UNK H 157 -9.03 -16.87 -15.24
CA UNK H 157 -9.35 -17.95 -14.31
C UNK H 157 -8.28 -19.03 -14.29
N UNK H 158 -7.46 -19.14 -15.33
CA UNK H 158 -6.42 -20.15 -15.41
C UNK H 158 -5.01 -19.59 -15.38
N UNK H 159 -4.76 -18.47 -16.07
CA UNK H 159 -3.41 -17.94 -16.17
C UNK H 159 -3.04 -17.12 -14.93
N UNK H 160 -3.78 -16.05 -14.67
CA UNK H 160 -3.41 -15.10 -13.63
C UNK H 160 -3.91 -15.55 -12.26
N UNK H 161 -3.44 -14.87 -11.22
CA UNK H 161 -3.81 -15.16 -9.84
C UNK H 161 -4.11 -13.84 -9.11
N UNK H 162 -4.35 -13.94 -7.81
CA UNK H 162 -4.68 -12.78 -6.98
C UNK H 162 -4.18 -13.03 -5.56
N UNK H 163 -4.70 -12.25 -4.61
CA UNK H 163 -4.28 -12.33 -3.23
C UNK H 163 -5.49 -12.18 -2.32
N UNK H 164 -5.43 -12.85 -1.16
CA UNK H 164 -6.58 -12.98 -0.26
C UNK H 164 -6.26 -12.41 1.11
N UNK H 165 -7.19 -11.61 1.64
CA UNK H 165 -7.14 -11.09 3.00
C UNK H 165 -8.27 -11.62 3.86
N UNK H 166 -9.50 -11.57 3.35
CA UNK H 166 -10.70 -12.25 3.85
C UNK H 166 -11.18 -11.79 5.21
N UNK H 167 -10.62 -10.71 5.77
CA UNK H 167 -11.01 -10.23 7.10
C UNK H 167 -10.96 -8.71 7.14
N UNK H 168 -12.09 -8.06 6.84
CA UNK H 168 -12.28 -6.67 7.20
C UNK H 168 -13.66 -6.45 7.81
N UNK H 169 -13.69 -5.71 8.93
CA UNK H 169 -14.96 -5.20 9.44
C UNK H 169 -14.95 -3.68 9.52
N UNK H 170 -13.95 -3.12 10.21
CA UNK H 170 -13.70 -1.69 10.39
C UNK H 170 -14.93 -0.87 10.81
N UNK H 171 -15.50 -1.17 11.98
CA UNK H 171 -16.68 -0.47 12.49
C UNK H 171 -16.40 0.00 13.92
N TYR H 172 -16.08 1.29 14.03
CA TYR H 172 -15.54 1.88 15.26
C TYR H 172 -16.50 1.76 16.44
N GLN H 173 -17.73 2.26 16.26
CA GLN H 173 -18.73 2.20 17.32
C GLN H 173 -19.11 0.75 17.64
N VAL H 174 -19.16 -0.11 16.62
CA VAL H 174 -19.46 -1.52 16.83
C VAL H 174 -18.32 -2.22 17.56
N LEU H 175 -17.07 -1.85 17.24
CA LEU H 175 -15.89 -2.41 17.92
C LEU H 175 -15.89 -2.04 19.40
N ARG H 176 -16.15 -0.77 19.72
CA ARG H 176 -16.15 -0.41 21.13
C ARG H 176 -17.41 -0.88 21.87
N GLU H 177 -18.53 -1.09 21.15
CA GLU H 177 -19.67 -1.79 21.75
C GLU H 177 -19.31 -3.23 22.11
N LYS H 178 -18.60 -3.93 21.21
CA LYS H 178 -18.14 -5.30 21.50
C LYS H 178 -17.17 -5.32 22.68
N ALA H 179 -16.27 -4.34 22.75
CA ALA H 179 -15.30 -4.27 23.84
C ALA H 179 -15.99 -4.01 25.19
N ALA H 180 -16.93 -3.06 25.21
CA ALA H 180 -17.64 -2.77 26.46
C ALA H 180 -18.59 -3.90 26.84
N SER H 181 -19.16 -4.61 25.86
CA SER H 181 -20.00 -5.76 26.17
C SER H 181 -19.17 -6.90 26.74
N GLN H 182 -17.95 -7.10 26.24
CA GLN H 182 -17.07 -8.10 26.81
C GLN H 182 -16.61 -7.70 28.21
N ARG H 183 -16.41 -6.40 28.45
CA ARG H 183 -16.10 -5.92 29.80
C ARG H 183 -17.26 -6.17 30.76
N ARG H 184 -18.50 -5.92 30.30
CA ARG H 184 -19.69 -6.21 31.08
C ARG H 184 -19.83 -7.71 31.35
N ASP H 185 -19.47 -8.54 30.38
CA ASP H 185 -19.53 -9.99 30.55
C ASP H 185 -18.52 -10.47 31.59
N VAL H 186 -17.31 -9.90 31.57
CA VAL H 186 -16.29 -10.24 32.57
C VAL H 186 -16.73 -9.79 33.96
N GLU H 187 -17.31 -8.58 34.05
CA GLU H 187 -17.89 -8.08 35.31
C GLU H 187 -18.95 -9.02 35.88
N ARG H 188 -19.93 -9.40 35.05
CA ARG H 188 -21.02 -10.24 35.54
C ARG H 188 -20.55 -11.67 35.81
N ALA H 189 -19.53 -12.14 35.08
CA ALA H 189 -19.01 -13.49 35.30
C ALA H 189 -18.27 -13.59 36.63
N LEU H 190 -17.36 -12.64 36.90
CA LEU H 190 -16.67 -12.64 38.19
C LEU H 190 -17.63 -12.32 39.33
N THR H 191 -18.66 -11.51 39.05
CA THR H 191 -19.73 -11.23 40.01
C THR H 191 -20.45 -12.51 40.42
N ARG H 192 -20.89 -13.31 39.44
CA ARG H 192 -21.55 -14.59 39.73
C ARG H 192 -20.60 -15.58 40.42
N PHE H 193 -19.33 -15.58 40.01
CA PHE H 193 -18.33 -16.51 40.55
C PHE H 193 -18.11 -16.30 42.04
N MET H 194 -17.65 -15.11 42.43
CA MET H 194 -17.47 -14.90 43.86
C MET H 194 -18.76 -14.55 44.58
N ALA H 195 -19.87 -14.38 43.85
CA ALA H 195 -21.18 -14.31 44.47
C ALA H 195 -21.59 -15.67 45.03
N LYS H 196 -21.49 -16.72 44.21
CA LYS H 196 -21.81 -18.06 44.68
C LYS H 196 -20.65 -18.73 45.43
N THR H 197 -19.46 -18.12 45.45
CA THR H 197 -18.33 -18.77 46.10
C THR H 197 -18.32 -18.54 47.61
N GLY H 198 -18.23 -17.28 48.04
CA GLY H 198 -17.89 -16.94 49.42
C GLY H 198 -19.10 -16.67 50.29
N GLU H 199 -18.87 -15.86 51.33
CA GLU H 199 -19.92 -15.52 52.29
C GLU H 199 -20.98 -14.65 51.63
N THR H 200 -22.25 -15.03 51.79
CA THR H 200 -23.33 -14.46 51.01
C THR H 200 -24.47 -13.99 51.92
N GLN H 201 -24.87 -12.74 51.75
CA GLN H 201 -26.14 -12.22 52.24
C GLN H 201 -26.87 -11.60 51.07
N SER H 202 -28.16 -11.88 50.95
CA SER H 202 -28.91 -11.53 49.76
C SER H 202 -29.75 -10.27 49.98
N LEU H 203 -30.56 -9.93 48.97
CA LEU H 203 -31.49 -8.82 49.00
C LEU H 203 -32.89 -9.27 49.38
N PHE H 204 -33.43 -10.26 48.68
CA PHE H 204 -34.64 -10.96 49.10
C PHE H 204 -34.20 -12.11 50.00
N LYS H 205 -35.10 -13.03 50.31
CA LYS H 205 -34.76 -14.23 51.05
C LYS H 205 -34.33 -15.31 50.05
N ASP H 206 -33.07 -15.75 50.17
CA ASP H 206 -32.45 -16.80 49.36
C ASP H 206 -32.46 -16.45 47.87
N ASP H 207 -31.71 -15.40 47.55
CA ASP H 207 -31.41 -15.05 46.16
C ASP H 207 -30.11 -15.73 45.71
N VAL H 208 -30.12 -17.06 45.72
CA VAL H 208 -28.96 -17.81 45.23
C VAL H 208 -28.84 -17.66 43.73
N SER H 209 -29.96 -17.63 43.01
CA SER H 209 -29.95 -17.50 41.56
C SER H 209 -29.75 -16.04 41.13
N THR H 210 -30.61 -15.15 41.61
CA THR H 210 -30.67 -13.80 41.04
C THR H 210 -29.54 -12.91 41.56
N PHE H 211 -29.53 -12.61 42.86
CA PHE H 211 -28.56 -11.66 43.43
C PHE H 211 -27.97 -12.19 44.74
N PRO H 212 -26.94 -13.06 44.66
CA PRO H 212 -26.24 -13.49 45.89
C PRO H 212 -25.05 -12.61 46.28
N LEU H 213 -25.37 -11.43 46.84
CA LEU H 213 -24.36 -10.44 47.20
C LEU H 213 -23.36 -10.96 48.23
N ILE H 214 -22.09 -10.58 48.03
CA ILE H 214 -21.02 -11.00 48.95
C ILE H 214 -21.20 -10.33 50.29
N ALA H 215 -21.20 -11.13 51.36
CA ALA H 215 -21.38 -10.61 52.71
C ALA H 215 -20.11 -9.90 53.18
N ALA H 216 -20.20 -9.32 54.37
CA ALA H 216 -19.10 -8.53 54.92
C ALA H 216 -18.03 -9.45 55.49
N ARG H 217 -16.77 -9.08 55.22
CA ARG H 217 -15.55 -9.72 55.72
C ARG H 217 -15.23 -9.41 57.19
N PRO H 218 -15.71 -8.27 57.75
CA PRO H 218 -14.81 -7.22 58.25
C PRO H 218 -13.48 -7.66 58.85
N PHE H 219 -12.43 -7.02 58.36
CA PHE H 219 -11.04 -7.38 58.62
C PHE H 219 -10.38 -6.32 59.49
N THR H 220 -9.07 -6.47 59.70
CA THR H 220 -8.38 -5.76 60.75
C THR H 220 -8.07 -4.32 60.38
N ILE H 221 -7.39 -4.10 59.27
CA ILE H 221 -6.79 -2.81 58.93
C ILE H 221 -7.47 -2.29 57.67
N PRO H 222 -8.44 -1.37 57.81
CA PRO H 222 -9.18 -0.89 56.63
C PRO H 222 -8.44 0.17 55.83
N TYR H 223 -7.59 0.97 56.49
CA TYR H 223 -7.04 2.16 55.83
C TYR H 223 -5.95 1.80 54.82
N LEU H 224 -5.21 0.70 55.06
CA LEU H 224 -4.19 0.29 54.10
C LEU H 224 -4.82 -0.31 52.84
N THR H 225 -6.04 -0.82 52.92
CA THR H 225 -6.70 -1.42 51.76
C THR H 225 -7.52 -0.39 50.99
N ALA H 226 -8.37 0.38 51.67
CA ALA H 226 -9.29 1.30 51.03
C ALA H 226 -8.64 2.60 50.60
N LEU H 227 -7.34 2.78 50.83
CA LEU H 227 -6.61 3.98 50.43
C LEU H 227 -5.32 3.58 49.69
N LEU H 228 -5.40 2.50 48.92
CA LEU H 228 -4.26 1.96 48.19
C LEU H 228 -4.50 2.08 46.69
N PRO H 229 -3.72 2.88 45.96
CA PRO H 229 -3.86 3.02 44.51
C PRO H 229 -3.35 1.80 43.76
N PRO I 13 8.60 -67.18 -32.53
CA PRO I 13 9.38 -68.30 -31.99
C PRO I 13 10.76 -67.86 -31.53
N LYS I 14 11.79 -68.61 -31.92
CA LYS I 14 13.17 -68.23 -31.56
C LYS I 14 13.63 -67.01 -32.34
N ASP I 15 13.11 -66.81 -33.55
CA ASP I 15 13.53 -65.68 -34.39
C ASP I 15 13.08 -64.34 -33.80
N ALA I 16 11.94 -64.34 -33.07
CA ALA I 16 11.55 -63.15 -32.34
C ALA I 16 12.52 -62.84 -31.20
N GLN I 17 13.06 -63.87 -30.56
CA GLN I 17 14.09 -63.66 -29.54
C GLN I 17 15.39 -63.14 -30.15
N MET I 18 15.74 -63.62 -31.35
CA MET I 18 16.93 -63.15 -32.03
C MET I 18 16.79 -61.69 -32.45
N MET I 19 15.61 -61.31 -32.95
CA MET I 19 15.34 -59.90 -33.25
C MET I 19 15.27 -59.06 -31.99
N ALA I 20 14.83 -59.64 -30.87
CA ALA I 20 14.86 -58.92 -29.60
C ALA I 20 16.30 -58.64 -29.18
N GLN I 21 17.20 -59.59 -29.40
CA GLN I 21 18.62 -59.36 -29.11
C GLN I 21 19.21 -58.30 -30.05
N ILE I 22 18.80 -58.31 -31.32
CA ILE I 22 19.24 -57.30 -32.28
C ILE I 22 18.80 -55.90 -31.85
N LEU I 23 17.51 -55.75 -31.55
CA LEU I 23 16.98 -54.44 -31.19
C LEU I 23 17.38 -53.99 -29.79
N LYS I 24 17.78 -54.91 -28.91
CA LYS I 24 18.48 -54.51 -27.69
C LYS I 24 19.89 -54.02 -27.98
N ASP I 25 20.55 -54.62 -28.98
CA ASP I 25 21.85 -54.11 -29.40
C ASP I 25 21.74 -52.76 -30.08
N MET I 26 20.58 -52.44 -30.67
CA MET I 26 20.40 -51.14 -31.30
C MET I 26 20.10 -50.02 -30.31
N GLY I 27 19.60 -50.36 -29.11
CA GLY I 27 19.41 -49.39 -28.05
C GLY I 27 18.12 -48.57 -28.09
N ILE I 28 17.36 -48.64 -29.17
CA ILE I 28 16.10 -47.91 -29.28
C ILE I 28 14.96 -48.92 -29.19
N THR I 29 13.85 -48.49 -28.60
CA THR I 29 12.92 -49.41 -27.93
C THR I 29 11.63 -49.71 -28.68
N GLU I 30 11.00 -48.73 -29.32
CA GLU I 30 9.61 -48.85 -29.75
C GLU I 30 9.53 -49.34 -31.20
N TYR I 31 8.73 -50.39 -31.42
CA TYR I 31 8.60 -51.02 -32.73
C TYR I 31 7.17 -51.55 -32.88
N GLU I 32 6.95 -52.31 -33.95
CA GLU I 32 5.80 -53.16 -34.16
C GLU I 32 6.27 -54.57 -34.49
N PRO I 33 5.56 -55.61 -34.02
CA PRO I 33 6.03 -56.98 -34.26
C PRO I 33 5.85 -57.46 -35.69
N ARG I 34 4.90 -56.89 -36.43
CA ARG I 34 4.71 -57.29 -37.83
C ARG I 34 5.87 -56.79 -38.70
N VAL I 35 6.40 -55.60 -38.38
CA VAL I 35 7.59 -55.09 -39.05
C VAL I 35 8.77 -56.03 -38.80
N ILE I 36 8.91 -56.49 -37.55
CA ILE I 36 9.94 -57.43 -37.15
C ILE I 36 9.82 -58.75 -37.92
N ASN I 37 8.59 -59.27 -38.04
CA ASN I 37 8.41 -60.57 -38.69
C ASN I 37 8.60 -60.47 -40.20
N GLN I 38 8.21 -59.34 -40.81
CA GLN I 38 8.47 -59.17 -42.23
C GLN I 38 9.95 -58.93 -42.52
N MET I 39 10.66 -58.23 -41.62
CA MET I 39 12.11 -58.14 -41.72
C MET I 39 12.77 -59.51 -41.63
N LEU I 40 12.27 -60.36 -40.73
CA LEU I 40 12.71 -61.76 -40.65
C LEU I 40 12.49 -62.51 -41.96
N GLU I 41 11.29 -62.41 -42.53
CA GLU I 41 10.97 -63.22 -43.70
C GLU I 41 11.71 -62.74 -44.94
N PHE I 42 11.82 -61.42 -45.14
CA PHE I 42 12.63 -60.93 -46.25
C PHE I 42 14.12 -61.18 -46.02
N ALA I 43 14.59 -61.19 -44.77
CA ALA I 43 15.99 -61.50 -44.50
C ALA I 43 16.31 -62.95 -44.83
N PHE I 44 15.44 -63.88 -44.43
CA PHE I 44 15.64 -65.28 -44.79
C PHE I 44 15.49 -65.51 -46.29
N ARG I 45 14.66 -64.71 -46.97
CA ARG I 45 14.58 -64.87 -48.42
C ARG I 45 15.82 -64.33 -49.13
N TYR I 46 16.44 -63.26 -48.60
CA TYR I 46 17.74 -62.87 -49.16
C TYR I 46 18.83 -63.90 -48.83
N VAL I 47 18.72 -64.57 -47.68
CA VAL I 47 19.61 -65.69 -47.36
C VAL I 47 19.43 -66.82 -48.38
N THR I 48 18.19 -67.11 -48.76
CA THR I 48 17.96 -68.16 -49.77
C THR I 48 18.42 -67.73 -51.15
N THR I 49 18.42 -66.42 -51.45
CA THR I 49 19.04 -66.00 -52.72
C THR I 49 20.57 -66.12 -52.67
N ILE I 50 21.17 -65.90 -51.50
CA ILE I 50 22.60 -66.20 -51.31
C ILE I 50 22.86 -67.69 -51.53
N LEU I 51 21.95 -68.54 -51.02
CA LEU I 51 22.08 -69.99 -51.22
C LEU I 51 21.86 -70.39 -52.68
N ASP I 52 21.02 -69.66 -53.40
CA ASP I 52 20.88 -69.89 -54.84
C ASP I 52 22.15 -69.51 -55.59
N ASP I 53 22.80 -68.41 -55.18
CA ASP I 53 24.10 -68.06 -55.73
C ASP I 53 25.15 -69.12 -55.39
N ALA I 54 25.04 -69.72 -54.20
CA ALA I 54 25.92 -70.82 -53.82
C ALA I 54 25.69 -72.05 -54.71
N LYS I 55 24.42 -72.34 -55.04
CA LYS I 55 24.10 -73.39 -55.99
C LYS I 55 24.70 -73.12 -57.37
N ILE I 56 24.58 -71.87 -57.83
CA ILE I 56 25.06 -71.50 -59.17
C ILE I 56 26.58 -71.60 -59.24
N TYR I 57 27.29 -71.02 -58.27
CA TYR I 57 28.74 -71.08 -58.31
C TYR I 57 29.31 -72.40 -57.81
N SER I 58 28.49 -73.30 -57.27
CA SER I 58 28.93 -74.68 -57.13
C SER I 58 28.73 -75.47 -58.41
N SER I 59 27.67 -75.17 -59.16
CA SER I 59 27.42 -75.87 -60.42
C SER I 59 28.42 -75.46 -61.50
N HIS I 60 28.79 -74.19 -61.56
CA HIS I 60 29.75 -73.73 -62.56
C HIS I 60 31.19 -73.99 -62.16
N ALA I 61 31.47 -74.31 -60.89
CA ALA I 61 32.78 -74.83 -60.53
C ALA I 61 32.87 -76.34 -60.67
N LYS I 62 31.75 -77.00 -60.99
CA LYS I 62 31.64 -78.45 -61.17
C LYS I 62 32.05 -79.20 -59.90
N LYS I 63 31.60 -78.69 -58.75
CA LYS I 63 31.84 -79.31 -57.45
C LYS I 63 30.53 -79.40 -56.69
N ALA I 64 30.37 -80.48 -55.93
CA ALA I 64 29.15 -80.68 -55.16
C ALA I 64 29.10 -79.87 -53.88
N THR I 65 30.22 -79.28 -53.46
CA THR I 65 30.29 -78.56 -52.20
C THR I 65 30.25 -77.05 -52.41
N VAL I 66 29.96 -76.34 -51.33
CA VAL I 66 29.98 -74.88 -51.30
C VAL I 66 31.23 -74.46 -50.53
N ASP I 67 32.19 -73.87 -51.24
CA ASP I 67 33.44 -73.46 -50.63
C ASP I 67 33.28 -72.13 -49.91
N ALA I 68 34.34 -71.72 -49.21
CA ALA I 68 34.37 -70.38 -48.63
C ALA I 68 34.46 -69.31 -49.71
N ASP I 69 35.20 -69.59 -50.78
CA ASP I 69 35.35 -68.66 -51.89
C ASP I 69 34.03 -68.44 -52.63
N ASP I 70 33.13 -69.44 -52.58
CA ASP I 70 31.78 -69.28 -53.08
C ASP I 70 31.06 -68.16 -52.33
N VAL I 71 31.13 -68.19 -50.99
CA VAL I 71 30.59 -67.12 -50.15
C VAL I 71 31.29 -65.80 -50.44
N ARG I 72 32.60 -65.85 -50.70
CA ARG I 72 33.38 -64.63 -50.94
C ARG I 72 32.93 -63.91 -52.21
N LEU I 73 32.88 -64.62 -53.35
CA LEU I 73 32.50 -63.91 -54.56
C LEU I 73 31.01 -63.64 -54.62
N ALA I 74 30.18 -64.45 -53.93
CA ALA I 74 28.76 -64.14 -53.82
C ALA I 74 28.52 -62.84 -53.07
N ILE I 75 29.22 -62.64 -51.94
CA ILE I 75 29.02 -61.38 -51.23
C ILE I 75 29.74 -60.22 -51.90
N GLN I 76 30.80 -60.47 -52.70
CA GLN I 76 31.36 -59.39 -53.51
C GLN I 76 30.37 -58.92 -54.57
N CYS I 77 29.72 -59.85 -55.26
CA CYS I 77 28.72 -59.48 -56.26
C CYS I 77 27.51 -58.79 -55.64
N ARG I 78 27.01 -59.32 -54.52
CA ARG I 78 25.84 -58.70 -53.91
C ARG I 78 26.16 -57.47 -53.07
N ALA I 79 27.43 -57.23 -52.76
CA ALA I 79 27.84 -55.93 -52.25
C ALA I 79 28.01 -54.93 -53.38
N ASP I 80 28.28 -55.42 -54.60
CA ASP I 80 28.21 -54.55 -55.77
C ASP I 80 26.78 -54.25 -56.18
N GLN I 81 25.82 -55.11 -55.82
CA GLN I 81 24.44 -54.90 -56.27
C GLN I 81 23.69 -53.87 -55.43
N SER I 82 23.49 -54.16 -54.15
CA SER I 82 22.56 -53.41 -53.31
C SER I 82 23.24 -52.83 -52.08
N PHE I 83 24.48 -52.39 -52.23
CA PHE I 83 25.23 -51.82 -51.12
C PHE I 83 25.95 -50.56 -51.60
N THR I 84 25.20 -49.69 -52.28
CA THR I 84 25.78 -48.53 -52.93
C THR I 84 26.16 -47.45 -51.91
N SER I 85 27.11 -46.62 -52.32
CA SER I 85 27.64 -45.52 -51.51
C SER I 85 28.40 -44.58 -52.43
N PRO I 86 28.51 -43.31 -52.05
CA PRO I 86 29.26 -42.34 -52.87
C PRO I 86 30.74 -42.39 -52.54
N PRO I 87 31.61 -42.37 -53.53
CA PRO I 87 33.05 -42.55 -53.28
C PRO I 87 33.67 -41.28 -52.73
N PRO I 88 34.54 -41.40 -51.72
CA PRO I 88 35.20 -40.19 -51.18
C PRO I 88 36.26 -39.63 -52.11
N ARG I 89 36.92 -40.47 -52.90
CA ARG I 89 37.85 -39.97 -53.90
C ARG I 89 37.09 -39.22 -55.00
N ASP I 90 35.96 -39.76 -55.44
CA ASP I 90 35.10 -39.04 -56.37
C ASP I 90 34.48 -37.81 -55.74
N PHE I 91 34.25 -37.84 -54.41
CA PHE I 91 33.76 -36.66 -53.70
C PHE I 91 34.80 -35.55 -53.72
N LEU I 92 36.08 -35.89 -53.47
CA LEU I 92 37.14 -34.89 -53.53
C LEU I 92 37.39 -34.40 -54.96
N LEU I 93 37.23 -35.29 -55.95
CA LEU I 93 37.40 -34.89 -57.35
C LEU I 93 36.29 -33.93 -57.78
N ASP I 94 35.03 -34.25 -57.43
CA ASP I 94 33.93 -33.34 -57.71
C ASP I 94 34.04 -32.04 -56.92
N ILE I 95 34.62 -32.10 -55.72
CA ILE I 95 34.85 -30.90 -54.91
C ILE I 95 35.83 -29.98 -55.61
N ALA I 96 36.96 -30.54 -56.08
CA ALA I 96 37.95 -29.74 -56.81
C ALA I 96 37.39 -29.22 -58.13
N ARG I 97 36.58 -30.03 -58.82
CA ARG I 97 36.01 -29.63 -60.11
C ARG I 97 35.01 -28.50 -59.96
N GLN I 98 34.05 -28.62 -59.04
CA GLN I 98 33.02 -27.60 -58.90
C GLN I 98 33.54 -26.37 -58.17
N ARG I 99 34.27 -26.55 -57.06
CA ARG I 99 34.79 -25.42 -56.32
C ARG I 99 35.95 -24.72 -57.03
N ASN I 100 36.58 -25.39 -58.01
CA ASN I 100 37.56 -24.69 -58.84
C ASN I 100 36.87 -23.66 -59.73
N GLN I 101 35.66 -23.95 -60.18
CA GLN I 101 34.84 -22.97 -60.89
C GLN I 101 34.30 -21.96 -59.89
N THR I 102 34.53 -20.68 -60.16
CA THR I 102 34.12 -19.63 -59.24
C THR I 102 33.20 -18.64 -59.95
N PRO I 103 32.20 -19.14 -60.68
CA PRO I 103 31.26 -18.24 -61.35
C PRO I 103 30.01 -17.97 -60.51
N LEU I 104 29.59 -16.72 -60.53
CA LEU I 104 28.37 -16.30 -59.82
C LEU I 104 27.79 -15.07 -60.53
N PRO I 105 27.26 -15.26 -61.74
CA PRO I 105 26.72 -14.12 -62.50
C PRO I 105 25.39 -13.67 -61.94
N LEU I 106 25.25 -12.36 -61.74
CA LEU I 106 24.04 -11.76 -61.22
C LEU I 106 23.36 -10.94 -62.31
N ILE I 107 22.05 -11.14 -62.47
CA ILE I 107 21.27 -10.44 -63.47
C ILE I 107 20.31 -9.48 -62.76
N LYS I 108 19.75 -8.55 -63.53
CA LYS I 108 18.80 -7.59 -63.00
C LYS I 108 17.46 -8.28 -62.74
N PRO I 109 16.87 -8.92 -63.75
CA PRO I 109 15.63 -9.68 -63.53
C PRO I 109 15.91 -11.08 -63.03
N UNK I 110 15.12 -11.49 -62.04
CA UNK I 110 15.28 -12.82 -61.44
C UNK I 110 13.95 -13.54 -61.26
N UNK I 111 12.86 -13.04 -61.86
CA UNK I 111 11.58 -13.72 -61.75
C UNK I 111 11.55 -15.02 -62.57
N UNK I 112 12.19 -15.03 -63.73
CA UNK I 112 12.34 -16.26 -64.48
C UNK I 112 13.28 -17.22 -63.76
N UNK I 113 12.87 -18.48 -63.68
CA UNK I 113 13.62 -19.44 -62.85
C UNK I 113 13.79 -20.79 -63.54
N UNK I 114 13.73 -20.83 -64.88
CA UNK I 114 13.72 -22.12 -65.55
C UNK I 114 14.30 -21.99 -66.95
N UNK I 115 15.00 -23.04 -67.38
CA UNK I 115 15.35 -23.24 -68.79
C UNK I 115 15.41 -24.75 -69.01
N UNK I 116 14.28 -25.31 -69.44
CA UNK I 116 14.17 -26.77 -69.57
C UNK I 116 14.73 -27.23 -70.92
N SER J 113 -11.47 -47.39 -86.81
CA SER J 113 -12.12 -46.19 -86.30
C SER J 113 -11.36 -45.62 -85.11
N THR J 114 -10.13 -46.11 -84.90
CA THR J 114 -9.21 -45.80 -83.80
C THR J 114 -9.88 -45.95 -82.45
N PRO J 115 -10.09 -47.17 -81.96
CA PRO J 115 -10.86 -47.35 -80.71
C PRO J 115 -10.09 -46.99 -79.45
N LEU J 116 -8.77 -46.81 -79.52
CA LEU J 116 -7.99 -46.47 -78.32
C LEU J 116 -8.24 -45.02 -77.92
N VAL J 117 -8.18 -44.09 -78.87
CA VAL J 117 -8.50 -42.71 -78.58
C VAL J 117 -10.00 -42.54 -78.32
N ASP J 118 -10.84 -43.44 -78.85
CA ASP J 118 -12.26 -43.42 -78.49
C ASP J 118 -12.46 -43.87 -77.05
N PHE J 119 -11.66 -44.83 -76.59
CA PHE J 119 -11.65 -45.20 -75.16
C PHE J 119 -11.20 -44.03 -74.30
N LEU J 120 -10.17 -43.30 -74.76
CA LEU J 120 -9.70 -42.11 -74.05
C LEU J 120 -10.77 -41.02 -73.99
N MET J 121 -11.59 -40.91 -75.05
CA MET J 121 -12.70 -39.97 -75.02
C MET J 121 -13.80 -40.43 -74.06
N GLN J 122 -14.17 -41.72 -74.10
CA GLN J 122 -15.27 -42.21 -73.28
C GLN J 122 -14.85 -42.55 -71.85
N LEU J 123 -13.60 -42.26 -71.47
CA LEU J 123 -13.20 -42.29 -70.05
C LEU J 123 -14.05 -41.41 -69.14
N GLU J 124 -14.72 -40.39 -69.67
CA GLU J 124 -15.64 -39.55 -68.90
C GLU J 124 -16.92 -40.28 -68.49
N ASP J 125 -17.20 -41.45 -69.06
CA ASP J 125 -18.41 -42.20 -68.74
C ASP J 125 -18.21 -43.30 -67.71
N TYR J 126 -16.98 -43.78 -67.53
CA TYR J 126 -16.73 -44.92 -66.65
C TYR J 126 -16.82 -44.54 -65.18
N THR J 127 -17.16 -45.53 -64.35
CA THR J 127 -17.17 -45.43 -62.89
C THR J 127 -16.49 -46.66 -62.30
N PRO J 128 -15.31 -46.52 -61.67
CA PRO J 128 -14.50 -47.70 -61.29
C PRO J 128 -15.05 -48.50 -60.12
N THR J 129 -14.28 -49.51 -59.71
CA THR J 129 -14.58 -50.33 -58.55
C THR J 129 -13.73 -49.95 -57.34
N ILE J 130 -12.44 -49.67 -57.54
CA ILE J 130 -11.59 -49.16 -56.47
C ILE J 130 -12.08 -47.77 -56.09
N PRO J 131 -12.14 -47.43 -54.79
CA PRO J 131 -12.45 -46.04 -54.40
C PRO J 131 -11.40 -45.08 -54.94
N ASP J 132 -11.86 -44.14 -55.77
CA ASP J 132 -10.96 -43.20 -56.43
C ASP J 132 -10.33 -42.21 -55.45
N ALA J 133 -10.91 -42.06 -54.25
CA ALA J 133 -10.24 -41.30 -53.20
C ALA J 133 -9.00 -42.04 -52.70
N VAL J 134 -9.08 -43.37 -52.59
CA VAL J 134 -7.96 -44.16 -52.09
C VAL J 134 -6.85 -44.22 -53.14
N THR J 135 -7.22 -44.46 -54.40
CA THR J 135 -6.25 -44.43 -55.50
C THR J 135 -5.66 -43.04 -55.65
N GLY J 136 -6.49 -42.00 -55.48
CA GLY J 136 -5.99 -40.65 -55.50
C GLY J 136 -5.01 -40.35 -54.38
N TYR J 137 -5.26 -40.88 -53.19
CA TYR J 137 -4.34 -40.70 -52.06
C TYR J 137 -3.01 -41.42 -52.30
N TYR J 138 -3.08 -42.68 -52.77
CA TYR J 138 -1.85 -43.41 -53.08
C TYR J 138 -1.11 -42.82 -54.27
N LEU J 139 -1.79 -42.03 -55.10
CA LEU J 139 -1.08 -41.23 -56.10
C LEU J 139 -0.61 -39.88 -55.55
N ASN J 140 -1.20 -39.39 -54.46
CA ASN J 140 -0.60 -38.24 -53.76
C ASN J 140 0.72 -38.66 -53.14
N ARG J 141 0.77 -39.89 -52.59
CA ARG J 141 2.03 -40.47 -52.15
C ARG J 141 2.95 -40.83 -53.31
N ALA J 142 2.40 -40.95 -54.53
CA ALA J 142 3.20 -41.24 -55.70
C ALA J 142 3.48 -40.00 -56.55
N GLY J 143 3.21 -38.80 -56.04
CA GLY J 143 3.56 -37.59 -56.76
C GLY J 143 2.66 -37.22 -57.91
N PHE J 144 1.36 -37.51 -57.81
CA PHE J 144 0.42 -37.28 -58.89
C PHE J 144 -0.83 -36.61 -58.36
N GLU J 145 -1.25 -35.53 -59.01
CA GLU J 145 -2.43 -34.77 -58.60
C GLU J 145 -3.27 -34.47 -59.84
N ALA J 146 -4.41 -35.13 -59.96
CA ALA J 146 -5.33 -34.93 -61.08
C ALA J 146 -6.65 -34.41 -60.54
N SER J 147 -7.06 -33.22 -60.99
CA SER J 147 -8.43 -32.79 -60.83
C SER J 147 -9.36 -33.54 -61.78
N ASP J 148 -8.82 -34.05 -62.89
CA ASP J 148 -9.52 -34.89 -63.85
C ASP J 148 -9.49 -36.33 -63.37
N PRO J 149 -10.63 -36.91 -62.97
CA PRO J 149 -10.63 -38.27 -62.43
C PRO J 149 -10.48 -39.38 -63.45
N ARG J 150 -10.42 -39.04 -64.75
CA ARG J 150 -10.31 -40.05 -65.80
C ARG J 150 -8.95 -40.74 -65.78
N ILE J 151 -7.90 -40.03 -65.40
CA ILE J 151 -6.59 -40.65 -65.28
C ILE J 151 -6.55 -41.57 -64.08
N ILE J 152 -7.28 -41.21 -63.01
CA ILE J 152 -7.45 -42.10 -61.86
C ILE J 152 -8.18 -43.36 -62.26
N ARG J 153 -9.21 -43.21 -63.12
CA ARG J 153 -9.91 -44.37 -63.69
C ARG J 153 -8.97 -45.26 -64.50
N LEU J 154 -8.11 -44.64 -65.31
CA LEU J 154 -7.19 -45.40 -66.17
C LEU J 154 -6.17 -46.18 -65.35
N ILE J 155 -5.59 -45.54 -64.33
CA ILE J 155 -4.60 -46.20 -63.48
C ILE J 155 -5.27 -47.28 -62.63
N SER J 156 -6.50 -47.03 -62.19
CA SER J 156 -7.25 -48.02 -61.40
C SER J 156 -7.57 -49.26 -62.24
N LEU J 157 -8.04 -49.07 -63.47
CA LEU J 157 -8.35 -50.21 -64.33
C LEU J 157 -7.08 -50.94 -64.77
N ALA J 158 -5.97 -50.22 -64.94
CA ALA J 158 -4.70 -50.86 -65.25
C ALA J 158 -4.20 -51.71 -64.08
N ALA J 159 -4.36 -51.21 -62.86
CA ALA J 159 -4.00 -51.99 -61.67
C ALA J 159 -4.91 -53.20 -61.49
N GLN J 160 -6.20 -53.03 -61.81
CA GLN J 160 -7.14 -54.16 -61.75
C GLN J 160 -6.79 -55.23 -62.76
N LYS J 161 -6.39 -54.84 -63.98
CA LYS J 161 -6.02 -55.86 -64.95
C LYS J 161 -4.65 -56.46 -64.66
N PHE J 162 -3.78 -55.71 -63.97
CA PHE J 162 -2.52 -56.27 -63.45
C PHE J 162 -2.79 -57.40 -62.46
N ILE J 163 -3.66 -57.14 -61.47
CA ILE J 163 -4.05 -58.16 -60.50
C ILE J 163 -4.84 -59.28 -61.19
N SER J 164 -5.61 -58.95 -62.23
CA SER J 164 -6.37 -59.96 -62.96
C SER J 164 -5.46 -60.89 -63.76
N ASP J 165 -4.37 -60.36 -64.31
CA ASP J 165 -3.42 -61.20 -65.02
C ASP J 165 -2.61 -62.05 -64.05
N ILE J 166 -2.29 -61.51 -62.87
CA ILE J 166 -1.68 -62.33 -61.82
C ILE J 166 -2.63 -63.46 -61.40
N ALA J 167 -3.91 -63.15 -61.27
CA ALA J 167 -4.91 -64.15 -60.93
C ALA J 167 -5.12 -65.16 -62.06
N ASN J 168 -4.98 -64.74 -63.31
CA ASN J 168 -5.05 -65.67 -64.43
C ASN J 168 -3.86 -66.62 -64.45
N ASP J 169 -2.67 -66.10 -64.15
CA ASP J 169 -1.49 -66.95 -64.02
C ASP J 169 -1.65 -67.95 -62.86
N ALA J 170 -2.19 -67.47 -61.73
CA ALA J 170 -2.38 -68.33 -60.57
C ALA J 170 -3.49 -69.35 -60.80
N LEU J 171 -4.49 -69.01 -61.62
CA LEU J 171 -5.54 -69.96 -61.95
C LEU J 171 -5.07 -71.00 -62.96
N GLN J 172 -4.27 -70.58 -63.93
CA GLN J 172 -3.74 -71.53 -64.92
C GLN J 172 -2.71 -72.47 -64.31
N HIS J 173 -1.95 -72.01 -63.33
CA HIS J 173 -1.08 -72.92 -62.59
C HIS J 173 -1.78 -73.59 -61.40
N CYS J 174 -2.98 -73.15 -61.04
CA CYS J 174 -3.72 -73.76 -59.95
C CYS J 174 -4.33 -75.09 -60.34
N LYS J 175 -4.56 -75.32 -61.64
CA LYS J 175 -5.03 -76.62 -62.11
C LYS J 175 -3.99 -77.72 -61.93
N MET J 176 -2.71 -77.35 -61.86
CA MET J 176 -1.65 -78.30 -61.56
C MET J 176 -1.44 -78.35 -60.05
N LYS J 177 -1.40 -79.55 -59.50
CA LYS J 177 -1.24 -79.74 -58.06
C LYS J 177 0.19 -79.47 -57.62
N LYS J 192 -12.00 -75.02 -54.06
CA LYS J 192 -11.96 -75.52 -55.43
C LYS J 192 -10.68 -75.04 -56.13
N TYR J 193 -10.33 -73.77 -55.90
CA TYR J 193 -9.09 -73.20 -56.41
C TYR J 193 -8.47 -72.36 -55.30
N THR J 194 -7.15 -72.46 -55.18
CA THR J 194 -6.45 -71.89 -54.04
C THR J 194 -5.15 -71.23 -54.50
N LEU J 195 -4.97 -69.95 -54.12
CA LEU J 195 -3.69 -69.29 -54.34
C LEU J 195 -2.64 -69.90 -53.43
N THR J 196 -1.56 -70.40 -54.02
CA THR J 196 -0.51 -71.10 -53.31
C THR J 196 0.85 -70.44 -53.56
N MET J 197 1.86 -70.93 -52.83
CA MET J 197 3.24 -70.56 -53.14
C MET J 197 3.66 -71.11 -54.50
N GLU J 198 3.09 -72.25 -54.89
CA GLU J 198 3.30 -72.78 -56.24
C GLU J 198 2.73 -71.85 -57.30
N ASP J 199 1.58 -71.21 -56.99
CA ASP J 199 1.01 -70.24 -57.91
C ASP J 199 1.73 -68.90 -57.85
N LEU J 200 2.38 -68.59 -56.72
CA LEU J 200 3.08 -67.32 -56.58
C LEU J 200 4.38 -67.32 -57.37
N THR J 201 4.94 -68.51 -57.66
CA THR J 201 6.24 -68.60 -58.33
C THR J 201 6.21 -68.09 -59.78
N PRO J 202 5.22 -68.43 -60.64
CA PRO J 202 5.19 -67.72 -61.94
C PRO J 202 4.74 -66.27 -61.85
N ALA J 203 4.11 -65.87 -60.73
CA ALA J 203 3.79 -64.46 -60.52
C ALA J 203 5.01 -63.63 -60.16
N LEU J 204 6.14 -64.26 -59.82
CA LEU J 204 7.39 -63.56 -59.55
C LEU J 204 8.19 -63.29 -60.82
N SER J 205 7.59 -63.47 -62.00
CA SER J 205 8.33 -63.28 -63.24
C SER J 205 8.57 -61.81 -63.58
N GLU J 206 7.81 -60.89 -62.98
CA GLU J 206 7.93 -59.48 -63.35
C GLU J 206 9.11 -58.82 -62.62
N TYR J 207 9.02 -58.71 -61.30
CA TYR J 207 10.13 -58.22 -60.49
C TYR J 207 10.24 -59.00 -59.19
N GLY J 208 10.10 -60.32 -59.26
CA GLY J 208 10.18 -61.16 -58.07
C GLY J 208 11.58 -61.35 -57.56
N ASN K 55 43.90 -46.51 -77.06
CA ASN K 55 43.09 -45.51 -76.40
C ASN K 55 41.64 -45.95 -76.32
N GLN K 56 40.80 -45.43 -77.22
CA GLN K 56 39.41 -45.84 -77.27
C GLN K 56 39.27 -47.24 -77.84
N VAL K 57 38.16 -47.90 -77.49
CA VAL K 57 37.90 -49.26 -77.91
C VAL K 57 36.62 -49.38 -78.73
N LEU K 58 36.03 -48.26 -79.13
CA LEU K 58 34.82 -48.27 -79.94
C LEU K 58 34.75 -47.00 -80.77
N THR K 59 34.47 -47.17 -82.06
CA THR K 59 34.34 -46.04 -82.95
C THR K 59 33.00 -45.34 -82.76
N LYS K 60 32.92 -44.09 -83.22
CA LYS K 60 31.65 -43.39 -83.31
C LYS K 60 30.82 -43.90 -84.48
N LYS K 61 31.49 -44.53 -85.45
CA LYS K 61 30.86 -44.93 -86.71
C LYS K 61 29.81 -46.01 -86.50
N LYS K 62 30.15 -47.07 -85.77
CA LYS K 62 29.20 -48.17 -85.55
C LYS K 62 28.02 -47.73 -84.69
N LEU K 63 28.29 -46.86 -83.71
CA LEU K 63 27.22 -46.25 -82.90
C LEU K 63 26.23 -45.48 -83.76
N GLN K 64 26.73 -44.56 -84.58
CA GLN K 64 25.84 -43.76 -85.42
C GLN K 64 25.17 -44.60 -86.51
N ASP K 65 25.84 -45.68 -86.95
CA ASP K 65 25.22 -46.63 -87.86
C ASP K 65 24.01 -47.31 -87.23
N LEU K 66 24.15 -47.79 -86.00
CA LEU K 66 23.03 -48.47 -85.34
C LEU K 66 21.92 -47.48 -84.98
N VAL K 67 22.28 -46.26 -84.57
CA VAL K 67 21.28 -45.26 -84.19
C VAL K 67 20.47 -44.80 -85.41
N ARG K 68 21.15 -44.39 -86.48
CA ARG K 68 20.43 -43.99 -87.69
C ARG K 68 19.88 -45.17 -88.48
N GLU K 69 20.29 -46.40 -88.15
CA GLU K 69 19.62 -47.58 -88.68
C GLU K 69 18.25 -47.75 -88.03
N VAL K 70 18.19 -47.60 -86.71
CA VAL K 70 16.90 -47.71 -86.02
C VAL K 70 16.07 -46.45 -86.21
N ASP K 71 16.60 -45.29 -85.81
CA ASP K 71 15.88 -44.02 -85.86
C ASP K 71 16.69 -43.03 -86.69
N PRO K 72 16.47 -42.99 -88.01
CA PRO K 72 17.20 -42.02 -88.85
C PRO K 72 16.71 -40.59 -88.69
N ASN K 73 15.39 -40.38 -88.63
CA ASN K 73 14.80 -39.04 -88.66
C ASN K 73 14.52 -38.52 -87.25
N GLU K 74 15.61 -38.32 -86.50
CA GLU K 74 15.55 -37.79 -85.14
C GLU K 74 16.49 -36.60 -85.02
N GLN K 75 15.99 -35.51 -84.43
CA GLN K 75 16.89 -34.46 -83.95
C GLN K 75 17.56 -34.93 -82.68
N LEU K 76 18.78 -35.44 -82.81
CA LEU K 76 19.52 -36.01 -81.69
C LEU K 76 20.87 -35.31 -81.60
N ASP K 77 21.32 -35.06 -80.38
CA ASP K 77 22.52 -34.28 -80.14
C ASP K 77 23.74 -35.22 -80.12
N GLU K 78 24.92 -34.61 -80.21
CA GLU K 78 26.17 -35.36 -80.32
C GLU K 78 26.78 -35.72 -78.98
N ASP K 79 26.90 -34.75 -78.06
CA ASP K 79 27.60 -34.98 -76.79
C ASP K 79 26.89 -36.01 -75.92
N VAL K 80 25.57 -36.13 -76.07
CA VAL K 80 24.75 -37.21 -75.53
C VAL K 80 25.33 -38.56 -75.93
N GLU K 81 25.68 -38.70 -77.21
CA GLU K 81 26.19 -39.97 -77.71
C GLU K 81 27.59 -40.28 -77.19
N GLU K 82 28.45 -39.27 -76.99
CA GLU K 82 29.75 -39.54 -76.38
C GLU K 82 29.60 -39.90 -74.91
N MET K 83 28.64 -39.31 -74.21
CA MET K 83 28.38 -39.72 -72.83
C MET K 83 27.83 -41.15 -72.77
N LEU K 84 26.99 -41.52 -73.75
CA LEU K 84 26.53 -42.90 -73.86
C LEU K 84 27.68 -43.86 -74.13
N LEU K 85 28.64 -43.45 -74.98
CA LEU K 85 29.81 -44.28 -75.24
C LEU K 85 30.69 -44.42 -74.01
N GLN K 86 30.81 -43.36 -73.21
CA GLN K 86 31.62 -43.43 -71.99
C GLN K 86 30.99 -44.34 -70.95
N ILE K 87 29.67 -44.23 -70.76
CA ILE K 87 28.98 -45.12 -69.82
C ILE K 87 28.93 -46.54 -70.36
N ALA K 88 28.90 -46.71 -71.69
CA ALA K 88 28.95 -48.05 -72.28
C ALA K 88 30.31 -48.69 -72.09
N ASP K 89 31.39 -47.91 -72.21
CA ASP K 89 32.72 -48.44 -71.93
C ASP K 89 32.92 -48.74 -70.45
N ASP K 90 32.25 -47.98 -69.57
CA ASP K 90 32.26 -48.33 -68.15
C ASP K 90 31.50 -49.64 -67.91
N PHE K 91 30.42 -49.87 -68.66
CA PHE K 91 29.72 -51.14 -68.58
C PHE K 91 30.57 -52.29 -69.13
N ILE K 92 31.37 -52.01 -70.15
CA ILE K 92 32.34 -52.98 -70.67
C ILE K 92 33.36 -53.32 -69.59
N GLU K 93 33.81 -52.31 -68.84
CA GLU K 93 34.74 -52.55 -67.73
C GLU K 93 34.09 -53.37 -66.61
N SER K 94 32.79 -53.17 -66.37
CA SER K 94 32.07 -54.00 -65.41
C SER K 94 31.95 -55.44 -65.89
N VAL K 95 31.74 -55.63 -67.20
CA VAL K 95 31.73 -56.97 -67.79
C VAL K 95 33.10 -57.63 -67.66
N VAL K 96 34.17 -56.83 -67.80
CA VAL K 96 35.53 -57.32 -67.60
C VAL K 96 35.74 -57.77 -66.16
N THR K 97 35.26 -56.98 -65.21
CA THR K 97 35.38 -57.33 -63.79
C THR K 97 34.60 -58.60 -63.46
N ALA K 98 33.38 -58.73 -64.00
CA ALA K 98 32.58 -59.94 -63.79
C ALA K 98 33.21 -61.15 -64.46
N ALA K 99 33.81 -60.97 -65.63
CA ALA K 99 34.46 -62.08 -66.33
C ALA K 99 35.72 -62.52 -65.61
N CYS K 100 36.46 -61.57 -65.01
CA CYS K 100 37.62 -61.92 -64.22
C CYS K 100 37.23 -62.67 -62.95
N GLN K 101 36.14 -62.24 -62.29
CA GLN K 101 35.67 -62.96 -61.11
C GLN K 101 35.18 -64.37 -61.46
N LEU K 102 34.40 -64.51 -62.53
CA LEU K 102 33.88 -65.80 -62.93
C LEU K 102 34.91 -66.69 -63.62
N ALA K 103 36.06 -66.14 -64.03
CA ALA K 103 37.16 -66.97 -64.50
C ALA K 103 38.12 -67.34 -63.38
N ARG K 104 38.21 -66.51 -62.34
CA ARG K 104 38.90 -66.89 -61.11
C ARG K 104 38.08 -67.91 -60.32
N HIS K 105 36.77 -67.98 -60.58
CA HIS K 105 35.87 -68.99 -60.03
C HIS K 105 36.38 -70.41 -60.25
N ARG K 106 36.58 -70.81 -61.51
CA ARG K 106 37.00 -72.17 -61.83
C ARG K 106 38.49 -72.40 -61.64
N LYS K 107 39.23 -71.37 -61.17
CA LYS K 107 40.68 -71.41 -60.95
C LYS K 107 41.44 -71.78 -62.22
N SER K 108 40.94 -71.31 -63.36
CA SER K 108 41.56 -71.51 -64.66
C SER K 108 42.26 -70.23 -65.08
N SER K 109 42.76 -70.20 -66.32
CA SER K 109 43.44 -69.02 -66.84
C SER K 109 43.01 -68.72 -68.27
N THR K 110 41.77 -69.06 -68.62
CA THR K 110 41.25 -68.83 -69.97
C THR K 110 39.75 -68.55 -69.86
N LEU K 111 39.33 -67.41 -70.39
CA LEU K 111 37.92 -67.04 -70.36
C LEU K 111 37.15 -67.87 -71.39
N GLU K 112 35.96 -68.32 -71.01
CA GLU K 112 35.20 -69.23 -71.86
C GLU K 112 33.75 -68.78 -72.03
N VAL K 113 32.92 -69.65 -72.61
CA VAL K 113 31.54 -69.31 -72.95
C VAL K 113 30.67 -69.23 -71.69
N LYS K 114 30.98 -70.06 -70.69
CA LYS K 114 30.07 -70.26 -69.55
C LYS K 114 30.00 -69.02 -68.66
N ASP K 115 31.10 -68.30 -68.50
CA ASP K 115 31.11 -67.10 -67.68
C ASP K 115 30.30 -65.98 -68.33
N VAL K 116 30.46 -65.81 -69.64
CA VAL K 116 29.69 -64.81 -70.39
C VAL K 116 28.21 -65.17 -70.36
N GLN K 117 27.90 -66.47 -70.50
CA GLN K 117 26.51 -66.90 -70.48
C GLN K 117 25.89 -66.76 -69.10
N LEU K 118 26.68 -66.91 -68.03
CA LEU K 118 26.16 -66.68 -66.69
C LEU K 118 25.93 -65.19 -66.43
N HIS K 119 26.79 -64.33 -66.98
CA HIS K 119 26.51 -62.90 -66.89
C HIS K 119 25.30 -62.50 -67.74
N LEU K 120 25.04 -63.23 -68.83
CA LEU K 120 23.79 -63.02 -69.58
C LEU K 120 22.58 -63.48 -68.77
N GLU K 121 22.73 -64.57 -68.02
CA GLU K 121 21.65 -64.99 -67.13
C GLU K 121 21.44 -63.99 -66.00
N ARG K 122 22.49 -63.27 -65.61
CA ARG K 122 22.31 -62.12 -64.74
C ARG K 122 21.58 -60.99 -65.45
N GLN K 123 21.83 -60.79 -66.75
CA GLN K 123 21.37 -59.59 -67.44
C GLN K 123 20.31 -59.86 -68.50
N TRP K 124 20.56 -60.75 -69.45
CA TRP K 124 19.78 -60.82 -70.68
C TRP K 124 18.98 -62.09 -70.85
N ASN K 125 19.56 -63.26 -70.52
CA ASN K 125 19.10 -64.58 -70.93
C ASN K 125 18.91 -64.64 -72.45
N MET K 126 20.04 -64.48 -73.13
CA MET K 126 20.09 -64.48 -74.60
C MET K 126 19.76 -65.85 -75.17
N TRP K 127 19.56 -65.88 -76.49
CA TRP K 127 19.17 -67.09 -77.21
C TRP K 127 19.98 -67.16 -78.50
N ILE K 128 21.12 -67.85 -78.44
CA ILE K 128 21.94 -68.07 -79.62
C ILE K 128 22.08 -69.56 -79.89
N SER L 159 43.57 55.24 -113.28
CA SER L 159 44.52 54.18 -113.55
C SER L 159 43.95 53.13 -114.50
N GLY L 160 44.83 52.32 -115.07
CA GLY L 160 44.43 51.22 -115.91
C GLY L 160 44.09 49.94 -115.18
N ILE L 161 44.00 49.98 -113.86
CA ILE L 161 43.68 48.80 -113.06
C ILE L 161 42.18 48.80 -112.77
N VAL L 162 41.52 47.71 -113.12
CA VAL L 162 40.08 47.55 -112.93
C VAL L 162 39.88 46.45 -111.89
N PRO L 163 39.15 46.71 -110.80
CA PRO L 163 38.87 45.65 -109.82
C PRO L 163 37.95 44.59 -110.40
N GLN L 164 38.39 43.33 -110.33
CA GLN L 164 37.63 42.21 -110.85
C GLN L 164 36.79 41.61 -109.73
N LEU L 165 35.52 41.36 -110.01
CA LEU L 165 34.62 40.84 -108.99
C LEU L 165 34.92 39.38 -108.70
N GLN L 166 34.93 39.04 -107.41
CA GLN L 166 35.27 37.70 -106.97
C GLN L 166 34.17 37.01 -106.17
N ASN L 167 33.28 37.76 -105.52
CA ASN L 167 32.24 37.13 -104.71
C ASN L 167 31.05 38.09 -104.62
N ILE L 168 29.84 37.54 -104.73
CA ILE L 168 28.61 38.28 -104.53
C ILE L 168 27.66 37.45 -103.69
N VAL L 169 27.15 38.05 -102.61
CA VAL L 169 26.24 37.41 -101.66
C VAL L 169 24.89 38.12 -101.75
N SER L 170 23.85 37.37 -102.07
CA SER L 170 22.52 37.92 -102.26
C SER L 170 21.50 37.10 -101.47
N THR L 171 20.31 37.66 -101.28
CA THR L 171 19.24 36.98 -100.58
C THR L 171 17.95 37.07 -101.40
N VAL L 172 17.04 36.14 -101.15
CA VAL L 172 15.76 36.11 -101.84
C VAL L 172 14.76 35.37 -100.94
N ASN L 173 13.47 35.64 -101.15
CA ASN L 173 12.40 35.02 -100.38
C ASN L 173 11.56 34.17 -101.32
N LEU L 174 11.49 32.86 -101.04
CA LEU L 174 10.66 31.96 -101.84
C LEU L 174 9.19 32.06 -101.51
N GLY L 175 8.82 32.75 -100.41
CA GLY L 175 7.43 33.00 -100.10
C GLY L 175 6.63 31.85 -99.54
N CYS L 176 7.28 30.77 -99.12
CA CYS L 176 6.58 29.63 -98.57
C CYS L 176 7.47 28.90 -97.58
N LYS L 177 6.84 28.29 -96.57
CA LYS L 177 7.56 27.45 -95.63
C LYS L 177 8.06 26.19 -96.31
N LEU L 178 9.26 25.75 -95.94
CA LEU L 178 9.95 24.67 -96.62
C LEU L 178 10.25 23.54 -95.65
N ASP L 179 10.07 22.31 -96.12
CA ASP L 179 10.46 21.12 -95.36
C ASP L 179 11.88 20.76 -95.77
N LEU L 180 12.84 21.08 -94.90
CA LEU L 180 14.26 20.93 -95.25
C LEU L 180 14.69 19.48 -95.32
N LYS L 181 14.02 18.58 -94.59
CA LYS L 181 14.38 17.17 -94.63
C LYS L 181 14.05 16.55 -95.97
N THR L 182 12.87 16.89 -96.52
CA THR L 182 12.48 16.41 -97.85
C THR L 182 13.43 16.92 -98.94
N ILE L 183 13.81 18.20 -98.85
CA ILE L 183 14.77 18.78 -99.79
C ILE L 183 16.13 18.12 -99.65
N ALA L 184 16.54 17.81 -98.42
CA ALA L 184 17.83 17.17 -98.19
C ALA L 184 17.85 15.72 -98.71
N LEU L 185 16.72 15.01 -98.59
CA LEU L 185 16.70 13.62 -99.04
C LEU L 185 16.47 13.47 -100.53
N ARG L 186 15.70 14.36 -101.15
CA ARG L 186 15.34 14.19 -102.55
C ARG L 186 16.20 14.95 -103.53
N ALA L 187 16.64 16.16 -103.20
CA ALA L 187 17.43 16.94 -104.14
C ALA L 187 18.90 16.52 -104.11
N ARG L 188 19.57 16.77 -105.21
CA ARG L 188 20.98 16.42 -105.37
C ARG L 188 21.86 17.56 -104.87
N ASN L 189 23.08 17.21 -104.46
CA ASN L 189 24.13 18.14 -104.03
C ASN L 189 23.68 19.00 -102.84
N ALA L 190 23.23 18.32 -101.78
CA ALA L 190 22.68 18.99 -100.61
C ALA L 190 23.33 18.48 -99.34
N GLU L 191 23.46 19.36 -98.34
CA GLU L 191 23.98 19.04 -97.02
C GLU L 191 23.06 19.63 -95.96
N TYR L 192 22.72 18.82 -94.95
CA TYR L 192 21.80 19.24 -93.90
C TYR L 192 22.20 18.57 -92.60
N ASN L 193 22.53 19.38 -91.59
CA ASN L 193 22.96 18.89 -90.28
C ASN L 193 22.34 19.79 -89.21
N PRO L 194 21.06 19.54 -88.86
CA PRO L 194 20.30 20.47 -88.01
C PRO L 194 20.85 20.69 -86.60
N LYS L 195 21.58 19.69 -86.08
CA LYS L 195 22.19 19.84 -84.76
C LYS L 195 23.35 20.82 -84.78
N ARG L 196 23.95 21.08 -85.94
CA ARG L 196 25.06 22.01 -86.08
C ARG L 196 24.68 23.29 -86.80
N PHE L 197 23.92 23.18 -87.88
CA PHE L 197 23.48 24.36 -88.65
C PHE L 197 22.17 24.03 -89.34
N ALA L 198 21.17 24.89 -89.12
CA ALA L 198 19.75 24.62 -89.34
C ALA L 198 19.31 24.70 -90.79
N ALA L 199 20.21 24.66 -91.77
CA ALA L 199 19.86 24.90 -93.16
C ALA L 199 20.25 23.75 -94.07
N VAL L 200 19.65 23.74 -95.26
CA VAL L 200 20.15 22.94 -96.38
C VAL L 200 21.22 23.73 -97.12
N ILE L 201 22.37 23.09 -97.32
CA ILE L 201 23.50 23.70 -98.02
C ILE L 201 23.56 23.05 -99.40
N MET L 202 23.25 23.82 -100.44
CA MET L 202 23.14 23.28 -101.78
C MET L 202 24.16 23.96 -102.70
N ARG L 203 24.72 23.21 -103.63
CA ARG L 203 25.68 23.77 -104.57
C ARG L 203 25.30 23.39 -106.00
N ILE L 204 25.48 24.32 -106.94
CA ILE L 204 25.30 24.01 -108.36
C ILE L 204 26.47 24.59 -109.16
N ARG L 205 26.66 24.03 -110.36
CA ARG L 205 27.89 24.22 -111.14
C ARG L 205 27.84 25.37 -112.13
N GLU L 206 26.66 25.78 -112.57
CA GLU L 206 26.59 26.84 -113.57
C GLU L 206 25.46 27.81 -113.22
N PRO L 207 25.77 28.99 -112.67
CA PRO L 207 27.08 29.48 -112.21
C PRO L 207 27.50 28.81 -110.90
N ARG L 208 28.80 28.54 -110.70
CA ARG L 208 29.27 27.71 -109.60
C ARG L 208 29.02 28.45 -108.28
N THR L 209 27.92 28.10 -107.63
CA THR L 209 27.43 28.88 -106.49
C THR L 209 26.94 27.95 -105.39
N THR L 210 26.85 28.52 -104.20
CA THR L 210 26.41 27.81 -103.00
C THR L 210 25.28 28.59 -102.35
N ALA L 211 24.17 27.91 -102.08
CA ALA L 211 23.02 28.49 -101.43
C ALA L 211 22.80 27.88 -100.06
N LEU L 212 22.26 28.73 -99.18
CA LEU L 212 21.82 28.37 -97.84
C LEU L 212 20.31 28.53 -97.84
N ILE L 213 19.60 27.43 -97.64
CA ILE L 213 18.14 27.39 -97.74
C ILE L 213 17.60 27.11 -96.35
N PHE L 214 16.75 28.01 -95.85
CA PHE L 214 16.15 27.84 -94.52
C PHE L 214 14.73 27.32 -94.68
N SER L 215 14.17 26.83 -93.56
CA SER L 215 12.82 26.30 -93.55
C SER L 215 11.76 27.37 -93.74
N SER L 216 12.08 28.64 -93.47
CA SER L 216 11.09 29.70 -93.60
C SER L 216 10.85 30.06 -95.06
N GLY L 217 11.85 29.89 -95.91
CA GLY L 217 11.74 30.23 -97.31
C GLY L 217 12.69 31.30 -97.78
N LYS L 218 13.48 31.92 -96.91
CA LYS L 218 14.50 32.86 -97.36
C LYS L 218 15.81 32.12 -97.60
N MET L 219 16.53 32.55 -98.63
CA MET L 219 17.67 31.82 -99.16
C MET L 219 18.79 32.80 -99.46
N VAL L 220 20.02 32.34 -99.23
CA VAL L 220 21.22 33.15 -99.44
C VAL L 220 22.06 32.47 -100.52
N CYS L 221 22.49 33.24 -101.53
CA CYS L 221 23.30 32.74 -102.63
C CYS L 221 24.67 33.42 -102.60
N THR L 222 25.73 32.61 -102.60
CA THR L 222 27.11 33.08 -102.56
C THR L 222 27.91 32.42 -103.67
N GLY L 223 29.07 33.00 -103.98
CA GLY L 223 30.00 32.44 -104.93
C GLY L 223 29.95 33.00 -106.33
N ALA L 224 28.88 33.73 -106.67
CA ALA L 224 28.78 34.31 -108.00
C ALA L 224 29.75 35.49 -108.17
N LYS L 225 30.14 35.73 -109.42
CA LYS L 225 31.07 36.81 -109.75
C LYS L 225 30.40 37.94 -110.53
N SER L 226 29.09 37.88 -110.73
CA SER L 226 28.36 38.97 -111.37
C SER L 226 26.92 38.91 -110.90
N GLU L 227 26.20 40.04 -111.09
CA GLU L 227 24.83 40.15 -110.63
C GLU L 227 23.90 39.22 -111.40
N GLU L 228 24.09 39.12 -112.73
CA GLU L 228 23.27 38.25 -113.55
C GLU L 228 23.51 36.78 -113.22
N GLN L 229 24.76 36.41 -112.93
CA GLN L 229 25.04 35.04 -112.49
C GLN L 229 24.41 34.74 -111.14
N SER L 230 24.39 35.72 -110.23
CA SER L 230 23.75 35.51 -108.92
C SER L 230 22.25 35.36 -109.06
N ARG L 231 21.62 36.17 -109.91
CA ARG L 231 20.18 36.08 -110.11
C ARG L 231 19.80 34.79 -110.83
N LEU L 232 20.60 34.39 -111.82
CA LEU L 232 20.37 33.13 -112.52
C LEU L 232 20.55 31.93 -111.59
N ALA L 233 21.59 31.96 -110.75
CA ALA L 233 21.82 30.92 -109.76
C ALA L 233 20.67 30.80 -108.78
N ALA L 234 20.22 31.94 -108.23
CA ALA L 234 19.08 31.92 -107.30
C ALA L 234 17.79 31.48 -107.99
N ARG L 235 17.61 31.81 -109.27
CA ARG L 235 16.47 31.31 -110.03
C ARG L 235 16.55 29.80 -110.22
N LYS L 236 17.76 29.27 -110.43
CA LYS L 236 17.94 27.83 -110.58
C LYS L 236 17.69 27.10 -109.27
N TYR L 237 18.16 27.65 -108.15
CA TYR L 237 17.86 27.06 -106.84
C TYR L 237 16.36 27.11 -106.53
N ALA L 238 15.70 28.21 -106.89
CA ALA L 238 14.25 28.30 -106.74
C ALA L 238 13.53 27.28 -107.62
N ARG L 239 14.08 26.99 -108.80
CA ARG L 239 13.49 25.98 -109.67
C ARG L 239 13.70 24.58 -109.11
N VAL L 240 14.85 24.33 -108.49
CA VAL L 240 15.12 23.06 -107.83
C VAL L 240 14.15 22.84 -106.66
N VAL L 241 13.94 23.87 -105.85
CA VAL L 241 12.96 23.81 -104.75
C VAL L 241 11.54 23.62 -105.31
N GLN L 242 11.24 24.29 -106.44
CA GLN L 242 9.92 24.22 -107.04
C GLN L 242 9.60 22.82 -107.58
N LYS L 243 10.58 22.18 -108.21
CA LYS L 243 10.37 20.86 -108.80
C LYS L 243 10.18 19.76 -107.76
N LEU L 244 10.54 20.00 -106.49
CA LEU L 244 10.33 19.02 -105.44
C LEU L 244 8.92 19.02 -104.88
N GLY L 245 8.02 19.84 -105.43
CA GLY L 245 6.63 19.89 -104.99
C GLY L 245 6.25 21.11 -104.18
N PHE L 246 7.17 22.05 -103.97
CA PHE L 246 6.87 23.22 -103.14
C PHE L 246 6.51 24.42 -104.01
N PRO L 247 5.47 25.18 -103.65
CA PRO L 247 5.10 26.37 -104.43
C PRO L 247 6.01 27.56 -104.19
N ALA L 248 7.29 27.46 -104.57
CA ALA L 248 8.23 28.55 -104.37
C ALA L 248 7.93 29.72 -105.31
N LYS L 249 8.22 30.92 -104.84
CA LYS L 249 8.13 32.16 -105.61
C LYS L 249 9.52 32.77 -105.71
N PHE L 250 9.60 33.98 -106.30
CA PHE L 250 10.86 34.71 -106.39
C PHE L 250 10.57 36.15 -105.96
N LEU L 251 10.64 36.40 -104.66
CA LEU L 251 10.28 37.68 -104.07
C LEU L 251 11.49 38.37 -103.44
N ASP L 252 11.61 39.67 -103.73
CA ASP L 252 12.55 40.59 -103.07
C ASP L 252 14.01 40.14 -103.17
N PHE L 253 14.45 39.86 -104.40
CA PHE L 253 15.85 39.58 -104.63
C PHE L 253 16.67 40.85 -104.50
N LYS L 254 17.84 40.73 -103.88
CA LYS L 254 18.69 41.89 -103.58
C LYS L 254 20.10 41.41 -103.28
N ILE L 255 21.08 42.09 -103.87
CA ILE L 255 22.50 41.79 -103.60
C ILE L 255 22.88 42.44 -102.28
N GLN L 256 23.43 41.63 -101.37
CA GLN L 256 23.73 42.07 -100.01
C GLN L 256 25.20 42.34 -99.75
N ASN L 257 26.09 41.75 -100.53
CA ASN L 257 27.52 41.86 -100.25
C ASN L 257 28.29 41.64 -101.55
N MET L 258 29.37 42.41 -101.72
CA MET L 258 30.22 42.28 -102.89
C MET L 258 31.68 42.35 -102.48
N VAL L 259 32.47 41.44 -103.04
CA VAL L 259 33.90 41.31 -102.80
C VAL L 259 34.62 41.27 -104.15
N GLY L 260 35.61 42.15 -104.30
CA GLY L 260 36.45 42.14 -105.48
C GLY L 260 37.91 42.21 -105.08
N SER L 261 38.78 42.07 -106.08
CA SER L 261 40.21 42.14 -105.83
C SER L 261 40.92 42.66 -107.07
N CYS L 262 42.13 43.17 -106.86
CA CYS L 262 42.94 43.79 -107.91
C CYS L 262 44.38 43.87 -107.41
N ASP L 263 45.27 44.38 -108.27
CA ASP L 263 46.68 44.52 -107.96
C ASP L 263 47.16 45.89 -108.45
N VAL L 264 47.85 46.62 -107.57
CA VAL L 264 48.36 47.94 -107.94
C VAL L 264 49.75 47.89 -108.56
N LYS L 265 50.42 46.72 -108.53
CA LYS L 265 51.73 46.42 -109.13
C LYS L 265 52.89 47.18 -108.51
N PHE L 266 52.85 47.47 -107.20
CA PHE L 266 54.01 47.98 -106.48
C PHE L 266 53.88 47.62 -105.00
N PRO L 267 55.00 47.49 -104.29
CA PRO L 267 54.92 47.33 -102.83
C PRO L 267 54.46 48.60 -102.13
N ILE L 268 53.91 48.42 -100.94
CA ILE L 268 53.23 49.47 -100.19
C ILE L 268 53.80 49.48 -98.77
N ARG L 269 54.06 50.69 -98.25
CA ARG L 269 54.48 50.87 -96.85
C ARG L 269 53.23 50.81 -95.97
N LEU L 270 52.96 49.63 -95.42
CA LEU L 270 51.76 49.42 -94.60
C LEU L 270 51.86 50.14 -93.26
N GLU L 271 53.05 50.12 -92.65
CA GLU L 271 53.24 50.75 -91.35
C GLU L 271 53.07 52.27 -91.41
N GLY L 272 53.57 52.90 -92.48
CA GLY L 272 53.32 54.33 -92.66
C GLY L 272 51.86 54.63 -92.91
N LEU L 273 51.17 53.71 -93.60
CA LEU L 273 49.75 53.85 -93.87
C LEU L 273 48.92 53.77 -92.59
N VAL L 274 49.27 52.85 -91.67
CA VAL L 274 48.52 52.78 -90.43
C VAL L 274 48.92 53.92 -89.48
N LEU L 275 50.15 54.42 -89.57
CA LEU L 275 50.52 55.54 -88.71
C LEU L 275 49.88 56.84 -89.16
N THR L 276 49.70 57.05 -90.46
CA THR L 276 49.14 58.30 -90.95
C THR L 276 47.63 58.28 -91.10
N HIS L 277 46.99 57.11 -91.03
CA HIS L 277 45.54 56.99 -91.20
C HIS L 277 44.96 56.20 -90.03
N GLN L 278 45.27 56.66 -88.81
CA GLN L 278 44.87 55.96 -87.59
C GLN L 278 43.37 56.02 -87.33
N GLN L 279 42.67 56.98 -87.92
CA GLN L 279 41.22 57.09 -87.75
C GLN L 279 40.44 56.28 -88.75
N PHE L 280 41.12 55.62 -89.69
CA PHE L 280 40.47 54.77 -90.68
C PHE L 280 41.01 53.36 -90.74
N SER L 281 42.21 53.10 -90.21
CA SER L 281 42.91 51.85 -90.47
C SER L 281 43.37 51.19 -89.18
N SER L 282 43.80 49.94 -89.32
CA SER L 282 44.40 49.15 -88.25
C SER L 282 45.26 48.08 -88.89
N TYR L 283 46.41 47.81 -88.27
CA TYR L 283 47.41 46.93 -88.87
C TYR L 283 48.25 46.29 -87.77
N GLU L 284 48.12 44.97 -87.62
CA GLU L 284 48.87 44.20 -86.63
C GLU L 284 49.49 43.00 -87.34
N PRO L 285 50.78 43.10 -87.72
CA PRO L 285 51.42 42.05 -88.56
C PRO L 285 51.41 40.64 -88.00
N GLU L 286 51.57 40.50 -86.68
CA GLU L 286 51.60 39.18 -86.07
C GLU L 286 50.22 38.52 -86.09
N LEU L 287 49.15 39.30 -85.99
CA LEU L 287 47.80 38.74 -86.02
C LEU L 287 47.34 38.48 -87.44
N PHE L 288 47.44 39.48 -88.31
CA PHE L 288 47.04 39.35 -89.71
C PHE L 288 47.97 40.25 -90.52
N PRO L 289 48.65 39.72 -91.55
CA PRO L 289 49.72 40.50 -92.20
C PRO L 289 49.26 41.68 -93.05
N GLY L 290 47.95 41.91 -93.14
CA GLY L 290 47.40 42.93 -93.99
C GLY L 290 46.69 44.05 -93.25
N LEU L 291 46.66 45.22 -93.87
CA LEU L 291 46.01 46.38 -93.30
C LEU L 291 44.54 46.42 -93.69
N ILE L 292 43.71 46.78 -92.71
CA ILE L 292 42.27 46.87 -92.88
C ILE L 292 41.89 48.35 -92.89
N TYR L 293 41.29 48.80 -93.98
CA TYR L 293 40.94 50.21 -94.19
C TYR L 293 39.43 50.33 -94.31
N ARG L 294 38.79 50.99 -93.36
CA ARG L 294 37.34 51.16 -93.37
C ARG L 294 37.00 52.51 -93.99
N MET L 295 36.79 52.54 -95.30
CA MET L 295 36.44 53.76 -96.00
C MET L 295 34.99 54.12 -95.76
N ILE L 296 34.75 55.41 -95.51
CA ILE L 296 33.43 55.93 -95.16
C ILE L 296 32.63 56.30 -96.41
N LYS L 297 33.27 56.90 -97.41
CA LYS L 297 32.54 57.22 -98.64
C LYS L 297 33.26 56.62 -99.84
N PRO L 298 32.75 55.52 -100.42
CA PRO L 298 31.63 54.70 -99.91
C PRO L 298 32.05 53.77 -98.77
N ARG L 299 31.09 53.19 -98.05
CA ARG L 299 31.36 52.41 -96.85
C ARG L 299 31.90 51.05 -97.26
N ILE L 300 33.21 51.00 -97.53
CA ILE L 300 33.84 49.81 -98.09
C ILE L 300 35.03 49.45 -97.21
N VAL L 301 35.20 48.17 -96.90
CA VAL L 301 36.33 47.72 -96.10
C VAL L 301 37.34 47.07 -97.04
N LEU L 302 38.59 47.51 -96.95
CA LEU L 302 39.63 47.11 -97.89
C LEU L 302 40.76 46.42 -97.15
N LEU L 303 41.35 45.44 -97.83
CA LEU L 303 42.52 44.71 -97.37
C LEU L 303 43.68 45.09 -98.26
N ILE L 304 44.67 45.78 -97.68
CA ILE L 304 45.84 46.26 -98.41
C ILE L 304 47.05 45.50 -97.91
N PHE L 305 47.77 44.84 -98.82
CA PHE L 305 48.89 43.99 -98.45
C PHE L 305 50.20 44.60 -98.91
N VAL L 306 51.30 44.05 -98.39
CA VAL L 306 52.63 44.55 -98.72
C VAL L 306 53.02 44.19 -100.16
N SER L 307 52.44 43.12 -100.71
CA SER L 307 52.76 42.75 -102.09
C SER L 307 52.11 43.68 -103.11
N GLY L 308 51.03 44.35 -102.73
CA GLY L 308 50.29 45.20 -103.63
C GLY L 308 48.90 44.70 -103.98
N LYS L 309 48.53 43.49 -103.56
CA LYS L 309 47.19 43.00 -103.82
C LYS L 309 46.19 43.72 -102.92
N VAL L 310 45.09 44.17 -103.51
CA VAL L 310 44.09 44.97 -102.81
C VAL L 310 42.74 44.26 -102.93
N VAL L 311 42.08 44.07 -101.79
CA VAL L 311 40.80 43.38 -101.71
C VAL L 311 39.76 44.36 -101.20
N LEU L 312 38.57 44.34 -101.81
CA LEU L 312 37.51 45.27 -101.47
C LEU L 312 36.27 44.48 -101.10
N THR L 313 35.63 44.82 -99.99
CA THR L 313 34.43 44.09 -99.59
C THR L 313 33.41 45.03 -98.97
N GLY L 314 32.15 44.60 -99.04
CA GLY L 314 31.05 45.25 -98.35
C GLY L 314 30.10 46.03 -99.22
N ALA L 315 30.35 46.11 -100.52
CA ALA L 315 29.54 46.95 -101.39
C ALA L 315 28.15 46.36 -101.65
N LYS L 316 27.20 47.25 -101.94
CA LYS L 316 25.90 46.86 -102.46
C LYS L 316 25.82 46.95 -103.98
N VAL L 317 26.67 47.77 -104.61
CA VAL L 317 26.72 47.91 -106.06
C VAL L 317 28.18 47.92 -106.52
N ARG L 318 28.36 47.68 -107.82
CA ARG L 318 29.68 47.68 -108.45
C ARG L 318 30.35 49.06 -108.36
N ALA L 319 29.53 50.12 -108.41
CA ALA L 319 30.04 51.48 -108.39
C ALA L 319 30.76 51.81 -107.09
N GLU L 320 30.32 51.21 -105.98
CA GLU L 320 31.00 51.42 -104.70
C GLU L 320 32.39 50.80 -104.70
N ILE L 321 32.56 49.63 -105.32
CA ILE L 321 33.88 49.00 -105.45
C ILE L 321 34.79 49.87 -106.32
N TYR L 322 34.29 50.32 -107.47
CA TYR L 322 35.10 51.13 -108.38
C TYR L 322 35.47 52.47 -107.75
N GLU L 323 34.51 53.11 -107.08
CA GLU L 323 34.76 54.37 -106.40
C GLU L 323 35.74 54.21 -105.25
N ALA L 324 35.65 53.10 -104.50
CA ALA L 324 36.57 52.88 -103.38
C ALA L 324 38.00 52.66 -103.85
N PHE L 325 38.18 51.91 -104.95
CA PHE L 325 39.54 51.73 -105.45
C PHE L 325 40.08 53.01 -106.08
N GLU L 326 39.24 53.79 -106.77
CA GLU L 326 39.70 55.08 -107.30
C GLU L 326 40.00 56.07 -106.19
N ASN L 327 39.33 55.96 -105.04
CA ASN L 327 39.68 56.81 -103.91
C ASN L 327 41.00 56.40 -103.29
N ILE L 328 41.22 55.09 -103.12
CA ILE L 328 42.37 54.66 -102.32
C ILE L 328 43.65 54.57 -103.16
N TYR L 329 43.55 54.54 -104.49
CA TYR L 329 44.75 54.43 -105.34
C TYR L 329 45.80 55.55 -105.18
N PRO L 330 45.45 56.86 -105.11
CA PRO L 330 46.53 57.85 -104.94
C PRO L 330 47.25 57.80 -103.59
N ILE L 331 46.56 57.37 -102.52
CA ILE L 331 47.22 57.17 -101.23
C ILE L 331 48.26 56.07 -101.33
N LEU L 332 47.92 54.98 -102.04
CA LEU L 332 48.85 53.88 -102.22
C LEU L 332 50.02 54.30 -103.11
N LYS L 333 49.77 55.16 -104.11
CA LYS L 333 50.89 55.74 -104.86
C LYS L 333 51.78 56.60 -103.98
N GLY L 334 51.18 57.34 -103.04
CA GLY L 334 51.95 58.11 -102.09
C GLY L 334 52.71 57.29 -101.07
N PHE L 335 52.36 56.00 -100.90
CA PHE L 335 53.04 55.13 -99.94
C PHE L 335 53.71 53.93 -100.61
N ARG L 336 54.17 54.09 -101.85
CA ARG L 336 54.97 53.08 -102.54
C ARG L 336 56.33 52.91 -101.86
N LYS L 337 56.89 51.71 -101.96
CA LYS L 337 58.24 51.42 -101.48
C LYS L 337 59.23 51.68 -102.62
N THR L 338 60.19 52.56 -102.39
CA THR L 338 61.26 52.79 -103.37
C THR L 338 62.62 52.95 -102.68
N THR O 1 41.90 -13.39 -99.38
CA THR O 1 41.67 -13.15 -97.96
C THR O 1 40.21 -12.78 -97.71
N VAL O 2 39.51 -12.49 -98.80
CA VAL O 2 38.08 -12.17 -98.76
C VAL O 2 37.22 -13.44 -98.61
N PRO O 3 37.46 -14.56 -99.34
CA PRO O 3 36.69 -15.77 -98.99
C PRO O 3 37.02 -16.37 -97.63
N LYS O 4 38.23 -16.14 -97.11
CA LYS O 4 38.57 -16.60 -95.76
C LYS O 4 37.72 -15.88 -94.71
N LEU O 5 37.62 -14.54 -94.82
CA LEU O 5 36.74 -13.78 -93.94
C LEU O 5 35.28 -14.17 -94.14
N TYR O 6 34.89 -14.50 -95.38
CA TYR O 6 33.52 -14.93 -95.66
C TYR O 6 33.21 -16.25 -94.94
N ARG O 7 34.13 -17.23 -95.01
CA ARG O 7 33.93 -18.49 -94.32
C ARG O 7 33.92 -18.30 -92.80
N SER O 8 34.79 -17.42 -92.30
CA SER O 8 34.79 -17.09 -90.87
C SER O 8 33.44 -16.51 -90.42
N VAL O 9 32.87 -15.59 -91.23
CA VAL O 9 31.56 -15.00 -90.93
C VAL O 9 30.47 -16.06 -90.97
N ILE O 10 30.52 -16.97 -91.95
CA ILE O 10 29.54 -18.05 -92.06
C ILE O 10 29.58 -18.95 -90.83
N GLU O 11 30.78 -19.37 -90.42
CA GLU O 11 30.93 -20.25 -89.27
C GLU O 11 30.47 -19.57 -87.98
N ASP O 12 30.86 -18.30 -87.80
CA ASP O 12 30.47 -17.56 -86.60
C ASP O 12 28.97 -17.37 -86.51
N VAL O 13 28.33 -17.00 -87.63
CA VAL O 13 26.89 -16.75 -87.63
C VAL O 13 26.10 -18.05 -87.41
N ILE O 14 26.51 -19.13 -88.08
CA ILE O 14 25.81 -20.42 -87.93
C ILE O 14 25.92 -20.94 -86.49
N ASN O 15 27.14 -20.89 -85.93
CA ASN O 15 27.35 -21.35 -84.56
C ASN O 15 26.62 -20.47 -83.55
N ASP O 16 26.51 -19.17 -83.82
CA ASP O 16 25.83 -18.29 -82.87
C ASP O 16 24.31 -18.30 -83.01
N VAL O 17 23.75 -18.76 -84.13
CA VAL O 17 22.30 -18.86 -84.26
C VAL O 17 21.78 -20.28 -84.09
N ARG O 18 22.67 -21.28 -83.94
CA ARG O 18 22.25 -22.65 -83.61
C ARG O 18 21.42 -22.71 -82.33
N ASP O 19 21.88 -22.04 -81.27
CA ASP O 19 21.17 -22.08 -79.99
C ASP O 19 19.81 -21.39 -80.07
N ILE O 20 19.72 -20.31 -80.87
CA ILE O 20 18.45 -19.63 -81.03
C ILE O 20 17.47 -20.48 -81.85
N PHE O 21 17.99 -21.18 -82.88
CA PHE O 21 17.15 -22.10 -83.65
C PHE O 21 16.64 -23.25 -82.77
N LEU O 22 17.49 -23.75 -81.86
CA LEU O 22 17.06 -24.80 -80.95
C LEU O 22 16.04 -24.28 -79.94
N ASP O 23 16.22 -23.04 -79.47
CA ASP O 23 15.29 -22.48 -78.48
C ASP O 23 13.93 -22.17 -79.10
N ASP O 24 13.87 -21.83 -80.38
CA ASP O 24 12.58 -21.62 -81.03
C ASP O 24 11.96 -22.90 -81.55
N GLY O 25 12.62 -24.04 -81.42
CA GLY O 25 12.06 -25.30 -81.87
C GLY O 25 12.25 -25.58 -83.34
N VAL O 26 13.27 -25.00 -83.95
CA VAL O 26 13.54 -25.15 -85.38
C VAL O 26 14.54 -26.29 -85.55
N ASP O 27 14.29 -27.15 -86.54
CA ASP O 27 15.17 -28.27 -86.83
C ASP O 27 16.56 -27.77 -87.26
N GLU O 28 17.59 -28.53 -86.89
CA GLU O 28 18.95 -28.22 -87.30
C GLU O 28 19.17 -28.43 -88.80
N GLN O 29 18.28 -29.21 -89.44
CA GLN O 29 18.30 -29.33 -90.89
C GLN O 29 17.98 -27.99 -91.56
N VAL O 30 17.12 -27.18 -90.93
CA VAL O 30 16.86 -25.83 -91.41
C VAL O 30 18.11 -24.96 -91.29
N LEU O 31 18.88 -25.13 -90.20
CA LEU O 31 20.15 -24.44 -90.03
C LEU O 31 21.15 -24.80 -91.14
N MET O 32 21.30 -26.09 -91.42
CA MET O 32 22.19 -26.53 -92.48
C MET O 32 21.68 -26.11 -93.86
N GLU O 33 20.36 -26.03 -94.03
CA GLU O 33 19.79 -25.56 -95.30
C GLU O 33 20.04 -24.08 -95.50
N LEU O 34 19.93 -23.29 -94.42
CA LEU O 34 20.30 -21.87 -94.45
C LEU O 34 21.75 -21.69 -94.84
N LYS O 35 22.65 -22.46 -94.20
CA LYS O 35 24.06 -22.40 -94.52
C LYS O 35 24.33 -22.77 -95.98
N THR O 36 23.68 -23.83 -96.48
CA THR O 36 23.88 -24.31 -97.83
C THR O 36 23.38 -23.30 -98.87
N LEU O 37 22.16 -22.77 -98.65
CA LEU O 37 21.61 -21.76 -99.55
C LEU O 37 22.44 -20.48 -99.55
N TRP O 38 22.92 -20.06 -98.37
CA TRP O 38 23.72 -18.84 -98.29
C TRP O 38 25.07 -19.00 -98.98
N GLU O 39 25.73 -20.16 -98.77
CA GLU O 39 26.99 -20.43 -99.46
C GLU O 39 26.81 -20.59 -100.96
N ASN O 40 25.67 -21.15 -101.40
CA ASN O 40 25.42 -21.26 -102.84
C ASN O 40 25.11 -19.90 -103.46
N LYS O 41 24.40 -19.02 -102.75
CA LYS O 41 24.12 -17.69 -103.28
C LYS O 41 25.36 -16.80 -103.24
N LEU O 42 26.33 -17.10 -102.39
CA LEU O 42 27.62 -16.42 -102.47
C LEU O 42 28.33 -16.71 -103.80
N MET O 43 28.25 -17.95 -104.27
CA MET O 43 28.82 -18.29 -105.56
C MET O 43 27.89 -17.84 -106.69
N ASP O 44 25.51 -5.25 -115.32
CA ASP O 44 25.18 -6.32 -114.37
C ASP O 44 25.10 -5.77 -112.96
N THR O 45 26.26 -5.63 -112.33
CA THR O 45 26.34 -5.27 -110.93
C THR O 45 26.17 -3.76 -110.76
N GLU O 46 25.40 -3.37 -109.74
CA GLU O 46 25.40 -1.99 -109.26
C GLU O 46 26.64 -1.83 -108.38
N ASN O 47 27.62 -1.08 -108.88
CA ASN O 47 28.90 -0.95 -108.21
C ASN O 47 28.76 -0.07 -106.98
N VAL O 48 28.91 -0.68 -105.79
CA VAL O 48 28.53 -0.05 -104.54
C VAL O 48 29.67 -0.19 -103.54
N VAL O 49 29.94 0.88 -102.79
CA VAL O 49 30.92 0.86 -101.70
C VAL O 49 30.19 1.15 -100.40
N VAL O 50 30.27 0.24 -99.44
CA VAL O 50 29.60 0.38 -98.15
C VAL O 50 30.66 0.46 -97.08
N CYS O 51 30.72 1.59 -96.38
CA CYS O 51 31.84 1.83 -95.48
C CYS O 51 31.44 2.82 -94.39
N GLN O 52 32.41 3.21 -93.56
CA GLN O 52 32.27 4.27 -92.58
C GLN O 52 33.33 5.32 -92.88
N TYR O 53 33.00 6.58 -92.60
CA TYR O 53 33.91 7.68 -92.90
C TYR O 53 34.62 8.15 -91.64
N ASP O 54 35.89 8.50 -91.80
CA ASP O 54 36.63 9.19 -90.75
C ASP O 54 36.58 10.70 -90.98
N LYS O 55 37.03 11.15 -92.16
CA LYS O 55 37.08 12.59 -92.42
C LYS O 55 36.68 12.88 -93.87
N ILE O 56 35.73 13.78 -94.04
CA ILE O 56 35.34 14.26 -95.36
C ILE O 56 35.72 15.74 -95.44
N HIS O 57 36.53 16.08 -96.43
CA HIS O 57 37.13 17.39 -96.51
C HIS O 57 36.85 17.99 -97.89
N ARG O 58 36.64 19.30 -97.92
CA ARG O 58 36.38 19.99 -99.17
C ARG O 58 37.19 21.29 -99.23
N SER O 59 37.90 21.45 -100.34
CA SER O 59 38.35 22.74 -100.86
C SER O 59 37.60 22.88 -102.16
N LYS O 60 37.73 24.04 -102.84
CA LYS O 60 36.74 24.73 -103.75
C LYS O 60 35.86 23.75 -104.52
N ASN O 61 36.42 22.86 -105.35
CA ASN O 61 35.67 21.71 -105.86
C ASN O 61 36.44 20.40 -105.71
N LYS O 62 37.45 20.38 -104.84
CA LYS O 62 38.25 19.20 -104.57
C LYS O 62 37.77 18.57 -103.26
N TRP O 63 37.29 17.34 -103.36
CA TRP O 63 36.84 16.56 -102.21
C TRP O 63 37.89 15.51 -101.86
N LYS O 64 38.11 15.32 -100.57
CA LYS O 64 39.04 14.32 -100.05
C LYS O 64 38.31 13.46 -99.04
N PHE O 65 38.40 12.14 -99.22
CA PHE O 65 37.60 11.16 -98.50
C PHE O 65 38.53 10.29 -97.67
N HIS O 66 38.25 10.18 -96.38
CA HIS O 66 38.97 9.30 -95.45
C HIS O 66 37.93 8.36 -94.84
N LEU O 67 37.87 7.15 -95.40
CA LEU O 67 36.86 6.13 -95.14
C LEU O 67 37.52 4.93 -94.46
N LYS O 68 36.69 4.09 -93.82
CA LYS O 68 37.23 2.88 -93.20
C LYS O 68 36.20 1.76 -93.21
N ASP O 69 36.70 0.54 -92.97
CA ASP O 69 35.98 -0.71 -92.79
C ASP O 69 34.88 -0.99 -93.83
N GLY O 70 35.26 -1.10 -95.10
CA GLY O 70 34.30 -1.09 -96.17
C GLY O 70 34.30 -2.36 -97.01
N ILE O 71 33.11 -2.70 -97.51
CA ILE O 71 32.89 -3.79 -98.43
C ILE O 71 32.45 -3.19 -99.76
N MET O 72 33.15 -3.54 -100.83
CA MET O 72 32.92 -3.00 -102.15
C MET O 72 32.43 -4.11 -103.08
N ASN O 73 31.52 -3.74 -103.98
CA ASN O 73 30.98 -4.64 -105.00
C ASN O 73 31.25 -3.96 -106.33
N LEU O 74 32.31 -4.41 -107.01
CA LEU O 74 32.84 -3.78 -108.21
C LEU O 74 32.86 -4.78 -109.35
N ASN O 75 32.05 -4.53 -110.39
CA ASN O 75 32.00 -5.25 -111.66
C ASN O 75 31.67 -6.73 -111.52
N GLY O 76 31.10 -7.15 -110.38
CA GLY O 76 30.86 -8.54 -110.10
C GLY O 76 31.71 -9.09 -108.96
N ARG O 77 32.86 -8.48 -108.70
CA ARG O 77 33.76 -8.95 -107.65
C ARG O 77 33.48 -8.24 -106.33
N ASP O 78 33.83 -8.92 -105.24
CA ASP O 78 33.67 -8.40 -103.89
C ASP O 78 35.05 -8.14 -103.29
N TYR O 79 35.28 -6.90 -102.86
CA TYR O 79 36.56 -6.47 -102.30
C TYR O 79 36.32 -5.87 -100.92
N ILE O 80 37.37 -5.82 -100.10
CA ILE O 80 37.27 -5.34 -98.73
C ILE O 80 38.44 -4.40 -98.47
N PHE O 81 38.19 -3.34 -97.70
CA PHE O 81 39.28 -2.48 -97.26
C PHE O 81 39.09 -2.11 -95.78
N SER O 82 40.21 -1.81 -95.13
CA SER O 82 40.21 -1.24 -93.80
C SER O 82 40.34 0.29 -93.81
N LYS O 83 40.97 0.85 -94.85
CA LYS O 83 41.13 2.30 -94.99
C LYS O 83 41.03 2.67 -96.47
N ALA O 84 40.43 3.83 -96.74
CA ALA O 84 40.37 4.38 -98.08
C ALA O 84 40.62 5.88 -98.03
N ILE O 85 41.53 6.35 -98.86
CA ILE O 85 41.79 7.78 -99.02
C ILE O 85 41.59 8.12 -100.49
N GLY O 86 40.66 9.03 -100.77
CA GLY O 86 40.23 9.31 -102.11
C GLY O 86 40.20 10.79 -102.43
N ASP O 87 40.25 11.09 -103.73
CA ASP O 87 40.29 12.45 -104.25
C ASP O 87 39.24 12.57 -105.36
N ALA O 88 38.58 13.72 -105.43
CA ALA O 88 37.51 13.89 -106.40
C ALA O 88 37.37 15.34 -106.81
N GLU O 89 36.96 15.55 -108.06
CA GLU O 89 36.56 16.87 -108.55
C GLU O 89 35.05 16.89 -108.77
N TRP O 90 34.40 17.96 -108.32
CA TRP O 90 32.95 18.09 -108.46
C TRP O 90 32.60 18.95 -109.67
N TYR P 1 25.59 -1.08 -86.10
CA TYR P 1 25.17 -0.63 -87.41
C TYR P 1 24.62 -1.80 -88.24
N GLN P 2 23.52 -1.55 -88.95
CA GLN P 2 22.96 -2.50 -89.91
C GLN P 2 23.52 -2.22 -91.31
N LEU P 3 24.64 -1.49 -91.33
CA LEU P 3 25.13 -0.82 -92.54
C LEU P 3 25.51 -1.81 -93.63
N TYR P 4 26.10 -2.93 -93.23
CA TYR P 4 26.56 -3.94 -94.18
C TYR P 4 25.49 -4.96 -94.51
N ARG P 5 24.22 -4.65 -94.25
CA ARG P 5 23.16 -5.56 -94.69
C ARG P 5 22.96 -5.50 -96.20
N ASN P 6 23.26 -4.38 -96.84
CA ASN P 6 23.16 -4.27 -98.30
C ASN P 6 24.53 -4.48 -98.95
N THR P 7 25.07 -5.68 -98.76
CA THR P 7 26.25 -6.17 -99.45
C THR P 7 25.89 -7.50 -100.09
N THR P 8 26.84 -8.08 -100.82
CA THR P 8 26.63 -9.39 -101.46
C THR P 8 26.36 -10.48 -100.42
N LEU P 9 27.22 -10.56 -99.41
CA LEU P 9 27.03 -11.44 -98.26
C LEU P 9 25.70 -11.18 -97.55
N GLY P 10 25.43 -9.90 -97.26
CA GLY P 10 24.23 -9.55 -96.52
C GLY P 10 22.94 -9.75 -97.29
N ASN P 11 22.93 -9.37 -98.58
CA ASN P 11 21.71 -9.57 -99.37
C ASN P 11 21.49 -11.03 -99.71
N SER P 12 22.57 -11.81 -99.89
CA SER P 12 22.43 -13.24 -100.05
C SER P 12 21.85 -13.89 -98.79
N LEU P 13 22.27 -13.42 -97.61
CA LEU P 13 21.71 -13.92 -96.37
C LEU P 13 20.24 -13.54 -96.22
N GLN P 14 19.90 -12.30 -96.59
CA GLN P 14 18.50 -11.85 -96.53
C GLN P 14 17.63 -12.63 -97.50
N GLU P 15 18.15 -12.97 -98.69
CA GLU P 15 17.39 -13.77 -99.65
C GLU P 15 17.18 -15.18 -99.14
N SER P 16 18.21 -15.78 -98.51
CA SER P 16 18.05 -17.11 -97.93
C SER P 16 17.04 -17.12 -96.78
N LEU P 17 17.07 -16.07 -95.94
CA LEU P 17 16.09 -15.94 -94.86
C LEU P 17 14.68 -15.74 -95.41
N ASP P 18 14.53 -14.93 -96.47
CA ASP P 18 13.22 -14.74 -97.08
C ASP P 18 12.68 -16.02 -97.71
N GLU P 19 13.57 -16.84 -98.29
CA GLU P 19 13.16 -18.14 -98.78
C GLU P 19 12.69 -19.05 -97.65
N LEU P 20 13.43 -19.09 -96.55
CA LEU P 20 13.01 -19.90 -95.41
C LEU P 20 11.72 -19.39 -94.77
N ILE P 21 11.46 -18.08 -94.85
CA ILE P 21 10.19 -17.52 -94.37
C ILE P 21 9.04 -17.93 -95.31
N GLN P 22 9.30 -17.89 -96.62
CA GLN P 22 8.25 -18.18 -97.61
C GLN P 22 7.78 -19.62 -97.52
N SER P 23 8.69 -20.55 -97.26
CA SER P 23 8.34 -21.95 -97.06
C SER P 23 7.91 -22.27 -95.63
N GLN P 24 7.70 -21.24 -94.80
CA GLN P 24 7.24 -21.33 -93.41
C GLN P 24 8.16 -22.16 -92.51
N GLN P 25 9.45 -22.24 -92.84
CA GLN P 25 10.36 -23.01 -92.01
C GLN P 25 10.94 -22.20 -90.86
N ILE P 26 10.95 -20.86 -90.96
CA ILE P 26 11.36 -19.98 -89.88
C ILE P 26 10.36 -18.84 -89.77
N THR P 27 10.42 -18.12 -88.65
CA THR P 27 9.65 -16.92 -88.40
C THR P 27 10.44 -15.69 -88.82
N PRO P 28 9.77 -14.57 -89.14
CA PRO P 28 10.50 -13.33 -89.45
C PRO P 28 11.27 -12.74 -88.27
N GLN P 29 10.77 -12.92 -87.05
CA GLN P 29 11.52 -12.53 -85.86
C GLN P 29 12.86 -13.28 -85.77
N LEU P 30 12.84 -14.56 -86.14
CA LEU P 30 14.07 -15.35 -86.15
C LEU P 30 15.05 -14.85 -87.20
N ALA P 31 14.54 -14.47 -88.37
CA ALA P 31 15.40 -13.88 -89.40
C ALA P 31 15.97 -12.54 -88.96
N LEU P 32 15.18 -11.77 -88.20
CA LEU P 32 15.68 -10.52 -87.62
C LEU P 32 16.80 -10.77 -86.62
N GLN P 33 16.67 -11.82 -85.80
CA GLN P 33 17.75 -12.20 -84.88
C GLN P 33 19.00 -12.64 -85.63
N VAL P 34 18.83 -13.37 -86.74
CA VAL P 34 19.96 -13.79 -87.57
C VAL P 34 20.64 -12.57 -88.21
N LEU P 35 19.84 -11.58 -88.63
CA LEU P 35 20.42 -10.35 -89.17
C LEU P 35 21.18 -9.55 -88.11
N LEU P 36 20.67 -9.51 -86.88
CA LEU P 36 21.38 -8.82 -85.80
C LEU P 36 22.71 -9.51 -85.47
N GLN P 37 22.71 -10.85 -85.42
CA GLN P 37 23.95 -11.58 -85.19
C GLN P 37 24.91 -11.42 -86.36
N PHE P 38 24.37 -11.33 -87.57
CA PHE P 38 25.19 -11.05 -88.75
C PHE P 38 25.81 -9.66 -88.69
N ASP P 39 25.05 -8.67 -88.22
CA ASP P 39 25.57 -7.31 -88.04
C ASP P 39 26.73 -7.28 -87.05
N LYS P 40 26.54 -7.93 -85.89
CA LYS P 40 27.60 -8.02 -84.90
C LYS P 40 28.84 -8.74 -85.44
N ALA P 41 28.63 -9.84 -86.15
CA ALA P 41 29.74 -10.63 -86.68
C ALA P 41 30.49 -9.89 -87.78
N ILE P 42 29.78 -9.19 -88.66
CA ILE P 42 30.45 -8.49 -89.75
C ILE P 42 31.16 -7.24 -89.23
N ASN P 43 30.61 -6.59 -88.18
CA ASN P 43 31.30 -5.48 -87.55
C ASN P 43 32.60 -5.94 -86.89
N ALA P 44 32.54 -7.05 -86.15
CA ALA P 44 33.74 -7.58 -85.50
C ALA P 44 34.78 -8.05 -86.51
N ALA P 45 34.33 -8.69 -87.60
CA ALA P 45 35.25 -9.21 -88.60
C ALA P 45 35.92 -8.09 -89.40
N LEU P 46 35.17 -7.04 -89.75
CA LEU P 46 35.76 -5.90 -90.43
C LEU P 46 36.67 -5.11 -89.50
N ALA P 47 36.32 -5.06 -88.21
CA ALA P 47 37.17 -4.34 -87.25
C ALA P 47 38.51 -5.04 -87.02
N GLN P 48 38.49 -6.36 -86.83
CA GLN P 48 39.71 -7.03 -86.38
C GLN P 48 40.57 -7.60 -87.51
N ARG P 49 39.99 -8.20 -88.54
CA ARG P 49 40.74 -9.05 -89.47
C ARG P 49 41.48 -8.24 -90.54
N VAL P 50 40.73 -7.49 -91.35
CA VAL P 50 41.31 -6.84 -92.52
C VAL P 50 42.11 -5.58 -92.13
N ARG P 51 43.30 -5.45 -92.70
CA ARG P 51 44.20 -4.35 -92.36
C ARG P 51 44.90 -3.79 -93.61
N ASN P 52 44.23 -3.86 -94.77
CA ASN P 52 44.83 -3.38 -96.01
C ASN P 52 44.31 -1.99 -96.39
N ARG P 53 45.00 -1.36 -97.33
CA ARG P 53 44.73 0.02 -97.71
C ARG P 53 44.40 0.11 -99.20
N VAL P 54 43.40 0.94 -99.51
CA VAL P 54 42.97 1.23 -100.88
C VAL P 54 42.96 2.75 -101.03
N ASN P 55 43.22 3.21 -102.26
CA ASN P 55 43.07 4.62 -102.64
C ASN P 55 42.09 4.66 -103.79
N PHE P 56 41.55 5.84 -104.09
CA PHE P 56 40.73 5.97 -105.29
C PHE P 56 40.77 7.41 -105.81
N ARG P 57 40.52 7.56 -107.10
CA ARG P 57 40.48 8.86 -107.75
C ARG P 57 39.43 8.86 -108.85
N GLY P 58 38.68 9.95 -108.94
CA GLY P 58 37.64 10.05 -109.95
C GLY P 58 37.00 11.41 -109.93
N SER P 59 35.84 11.51 -110.59
CA SER P 59 35.07 12.74 -110.66
C SER P 59 33.77 12.59 -109.88
N LEU P 60 33.45 13.58 -109.06
CA LEU P 60 32.24 13.55 -108.26
C LEU P 60 31.05 14.01 -109.08
N ASN P 61 30.01 13.18 -109.15
CA ASN P 61 28.76 13.62 -109.76
C ASN P 61 27.82 14.22 -108.71
N THR P 62 27.47 13.47 -107.67
CA THR P 62 26.55 14.01 -106.67
C THR P 62 27.01 13.62 -105.27
N TYR P 63 26.53 14.40 -104.31
CA TYR P 63 26.79 14.15 -102.89
C TYR P 63 25.53 14.48 -102.11
N ARG P 64 25.44 13.89 -100.92
CA ARG P 64 24.32 14.14 -100.02
C ARG P 64 24.80 13.89 -98.61
N PHE P 65 24.33 14.70 -97.67
CA PHE P 65 24.64 14.49 -96.27
C PHE P 65 23.38 14.69 -95.44
N CYS P 66 22.89 13.61 -94.85
CA CYS P 66 21.69 13.68 -94.03
C CYS P 66 21.70 12.53 -93.02
N ASP P 67 21.16 12.84 -91.83
CA ASP P 67 21.11 11.93 -90.67
C ASP P 67 22.52 11.41 -90.31
N ASN P 68 23.50 12.32 -90.39
CA ASN P 68 24.94 12.06 -90.21
C ASN P 68 25.47 11.00 -91.16
N VAL P 69 24.88 10.87 -92.34
CA VAL P 69 25.25 9.86 -93.33
C VAL P 69 25.61 10.58 -94.64
N TRP P 70 26.78 10.28 -95.17
CA TRP P 70 27.21 10.74 -96.48
C TRP P 70 26.80 9.73 -97.55
N THR P 71 26.35 10.23 -98.69
CA THR P 71 26.00 9.41 -99.84
C THR P 71 26.56 10.08 -101.09
N PHE P 72 27.57 9.47 -101.71
CA PHE P 72 28.24 10.00 -102.88
C PHE P 72 27.92 9.15 -104.10
N VAL P 73 28.04 9.79 -105.28
CA VAL P 73 27.94 9.11 -106.57
C VAL P 73 29.05 9.70 -107.43
N LEU P 74 30.01 8.84 -107.80
CA LEU P 74 31.22 9.19 -108.53
C LEU P 74 31.19 8.56 -109.92
N ASN P 75 31.85 9.23 -110.88
CA ASN P 75 31.96 8.72 -112.25
C ASN P 75 33.41 8.65 -112.70
N ASP P 76 33.67 7.69 -113.60
CA ASP P 76 34.96 7.42 -114.23
C ASP P 76 36.09 7.25 -113.21
N VAL P 77 35.88 6.32 -112.29
CA VAL P 77 36.70 6.22 -111.10
C VAL P 77 37.71 5.10 -111.27
N GLU P 78 38.85 5.27 -110.60
CA GLU P 78 39.93 4.29 -110.57
C GLU P 78 40.21 4.02 -109.09
N PHE P 79 39.87 2.82 -108.63
CA PHE P 79 40.25 2.39 -107.29
C PHE P 79 41.62 1.72 -107.42
N ARG P 80 42.58 2.18 -106.63
CA ARG P 80 43.92 1.61 -106.62
C ARG P 80 44.11 0.80 -105.33
N GLU P 81 44.19 -0.52 -105.48
CA GLU P 81 44.66 -1.43 -104.45
C GLU P 81 45.96 -2.01 -105.01
N VAL P 82 46.93 -2.25 -104.13
CA VAL P 82 48.36 -2.30 -104.40
C VAL P 82 48.75 -3.08 -105.65
N THR P 83 48.32 -4.33 -105.75
CA THR P 83 48.59 -5.04 -107.01
C THR P 83 47.46 -5.06 -108.03
N GLU P 84 46.74 -3.94 -108.24
CA GLU P 84 46.60 -3.18 -109.50
C GLU P 84 45.42 -2.21 -109.55
N LEU P 85 45.36 -1.46 -110.66
CA LEU P 85 44.25 -0.61 -111.06
C LEU P 85 42.90 -1.35 -111.05
N ILE P 86 41.83 -0.60 -110.75
CA ILE P 86 40.45 -1.06 -110.85
C ILE P 86 39.65 0.08 -111.47
N LYS P 87 39.15 -0.10 -112.70
CA LYS P 87 38.37 0.95 -113.34
C LYS P 87 36.88 0.66 -113.25
N VAL P 88 36.10 1.72 -113.01
CA VAL P 88 34.65 1.62 -112.88
C VAL P 88 34.01 2.88 -113.47
N ASP P 89 32.88 2.71 -114.17
CA ASP P 89 32.23 3.86 -114.80
C ASP P 89 31.41 4.68 -113.81
N LYS P 90 30.84 4.05 -112.79
CA LYS P 90 29.96 4.73 -111.85
C LYS P 90 29.94 3.97 -110.54
N VAL P 91 30.01 4.70 -109.42
CA VAL P 91 30.05 4.04 -108.12
C VAL P 91 29.28 4.86 -107.11
N LYS P 92 28.57 4.17 -106.21
CA LYS P 92 27.77 4.77 -105.16
C LYS P 92 28.36 4.41 -103.80
N ILE P 93 28.54 5.42 -102.94
CA ILE P 93 29.24 5.26 -101.67
C ILE P 93 28.30 5.72 -100.55
N VAL P 94 28.00 4.82 -99.62
CA VAL P 94 27.21 5.14 -98.43
C VAL P 94 28.10 5.04 -97.21
N ALA P 95 28.14 6.10 -96.40
CA ALA P 95 29.08 6.17 -95.28
C ALA P 95 28.36 6.69 -94.04
N CYS P 96 28.39 5.91 -92.97
CA CYS P 96 27.93 6.32 -91.65
C CYS P 96 29.11 6.74 -90.78
N ASP P 97 28.80 7.48 -89.72
CA ASP P 97 29.85 7.99 -88.84
C ASP P 97 30.33 6.87 -87.91
N UNK Q 1 10.50 -1.98 -29.77
CA UNK Q 1 10.94 -3.30 -29.36
C UNK Q 1 9.80 -4.31 -29.52
N UNK Q 2 8.57 -3.83 -29.44
CA UNK Q 2 7.40 -4.68 -29.65
C UNK Q 2 6.42 -4.03 -30.63
N UNK Q 3 6.44 -2.70 -30.72
CA UNK Q 3 5.53 -1.97 -31.59
C UNK Q 3 6.22 -1.02 -32.54
N UNK Q 4 7.29 -0.35 -32.10
CA UNK Q 4 8.02 0.56 -32.99
C UNK Q 4 8.89 -0.22 -33.97
N UNK Q 5 9.51 -1.30 -33.50
CA UNK Q 5 10.24 -2.19 -34.39
C UNK Q 5 9.33 -2.90 -35.38
N UNK Q 6 8.05 -3.09 -34.99
CA UNK Q 6 7.06 -3.62 -35.91
C UNK Q 6 6.82 -2.68 -37.08
N UNK Q 7 6.65 -1.38 -36.80
CA UNK Q 7 6.44 -0.41 -37.88
C UNK Q 7 7.69 -0.24 -38.72
N UNK Q 8 8.86 -0.25 -38.09
CA UNK Q 8 10.12 -0.13 -38.82
C UNK Q 8 10.35 -1.32 -39.75
N UNK Q 9 10.15 -2.54 -39.24
CA UNK Q 9 10.30 -3.73 -40.07
C UNK Q 9 9.18 -3.88 -41.09
N UNK Q 10 8.00 -3.30 -40.85
CA UNK Q 10 6.94 -3.32 -41.85
C UNK Q 10 7.27 -2.39 -43.01
N UNK Q 11 7.81 -1.21 -42.71
CA UNK Q 11 8.27 -0.30 -43.77
C UNK Q 11 9.44 -0.90 -44.54
N UNK Q 12 10.36 -1.57 -43.83
CA UNK Q 12 11.46 -2.26 -44.49
C UNK Q 12 10.98 -3.44 -45.33
N UNK Q 13 9.91 -4.13 -44.89
CA UNK Q 13 9.36 -5.23 -45.67
C UNK Q 13 8.67 -4.73 -46.92
N UNK Q 14 8.00 -3.57 -46.84
CA UNK Q 14 7.41 -2.97 -48.03
C UNK Q 14 8.49 -2.52 -49.01
N UNK Q 15 9.58 -1.92 -48.50
CA UNK Q 15 10.67 -1.50 -49.36
C UNK Q 15 11.41 -2.69 -49.97
N UNK Q 16 11.46 -3.83 -49.25
CA UNK Q 16 12.06 -5.03 -49.80
C UNK Q 16 11.14 -5.69 -50.83
N UNK Q 17 9.83 -5.62 -50.61
CA UNK Q 17 8.88 -6.11 -51.61
C UNK Q 17 8.84 -5.25 -52.85
N UNK Q 18 9.27 -3.98 -52.76
CA UNK Q 18 9.42 -3.13 -53.92
C UNK Q 18 10.47 -3.65 -54.90
N UNK Q 19 11.73 -3.68 -54.48
CA UNK Q 19 12.84 -3.94 -55.40
C UNK Q 19 14.05 -4.42 -54.60
N UNK Q 20 15.23 -4.36 -55.24
CA UNK Q 20 16.56 -4.47 -54.63
C UNK Q 20 16.88 -5.80 -53.97
N UNK Q 21 16.92 -6.87 -54.76
CA UNK Q 21 17.57 -8.09 -54.32
C UNK Q 21 19.08 -7.96 -54.53
N UNK Q 22 19.84 -8.97 -54.09
CA UNK Q 22 21.30 -8.94 -54.20
C UNK Q 22 21.83 -10.37 -54.23
N UNK Q 23 22.93 -10.55 -54.96
CA UNK Q 23 23.53 -11.88 -55.10
C UNK Q 23 24.91 -11.96 -54.46
N UNK Q 24 25.86 -11.10 -54.86
CA UNK Q 24 27.24 -11.19 -54.37
C UNK Q 24 27.92 -9.86 -54.62
N UNK Q 25 28.41 -9.22 -53.55
CA UNK Q 25 29.11 -7.96 -53.66
C UNK Q 25 30.16 -7.90 -52.55
N UNK Q 26 30.70 -6.70 -52.31
CA UNK Q 26 31.66 -6.51 -51.23
C UNK Q 26 30.95 -6.56 -49.88
N UNK Q 27 31.34 -7.52 -49.05
CA UNK Q 27 30.67 -7.78 -47.78
C UNK Q 27 31.63 -8.52 -46.87
N UNK Q 28 31.10 -9.04 -45.75
CA UNK Q 28 31.81 -9.86 -44.77
C UNK Q 28 33.01 -9.13 -44.17
N UNK Q 29 32.71 -8.02 -43.49
CA UNK Q 29 33.71 -7.23 -42.80
C UNK Q 29 33.19 -6.89 -41.40
N UNK Q 30 33.98 -6.11 -40.66
CA UNK Q 30 33.59 -5.64 -39.32
C UNK Q 30 33.99 -4.18 -39.22
N UNK Q 31 33.06 -3.28 -39.59
CA UNK Q 31 33.30 -1.85 -39.55
C UNK Q 31 31.96 -1.17 -39.33
N UNK Q 32 31.68 -0.78 -38.10
CA UNK Q 32 30.41 -0.15 -37.77
C UNK Q 32 30.38 1.30 -38.24
N UNK Q 33 29.18 1.76 -38.60
CA UNK Q 33 28.99 3.14 -39.05
C UNK Q 33 27.78 3.75 -38.36
N UNK Q 34 27.36 4.93 -38.80
CA UNK Q 34 26.21 5.60 -38.23
C UNK Q 34 24.93 5.07 -38.87
N UNK Q 35 23.81 5.71 -38.57
CA UNK Q 35 22.51 5.29 -39.10
C UNK Q 35 22.24 5.95 -40.45
N UNK Q 36 21.46 5.28 -41.27
CA UNK Q 36 21.13 5.75 -42.60
C UNK Q 36 19.73 5.27 -42.96
N UNK Q 37 19.37 5.36 -44.23
CA UNK Q 37 18.04 4.93 -44.68
C UNK Q 37 17.95 3.41 -44.74
N UNK Q 38 18.84 2.79 -45.50
CA UNK Q 38 18.86 1.33 -45.63
C UNK Q 38 20.29 0.87 -45.88
N UNK Q 39 20.74 -0.09 -45.09
CA UNK Q 39 22.09 -0.63 -45.20
C UNK Q 39 22.01 -2.16 -45.15
N UNK Q 40 23.17 -2.80 -45.27
CA UNK Q 40 23.28 -4.24 -45.27
C UNK Q 40 23.61 -4.76 -43.87
N UNK Q 41 23.75 -6.08 -43.76
CA UNK Q 41 24.07 -6.75 -42.50
C UNK Q 41 25.35 -7.57 -42.64
N UNK Q 42 26.37 -6.99 -43.27
CA UNK Q 42 27.63 -7.68 -43.51
C UNK Q 42 28.52 -7.60 -42.27
N UNK Q 43 28.17 -8.41 -41.28
CA UNK Q 43 28.95 -8.55 -40.05
C UNK Q 43 29.47 -9.98 -39.89
N UNK Q 44 29.91 -10.58 -41.00
CA UNK Q 44 30.35 -11.97 -40.98
C UNK Q 44 31.73 -12.14 -40.35
N UNK Q 45 32.55 -11.08 -40.36
CA UNK Q 45 33.91 -11.05 -39.83
C UNK Q 45 34.78 -12.14 -40.47
N UNK Q 46 34.97 -11.98 -41.78
CA UNK Q 46 35.70 -12.93 -42.61
C UNK Q 46 37.18 -13.04 -42.21
N UNK Q 47 37.56 -14.20 -41.70
CA UNK Q 47 38.95 -14.48 -41.35
C UNK Q 47 39.18 -15.99 -41.53
N UNK Q 48 40.30 -16.48 -41.02
CA UNK Q 48 40.63 -17.89 -41.09
C UNK Q 48 41.04 -18.39 -39.71
N UNK Q 49 40.61 -19.61 -39.37
CA UNK Q 49 40.93 -20.19 -38.07
C UNK Q 49 41.08 -21.70 -38.27
N UNK Q 50 42.32 -22.14 -38.45
CA UNK Q 50 42.65 -23.55 -38.64
C UNK Q 50 43.81 -23.88 -37.71
N UNK Q 51 43.49 -24.27 -36.47
CA UNK Q 51 44.49 -24.60 -35.47
C UNK Q 51 43.96 -25.63 -34.48
N UNK Q 52 -13.21 41.68 37.95
CA UNK Q 52 -12.65 42.26 36.73
C UNK Q 52 -12.43 41.19 35.67
N UNK Q 53 -11.19 40.69 35.60
CA UNK Q 53 -10.87 39.65 34.63
C UNK Q 53 -11.48 38.31 35.04
N UNK Q 54 -11.59 38.06 36.34
CA UNK Q 54 -12.18 36.82 36.84
C UNK Q 54 -13.68 36.75 36.64
N UNK Q 55 -14.34 37.88 36.36
CA UNK Q 55 -15.76 37.86 36.00
C UNK Q 55 -15.96 37.19 34.65
N UNK Q 56 -15.02 37.37 33.72
CA UNK Q 56 -15.09 36.72 32.42
C UNK Q 56 -14.40 35.37 32.41
N UNK Q 57 -13.30 35.24 33.16
CA UNK Q 57 -12.59 33.98 33.24
C UNK Q 57 -13.32 33.00 34.17
N UNK Q 58 -12.77 31.79 34.27
CA UNK Q 58 -13.31 30.78 35.16
C UNK Q 58 -12.82 31.03 36.59
N UNK Q 59 -13.11 30.11 37.50
CA UNK Q 59 -12.75 30.28 38.90
C UNK Q 59 -11.70 29.29 39.36
N UNK Q 60 -11.96 27.98 39.23
CA UNK Q 60 -11.09 26.95 39.75
C UNK Q 60 -10.22 26.32 38.69
N UNK Q 61 -9.87 27.07 37.65
CA UNK Q 61 -8.77 26.65 36.77
C UNK Q 61 -7.43 26.76 37.49
N UNK Q 62 -7.35 27.62 38.51
CA UNK Q 62 -6.20 27.62 39.40
C UNK Q 62 -6.17 26.36 40.26
N UNK Q 63 -7.33 25.83 40.63
CA UNK Q 63 -7.37 24.53 41.32
C UNK Q 63 -6.95 23.41 40.40
N UNK Q 64 -7.25 23.52 39.10
CA UNK Q 64 -6.77 22.54 38.14
C UNK Q 64 -5.28 22.66 37.93
N UNK Q 65 -4.76 23.89 37.87
CA UNK Q 65 -3.32 24.09 37.70
C UNK Q 65 -2.55 23.88 39.00
N UNK Q 66 -3.17 24.17 40.14
CA UNK Q 66 -2.52 23.99 41.43
C UNK Q 66 -3.58 23.77 42.51
N UNK Q 67 17.07 -31.51 -73.22
CA UNK Q 67 18.04 -32.15 -74.11
C UNK Q 67 17.94 -33.66 -74.02
N UNK Q 68 18.63 -34.35 -74.94
CA UNK Q 68 18.62 -35.81 -74.95
C UNK Q 68 19.50 -36.41 -73.87
N UNK Q 69 20.38 -35.61 -73.26
CA UNK Q 69 21.25 -36.14 -72.21
C UNK Q 69 20.46 -36.40 -70.92
N UNK Q 70 19.51 -35.52 -70.60
CA UNK Q 70 18.61 -35.78 -69.48
C UNK Q 70 17.65 -36.93 -69.79
N UNK Q 71 17.32 -37.13 -71.08
CA UNK Q 71 16.52 -38.28 -71.47
C UNK Q 71 17.30 -39.58 -71.33
N UNK Q 72 18.60 -39.55 -71.66
CA UNK Q 72 19.46 -40.71 -71.42
C UNK Q 72 19.71 -40.92 -69.93
N UNK Q 73 19.75 -39.83 -69.16
CA UNK Q 73 19.90 -39.94 -67.71
C UNK Q 73 18.66 -40.54 -67.07
N UNK Q 74 17.46 -40.21 -67.60
CA UNK Q 74 16.24 -40.82 -67.12
C UNK Q 74 16.14 -42.28 -67.55
N UNK Q 75 16.77 -42.64 -68.67
CA UNK Q 75 16.77 -44.03 -69.10
C UNK Q 75 17.73 -44.88 -68.28
N UNK Q 76 18.72 -44.24 -67.63
CA UNK Q 76 19.69 -44.97 -66.81
C UNK Q 76 19.07 -45.48 -65.51
N UNK Q 77 18.01 -44.85 -65.03
CA UNK Q 77 17.33 -45.27 -63.80
C UNK Q 77 15.96 -45.87 -64.08
N UNK Q 78 15.82 -46.61 -65.17
CA UNK Q 78 14.51 -47.18 -65.52
C UNK Q 78 14.21 -48.42 -64.70
N UNK Q 79 15.02 -49.46 -64.84
CA UNK Q 79 14.85 -50.70 -64.08
C UNK Q 79 16.03 -50.99 -63.18
N UNK Q 80 17.25 -51.01 -63.73
CA UNK Q 80 18.46 -51.33 -62.96
C UNK Q 80 19.06 -50.04 -62.44
N UNK Q 81 18.69 -49.69 -61.20
CA UNK Q 81 19.25 -48.52 -60.55
C UNK Q 81 20.69 -48.80 -60.12
N UNK Q 82 21.64 -48.51 -61.02
CA UNK Q 82 23.04 -48.80 -60.80
C UNK Q 82 23.85 -47.60 -61.30
N UNK Q 83 25.16 -47.82 -61.47
CA UNK Q 83 26.11 -46.85 -62.04
C UNK Q 83 26.17 -45.57 -61.21
N UNK Q 84 26.70 -45.73 -60.00
CA UNK Q 84 26.86 -44.60 -59.07
C UNK Q 84 27.78 -43.52 -59.62
N UNK Q 85 28.72 -43.89 -60.49
CA UNK Q 85 29.49 -42.88 -61.21
C UNK Q 85 28.60 -42.06 -62.13
N UNK Q 86 27.65 -42.70 -62.81
CA UNK Q 86 26.69 -41.98 -63.63
C UNK Q 86 25.68 -41.22 -62.77
N UNK Q 87 25.41 -41.71 -61.56
CA UNK Q 87 24.57 -40.96 -60.63
C UNK Q 87 25.27 -39.68 -60.18
N UNK Q 88 26.60 -39.73 -60.03
CA UNK Q 88 27.36 -38.52 -59.76
C UNK Q 88 27.51 -37.66 -61.01
N UNK Q 89 27.41 -38.28 -62.20
CA UNK Q 89 27.54 -37.56 -63.46
C UNK Q 89 26.26 -36.85 -63.88
N UNK Q 90 25.19 -36.91 -63.07
CA UNK Q 90 23.99 -36.16 -63.37
C UNK Q 90 24.22 -34.66 -63.23
N UNK Q 91 25.09 -34.25 -62.32
CA UNK Q 91 25.43 -32.84 -62.13
C UNK Q 91 26.39 -32.36 -63.22
N UNK Q 92 -29.71 -33.75 15.18
CA UNK Q 92 -30.70 -32.71 14.96
C UNK Q 92 -31.20 -32.73 13.51
N UNK Q 93 -32.29 -32.00 13.26
CA UNK Q 93 -32.97 -31.91 11.96
C UNK Q 93 -33.36 -33.29 11.42
N UNK Q 94 -33.90 -34.13 12.31
CA UNK Q 94 -34.25 -35.50 11.97
C UNK Q 94 -35.72 -35.67 11.59
N UNK Q 95 -36.33 -34.62 11.04
CA UNK Q 95 -37.71 -34.71 10.55
C UNK Q 95 -37.75 -35.10 9.08
N UNK Q 96 -36.99 -36.15 8.74
CA UNK Q 96 -36.88 -36.67 7.39
C UNK Q 96 -36.25 -38.05 7.47
N UNK Q 97 -36.87 -39.04 6.84
CA UNK Q 97 -36.38 -40.42 6.86
C UNK Q 97 -35.20 -40.52 5.90
N UNK Q 98 -34.04 -40.04 6.36
CA UNK Q 98 -32.85 -39.96 5.54
C UNK Q 98 -31.82 -40.98 6.01
N UNK Q 99 -30.72 -41.07 5.25
CA UNK Q 99 -29.62 -41.97 5.57
C UNK Q 99 -28.29 -41.25 5.42
N UNK Q 100 -28.23 -40.00 5.91
CA UNK Q 100 -26.97 -39.28 5.92
C UNK Q 100 -26.00 -39.83 6.95
N UNK Q 101 -26.50 -40.47 8.00
CA UNK Q 101 -25.66 -41.12 9.00
C UNK Q 101 -25.35 -42.56 8.66
N UNK Q 102 -25.80 -43.05 7.49
CA UNK Q 102 -25.49 -44.41 7.07
C UNK Q 102 -24.03 -44.52 6.65
N UNK Q 103 -23.61 -43.71 5.67
CA UNK Q 103 -22.19 -43.65 5.33
C UNK Q 103 -21.39 -42.79 6.30
N UNK Q 104 -22.05 -42.05 7.19
CA UNK Q 104 -21.38 -41.38 8.29
C UNK Q 104 -21.26 -42.26 9.53
N UNK Q 105 -21.89 -43.45 9.52
CA UNK Q 105 -21.47 -44.51 10.40
C UNK Q 105 -20.18 -45.17 9.92
N UNK Q 106 -19.84 -44.96 8.65
CA UNK Q 106 -18.51 -45.19 8.09
C UNK Q 106 -17.73 -43.90 8.01
N UNK Q 107 -17.82 -43.04 9.04
CA UNK Q 107 -16.98 -41.85 9.10
C UNK Q 107 -15.51 -42.20 9.34
N UNK Q 108 -15.24 -43.39 9.88
CA UNK Q 108 -13.88 -43.91 9.97
C UNK Q 108 -13.39 -44.46 8.64
N UNK Q 109 -14.26 -44.58 7.63
CA UNK Q 109 -13.78 -44.85 6.27
C UNK Q 109 -13.18 -43.61 5.63
N UNK Q 110 -13.44 -42.42 6.18
CA UNK Q 110 -12.60 -41.27 5.87
C UNK Q 110 -11.20 -41.44 6.43
N UNK Q 111 -11.08 -42.13 7.56
CA UNK Q 111 -9.77 -42.53 8.05
C UNK Q 111 -9.21 -43.73 7.28
N UNK Q 112 -10.04 -44.42 6.51
CA UNK Q 112 -9.50 -45.41 5.58
C UNK Q 112 -8.84 -44.75 4.38
N UNK Q 113 -9.23 -43.51 4.05
CA UNK Q 113 -8.42 -42.71 3.14
C UNK Q 113 -7.06 -42.39 3.75
N UNK Q 114 -7.02 -42.20 5.07
CA UNK Q 114 -5.74 -42.12 5.77
C UNK Q 114 -5.08 -43.47 5.93
N UNK Q 115 -5.84 -44.56 5.78
CA UNK Q 115 -5.29 -45.91 5.76
C UNK Q 115 -5.13 -46.43 4.34
N UNK Q 116 -5.32 -45.58 3.33
CA UNK Q 116 -5.13 -45.99 1.95
C UNK Q 116 -3.65 -46.02 1.55
N UNK Q 117 -2.75 -45.61 2.44
CA UNK Q 117 -1.33 -45.56 2.15
C UNK Q 117 -0.53 -46.57 2.96
N UNK Q 118 -0.71 -46.60 4.28
CA UNK Q 118 0.10 -47.43 5.16
C UNK Q 118 -0.76 -48.29 6.08
N UNK Q 119 -1.74 -48.99 5.50
CA UNK Q 119 -2.52 -49.95 6.30
C UNK Q 119 -1.69 -51.18 6.64
N UNK Q 120 -0.78 -51.58 5.75
CA UNK Q 120 0.02 -52.78 5.95
C UNK Q 120 1.45 -52.42 6.37
N UNK Q 121 -7.21 -67.46 -46.72
CA UNK Q 121 -8.39 -68.03 -47.36
C UNK Q 121 -9.17 -66.97 -48.12
N UNK Q 122 -9.41 -67.22 -49.40
CA UNK Q 122 -10.19 -66.29 -50.22
C UNK Q 122 -11.67 -66.31 -49.86
N UNK Q 123 -12.16 -67.43 -49.30
CA UNK Q 123 -13.53 -67.45 -48.79
C UNK Q 123 -13.66 -66.56 -47.55
N UNK Q 124 -12.66 -66.62 -46.66
CA UNK Q 124 -12.63 -65.71 -45.53
C UNK Q 124 -12.33 -64.28 -45.97
N UNK Q 125 -11.57 -64.12 -47.07
CA UNK Q 125 -11.32 -62.78 -47.59
C UNK Q 125 -12.58 -62.19 -48.22
N UNK Q 126 -13.37 -63.03 -48.92
CA UNK Q 126 -14.65 -62.57 -49.43
C UNK Q 126 -15.66 -62.35 -48.31
N UNK Q 127 -15.55 -63.13 -47.24
CA UNK Q 127 -16.35 -62.86 -46.04
C UNK Q 127 -15.89 -61.57 -45.37
N UNK Q 128 -14.58 -61.31 -45.37
CA UNK Q 128 -14.08 -60.03 -44.88
C UNK Q 128 -14.44 -58.90 -45.82
N UNK Q 129 -14.61 -59.18 -47.11
CA UNK Q 129 -15.10 -58.16 -48.03
C UNK Q 129 -16.57 -57.84 -47.79
N UNK Q 130 -17.36 -58.86 -47.44
CA UNK Q 130 -18.76 -58.63 -47.07
C UNK Q 130 -18.87 -57.96 -45.71
N UNK Q 131 -17.93 -58.25 -44.80
CA UNK Q 131 -17.86 -57.62 -43.49
C UNK Q 131 -16.81 -56.52 -43.46
N UNK Q 132 -16.68 -55.77 -44.55
CA UNK Q 132 -15.67 -54.72 -44.67
C UNK Q 132 -16.02 -53.57 -43.74
N UNK Q 133 -15.18 -53.36 -42.72
CA UNK Q 133 -15.32 -52.27 -41.77
C UNK Q 133 -14.05 -51.43 -41.85
N UNK Q 134 -14.05 -50.49 -42.79
CA UNK Q 134 -12.92 -49.58 -42.93
C UNK Q 134 -13.01 -48.50 -41.86
N UNK Q 135 -11.85 -48.11 -41.34
CA UNK Q 135 -11.81 -47.15 -40.23
C UNK Q 135 -12.11 -45.75 -40.76
N UNK Q 136 -12.14 -44.78 -39.86
CA UNK Q 136 -12.53 -43.43 -40.24
C UNK Q 136 -11.34 -42.64 -40.78
N UNK Q 137 -10.21 -42.70 -40.09
CA UNK Q 137 -9.10 -41.75 -40.22
C UNK Q 137 -9.64 -40.32 -40.17
N UNK Q 138 -10.29 -40.01 -39.05
CA UNK Q 138 -11.20 -38.89 -38.93
C UNK Q 138 -10.51 -37.53 -38.79
N UNK Q 139 -9.54 -37.27 -39.66
CA UNK Q 139 -8.77 -36.03 -39.64
C UNK Q 139 -8.07 -35.91 -40.99
N UNK Q 140 -8.52 -34.97 -41.81
CA UNK Q 140 -7.99 -34.79 -43.16
C UNK Q 140 -6.58 -34.19 -43.14
N UNK Q 141 5.33 -17.33 -16.07
CA UNK Q 141 5.18 -18.64 -16.70
C UNK Q 141 3.88 -19.30 -16.27
N UNK Q 142 2.76 -18.79 -16.76
CA UNK Q 142 1.45 -19.35 -16.41
C UNK Q 142 1.23 -20.66 -17.14
N UNK Q 143 0.89 -21.71 -16.39
CA UNK Q 143 0.72 -23.03 -16.98
C UNK Q 143 -0.56 -23.14 -17.80
N UNK Q 144 -1.60 -22.39 -17.42
CA UNK Q 144 -2.92 -22.36 -18.09
C UNK Q 144 -3.55 -23.76 -18.14
N UNK Q 145 -3.93 -24.24 -16.95
CA UNK Q 145 -4.42 -25.60 -16.78
C UNK Q 145 -5.76 -25.84 -17.46
N UNK Q 146 -6.57 -24.80 -17.67
CA UNK Q 146 -7.83 -24.97 -18.38
C UNK Q 146 -7.56 -25.22 -19.86
N UNK Q 147 -8.36 -26.13 -20.44
CA UNK Q 147 -8.15 -26.68 -21.78
C UNK Q 147 -6.73 -27.21 -21.93
N UNK Q 148 -6.48 -28.30 -21.20
CA UNK Q 148 -5.21 -28.74 -20.60
C UNK Q 148 -3.93 -28.46 -21.39
N UNK Q 149 -2.97 -27.83 -20.71
CA UNK Q 149 -1.66 -27.51 -21.27
C UNK Q 149 -0.51 -28.22 -20.57
N UNK Q 150 -0.61 -28.44 -19.27
CA UNK Q 150 0.23 -29.44 -18.60
C UNK Q 150 -0.53 -30.19 -17.52
N UNK Q 151 -1.80 -29.83 -17.27
CA UNK Q 151 -2.74 -30.30 -16.24
C UNK Q 151 -2.34 -29.84 -14.83
N UNK Q 152 -1.17 -29.20 -14.70
CA UNK Q 152 -0.69 -28.45 -13.54
C UNK Q 152 -0.54 -29.24 -12.23
N UNK Q 153 -0.86 -30.53 -12.25
CA UNK Q 153 -0.86 -31.36 -11.05
C UNK Q 153 -0.85 -32.82 -11.47
N UNK Q 154 0.22 -33.54 -11.15
CA UNK Q 154 0.24 -34.97 -11.38
C UNK Q 154 -0.72 -35.66 -10.41
N UNK Q 155 -1.54 -36.57 -10.93
CA UNK Q 155 -2.54 -37.25 -10.11
C UNK Q 155 -1.92 -38.18 -9.07
N UNK Q 156 -0.72 -38.70 -9.35
CA UNK Q 156 0.00 -39.45 -8.33
C UNK Q 156 0.56 -38.52 -7.26
N UNK Q 157 1.09 -37.36 -7.68
CA UNK Q 157 1.57 -36.37 -6.72
C UNK Q 157 0.43 -35.70 -5.98
N UNK Q 158 -0.75 -35.61 -6.61
CA UNK Q 158 -1.93 -35.07 -5.92
C UNK Q 158 -2.44 -36.05 -4.86
N UNK Q 159 -2.28 -37.36 -5.11
CA UNK Q 159 -2.71 -38.35 -4.15
C UNK Q 159 -1.78 -38.43 -2.94
N UNK Q 160 -0.56 -37.92 -3.05
CA UNK Q 160 0.39 -37.90 -1.95
C UNK Q 160 0.29 -36.61 -1.12
N UNK Q 161 -0.81 -35.87 -1.25
CA UNK Q 161 -1.02 -34.65 -0.48
C UNK Q 161 -1.82 -34.89 0.79
N UNK Q 162 -1.95 -36.14 1.22
CA UNK Q 162 -2.62 -36.45 2.48
C UNK Q 162 -1.75 -36.15 3.69
N UNK Q 163 -0.46 -35.91 3.50
CA UNK Q 163 0.42 -35.55 4.60
C UNK Q 163 0.22 -34.09 4.99
N UNK Q 164 0.50 -33.17 4.07
CA UNK Q 164 0.38 -31.74 4.36
C UNK Q 164 0.16 -30.99 3.06
N UNK Q 165 -0.37 -29.76 3.20
CA UNK Q 165 -0.52 -28.88 2.05
C UNK Q 165 0.79 -28.25 1.63
N UNK Q 166 1.75 -28.16 2.57
CA UNK Q 166 3.13 -27.71 2.34
C UNK Q 166 3.23 -26.27 1.85
N UNK Q 167 2.23 -25.45 2.20
CA UNK Q 167 2.19 -24.00 1.98
C UNK Q 167 2.35 -23.64 0.50
N UNK Q 168 1.38 -24.09 -0.29
CA UNK Q 168 1.35 -23.87 -1.73
C UNK Q 168 0.16 -22.98 -2.05
N UNK Q 169 0.36 -21.67 -1.98
CA UNK Q 169 -0.71 -20.71 -2.24
C UNK Q 169 -0.13 -19.41 -2.78
N UNK Q 170 8.02 -40.65 23.14
CA UNK Q 170 7.44 -39.88 22.04
C UNK Q 170 6.67 -38.67 22.57
N UNK Q 171 7.08 -38.19 23.74
CA UNK Q 171 6.42 -37.04 24.36
C UNK Q 171 6.67 -35.77 23.56
N UNK Q 172 7.94 -35.47 23.29
CA UNK Q 172 8.27 -34.36 22.40
C UNK Q 172 7.92 -34.66 20.95
N UNK Q 173 7.84 -35.94 20.58
CA UNK Q 173 7.37 -36.30 19.23
C UNK Q 173 5.89 -36.01 19.08
N UNK Q 174 5.10 -36.24 20.14
CA UNK Q 174 3.69 -35.86 20.13
C UNK Q 174 3.53 -34.34 20.16
N UNK Q 175 4.50 -33.65 20.76
CA UNK Q 175 4.52 -32.18 20.68
C UNK Q 175 4.82 -31.67 19.28
N UNK Q 176 5.50 -32.47 18.47
CA UNK Q 176 5.80 -32.11 17.09
C UNK Q 176 5.06 -32.96 16.07
N UNK Q 177 4.09 -33.77 16.50
CA UNK Q 177 3.35 -34.62 15.57
C UNK Q 177 2.40 -33.79 14.71
N UNK Q 178 1.43 -33.13 15.34
CA UNK Q 178 0.50 -32.29 14.62
C UNK Q 178 1.02 -30.88 14.38
N UNK Q 179 2.12 -30.50 15.02
CA UNK Q 179 2.70 -29.18 14.87
C UNK Q 179 3.77 -29.13 13.78
N UNK Q 180 3.85 -30.15 12.94
CA UNK Q 180 4.82 -30.20 11.85
C UNK Q 180 4.20 -29.88 10.49
N UNK Q 181 2.89 -29.70 10.42
CA UNK Q 181 2.22 -29.42 9.16
C UNK Q 181 2.11 -27.92 8.92
N UNK Q 182 1.96 -27.55 7.65
CA UNK Q 182 1.74 -26.18 7.25
C UNK Q 182 0.25 -25.88 7.04
N UNK Q 183 -0.62 -26.79 7.44
CA UNK Q 183 -2.07 -26.62 7.32
C UNK Q 183 -2.77 -26.66 8.67
N UNK Q 184 -2.29 -27.47 9.62
CA UNK Q 184 -2.88 -27.49 10.94
C UNK Q 184 -2.57 -26.24 11.74
N UNK Q 185 -1.46 -25.56 11.44
CA UNK Q 185 -1.09 -24.32 12.10
C UNK Q 185 -2.07 -23.19 11.80
N UNK Q 186 -2.20 -22.82 10.53
CA UNK Q 186 -3.06 -21.73 10.11
C UNK Q 186 -4.14 -22.24 9.18
N UNK Q 187 -5.38 -21.82 9.42
CA UNK Q 187 -6.51 -22.21 8.59
C UNK Q 187 -7.57 -21.10 8.69
N UNK Q 188 -7.64 -20.27 7.65
CA UNK Q 188 -8.59 -19.15 7.67
C UNK Q 188 -10.02 -19.64 7.49
N UNK Q 189 -10.22 -20.59 6.56
CA UNK Q 189 -11.51 -21.24 6.29
C UNK Q 189 -12.59 -20.24 5.87
N UNK Q 190 -12.19 -19.21 5.14
CA UNK Q 190 -13.11 -18.22 4.61
C UNK Q 190 -13.43 -18.55 3.15
N UNK Q 191 -14.71 -18.75 2.85
CA UNK Q 191 -15.13 -19.09 1.50
C UNK Q 191 -14.90 -17.93 0.53
N UNK Q 192 -15.21 -16.71 0.94
CA UNK Q 192 -15.01 -15.52 0.14
C UNK Q 192 -13.94 -14.64 0.76
N UNK Q 193 -13.04 -14.13 -0.07
CA UNK Q 193 -11.92 -13.33 0.38
C UNK Q 193 -12.27 -11.85 0.28
N UNK Q 194 -11.33 -10.98 0.64
CA UNK Q 194 -11.55 -9.54 0.61
C UNK Q 194 -11.28 -9.00 -0.78
N UNK Q 195 -12.29 -9.12 -1.64
CA UNK Q 195 -12.20 -8.55 -2.99
C UNK Q 195 -12.34 -7.03 -2.91
N UNK Q 196 -11.19 -6.33 -2.91
CA UNK Q 196 -11.20 -4.89 -2.74
C UNK Q 196 -11.72 -4.18 -3.99
N UNK Q 197 -12.50 -3.13 -3.75
CA UNK Q 197 -13.16 -2.31 -4.78
C UNK Q 197 -14.00 -3.11 -5.77
N UNK Q 198 -6.70 -3.02 18.40
CA UNK Q 198 -5.84 -4.07 18.95
C UNK Q 198 -6.63 -5.00 19.85
N UNK Q 199 -7.44 -5.87 19.24
CA UNK Q 199 -8.27 -6.83 19.96
C UNK Q 199 -8.13 -8.19 19.29
N UNK Q 200 -8.74 -9.19 19.92
CA UNK Q 200 -8.77 -10.55 19.39
C UNK Q 200 -10.20 -11.06 19.31
N UNK Q 201 -11.10 -10.24 18.75
CA UNK Q 201 -12.47 -10.68 18.50
C UNK Q 201 -12.48 -11.75 17.40
N UNK Q 202 -12.00 -11.41 16.22
CA UNK Q 202 -11.77 -12.39 15.17
C UNK Q 202 -10.46 -13.13 15.43
N UNK Q 203 -10.42 -14.39 15.02
CA UNK Q 203 -9.26 -15.25 15.24
C UNK Q 203 -8.34 -15.31 14.03
N UNK Q 204 -8.29 -14.22 13.24
CA UNK Q 204 -7.39 -14.17 12.09
C UNK Q 204 -5.97 -13.79 12.53
N UNK Q 205 -5.83 -12.61 13.14
CA UNK Q 205 -4.53 -12.15 13.63
C UNK Q 205 -4.29 -12.78 15.00
N UNK Q 206 -3.67 -13.95 15.00
CA UNK Q 206 -3.39 -14.66 16.24
C UNK Q 206 -2.17 -14.06 16.94
N UNK Q 207 -2.31 -13.77 18.22
CA UNK Q 207 -1.20 -13.34 19.07
C UNK Q 207 -0.75 -14.53 19.89
N UNK Q 208 0.45 -15.04 19.60
CA UNK Q 208 0.89 -16.29 20.23
C UNK Q 208 1.43 -16.04 21.63
N UNK Q 209 2.52 -15.26 21.73
CA UNK Q 209 3.29 -15.02 22.96
C UNK Q 209 3.64 -16.33 23.66
N UNK Q 210 4.33 -17.19 22.92
CA UNK Q 210 4.55 -18.56 23.31
C UNK Q 210 5.97 -18.78 23.81
N UNK Q 211 6.13 -19.84 24.59
CA UNK Q 211 7.42 -20.33 25.05
C UNK Q 211 7.75 -21.63 24.33
N UNK Q 212 8.94 -22.15 24.61
CA UNK Q 212 9.40 -23.36 23.93
C UNK Q 212 10.47 -24.05 24.77
N UNK Q 213 10.65 -25.34 24.50
CA UNK Q 213 11.73 -26.14 25.06
C UNK Q 213 12.12 -27.16 23.99
N UNK Q 214 13.12 -26.80 23.17
CA UNK Q 214 13.43 -27.55 21.97
C UNK Q 214 14.51 -28.59 22.26
N UNK Q 215 14.14 -29.85 22.09
CA UNK Q 215 15.06 -30.99 22.19
C UNK Q 215 14.42 -32.16 21.43
N UNK Q 216 15.11 -33.29 21.41
CA UNK Q 216 14.56 -34.49 20.76
C UNK Q 216 14.98 -35.71 21.58
N UNK Q 217 14.13 -36.08 22.54
CA UNK Q 217 14.27 -37.28 23.39
C UNK Q 217 15.61 -37.32 24.13
N UNK Q 218 15.84 -36.28 24.93
CA UNK Q 218 17.09 -36.16 25.68
C UNK Q 218 16.83 -36.17 27.18
N UNK Q 219 14.48 -33.67 29.82
CA UNK Q 219 13.88 -32.69 30.72
C UNK Q 219 13.24 -31.55 29.93
N UNK Q 220 12.96 -30.44 30.62
CA UNK Q 220 12.33 -29.30 30.00
C UNK Q 220 12.73 -28.04 30.76
N UNK Q 221 13.09 -27.00 30.02
CA UNK Q 221 13.41 -25.69 30.59
C UNK Q 221 12.50 -24.65 29.96
N UNK Q 222 11.92 -23.79 30.79
CA UNK Q 222 10.97 -22.81 30.30
C UNK Q 222 11.69 -21.68 29.55
N UNK Q 223 10.91 -20.94 28.77
CA UNK Q 223 11.44 -19.83 27.99
C UNK Q 223 10.68 -18.53 28.20
N UNK Q 224 9.46 -18.56 28.72
CA UNK Q 224 8.69 -17.34 28.94
C UNK Q 224 9.18 -16.60 30.18
N UNK Q 225 8.94 -15.30 30.19
CA UNK Q 225 9.23 -14.43 31.33
C UNK Q 225 8.11 -14.52 32.36
N UNK Q 226 8.07 -13.55 33.28
CA UNK Q 226 6.98 -13.48 34.24
C UNK Q 226 5.69 -13.07 33.53
N UNK Q 227 4.92 -14.08 33.14
CA UNK Q 227 3.78 -13.92 32.25
C UNK Q 227 2.73 -14.96 32.63
N UNK Q 228 1.81 -15.26 31.72
CA UNK Q 228 0.71 -16.16 32.01
C UNK Q 228 1.11 -17.64 31.91
N UNK Q 229 2.21 -18.01 32.57
CA UNK Q 229 2.56 -19.41 32.77
C UNK Q 229 3.17 -19.66 34.14
N UNK Q 230 3.22 -18.66 35.03
CA UNK Q 230 4.04 -18.70 36.23
C UNK Q 230 3.53 -19.70 37.28
N UNK Q 231 2.26 -20.08 37.22
CA UNK Q 231 1.78 -21.14 38.10
C UNK Q 231 2.40 -22.48 37.72
N UNK Q 232 2.42 -22.80 36.42
CA UNK Q 232 3.14 -23.98 35.95
C UNK Q 232 4.65 -23.78 36.01
N UNK Q 233 5.12 -22.55 35.84
CA UNK Q 233 6.54 -22.23 35.88
C UNK Q 233 7.06 -21.95 37.28
N UNK Q 234 6.35 -22.37 38.33
CA UNK Q 234 6.79 -22.15 39.71
C UNK Q 234 7.71 -23.29 40.18
N UNK Q 235 8.76 -23.51 39.40
CA UNK Q 235 9.77 -24.53 39.73
C UNK Q 235 11.17 -23.94 39.61
N UNK Q 236 11.32 -22.91 38.77
CA UNK Q 236 12.60 -22.25 38.58
C UNK Q 236 12.34 -20.84 38.08
N UNK Q 237 13.41 -20.05 38.02
CA UNK Q 237 13.32 -18.67 37.58
C UNK Q 237 14.68 -18.24 37.06
N UNK Q 238 14.70 -17.58 35.91
CA UNK Q 238 15.94 -17.12 35.29
C UNK Q 238 15.70 -15.86 34.46
#